data_3S2E
#
_entry.id   3S2E
#
_cell.length_a   68.187
_cell.length_b   92.744
_cell.length_c   117.684
_cell.angle_alpha   106.110
_cell.angle_beta   89.950
_cell.angle_gamma   90.130
#
_symmetry.space_group_name_H-M   'P 1'
#
loop_
_entity.id
_entity.type
_entity.pdbx_description
1 polymer 'Zinc-containing alcohol dehydrogenase superfamily'
2 non-polymer 'ZINC ION'
3 non-polymer GLYCEROL
4 non-polymer 'SULFATE ION'
5 non-polymer NICOTINAMIDE-ADENINE-DINUCLEOTIDE
6 water water
#
_entity_poly.entity_id   1
_entity_poly.type   'polypeptide(L)'
_entity_poly.pdbx_seq_one_letter_code
;AMMKAAVVRAFGAPLTIDEVPVPQPGPGQVQVKIEASGVCHTDLHAADGDWPVKPTLPFIPGHEGVGYVSAVGSGVSRVK
EGDRVGVPWLYSACGYCEHCLQGWETLCEKQQNTGYSVNGGYGEYVVADPNYVGLLPDKVGFVEIAPILCAGVTVYKGLK
VTDTRPGQWVVISGIGGLGHVAVQYARAMGLRVAAVDIDDAKLNLARRLGAEVAVNARDTDPAAWLQKEIGGAHGVLVTA
VSPKAFSQAIGMVRRGGTIALNGLPPGDFGTPIFDVVLKGITIRGSIVGTRSDLQESLDFAAHGDVKATVSTAKLDDVND
VFGRLREGKVEGRVVLDFSR
;
_entity_poly.pdbx_strand_id   A,B,C,D,E,F,G,H
#
loop_
_chem_comp.id
_chem_comp.type
_chem_comp.name
_chem_comp.formula
GOL non-polymer GLYCEROL 'C3 H8 O3'
NAD non-polymer NICOTINAMIDE-ADENINE-DINUCLEOTIDE 'C21 H27 N7 O14 P2'
SO4 non-polymer 'SULFATE ION' 'O4 S -2'
ZN non-polymer 'ZINC ION' 'Zn 2'
#
# COMPACT_ATOMS: atom_id res chain seq x y z
N ALA A 1 -47.04 15.38 -2.95
CA ALA A 1 -47.85 15.08 -1.78
C ALA A 1 -47.74 13.61 -1.37
N MET A 2 -47.54 12.71 -2.33
CA MET A 2 -47.51 11.27 -2.04
C MET A 2 -46.20 10.59 -2.47
N MET A 3 -45.87 9.50 -1.78
CA MET A 3 -44.67 8.74 -2.06
C MET A 3 -44.89 7.25 -1.82
N LYS A 4 -43.98 6.45 -2.34
CA LYS A 4 -43.96 5.01 -2.09
C LYS A 4 -43.11 4.74 -0.85
N ALA A 5 -43.59 3.85 0.02
CA ALA A 5 -42.83 3.47 1.22
C ALA A 5 -43.18 2.05 1.59
N ALA A 6 -42.23 1.33 2.20
CA ALA A 6 -42.53 0.00 2.70
C ALA A 6 -42.98 0.17 4.14
N VAL A 7 -44.14 -0.39 4.49
CA VAL A 7 -44.78 -0.06 5.77
C VAL A 7 -44.98 -1.35 6.58
N VAL A 8 -44.70 -1.30 7.88
CA VAL A 8 -45.02 -2.41 8.75
C VAL A 8 -46.37 -2.08 9.38
N ARG A 9 -47.37 -2.92 9.15
CA ARG A 9 -48.70 -2.64 9.67
C ARG A 9 -49.09 -3.71 10.70
N ALA A 10 -48.36 -4.80 10.69
CA ALA A 10 -48.59 -5.86 11.67
C ALA A 10 -47.29 -6.56 11.93
N PHE A 11 -46.97 -6.79 13.20
CA PHE A 11 -45.72 -7.49 13.51
C PHE A 11 -45.65 -8.88 12.91
N GLY A 12 -44.57 -9.13 12.16
CA GLY A 12 -44.31 -10.44 11.58
C GLY A 12 -44.79 -10.60 10.14
N ALA A 13 -45.74 -9.77 9.75
CA ALA A 13 -46.37 -9.81 8.43
C ALA A 13 -45.50 -9.19 7.35
N PRO A 14 -45.59 -9.70 6.11
CA PRO A 14 -44.83 -9.06 5.02
C PRO A 14 -45.04 -7.55 5.07
N LEU A 15 -44.04 -6.78 4.65
CA LEU A 15 -44.23 -5.34 4.52
C LEU A 15 -45.05 -5.09 3.27
N THR A 16 -45.84 -4.02 3.29
CA THR A 16 -46.62 -3.62 2.12
C THR A 16 -46.02 -2.37 1.50
N ILE A 17 -45.82 -2.38 0.19
CA ILE A 17 -45.39 -1.16 -0.48
C ILE A 17 -46.62 -0.29 -0.79
N ASP A 18 -46.74 0.82 -0.06
CA ASP A 18 -47.93 1.67 -0.11
C ASP A 18 -47.66 3.06 -0.63
N GLU A 19 -48.72 3.70 -1.12
CA GLU A 19 -48.72 5.14 -1.39
C GLU A 19 -49.12 5.87 -0.12
N VAL A 20 -48.23 6.72 0.36
CA VAL A 20 -48.46 7.45 1.61
C VAL A 20 -48.04 8.91 1.45
N PRO A 21 -48.49 9.79 2.35
CA PRO A 21 -48.13 11.21 2.22
C PRO A 21 -46.63 11.42 2.40
N VAL A 22 -46.10 12.41 1.71
CA VAL A 22 -44.71 12.80 1.88
C VAL A 22 -44.65 13.58 3.18
N PRO A 23 -43.74 13.18 4.11
CA PRO A 23 -43.64 13.91 5.36
C PRO A 23 -43.02 15.29 5.13
N GLN A 24 -43.62 16.32 5.73
CA GLN A 24 -43.19 17.70 5.52
C GLN A 24 -42.56 18.28 6.77
N PRO A 25 -41.37 18.88 6.63
CA PRO A 25 -40.63 19.35 7.82
C PRO A 25 -41.23 20.61 8.43
N GLY A 26 -41.36 20.62 9.77
CA GLY A 26 -41.74 21.80 10.52
C GLY A 26 -40.51 22.55 11.01
N PRO A 27 -40.69 23.55 11.89
CA PRO A 27 -39.59 24.33 12.46
C PRO A 27 -38.52 23.39 13.02
N GLY A 28 -37.26 23.64 12.69
CA GLY A 28 -36.15 22.82 13.15
C GLY A 28 -36.05 21.41 12.58
N GLN A 29 -36.81 21.10 11.53
CA GLN A 29 -36.72 19.80 10.90
C GLN A 29 -36.20 19.94 9.50
N VAL A 30 -35.76 18.83 8.92
CA VAL A 30 -35.42 18.85 7.51
C VAL A 30 -36.05 17.67 6.81
N GLN A 31 -36.17 17.77 5.48
CA GLN A 31 -36.69 16.67 4.70
C GLN A 31 -35.56 16.14 3.86
N VAL A 32 -35.45 14.81 3.77
CA VAL A 32 -34.41 14.14 3.01
C VAL A 32 -35.05 13.32 1.89
N LYS A 33 -34.56 13.48 0.67
CA LYS A 33 -34.98 12.62 -0.43
C LYS A 33 -34.01 11.46 -0.54
N ILE A 34 -34.53 10.26 -0.25
CA ILE A 34 -33.71 9.05 -0.16
C ILE A 34 -33.18 8.60 -1.51
N GLU A 35 -31.88 8.37 -1.57
CA GLU A 35 -31.24 7.82 -2.78
C GLU A 35 -30.81 6.35 -2.60
N ALA A 36 -30.52 5.98 -1.35
CA ALA A 36 -30.20 4.61 -1.01
C ALA A 36 -30.63 4.37 0.43
N SER A 37 -30.88 3.12 0.79
CA SER A 37 -31.37 2.86 2.14
C SER A 37 -30.93 1.46 2.58
N GLY A 38 -30.00 1.40 3.53
CA GLY A 38 -29.43 0.11 3.90
C GLY A 38 -30.40 -0.79 4.66
N VAL A 39 -30.20 -2.10 4.54
CA VAL A 39 -31.03 -3.05 5.27
C VAL A 39 -30.15 -3.83 6.22
N CYS A 40 -30.65 -4.15 7.42
CA CYS A 40 -29.88 -5.06 8.29
C CYS A 40 -30.79 -5.82 9.23
N HIS A 41 -30.19 -6.68 10.05
CA HIS A 41 -31.00 -7.49 10.95
C HIS A 41 -31.86 -6.70 11.93
N THR A 42 -31.42 -5.49 12.29
CA THR A 42 -32.22 -4.66 13.17
C THR A 42 -33.60 -4.42 12.57
N ASP A 43 -33.66 -4.31 11.23
CA ASP A 43 -34.94 -4.07 10.55
C ASP A 43 -35.89 -5.27 10.72
N LEU A 44 -35.34 -6.49 10.78
CA LEU A 44 -36.14 -7.68 11.10
C LEU A 44 -36.77 -7.58 12.50
N HIS A 45 -35.96 -7.14 13.47
CA HIS A 45 -36.46 -7.01 14.84
C HIS A 45 -37.51 -5.92 14.96
N ALA A 46 -37.31 -4.80 14.27
CA ALA A 46 -38.34 -3.76 14.20
C ALA A 46 -39.64 -4.36 13.65
N ALA A 47 -39.52 -5.05 12.51
CA ALA A 47 -40.69 -5.55 11.76
C ALA A 47 -41.41 -6.68 12.50
N ASP A 48 -40.64 -7.45 13.28
CA ASP A 48 -41.18 -8.56 14.08
C ASP A 48 -41.68 -8.12 15.46
N GLY A 49 -41.26 -6.94 15.92
CA GLY A 49 -41.58 -6.47 17.25
C GLY A 49 -41.14 -7.42 18.37
N ASP A 50 -39.97 -8.03 18.24
CA ASP A 50 -39.54 -9.00 19.24
C ASP A 50 -38.51 -8.49 20.26
N TRP A 51 -38.30 -7.17 20.31
CA TRP A 51 -37.43 -6.61 21.34
C TRP A 51 -38.31 -6.08 22.50
N PRO A 52 -37.69 -5.79 23.65
CA PRO A 52 -38.46 -5.52 24.88
C PRO A 52 -39.40 -4.33 24.75
N VAL A 53 -38.98 -3.30 24.04
CA VAL A 53 -39.88 -2.18 23.75
C VAL A 53 -40.13 -2.14 22.25
N LYS A 54 -41.39 -2.34 21.86
CA LYS A 54 -41.74 -2.48 20.45
C LYS A 54 -41.93 -1.14 19.73
N PRO A 55 -41.78 -1.15 18.40
CA PRO A 55 -42.23 -0.01 17.61
C PRO A 55 -43.72 0.22 17.84
N THR A 56 -44.19 1.43 17.57
CA THR A 56 -45.61 1.66 17.48
C THR A 56 -46.04 1.46 16.02
N LEU A 57 -47.23 0.87 15.81
CA LEU A 57 -47.73 0.54 14.47
C LEU A 57 -48.75 1.57 14.00
N PRO A 58 -48.78 1.87 12.69
CA PRO A 58 -47.87 1.35 11.67
C PRO A 58 -46.61 2.23 11.57
N PHE A 59 -45.54 1.73 10.94
CA PHE A 59 -44.34 2.56 10.78
C PHE A 59 -43.52 2.13 9.56
N ILE A 60 -42.65 3.02 9.09
CA ILE A 60 -41.76 2.75 7.99
C ILE A 60 -40.38 2.48 8.59
N PRO A 61 -39.83 1.27 8.36
CA PRO A 61 -38.50 0.96 8.91
C PRO A 61 -37.37 1.72 8.22
N GLY A 62 -36.14 1.47 8.66
CA GLY A 62 -34.96 1.94 7.95
C GLY A 62 -34.18 3.01 8.69
N HIS A 63 -33.03 2.62 9.25
CA HIS A 63 -32.17 3.58 9.96
C HIS A 63 -30.87 3.76 9.19
N GLU A 64 -30.88 3.48 7.90
CA GLU A 64 -29.67 3.64 7.10
C GLU A 64 -29.96 4.38 5.79
N GLY A 65 -30.85 5.35 5.88
CA GLY A 65 -31.27 6.09 4.69
C GLY A 65 -30.29 7.21 4.41
N VAL A 66 -29.91 7.36 3.15
CA VAL A 66 -28.98 8.42 2.73
C VAL A 66 -29.58 9.13 1.51
N GLY A 67 -29.37 10.45 1.42
CA GLY A 67 -29.96 11.20 0.33
C GLY A 67 -29.56 12.65 0.35
N TYR A 68 -30.37 13.49 -0.30
CA TYR A 68 -30.15 14.93 -0.33
C TYR A 68 -31.22 15.64 0.50
N VAL A 69 -30.83 16.67 1.24
CA VAL A 69 -31.78 17.56 1.90
C VAL A 69 -32.64 18.22 0.78
N SER A 70 -33.93 17.93 0.80
CA SER A 70 -34.83 18.39 -0.25
C SER A 70 -35.69 19.56 0.21
N ALA A 71 -35.72 19.79 1.52
CA ALA A 71 -36.48 20.89 2.10
C ALA A 71 -36.04 21.11 3.53
N VAL A 72 -36.06 22.36 3.97
CA VAL A 72 -35.78 22.63 5.39
C VAL A 72 -36.91 23.42 6.04
N GLY A 73 -37.12 23.14 7.33
CA GLY A 73 -37.96 23.98 8.16
C GLY A 73 -37.20 25.23 8.59
N SER A 74 -37.86 26.08 9.37
CA SER A 74 -37.22 27.30 9.86
C SER A 74 -36.18 26.99 10.94
N GLY A 75 -35.21 27.90 11.10
CA GLY A 75 -34.26 27.82 12.20
C GLY A 75 -33.28 26.67 12.07
N VAL A 76 -32.92 26.34 10.83
CA VAL A 76 -31.97 25.26 10.54
C VAL A 76 -30.67 25.83 9.96
N SER A 77 -29.55 25.56 10.62
CA SER A 77 -28.28 26.11 10.18
C SER A 77 -27.22 25.03 9.88
N ARG A 78 -27.36 23.86 10.48
CA ARG A 78 -26.35 22.82 10.30
C ARG A 78 -26.27 22.30 8.86
N VAL A 79 -27.41 22.24 8.19
CA VAL A 79 -27.45 21.75 6.82
C VAL A 79 -28.36 22.63 5.98
N LYS A 80 -28.28 22.46 4.67
CA LYS A 80 -29.10 23.26 3.77
C LYS A 80 -29.52 22.39 2.59
N GLU A 81 -30.49 22.89 1.82
CA GLU A 81 -31.01 22.12 0.70
C GLU A 81 -29.88 21.64 -0.19
N GLY A 82 -29.91 20.36 -0.58
CA GLY A 82 -28.91 19.82 -1.48
C GLY A 82 -27.75 19.13 -0.78
N ASP A 83 -27.60 19.35 0.53
CA ASP A 83 -26.56 18.65 1.27
C ASP A 83 -26.79 17.14 1.27
N ARG A 84 -25.70 16.38 1.23
CA ARG A 84 -25.76 14.92 1.27
C ARG A 84 -25.72 14.44 2.73
N VAL A 85 -26.79 13.78 3.17
CA VAL A 85 -26.94 13.47 4.60
C VAL A 85 -27.52 12.07 4.79
N GLY A 86 -27.28 11.48 5.96
CA GLY A 86 -27.85 10.19 6.28
C GLY A 86 -28.68 10.31 7.53
N VAL A 87 -29.68 9.43 7.71
CA VAL A 87 -30.53 9.50 8.90
C VAL A 87 -30.36 8.22 9.73
N PRO A 88 -29.42 8.24 10.68
CA PRO A 88 -29.06 6.99 11.35
C PRO A 88 -29.98 6.65 12.50
N TRP A 89 -29.69 5.51 13.13
CA TRP A 89 -30.48 5.00 14.25
C TRP A 89 -30.81 6.05 15.31
N LEU A 90 -29.82 6.83 15.73
CA LEU A 90 -30.08 7.89 16.70
C LEU A 90 -30.74 9.07 15.98
N TYR A 91 -32.06 9.09 16.00
CA TYR A 91 -32.85 10.13 15.29
C TYR A 91 -32.77 11.47 16.02
N SER A 92 -32.86 11.42 17.34
CA SER A 92 -32.76 12.60 18.17
C SER A 92 -32.49 12.19 19.60
N ALA A 93 -31.96 13.14 20.38
CA ALA A 93 -31.87 12.95 21.83
C ALA A 93 -32.32 14.25 22.47
N CYS A 94 -32.53 14.23 23.80
CA CYS A 94 -33.17 15.34 24.50
C CYS A 94 -32.29 16.59 24.57
N GLY A 95 -30.97 16.39 24.56
CA GLY A 95 -30.00 17.46 24.54
C GLY A 95 -29.61 18.04 25.91
N TYR A 96 -30.31 17.65 26.96
CA TYR A 96 -30.28 18.36 28.25
C TYR A 96 -29.92 17.48 29.43
N CYS A 97 -30.06 16.18 29.25
CA CYS A 97 -29.84 15.22 30.34
C CYS A 97 -28.35 15.02 30.61
N GLU A 98 -28.06 14.32 31.69
CA GLU A 98 -26.69 14.09 32.13
C GLU A 98 -25.85 13.53 30.97
N HIS A 99 -26.42 12.61 30.22
CA HIS A 99 -25.71 11.96 29.13
C HIS A 99 -25.48 12.89 27.93
N CYS A 100 -26.54 13.57 27.51
CA CYS A 100 -26.44 14.48 26.38
C CYS A 100 -25.43 15.57 26.67
N LEU A 101 -25.43 16.08 27.89
CA LEU A 101 -24.52 17.17 28.21
C LEU A 101 -23.07 16.71 28.18
N GLN A 102 -22.84 15.43 28.47
CA GLN A 102 -21.49 14.87 28.47
C GLN A 102 -21.04 14.36 27.10
N GLY A 103 -21.86 14.54 26.06
CA GLY A 103 -21.46 14.09 24.74
C GLY A 103 -21.70 12.61 24.51
N TRP A 104 -22.63 12.05 25.28
CA TRP A 104 -22.95 10.62 25.20
C TRP A 104 -24.43 10.48 24.87
N GLU A 105 -24.85 11.14 23.81
CA GLU A 105 -26.26 11.16 23.47
C GLU A 105 -26.82 9.77 23.16
N THR A 106 -25.92 8.80 22.87
CA THR A 106 -26.38 7.43 22.62
C THR A 106 -27.00 6.82 23.87
N LEU A 107 -26.69 7.37 25.03
CA LEU A 107 -27.26 6.87 26.27
C LEU A 107 -28.53 7.66 26.69
N CYS A 108 -29.01 8.55 25.83
CA CYS A 108 -30.18 9.36 26.22
C CYS A 108 -31.42 8.50 26.40
N GLU A 109 -32.03 8.55 27.58
CA GLU A 109 -33.19 7.69 27.83
C GLU A 109 -34.41 8.19 27.06
N LYS A 110 -34.34 9.43 26.59
CA LYS A 110 -35.42 10.03 25.80
C LYS A 110 -35.16 10.01 24.29
N GLN A 111 -34.20 9.21 23.84
CA GLN A 111 -33.87 9.22 22.42
C GLN A 111 -34.99 8.65 21.57
N GLN A 112 -35.05 9.09 20.31
CA GLN A 112 -35.91 8.50 19.31
C GLN A 112 -35.04 7.73 18.32
N ASN A 113 -35.57 6.62 17.83
CA ASN A 113 -34.81 5.76 16.92
C ASN A 113 -35.44 5.65 15.53
N THR A 114 -34.66 6.03 14.52
CA THR A 114 -35.14 6.07 13.13
C THR A 114 -35.57 4.70 12.61
N GLY A 115 -36.74 4.61 11.98
CA GLY A 115 -37.20 3.34 11.45
C GLY A 115 -37.54 2.38 12.57
N TYR A 116 -37.87 2.93 13.74
CA TYR A 116 -38.24 2.10 14.90
C TYR A 116 -39.30 2.82 15.72
N SER A 117 -38.90 3.91 16.37
CA SER A 117 -39.85 4.71 17.15
C SER A 117 -40.42 5.88 16.36
N VAL A 118 -39.77 6.22 15.24
CA VAL A 118 -40.31 7.22 14.29
C VAL A 118 -40.08 6.65 12.89
N ASN A 119 -40.76 7.19 11.88
CA ASN A 119 -40.59 6.66 10.53
C ASN A 119 -39.19 6.82 10.00
N GLY A 120 -38.74 5.85 9.21
CA GLY A 120 -37.39 5.87 8.68
C GLY A 120 -37.27 5.92 7.18
N GLY A 121 -36.19 5.34 6.69
CA GLY A 121 -35.81 5.52 5.31
C GLY A 121 -36.25 4.50 4.29
N TYR A 122 -37.22 3.63 4.60
CA TYR A 122 -37.74 2.70 3.57
C TYR A 122 -38.83 3.42 2.78
N GLY A 123 -38.56 4.65 2.39
CA GLY A 123 -39.56 5.50 1.74
C GLY A 123 -38.80 6.46 0.84
N GLU A 124 -39.49 7.10 -0.10
CA GLU A 124 -38.79 8.02 -0.99
C GLU A 124 -38.33 9.28 -0.28
N TYR A 125 -39.03 9.69 0.78
CA TYR A 125 -38.64 10.84 1.60
C TYR A 125 -38.75 10.53 3.09
N VAL A 126 -37.95 11.21 3.91
CA VAL A 126 -38.10 11.09 5.35
C VAL A 126 -37.82 12.46 5.98
N VAL A 127 -38.53 12.79 7.05
CA VAL A 127 -38.26 13.98 7.83
C VAL A 127 -37.30 13.64 8.98
N ALA A 128 -36.30 14.48 9.18
CA ALA A 128 -35.24 14.20 10.15
C ALA A 128 -34.94 15.42 11.03
N ASP A 129 -34.22 15.18 12.14
CA ASP A 129 -33.69 16.25 12.98
C ASP A 129 -32.29 16.55 12.48
N PRO A 130 -32.08 17.75 11.90
CA PRO A 130 -30.81 18.13 11.30
C PRO A 130 -29.64 18.09 12.30
N ASN A 131 -29.94 18.25 13.59
CA ASN A 131 -28.89 18.18 14.61
C ASN A 131 -28.29 16.79 14.79
N TYR A 132 -28.90 15.77 14.20
CA TYR A 132 -28.49 14.38 14.46
C TYR A 132 -28.20 13.59 13.19
N VAL A 133 -28.45 14.19 12.02
CA VAL A 133 -28.18 13.47 10.77
C VAL A 133 -26.66 13.31 10.62
N GLY A 134 -26.25 12.34 9.81
CA GLY A 134 -24.86 12.22 9.44
C GLY A 134 -24.56 13.08 8.21
N LEU A 135 -23.43 13.77 8.24
CA LEU A 135 -23.02 14.59 7.10
C LEU A 135 -22.10 13.74 6.24
N LEU A 136 -22.57 13.42 5.03
CA LEU A 136 -21.88 12.39 4.22
C LEU A 136 -20.69 12.94 3.43
N PRO A 137 -19.64 12.11 3.27
CA PRO A 137 -18.51 12.56 2.44
C PRO A 137 -18.89 12.70 0.95
N ASP A 138 -18.32 13.71 0.30
CA ASP A 138 -18.60 14.01 -1.10
C ASP A 138 -18.26 12.87 -2.06
N LYS A 139 -17.13 12.24 -1.85
CA LYS A 139 -16.58 11.33 -2.85
C LYS A 139 -17.05 9.86 -2.72
N VAL A 140 -17.94 9.57 -1.78
CA VAL A 140 -18.42 8.19 -1.64
C VAL A 140 -19.87 8.11 -2.07
N GLY A 141 -20.18 7.11 -2.88
CA GLY A 141 -21.51 6.94 -3.41
C GLY A 141 -22.51 6.60 -2.34
N PHE A 142 -23.78 6.83 -2.62
CA PHE A 142 -24.85 6.61 -1.65
C PHE A 142 -24.99 5.14 -1.25
N VAL A 143 -24.96 4.26 -2.24
CA VAL A 143 -25.09 2.84 -1.94
C VAL A 143 -23.92 2.36 -1.08
N GLU A 144 -22.71 2.81 -1.38
CA GLU A 144 -21.52 2.40 -0.63
C GLU A 144 -21.55 2.95 0.81
N ILE A 145 -22.00 4.18 0.98
CA ILE A 145 -21.88 4.84 2.29
C ILE A 145 -22.99 4.42 3.27
N ALA A 146 -24.13 3.95 2.75
CA ALA A 146 -25.27 3.72 3.64
C ALA A 146 -24.92 2.83 4.86
N PRO A 147 -24.25 1.69 4.63
CA PRO A 147 -24.03 0.83 5.80
C PRO A 147 -23.07 1.41 6.83
N ILE A 148 -22.32 2.43 6.44
CA ILE A 148 -21.40 3.05 7.40
C ILE A 148 -22.21 3.71 8.53
N LEU A 149 -23.44 4.12 8.23
CA LEU A 149 -24.34 4.71 9.24
C LEU A 149 -24.72 3.73 10.35
N CYS A 150 -24.47 2.45 10.10
CA CYS A 150 -24.91 1.39 11.02
C CYS A 150 -23.75 0.46 11.39
N ALA A 151 -23.36 -0.42 10.46
CA ALA A 151 -22.25 -1.33 10.68
C ALA A 151 -20.98 -0.53 10.98
N GLY A 152 -20.77 0.53 10.19
CA GLY A 152 -19.52 1.29 10.26
C GLY A 152 -19.37 1.93 11.63
N VAL A 153 -20.30 2.78 12.00
CA VAL A 153 -20.17 3.46 13.30
C VAL A 153 -20.16 2.46 14.47
N THR A 154 -21.01 1.44 14.38
CA THR A 154 -21.05 0.44 15.44
C THR A 154 -19.70 -0.23 15.74
N VAL A 155 -19.01 -0.70 14.71
CA VAL A 155 -17.75 -1.44 14.95
C VAL A 155 -16.60 -0.47 15.23
N TYR A 156 -16.68 0.73 14.66
CA TYR A 156 -15.66 1.76 14.94
C TYR A 156 -15.69 2.17 16.41
N LYS A 157 -16.88 2.53 16.88
CA LYS A 157 -17.03 2.85 18.29
C LYS A 157 -16.71 1.64 19.17
N GLY A 158 -17.12 0.45 18.75
CA GLY A 158 -16.80 -0.75 19.51
C GLY A 158 -15.29 -0.93 19.60
N LEU A 159 -14.58 -0.73 18.49
CA LEU A 159 -13.13 -0.79 18.56
C LEU A 159 -12.56 0.30 19.50
N LYS A 160 -13.06 1.52 19.39
CA LYS A 160 -12.58 2.56 20.31
C LYS A 160 -12.66 2.13 21.78
N VAL A 161 -13.78 1.51 22.16
CA VAL A 161 -14.00 1.24 23.57
C VAL A 161 -13.36 -0.07 24.02
N THR A 162 -12.61 -0.72 23.13
CA THR A 162 -11.74 -1.82 23.63
C THR A 162 -10.51 -1.24 24.31
N ASP A 163 -10.35 0.10 24.22
CA ASP A 163 -9.22 0.78 24.86
C ASP A 163 -7.85 0.24 24.42
N THR A 164 -7.76 -0.13 23.15
CA THR A 164 -6.54 -0.67 22.58
C THR A 164 -5.80 0.48 21.87
N ARG A 165 -4.57 0.23 21.49
CA ARG A 165 -3.78 1.26 20.86
C ARG A 165 -2.99 0.63 19.74
N PRO A 166 -2.51 1.47 18.79
CA PRO A 166 -1.72 0.98 17.65
C PRO A 166 -0.65 -0.01 18.09
N GLY A 167 -0.49 -1.09 17.32
CA GLY A 167 0.48 -2.13 17.64
C GLY A 167 -0.04 -3.27 18.49
N GLN A 168 -1.17 -3.05 19.17
CA GLN A 168 -1.77 -4.11 19.99
C GLN A 168 -2.62 -5.02 19.14
N TRP A 169 -2.96 -6.17 19.70
CA TRP A 169 -3.76 -7.19 19.02
C TRP A 169 -5.24 -7.06 19.35
N VAL A 170 -6.08 -7.11 18.32
CA VAL A 170 -7.53 -7.21 18.54
C VAL A 170 -8.03 -8.44 17.81
N VAL A 171 -8.90 -9.20 18.47
CA VAL A 171 -9.65 -10.25 17.78
C VAL A 171 -10.94 -9.67 17.23
N ILE A 172 -11.21 -9.91 15.95
CA ILE A 172 -12.56 -9.66 15.44
C ILE A 172 -13.24 -11.01 15.39
N SER A 173 -14.26 -11.15 16.22
CA SER A 173 -14.99 -12.40 16.36
C SER A 173 -16.24 -12.26 15.50
N GLY A 174 -16.30 -13.09 14.45
CA GLY A 174 -17.36 -13.02 13.45
C GLY A 174 -16.96 -12.10 12.31
N ILE A 175 -16.78 -12.66 11.10
CA ILE A 175 -16.44 -11.83 9.95
C ILE A 175 -17.63 -11.73 8.97
N GLY A 176 -18.79 -11.35 9.50
CA GLY A 176 -20.03 -11.27 8.76
C GLY A 176 -20.34 -9.83 8.38
N GLY A 177 -21.60 -9.45 8.45
CA GLY A 177 -22.01 -8.10 8.08
C GLY A 177 -21.22 -7.01 8.81
N LEU A 178 -21.18 -7.09 10.14
CA LEU A 178 -20.37 -6.16 10.94
C LEU A 178 -18.87 -6.49 10.87
N GLY A 179 -18.53 -7.76 11.05
CA GLY A 179 -17.14 -8.18 11.17
C GLY A 179 -16.21 -7.80 10.04
N HIS A 180 -16.69 -7.93 8.80
CA HIS A 180 -15.87 -7.59 7.63
C HIS A 180 -15.61 -6.10 7.57
N VAL A 181 -16.51 -5.28 8.11
CA VAL A 181 -16.23 -3.85 8.20
C VAL A 181 -15.25 -3.61 9.36
N ALA A 182 -15.43 -4.33 10.47
CA ALA A 182 -14.57 -4.12 11.64
C ALA A 182 -13.09 -4.43 11.35
N VAL A 183 -12.83 -5.44 10.52
CA VAL A 183 -11.44 -5.77 10.24
C VAL A 183 -10.77 -4.55 9.63
N GLN A 184 -11.48 -3.89 8.74
CA GLN A 184 -10.94 -2.74 8.03
C GLN A 184 -10.71 -1.55 8.96
N TYR A 185 -11.68 -1.24 9.81
CA TYR A 185 -11.44 -0.16 10.77
C TYR A 185 -10.25 -0.49 11.66
N ALA A 186 -10.19 -1.72 12.16
CA ALA A 186 -9.08 -2.12 13.05
C ALA A 186 -7.71 -1.90 12.42
N ARG A 187 -7.56 -2.31 11.16
CA ARG A 187 -6.32 -2.11 10.43
C ARG A 187 -6.01 -0.62 10.26
N ALA A 188 -7.02 0.19 9.94
CA ALA A 188 -6.85 1.61 9.78
C ALA A 188 -6.52 2.31 11.10
N MET A 189 -6.87 1.67 12.22
CA MET A 189 -6.50 2.16 13.55
C MET A 189 -5.17 1.62 14.07
N GLY A 190 -4.41 0.96 13.19
CA GLY A 190 -3.08 0.51 13.55
C GLY A 190 -3.03 -0.76 14.38
N LEU A 191 -4.16 -1.46 14.49
CA LEU A 191 -4.22 -2.67 15.29
C LEU A 191 -3.76 -3.90 14.50
N ARG A 192 -3.15 -4.84 15.20
CA ARG A 192 -2.89 -6.15 14.59
C ARG A 192 -4.16 -7.00 14.73
N VAL A 193 -4.65 -7.54 13.62
CA VAL A 193 -5.97 -8.17 13.65
C VAL A 193 -5.91 -9.68 13.54
N ALA A 194 -6.56 -10.34 14.49
CA ALA A 194 -6.77 -11.78 14.42
C ALA A 194 -8.27 -12.03 14.16
N ALA A 195 -8.58 -12.68 13.05
CA ALA A 195 -9.98 -12.97 12.70
C ALA A 195 -10.37 -14.36 13.20
N VAL A 196 -11.57 -14.47 13.79
CA VAL A 196 -12.05 -15.76 14.29
C VAL A 196 -13.46 -16.00 13.75
N ASP A 197 -13.68 -17.17 13.17
CA ASP A 197 -14.99 -17.54 12.64
C ASP A 197 -15.02 -19.05 12.42
N ILE A 198 -16.14 -19.57 11.91
CA ILE A 198 -16.18 -20.99 11.56
C ILE A 198 -16.24 -21.22 10.03
N ASP A 199 -16.20 -20.14 9.25
CA ASP A 199 -16.33 -20.23 7.80
C ASP A 199 -15.04 -19.81 7.10
N ASP A 200 -14.40 -20.74 6.38
CA ASP A 200 -13.10 -20.47 5.75
C ASP A 200 -13.17 -19.34 4.72
N ALA A 201 -14.33 -19.24 4.08
CA ALA A 201 -14.55 -18.19 3.09
C ALA A 201 -14.43 -16.84 3.79
N LYS A 202 -15.11 -16.70 4.91
CA LYS A 202 -15.06 -15.46 5.69
C LYS A 202 -13.66 -15.16 6.23
N LEU A 203 -12.96 -16.21 6.65
CA LEU A 203 -11.59 -16.06 7.11
C LEU A 203 -10.64 -15.69 5.98
N ASN A 204 -10.77 -16.31 4.81
CA ASN A 204 -9.99 -15.88 3.65
C ASN A 204 -10.26 -14.39 3.35
N LEU A 205 -11.51 -13.98 3.47
CA LEU A 205 -11.87 -12.57 3.25
C LEU A 205 -11.16 -11.67 4.28
N ALA A 206 -11.26 -12.05 5.55
CA ALA A 206 -10.60 -11.27 6.60
C ALA A 206 -9.12 -11.08 6.27
N ARG A 207 -8.46 -12.12 5.75
CA ARG A 207 -7.07 -11.97 5.35
C ARG A 207 -6.90 -10.95 4.24
N ARG A 208 -7.81 -10.96 3.27
CA ARG A 208 -7.80 -9.98 2.17
C ARG A 208 -7.87 -8.58 2.76
N LEU A 209 -8.61 -8.46 3.85
CA LEU A 209 -8.89 -7.17 4.45
C LEU A 209 -7.82 -6.73 5.46
N GLY A 210 -6.80 -7.56 5.67
CA GLY A 210 -5.66 -7.16 6.48
C GLY A 210 -5.43 -7.92 7.78
N ALA A 211 -6.26 -8.93 8.05
CA ALA A 211 -6.05 -9.77 9.21
C ALA A 211 -4.71 -10.49 9.09
N GLU A 212 -3.92 -10.42 10.17
CA GLU A 212 -2.58 -10.99 10.24
C GLU A 212 -2.67 -12.49 10.53
N VAL A 213 -3.69 -12.84 11.31
CA VAL A 213 -3.95 -14.21 11.73
C VAL A 213 -5.44 -14.48 11.53
N ALA A 214 -5.77 -15.72 11.16
CA ALA A 214 -7.16 -16.13 11.02
C ALA A 214 -7.28 -17.53 11.60
N VAL A 215 -8.20 -17.71 12.54
CA VAL A 215 -8.38 -19.05 13.11
C VAL A 215 -9.81 -19.56 12.92
N ASN A 216 -9.92 -20.79 12.43
CA ASN A 216 -11.23 -21.41 12.27
C ASN A 216 -11.59 -22.20 13.50
N ALA A 217 -12.62 -21.74 14.21
CA ALA A 217 -12.96 -22.28 15.52
C ALA A 217 -13.64 -23.65 15.42
N ARG A 218 -14.02 -24.04 14.21
CA ARG A 218 -14.54 -25.40 14.00
C ARG A 218 -13.40 -26.39 14.22
N ASP A 219 -12.21 -26.04 13.73
CA ASP A 219 -11.03 -26.92 13.72
C ASP A 219 -10.05 -26.74 14.91
N THR A 220 -9.93 -25.51 15.41
CA THR A 220 -9.00 -25.25 16.49
C THR A 220 -9.64 -24.40 17.60
N ASP A 221 -9.25 -24.62 18.85
CA ASP A 221 -9.75 -23.83 19.97
C ASP A 221 -9.06 -22.47 19.85
N PRO A 222 -9.80 -21.41 19.50
CA PRO A 222 -9.10 -20.14 19.28
C PRO A 222 -8.52 -19.53 20.55
N ALA A 223 -9.11 -19.85 21.70
CA ALA A 223 -8.55 -19.37 22.97
C ALA A 223 -7.16 -19.97 23.21
N ALA A 224 -7.08 -21.31 23.23
CA ALA A 224 -5.78 -21.97 23.41
C ALA A 224 -4.75 -21.52 22.34
N TRP A 225 -5.17 -21.51 21.08
CA TRP A 225 -4.28 -21.13 19.99
C TRP A 225 -3.74 -19.71 20.11
N LEU A 226 -4.63 -18.72 20.35
CA LEU A 226 -4.21 -17.33 20.48
C LEU A 226 -3.38 -17.06 21.74
N GLN A 227 -3.69 -17.76 22.82
CA GLN A 227 -2.89 -17.59 24.03
C GLN A 227 -1.44 -18.04 23.76
N LYS A 228 -1.31 -19.21 23.15
CA LYS A 228 0.00 -19.73 22.77
C LYS A 228 0.73 -18.84 21.75
N GLU A 229 0.02 -18.44 20.70
CA GLU A 229 0.64 -17.75 19.56
C GLU A 229 0.93 -16.26 19.77
N ILE A 230 -0.05 -15.52 20.27
CA ILE A 230 0.14 -14.08 20.44
C ILE A 230 0.07 -13.67 21.89
N GLY A 231 -0.08 -14.63 22.79
CA GLY A 231 -0.21 -14.32 24.21
C GLY A 231 -1.56 -13.76 24.60
N GLY A 232 -2.58 -14.02 23.79
CA GLY A 232 -3.90 -13.48 24.06
C GLY A 232 -4.03 -12.09 23.44
N ALA A 233 -5.25 -11.70 23.12
CA ALA A 233 -5.47 -10.42 22.45
C ALA A 233 -5.73 -9.29 23.45
N HIS A 234 -5.23 -8.09 23.16
CA HIS A 234 -5.51 -6.95 24.02
C HIS A 234 -7.00 -6.58 24.04
N GLY A 235 -7.65 -6.79 22.90
CA GLY A 235 -9.06 -6.50 22.76
C GLY A 235 -9.76 -7.57 21.94
N VAL A 236 -11.04 -7.77 22.21
CA VAL A 236 -11.87 -8.64 21.39
C VAL A 236 -13.16 -7.88 21.04
N LEU A 237 -13.49 -7.82 19.74
CA LEU A 237 -14.73 -7.20 19.29
C LEU A 237 -15.64 -8.35 18.91
N VAL A 238 -16.70 -8.56 19.67
CA VAL A 238 -17.61 -9.67 19.41
C VAL A 238 -18.78 -9.14 18.57
N THR A 239 -18.80 -9.51 17.28
CA THR A 239 -19.77 -8.90 16.35
C THR A 239 -20.99 -9.79 16.17
N ALA A 240 -20.85 -11.07 16.52
CA ALA A 240 -21.99 -11.97 16.53
C ALA A 240 -22.09 -12.49 17.95
N VAL A 241 -22.97 -11.90 18.74
CA VAL A 241 -22.96 -12.14 20.18
C VAL A 241 -23.79 -13.37 20.57
N SER A 242 -23.14 -14.54 20.56
CA SER A 242 -23.73 -15.80 20.99
C SER A 242 -23.05 -16.22 22.28
N PRO A 243 -23.69 -17.11 23.05
CA PRO A 243 -23.02 -17.58 24.26
C PRO A 243 -21.65 -18.15 23.94
N LYS A 244 -21.54 -18.92 22.85
CA LYS A 244 -20.27 -19.51 22.49
C LYS A 244 -19.22 -18.43 22.22
N ALA A 245 -19.60 -17.43 21.45
CA ALA A 245 -18.66 -16.35 21.07
C ALA A 245 -18.21 -15.59 22.31
N PHE A 246 -19.18 -15.30 23.17
CA PHE A 246 -18.92 -14.61 24.44
C PHE A 246 -17.91 -15.40 25.31
N SER A 247 -18.17 -16.68 25.53
CA SER A 247 -17.24 -17.52 26.32
C SER A 247 -15.86 -17.59 25.72
N GLN A 248 -15.80 -17.76 24.41
CA GLN A 248 -14.51 -17.87 23.75
C GLN A 248 -13.75 -16.54 23.81
N ALA A 249 -14.48 -15.44 23.78
CA ALA A 249 -13.81 -14.13 23.92
C ALA A 249 -13.11 -14.04 25.29
N ILE A 250 -13.78 -14.53 26.33
CA ILE A 250 -13.17 -14.54 27.67
C ILE A 250 -11.88 -15.36 27.66
N GLY A 251 -11.86 -16.43 26.85
CA GLY A 251 -10.68 -17.26 26.69
C GLY A 251 -9.57 -16.62 25.84
N MET A 252 -9.95 -15.84 24.84
CA MET A 252 -9.00 -15.30 23.88
C MET A 252 -8.28 -14.06 24.36
N VAL A 253 -8.94 -13.31 25.27
CA VAL A 253 -8.39 -12.01 25.65
C VAL A 253 -7.22 -12.22 26.61
N ARG A 254 -6.21 -11.35 26.59
CA ARG A 254 -5.14 -11.50 27.57
C ARG A 254 -5.61 -10.83 28.86
N ARG A 255 -4.93 -11.09 29.98
CA ARG A 255 -5.31 -10.44 31.22
C ARG A 255 -5.29 -8.91 31.05
N GLY A 256 -6.24 -8.22 31.68
CA GLY A 256 -6.31 -6.78 31.58
C GLY A 256 -6.95 -6.33 30.27
N GLY A 257 -7.27 -7.28 29.40
CA GLY A 257 -7.88 -6.94 28.12
C GLY A 257 -9.35 -6.54 28.22
N THR A 258 -9.92 -6.07 27.11
CA THR A 258 -11.31 -5.62 27.06
C THR A 258 -12.04 -6.31 25.90
N ILE A 259 -13.23 -6.80 26.22
CA ILE A 259 -14.11 -7.43 25.24
C ILE A 259 -15.27 -6.43 25.00
N ALA A 260 -15.47 -6.01 23.75
CA ALA A 260 -16.59 -5.11 23.40
C ALA A 260 -17.66 -5.95 22.70
N LEU A 261 -18.87 -5.87 23.23
CA LEU A 261 -20.00 -6.64 22.69
C LEU A 261 -20.82 -5.75 21.79
N ASN A 262 -20.90 -6.11 20.52
CA ASN A 262 -21.42 -5.23 19.48
C ASN A 262 -22.77 -5.63 18.95
N GLY A 263 -23.52 -6.43 19.70
CA GLY A 263 -24.75 -7.02 19.19
C GLY A 263 -25.78 -7.21 20.30
N LEU A 264 -27.05 -7.37 19.92
CA LEU A 264 -28.16 -7.42 20.87
C LEU A 264 -28.83 -8.79 20.86
N PRO A 265 -28.37 -9.71 21.70
CA PRO A 265 -28.92 -11.06 21.67
C PRO A 265 -30.00 -11.26 22.71
N PRO A 266 -30.83 -12.29 22.52
CA PRO A 266 -31.80 -12.67 23.54
C PRO A 266 -31.15 -13.42 24.71
N GLY A 267 -31.67 -13.19 25.92
CA GLY A 267 -31.38 -14.03 27.08
C GLY A 267 -30.17 -13.65 27.91
N ASP A 268 -30.09 -14.19 29.13
CA ASP A 268 -28.92 -14.00 30.00
C ASP A 268 -27.81 -14.96 29.58
N PHE A 269 -26.55 -14.48 29.63
CA PHE A 269 -25.40 -15.31 29.34
C PHE A 269 -24.69 -15.63 30.64
N GLY A 270 -24.12 -16.82 30.75
CA GLY A 270 -23.39 -17.17 31.96
C GLY A 270 -22.01 -16.56 31.93
N THR A 271 -21.69 -15.73 32.92
CA THR A 271 -20.38 -15.08 32.95
C THR A 271 -19.54 -15.71 34.07
N PRO A 272 -18.36 -16.24 33.72
CA PRO A 272 -17.56 -16.93 34.74
C PRO A 272 -16.83 -15.93 35.62
N ILE A 273 -17.18 -15.91 36.90
CA ILE A 273 -16.65 -14.92 37.85
C ILE A 273 -15.14 -15.08 38.04
N PHE A 274 -14.68 -16.31 38.26
CA PHE A 274 -13.26 -16.54 38.54
C PHE A 274 -12.38 -16.00 37.41
N ASP A 275 -12.76 -16.30 36.17
CA ASP A 275 -11.95 -15.84 35.03
C ASP A 275 -11.96 -14.34 34.85
N VAL A 276 -13.14 -13.73 34.94
CA VAL A 276 -13.23 -12.30 34.74
C VAL A 276 -12.48 -11.54 35.81
N VAL A 277 -12.61 -11.99 37.07
CA VAL A 277 -11.94 -11.31 38.18
C VAL A 277 -10.41 -11.52 38.17
N LEU A 278 -9.97 -12.79 38.20
CA LEU A 278 -8.53 -13.07 38.25
C LEU A 278 -7.76 -12.55 37.04
N LYS A 279 -8.41 -12.51 35.88
CA LYS A 279 -7.74 -12.00 34.68
C LYS A 279 -7.91 -10.50 34.52
N GLY A 280 -8.66 -9.87 35.42
CA GLY A 280 -8.87 -8.44 35.34
C GLY A 280 -9.49 -8.00 34.01
N ILE A 281 -10.46 -8.77 33.51
CA ILE A 281 -11.05 -8.55 32.19
C ILE A 281 -12.12 -7.45 32.25
N THR A 282 -12.23 -6.67 31.18
CA THR A 282 -13.33 -5.71 31.03
C THR A 282 -14.27 -6.22 29.94
N ILE A 283 -15.57 -6.22 30.25
CA ILE A 283 -16.60 -6.56 29.29
C ILE A 283 -17.48 -5.35 29.13
N ARG A 284 -17.62 -4.87 27.90
CA ARG A 284 -18.30 -3.60 27.69
C ARG A 284 -19.31 -3.68 26.54
N GLY A 285 -20.53 -3.18 26.76
CA GLY A 285 -21.56 -3.16 25.71
C GLY A 285 -21.42 -1.91 24.85
N SER A 286 -21.57 -2.07 23.54
CA SER A 286 -21.44 -0.94 22.67
C SER A 286 -22.17 -1.17 21.35
N ILE A 287 -23.17 -0.34 21.06
CA ILE A 287 -23.79 -0.42 19.74
C ILE A 287 -23.99 1.01 19.24
N VAL A 288 -23.95 1.17 17.92
CA VAL A 288 -23.92 2.48 17.25
C VAL A 288 -22.90 3.43 17.85
N GLY A 289 -23.20 4.73 17.86
CA GLY A 289 -22.21 5.69 18.34
C GLY A 289 -22.78 7.08 18.34
N THR A 290 -22.05 8.02 18.93
CA THR A 290 -22.51 9.41 19.03
C THR A 290 -22.36 10.10 17.67
N ARG A 291 -22.81 11.35 17.56
CA ARG A 291 -22.66 12.07 16.29
C ARG A 291 -21.18 12.21 15.95
N SER A 292 -20.36 12.51 16.95
CA SER A 292 -18.93 12.59 16.71
C SER A 292 -18.36 11.23 16.26
N ASP A 293 -18.77 10.12 16.90
CA ASP A 293 -18.29 8.80 16.44
C ASP A 293 -18.68 8.59 14.97
N LEU A 294 -19.90 8.99 14.63
CA LEU A 294 -20.43 8.70 13.30
C LEU A 294 -19.62 9.48 12.27
N GLN A 295 -19.36 10.74 12.56
CA GLN A 295 -18.56 11.55 11.61
C GLN A 295 -17.15 11.01 11.50
N GLU A 296 -16.56 10.63 12.63
CA GLU A 296 -15.25 9.97 12.56
C GLU A 296 -15.28 8.71 11.69
N SER A 297 -16.31 7.88 11.87
CA SER A 297 -16.37 6.65 11.10
C SER A 297 -16.56 6.93 9.60
N LEU A 298 -17.30 7.98 9.24
CA LEU A 298 -17.50 8.33 7.83
C LEU A 298 -16.19 8.76 7.18
N ASP A 299 -15.32 9.40 7.95
CA ASP A 299 -14.03 9.83 7.40
C ASP A 299 -13.19 8.66 6.88
N PHE A 300 -13.22 7.51 7.57
CA PHE A 300 -12.42 6.38 7.12
C PHE A 300 -12.92 5.87 5.78
N ALA A 301 -14.25 5.92 5.59
CA ALA A 301 -14.85 5.50 4.32
C ALA A 301 -14.43 6.50 3.23
N ALA A 302 -14.52 7.79 3.54
CA ALA A 302 -14.11 8.88 2.62
C ALA A 302 -12.65 8.76 2.15
N HIS A 303 -11.77 8.29 3.03
CA HIS A 303 -10.36 8.19 2.69
C HIS A 303 -10.00 6.86 2.04
N GLY A 304 -10.98 5.98 1.87
CA GLY A 304 -10.76 4.73 1.18
C GLY A 304 -10.23 3.62 2.09
N ASP A 305 -10.21 3.87 3.39
CA ASP A 305 -9.73 2.88 4.36
C ASP A 305 -10.75 1.78 4.63
N VAL A 306 -12.02 2.10 4.44
CA VAL A 306 -13.09 1.15 4.74
C VAL A 306 -14.11 1.17 3.61
N LYS A 307 -14.44 -0.02 3.11
CA LYS A 307 -15.52 -0.19 2.14
C LYS A 307 -16.36 -1.42 2.50
N ALA A 308 -17.65 -1.21 2.72
CA ALA A 308 -18.58 -2.31 2.94
C ALA A 308 -18.79 -3.14 1.66
N THR A 309 -18.91 -4.44 1.82
CA THR A 309 -19.41 -5.29 0.74
C THR A 309 -20.89 -4.99 0.56
N VAL A 310 -21.30 -4.52 -0.62
CA VAL A 310 -22.68 -4.08 -0.79
C VAL A 310 -23.29 -4.67 -2.06
N SER A 311 -24.57 -5.01 -1.98
CA SER A 311 -25.37 -5.43 -3.12
C SER A 311 -26.64 -4.61 -3.07
N THR A 312 -27.29 -4.38 -4.21
CA THR A 312 -28.52 -3.56 -4.21
C THR A 312 -29.80 -4.36 -4.45
N ALA A 313 -30.91 -3.81 -4.01
CA ALA A 313 -32.23 -4.38 -4.27
C ALA A 313 -33.16 -3.21 -4.48
N LYS A 314 -34.35 -3.48 -5.01
CA LYS A 314 -35.37 -2.44 -5.15
C LYS A 314 -36.29 -2.45 -3.94
N LEU A 315 -36.90 -1.31 -3.65
CA LEU A 315 -37.88 -1.19 -2.57
C LEU A 315 -38.95 -2.28 -2.68
N ASP A 316 -39.40 -2.54 -3.90
CA ASP A 316 -40.51 -3.47 -4.09
C ASP A 316 -40.13 -4.90 -3.73
N ASP A 317 -38.83 -5.16 -3.60
CA ASP A 317 -38.36 -6.50 -3.27
C ASP A 317 -37.92 -6.67 -1.81
N VAL A 318 -38.31 -5.75 -0.96
CA VAL A 318 -37.85 -5.78 0.43
C VAL A 318 -38.16 -7.10 1.15
N ASN A 319 -39.31 -7.71 0.87
CA ASN A 319 -39.64 -8.99 1.53
C ASN A 319 -38.74 -10.12 1.05
N ASP A 320 -38.39 -10.10 -0.23
CA ASP A 320 -37.42 -11.07 -0.73
C ASP A 320 -36.11 -10.84 0.02
N VAL A 321 -35.75 -9.58 0.22
CA VAL A 321 -34.55 -9.26 0.96
C VAL A 321 -34.65 -9.72 2.42
N PHE A 322 -35.77 -9.42 3.09
CA PHE A 322 -35.96 -9.92 4.46
C PHE A 322 -35.80 -11.45 4.54
N GLY A 323 -36.35 -12.16 3.57
CA GLY A 323 -36.27 -13.61 3.54
C GLY A 323 -34.84 -14.11 3.41
N ARG A 324 -34.08 -13.50 2.50
CA ARG A 324 -32.68 -13.83 2.32
C ARG A 324 -31.93 -13.57 3.62
N LEU A 325 -32.24 -12.45 4.28
CA LEU A 325 -31.56 -12.09 5.52
C LEU A 325 -31.83 -13.12 6.63
N ARG A 326 -33.11 -13.47 6.80
CA ARG A 326 -33.51 -14.44 7.83
C ARG A 326 -32.90 -15.81 7.63
N GLU A 327 -32.65 -16.14 6.36
CA GLU A 327 -32.12 -17.45 6.01
C GLU A 327 -30.60 -17.47 6.02
N GLY A 328 -29.98 -16.34 6.39
CA GLY A 328 -28.53 -16.23 6.41
C GLY A 328 -27.89 -16.36 5.04
N LYS A 329 -28.58 -15.90 4.00
CA LYS A 329 -28.03 -15.96 2.64
C LYS A 329 -27.31 -14.68 2.20
N VAL A 330 -27.38 -13.64 3.02
CA VAL A 330 -26.79 -12.36 2.65
C VAL A 330 -25.31 -12.30 3.00
N GLU A 331 -24.49 -12.04 1.99
CA GLU A 331 -23.08 -11.78 2.20
C GLU A 331 -22.92 -10.27 2.16
N GLY A 332 -22.23 -9.73 3.15
CA GLY A 332 -22.10 -8.30 3.27
C GLY A 332 -23.40 -7.65 3.67
N ARG A 333 -23.72 -6.54 3.01
CA ARG A 333 -24.92 -5.79 3.30
C ARG A 333 -25.72 -5.56 2.02
N VAL A 334 -27.05 -5.62 2.12
CA VAL A 334 -27.96 -5.25 1.03
C VAL A 334 -28.42 -3.85 1.23
N VAL A 335 -28.44 -3.08 0.15
CA VAL A 335 -28.87 -1.69 0.23
C VAL A 335 -29.93 -1.42 -0.83
N LEU A 336 -31.04 -0.83 -0.41
CA LEU A 336 -32.12 -0.51 -1.35
C LEU A 336 -31.68 0.67 -2.17
N ASP A 337 -31.85 0.58 -3.49
CA ASP A 337 -31.37 1.63 -4.38
C ASP A 337 -32.56 2.41 -4.93
N PHE A 338 -32.64 3.69 -4.59
CA PHE A 338 -33.77 4.53 -5.02
C PHE A 338 -33.39 5.36 -6.23
N SER A 339 -32.23 5.08 -6.81
CA SER A 339 -31.70 5.86 -7.93
C SER A 339 -32.58 5.73 -9.16
N ARG A 340 -32.72 6.85 -9.88
CA ARG A 340 -33.51 6.91 -11.11
C ARG A 340 -33.36 5.65 -11.96
N ALA B 1 8.49 -48.62 1.61
CA ALA B 1 8.06 -49.43 0.48
C ALA B 1 6.63 -49.13 0.01
N MET B 2 5.73 -48.83 0.94
CA MET B 2 4.32 -48.57 0.60
C MET B 2 3.81 -47.21 1.07
N MET B 3 2.82 -46.68 0.35
CA MET B 3 2.21 -45.41 0.68
C MET B 3 0.72 -45.43 0.38
N LYS B 4 0.02 -44.44 0.90
CA LYS B 4 -1.39 -44.22 0.57
C LYS B 4 -1.45 -43.29 -0.65
N ALA B 5 -2.38 -43.59 -1.55
CA ALA B 5 -2.61 -42.77 -2.74
C ALA B 5 -4.07 -42.91 -3.17
N ALA B 6 -4.63 -41.84 -3.73
CA ALA B 6 -5.96 -41.91 -4.31
C ALA B 6 -5.78 -42.32 -5.74
N VAL B 7 -6.43 -43.41 -6.16
CA VAL B 7 -6.16 -44.02 -7.46
C VAL B 7 -7.43 -44.02 -8.31
N VAL B 8 -7.30 -43.66 -9.58
CA VAL B 8 -8.42 -43.82 -10.51
C VAL B 8 -8.28 -45.17 -11.19
N ARG B 9 -9.25 -46.06 -10.96
CA ARG B 9 -9.17 -47.41 -11.54
C ARG B 9 -10.22 -47.61 -12.63
N ALA B 10 -11.22 -46.74 -12.65
CA ALA B 10 -12.24 -46.78 -13.67
C ALA B 10 -12.77 -45.38 -13.90
N PHE B 11 -12.90 -44.97 -15.16
CA PHE B 11 -13.37 -43.62 -15.45
C PHE B 11 -14.75 -43.36 -14.87
N GLY B 12 -14.85 -42.26 -14.12
CA GLY B 12 -16.12 -41.79 -13.57
C GLY B 12 -16.46 -42.35 -12.19
N ALA B 13 -15.79 -43.43 -11.82
CA ALA B 13 -16.00 -44.08 -10.53
C ALA B 13 -15.39 -43.25 -9.40
N PRO B 14 -15.83 -43.50 -8.15
CA PRO B 14 -15.15 -42.83 -7.04
C PRO B 14 -13.68 -43.25 -7.03
N LEU B 15 -12.79 -42.38 -6.54
CA LEU B 15 -11.40 -42.78 -6.38
C LEU B 15 -11.32 -43.66 -5.14
N THR B 16 -10.38 -44.58 -5.14
CA THR B 16 -10.16 -45.44 -3.97
C THR B 16 -8.86 -45.05 -3.31
N ILE B 17 -8.87 -44.97 -1.99
CA ILE B 17 -7.62 -44.72 -1.26
C ILE B 17 -6.93 -46.06 -1.00
N ASP B 18 -5.81 -46.30 -1.66
CA ASP B 18 -5.14 -47.60 -1.61
C ASP B 18 -3.72 -47.52 -1.06
N GLU B 19 -3.24 -48.65 -0.52
CA GLU B 19 -1.83 -48.81 -0.20
C GLU B 19 -1.13 -49.31 -1.45
N VAL B 20 -0.14 -48.55 -1.93
CA VAL B 20 0.54 -48.87 -3.16
C VAL B 20 2.04 -48.66 -2.97
N PRO B 21 2.86 -49.24 -3.85
CA PRO B 21 4.30 -49.06 -3.65
C PRO B 21 4.75 -47.61 -3.79
N VAL B 22 5.75 -47.25 -2.99
CA VAL B 22 6.39 -45.95 -3.14
C VAL B 22 7.22 -45.99 -4.43
N PRO B 23 6.99 -45.00 -5.32
CA PRO B 23 7.79 -44.96 -6.55
C PRO B 23 9.23 -44.56 -6.24
N GLN B 24 10.19 -45.26 -6.84
CA GLN B 24 11.61 -45.04 -6.55
C GLN B 24 12.32 -44.44 -7.76
N PRO B 25 13.09 -43.36 -7.53
CA PRO B 25 13.68 -42.66 -8.68
C PRO B 25 14.88 -43.39 -9.27
N GLY B 26 14.94 -43.47 -10.59
CA GLY B 26 16.08 -44.00 -11.32
C GLY B 26 17.01 -42.86 -11.74
N PRO B 27 18.00 -43.16 -12.59
CA PRO B 27 18.95 -42.17 -13.12
C PRO B 27 18.21 -40.94 -13.67
N GLY B 28 18.61 -39.75 -13.24
CA GLY B 28 18.03 -38.52 -13.74
C GLY B 28 16.61 -38.23 -13.23
N GLN B 29 16.17 -38.97 -12.22
CA GLN B 29 14.84 -38.73 -11.65
C GLN B 29 14.98 -38.31 -10.21
N VAL B 30 13.91 -37.75 -9.66
CA VAL B 30 13.92 -37.45 -8.22
C VAL B 30 12.63 -37.94 -7.58
N GLN B 31 12.65 -38.09 -6.26
CA GLN B 31 11.46 -38.47 -5.53
C GLN B 31 11.04 -37.30 -4.67
N VAL B 32 9.75 -37.02 -4.65
CA VAL B 32 9.21 -35.92 -3.86
C VAL B 32 8.26 -36.47 -2.80
N LYS B 33 8.46 -36.07 -1.54
CA LYS B 33 7.52 -36.38 -0.49
C LYS B 33 6.49 -35.26 -0.38
N ILE B 34 5.24 -35.59 -0.71
CA ILE B 34 4.18 -34.59 -0.84
C ILE B 34 3.76 -34.03 0.50
N GLU B 35 3.75 -32.71 0.60
CA GLU B 35 3.23 -32.04 1.80
C GLU B 35 1.82 -31.43 1.60
N ALA B 36 1.54 -31.00 0.37
CA ALA B 36 0.22 -30.48 0.03
C ALA B 36 -0.02 -30.85 -1.44
N SER B 37 -1.29 -30.93 -1.84
CA SER B 37 -1.57 -31.32 -3.22
C SER B 37 -2.86 -30.66 -3.70
N GLY B 38 -2.72 -29.69 -4.60
CA GLY B 38 -3.88 -28.91 -5.04
C GLY B 38 -4.89 -29.75 -5.82
N VAL B 39 -6.17 -29.38 -5.73
CA VAL B 39 -7.23 -30.01 -6.51
C VAL B 39 -7.85 -28.99 -7.47
N CYS B 40 -8.18 -29.38 -8.71
CA CYS B 40 -8.92 -28.46 -9.57
C CYS B 40 -9.78 -29.22 -10.59
N HIS B 41 -10.49 -28.49 -11.44
CA HIS B 41 -11.40 -29.15 -12.37
C HIS B 41 -10.70 -30.08 -13.35
N THR B 42 -9.43 -29.82 -13.63
CA THR B 42 -8.70 -30.72 -14.52
C THR B 42 -8.66 -32.13 -13.96
N ASP B 43 -8.63 -32.25 -12.63
CA ASP B 43 -8.60 -33.56 -12.00
C ASP B 43 -9.91 -34.33 -12.25
N LEU B 44 -11.01 -33.60 -12.34
CA LEU B 44 -12.30 -34.24 -12.69
C LEU B 44 -12.24 -34.80 -14.11
N HIS B 45 -11.65 -34.05 -15.05
CA HIS B 45 -11.57 -34.53 -16.42
C HIS B 45 -10.66 -35.73 -16.57
N ALA B 46 -9.56 -35.74 -15.82
CA ALA B 46 -8.67 -36.89 -15.80
C ALA B 46 -9.45 -38.13 -15.29
N ALA B 47 -10.15 -37.95 -14.18
CA ALA B 47 -10.84 -39.05 -13.49
C ALA B 47 -12.05 -39.54 -14.28
N ASP B 48 -12.67 -38.64 -15.04
CA ASP B 48 -13.82 -38.97 -15.92
C ASP B 48 -13.39 -39.51 -17.30
N GLY B 49 -12.14 -39.26 -17.67
CA GLY B 49 -11.64 -39.59 -19.00
C GLY B 49 -12.44 -38.97 -20.14
N ASP B 50 -12.91 -37.73 -19.99
CA ASP B 50 -13.78 -37.13 -21.01
C ASP B 50 -13.11 -36.15 -21.99
N TRP B 51 -11.78 -36.05 -21.92
CA TRP B 51 -11.04 -35.28 -22.94
C TRP B 51 -10.64 -36.21 -24.10
N PRO B 52 -10.19 -35.62 -25.22
CA PRO B 52 -9.99 -36.39 -26.47
C PRO B 52 -8.96 -37.51 -26.36
N VAL B 53 -7.92 -37.30 -25.59
CA VAL B 53 -6.95 -38.33 -25.28
C VAL B 53 -7.01 -38.63 -23.79
N LYS B 54 -7.37 -39.87 -23.46
CA LYS B 54 -7.60 -40.25 -22.08
C LYS B 54 -6.34 -40.64 -21.32
N PRO B 55 -6.36 -40.49 -19.99
CA PRO B 55 -5.32 -41.13 -19.17
C PRO B 55 -5.32 -42.62 -19.45
N THR B 56 -4.22 -43.31 -19.16
CA THR B 56 -4.23 -44.77 -19.13
C THR B 56 -4.54 -45.20 -17.69
N LEU B 57 -5.28 -46.29 -17.54
CA LEU B 57 -5.73 -46.75 -16.22
C LEU B 57 -4.88 -47.92 -15.76
N PRO B 58 -4.62 -48.01 -14.44
CA PRO B 58 -5.06 -47.06 -13.42
C PRO B 58 -3.99 -45.95 -13.26
N PHE B 59 -4.34 -44.86 -12.59
CA PHE B 59 -3.36 -43.79 -12.35
C PHE B 59 -3.73 -42.97 -11.13
N ILE B 60 -2.73 -42.28 -10.56
CA ILE B 60 -2.93 -41.37 -9.46
C ILE B 60 -2.95 -39.95 -10.04
N PRO B 61 -4.07 -39.23 -9.86
CA PRO B 61 -4.21 -37.84 -10.34
C PRO B 61 -3.31 -36.87 -9.58
N GLY B 62 -3.37 -35.58 -9.96
CA GLY B 62 -2.78 -34.52 -9.17
C GLY B 62 -1.57 -33.91 -9.86
N HIS B 63 -1.74 -32.69 -10.38
CA HIS B 63 -0.65 -31.98 -11.02
C HIS B 63 -0.31 -30.73 -10.21
N GLU B 64 -0.66 -30.73 -8.93
CA GLU B 64 -0.35 -29.58 -8.07
C GLU B 64 0.29 -30.04 -6.76
N GLY B 65 1.10 -31.06 -6.84
CA GLY B 65 1.75 -31.63 -5.65
C GLY B 65 2.98 -30.82 -5.28
N VAL B 66 3.14 -30.53 -4.00
CA VAL B 66 4.28 -29.76 -3.52
C VAL B 66 4.86 -30.46 -2.29
N GLY B 67 6.19 -30.46 -2.16
CA GLY B 67 6.81 -31.14 -1.04
C GLY B 67 8.31 -30.95 -1.00
N TYR B 68 9.00 -31.96 -0.42
CA TYR B 68 10.45 -31.96 -0.30
C TYR B 68 11.04 -33.06 -1.16
N VAL B 69 12.16 -32.79 -1.83
CA VAL B 69 12.93 -33.84 -2.49
C VAL B 69 13.42 -34.80 -1.39
N SER B 70 12.98 -36.05 -1.49
CA SER B 70 13.28 -37.05 -0.46
C SER B 70 14.34 -38.05 -0.91
N ALA B 71 14.57 -38.10 -2.22
CA ALA B 71 15.60 -38.99 -2.80
C ALA B 71 15.95 -38.50 -4.20
N VAL B 72 17.19 -38.70 -4.62
CA VAL B 72 17.57 -38.41 -6.02
C VAL B 72 18.22 -39.60 -6.69
N GLY B 73 17.98 -39.73 -7.99
CA GLY B 73 18.72 -40.67 -8.82
C GLY B 73 20.08 -40.05 -9.15
N SER B 74 20.86 -40.78 -9.95
CA SER B 74 22.17 -40.32 -10.39
C SER B 74 22.01 -39.20 -11.41
N GLY B 75 23.04 -38.36 -11.52
CA GLY B 75 23.08 -37.37 -12.58
C GLY B 75 22.12 -36.21 -12.40
N VAL B 76 21.78 -35.89 -11.16
CA VAL B 76 20.86 -34.79 -10.89
C VAL B 76 21.58 -33.62 -10.24
N SER B 77 21.51 -32.44 -10.86
CA SER B 77 22.19 -31.28 -10.29
C SER B 77 21.27 -30.09 -10.01
N ARG B 78 20.12 -30.04 -10.69
CA ARG B 78 19.23 -28.91 -10.50
C ARG B 78 18.68 -28.80 -9.08
N VAL B 79 18.45 -29.96 -8.44
CA VAL B 79 17.88 -29.97 -7.10
C VAL B 79 18.61 -31.01 -6.29
N LYS B 80 18.44 -30.94 -4.97
CA LYS B 80 19.08 -31.89 -4.09
C LYS B 80 18.10 -32.24 -2.98
N GLU B 81 18.38 -33.32 -2.25
CA GLU B 81 17.51 -33.74 -1.17
C GLU B 81 17.20 -32.58 -0.21
N GLY B 82 15.93 -32.44 0.16
CA GLY B 82 15.51 -31.38 1.05
C GLY B 82 14.98 -30.12 0.35
N ASP B 83 15.23 -29.98 -0.94
CA ASP B 83 14.71 -28.81 -1.66
C ASP B 83 13.18 -28.84 -1.71
N ARG B 84 12.58 -27.66 -1.67
CA ARG B 84 11.12 -27.54 -1.76
C ARG B 84 10.72 -27.38 -3.22
N VAL B 85 9.95 -28.36 -3.71
CA VAL B 85 9.65 -28.41 -5.15
C VAL B 85 8.19 -28.75 -5.39
N GLY B 86 7.69 -28.37 -6.56
CA GLY B 86 6.36 -28.75 -6.99
C GLY B 86 6.43 -29.56 -8.28
N VAL B 87 5.42 -30.39 -8.52
CA VAL B 87 5.41 -31.22 -9.72
C VAL B 87 4.19 -30.85 -10.58
N PRO B 88 4.37 -29.87 -11.49
CA PRO B 88 3.20 -29.29 -12.17
C PRO B 88 2.77 -30.13 -13.36
N TRP B 89 1.71 -29.67 -14.01
CA TRP B 89 1.14 -30.34 -15.18
C TRP B 89 2.15 -30.81 -16.22
N LEU B 90 3.11 -29.95 -16.57
CA LEU B 90 4.14 -30.33 -17.52
C LEU B 90 5.20 -31.14 -16.81
N TYR B 91 5.05 -32.46 -16.87
CA TYR B 91 5.94 -33.40 -16.17
C TYR B 91 7.31 -33.49 -16.84
N SER B 92 7.30 -33.50 -18.17
CA SER B 92 8.52 -33.55 -18.96
C SER B 92 8.20 -33.17 -20.39
N ALA B 93 9.25 -32.81 -21.12
CA ALA B 93 9.16 -32.62 -22.57
C ALA B 93 10.41 -33.23 -23.19
N CYS B 94 10.40 -33.41 -24.52
CA CYS B 94 11.47 -34.15 -25.18
C CYS B 94 12.81 -33.43 -25.16
N GLY B 95 12.78 -32.11 -25.14
CA GLY B 95 13.97 -31.27 -25.06
C GLY B 95 14.64 -30.99 -26.41
N TYR B 96 14.19 -31.63 -27.48
CA TYR B 96 14.94 -31.66 -28.76
C TYR B 96 14.16 -31.12 -29.93
N CYS B 97 12.84 -31.05 -29.79
CA CYS B 97 11.99 -30.64 -30.91
C CYS B 97 12.03 -29.14 -31.14
N GLU B 98 11.40 -28.71 -32.23
CA GLU B 98 11.41 -27.31 -32.63
C GLU B 98 10.94 -26.43 -31.46
N HIS B 99 9.87 -26.87 -30.81
CA HIS B 99 9.30 -26.11 -29.69
C HIS B 99 10.22 -26.08 -28.45
N CYS B 100 10.71 -27.25 -28.07
CA CYS B 100 11.58 -27.34 -26.89
C CYS B 100 12.82 -26.50 -27.10
N LEU B 101 13.39 -26.53 -28.30
CA LEU B 101 14.62 -25.77 -28.52
C LEU B 101 14.38 -24.27 -28.44
N GLN B 102 13.16 -23.86 -28.78
CA GLN B 102 12.77 -22.45 -28.74
C GLN B 102 12.30 -21.96 -27.38
N GLY B 103 12.27 -22.82 -26.37
CA GLY B 103 11.84 -22.41 -25.05
C GLY B 103 10.32 -22.44 -24.88
N TRP B 104 9.66 -23.22 -25.74
CA TRP B 104 8.21 -23.36 -25.68
C TRP B 104 7.85 -24.82 -25.43
N GLU B 105 8.38 -25.36 -24.34
CA GLU B 105 8.21 -26.77 -24.08
C GLU B 105 6.76 -27.14 -23.83
N THR B 106 5.92 -26.13 -23.54
CA THR B 106 4.48 -26.38 -23.36
C THR B 106 3.83 -26.88 -24.64
N LEU B 107 4.46 -26.59 -25.76
CA LEU B 107 3.94 -27.06 -27.06
C LEU B 107 4.55 -28.40 -27.51
N CYS B 108 5.36 -29.02 -26.65
CA CYS B 108 5.99 -30.30 -27.04
C CYS B 108 4.97 -31.40 -27.28
N GLU B 109 5.00 -31.98 -28.46
CA GLU B 109 4.01 -33.00 -28.81
C GLU B 109 4.27 -34.30 -28.04
N LYS B 110 5.48 -34.40 -27.50
CA LYS B 110 5.87 -35.57 -26.74
C LYS B 110 5.83 -35.36 -25.22
N GLN B 111 5.14 -34.33 -24.76
CA GLN B 111 5.19 -34.04 -23.33
C GLN B 111 4.43 -35.09 -22.56
N GLN B 112 4.79 -35.25 -21.30
CA GLN B 112 4.03 -36.04 -20.36
C GLN B 112 3.37 -35.10 -19.37
N ASN B 113 2.19 -35.48 -18.89
CA ASN B 113 1.42 -34.63 -18.01
C ASN B 113 1.16 -35.30 -16.66
N THR B 114 1.59 -34.61 -15.61
CA THR B 114 1.51 -35.14 -14.25
C THR B 114 0.08 -35.39 -13.81
N GLY B 115 -0.18 -36.55 -13.23
CA GLY B 115 -1.51 -36.87 -12.73
C GLY B 115 -2.49 -37.02 -13.89
N TYR B 116 -1.97 -37.38 -15.05
CA TYR B 116 -2.80 -37.60 -16.23
C TYR B 116 -2.20 -38.70 -17.09
N SER B 117 -1.05 -38.45 -17.70
CA SER B 117 -0.37 -39.49 -18.47
C SER B 117 0.68 -40.25 -17.65
N VAL B 118 1.07 -39.69 -16.51
CA VAL B 118 1.97 -40.39 -15.57
C VAL B 118 1.39 -40.15 -14.17
N ASN B 119 1.78 -40.94 -13.17
CA ASN B 119 1.22 -40.74 -11.84
C ASN B 119 1.57 -39.38 -11.26
N GLY B 120 0.64 -38.83 -10.48
CA GLY B 120 0.82 -37.52 -9.89
C GLY B 120 0.80 -37.45 -8.38
N GLY B 121 0.35 -36.32 -7.86
CA GLY B 121 0.57 -35.97 -6.46
C GLY B 121 -0.53 -36.29 -5.48
N TYR B 122 -1.54 -37.09 -5.86
CA TYR B 122 -2.57 -37.51 -4.89
C TYR B 122 -2.05 -38.73 -4.14
N GLY B 123 -0.81 -38.66 -3.67
CA GLY B 123 -0.17 -39.82 -3.05
C GLY B 123 0.89 -39.27 -2.13
N GLU B 124 1.42 -40.09 -1.23
CA GLU B 124 2.38 -39.55 -0.27
C GLU B 124 3.74 -39.24 -0.88
N TYR B 125 4.10 -39.96 -1.94
CA TYR B 125 5.33 -39.69 -2.70
C TYR B 125 5.05 -39.66 -4.20
N VAL B 126 5.87 -38.93 -4.96
CA VAL B 126 5.78 -39.01 -6.41
C VAL B 126 7.18 -38.91 -6.99
N VAL B 127 7.44 -39.63 -8.07
CA VAL B 127 8.73 -39.50 -8.75
C VAL B 127 8.58 -38.47 -9.87
N ALA B 128 9.55 -37.57 -9.99
CA ALA B 128 9.46 -36.50 -10.98
C ALA B 128 10.73 -36.37 -11.82
N ASP B 129 10.63 -35.61 -12.90
CA ASP B 129 11.80 -35.20 -13.68
C ASP B 129 12.28 -33.86 -13.13
N PRO B 130 13.48 -33.84 -12.51
CA PRO B 130 14.02 -32.66 -11.83
C PRO B 130 14.19 -31.48 -12.78
N ASN B 131 14.33 -31.76 -14.07
CA ASN B 131 14.46 -30.69 -15.06
C ASN B 131 13.18 -29.88 -15.28
N TYR B 132 12.05 -30.38 -14.79
CA TYR B 132 10.76 -29.73 -15.05
C TYR B 132 10.00 -29.37 -13.79
N VAL B 133 10.51 -29.75 -12.61
CA VAL B 133 9.79 -29.39 -11.39
C VAL B 133 9.80 -27.88 -11.17
N GLY B 134 8.84 -27.40 -10.39
CA GLY B 134 8.87 -26.01 -9.95
C GLY B 134 9.79 -25.89 -8.72
N LEU B 135 10.60 -24.84 -8.67
CA LEU B 135 11.43 -24.59 -7.49
C LEU B 135 10.70 -23.59 -6.60
N LEU B 136 10.28 -24.03 -5.42
CA LEU B 136 9.32 -23.24 -4.65
C LEU B 136 9.98 -22.16 -3.80
N PRO B 137 9.31 -21.02 -3.60
CA PRO B 137 9.92 -20.01 -2.71
C PRO B 137 9.91 -20.43 -1.23
N ASP B 138 10.97 -20.05 -0.53
CA ASP B 138 11.13 -20.41 0.89
C ASP B 138 10.03 -19.84 1.79
N LYS B 139 9.59 -18.62 1.51
CA LYS B 139 8.68 -17.90 2.40
C LYS B 139 7.21 -18.34 2.39
N VAL B 140 6.80 -19.09 1.37
CA VAL B 140 5.38 -19.41 1.22
C VAL B 140 5.09 -20.86 1.60
N GLY B 141 4.06 -21.05 2.41
CA GLY B 141 3.70 -22.38 2.86
C GLY B 141 3.24 -23.27 1.74
N PHE B 142 3.32 -24.59 1.93
CA PHE B 142 2.95 -25.56 0.90
C PHE B 142 1.49 -25.45 0.44
N VAL B 143 0.59 -25.30 1.40
CA VAL B 143 -0.82 -25.22 1.06
C VAL B 143 -1.10 -23.99 0.22
N GLU B 144 -0.49 -22.86 0.59
CA GLU B 144 -0.70 -21.61 -0.13
C GLU B 144 -0.10 -21.64 -1.54
N ILE B 145 1.06 -22.28 -1.68
CA ILE B 145 1.77 -22.21 -2.96
C ILE B 145 1.23 -23.21 -3.99
N ALA B 146 0.56 -24.28 -3.53
CA ALA B 146 0.19 -25.35 -4.44
C ALA B 146 -0.59 -24.86 -5.69
N PRO B 147 -1.64 -24.05 -5.49
CA PRO B 147 -2.42 -23.64 -6.67
C PRO B 147 -1.62 -22.77 -7.63
N ILE B 148 -0.52 -22.18 -7.19
CA ILE B 148 0.24 -21.34 -8.10
C ILE B 148 0.81 -22.18 -9.24
N LEU B 149 1.03 -23.48 -8.97
CA LEU B 149 1.55 -24.44 -9.97
C LEU B 149 0.58 -24.63 -11.15
N CYS B 150 -0.66 -24.22 -10.93
CA CYS B 150 -1.75 -24.45 -11.91
C CYS B 150 -2.48 -23.14 -12.24
N ALA B 151 -3.31 -22.65 -11.32
CA ALA B 151 -4.07 -21.41 -11.53
C ALA B 151 -3.10 -20.26 -11.77
N GLY B 152 -2.04 -20.20 -10.97
CA GLY B 152 -1.14 -19.05 -10.99
C GLY B 152 -0.41 -18.97 -12.32
N VAL B 153 0.32 -20.02 -12.67
CA VAL B 153 1.06 -19.98 -13.94
C VAL B 153 0.10 -19.78 -15.15
N THR B 154 -1.03 -20.47 -15.14
CA THR B 154 -1.99 -20.30 -16.24
C THR B 154 -2.44 -18.86 -16.45
N VAL B 155 -2.86 -18.16 -15.40
CA VAL B 155 -3.38 -16.79 -15.59
C VAL B 155 -2.23 -15.79 -15.84
N TYR B 156 -1.07 -16.05 -15.23
CA TYR B 156 0.11 -15.21 -15.46
C TYR B 156 0.55 -15.24 -16.91
N LYS B 157 0.76 -16.44 -17.43
CA LYS B 157 1.10 -16.59 -18.85
C LYS B 157 -0.01 -16.08 -19.76
N GLY B 158 -1.27 -16.37 -19.40
CA GLY B 158 -2.40 -15.83 -20.15
C GLY B 158 -2.37 -14.31 -20.20
N LEU B 159 -2.15 -13.65 -19.06
CA LEU B 159 -1.98 -12.21 -19.06
C LEU B 159 -0.79 -11.77 -19.93
N LYS B 160 0.34 -12.48 -19.84
CA LYS B 160 1.48 -12.11 -20.68
C LYS B 160 1.09 -12.12 -22.17
N VAL B 161 0.34 -13.13 -22.59
CA VAL B 161 0.09 -13.24 -24.02
C VAL B 161 -1.06 -12.37 -24.50
N THR B 162 -1.66 -11.59 -23.60
CA THR B 162 -2.58 -10.54 -24.08
C THR B 162 -1.79 -9.37 -24.68
N ASP B 163 -0.46 -9.42 -24.55
CA ASP B 163 0.40 -8.37 -25.15
C ASP B 163 0.04 -6.96 -24.68
N THR B 164 -0.41 -6.87 -23.44
CA THR B 164 -0.74 -5.61 -22.82
C THR B 164 0.48 -5.08 -22.04
N ARG B 165 0.42 -3.82 -21.66
CA ARG B 165 1.52 -3.24 -20.91
C ARG B 165 0.97 -2.37 -19.79
N PRO B 166 1.82 -2.06 -18.78
CA PRO B 166 1.37 -1.27 -17.63
C PRO B 166 0.58 -0.04 -18.05
N GLY B 167 -0.52 0.22 -17.33
CA GLY B 167 -1.38 1.35 -17.63
C GLY B 167 -2.54 1.03 -18.56
N GLN B 168 -2.43 -0.09 -19.29
CA GLN B 168 -3.53 -0.50 -20.19
C GLN B 168 -4.60 -1.25 -19.40
N TRP B 169 -5.78 -1.37 -20.01
CA TRP B 169 -6.93 -2.07 -19.41
C TRP B 169 -6.99 -3.53 -19.77
N VAL B 170 -7.20 -4.39 -18.77
CA VAL B 170 -7.50 -5.79 -19.04
C VAL B 170 -8.82 -6.12 -18.36
N VAL B 171 -9.65 -6.86 -19.09
CA VAL B 171 -10.84 -7.46 -18.48
C VAL B 171 -10.49 -8.85 -17.96
N ILE B 172 -10.82 -9.11 -16.69
CA ILE B 172 -10.77 -10.50 -16.23
C ILE B 172 -12.21 -10.99 -16.24
N SER B 173 -12.47 -11.94 -17.13
CA SER B 173 -13.81 -12.49 -17.31
C SER B 173 -13.90 -13.77 -16.50
N GLY B 174 -14.78 -13.77 -15.50
CA GLY B 174 -14.84 -14.86 -14.53
C GLY B 174 -13.94 -14.60 -13.34
N ILE B 175 -14.51 -14.41 -12.16
CA ILE B 175 -13.69 -14.18 -10.97
C ILE B 175 -13.80 -15.39 -10.03
N GLY B 176 -13.58 -16.59 -10.56
CA GLY B 176 -13.65 -17.80 -9.77
C GLY B 176 -12.29 -18.34 -9.39
N GLY B 177 -12.09 -19.65 -9.53
CA GLY B 177 -10.84 -20.29 -9.15
C GLY B 177 -9.63 -19.66 -9.83
N LEU B 178 -9.65 -19.58 -11.16
CA LEU B 178 -8.60 -18.87 -11.92
C LEU B 178 -8.70 -17.34 -11.80
N GLY B 179 -9.90 -16.82 -11.97
CA GLY B 179 -10.10 -15.37 -12.10
C GLY B 179 -9.64 -14.57 -10.89
N HIS B 180 -9.91 -15.07 -9.70
CA HIS B 180 -9.52 -14.31 -8.50
C HIS B 180 -7.99 -14.26 -8.37
N VAL B 181 -7.30 -15.26 -8.89
CA VAL B 181 -5.83 -15.23 -8.95
C VAL B 181 -5.39 -14.25 -10.05
N ALA B 182 -6.08 -14.28 -11.20
CA ALA B 182 -5.72 -13.40 -12.32
C ALA B 182 -5.83 -11.91 -11.97
N VAL B 183 -6.83 -11.51 -11.20
CA VAL B 183 -6.96 -10.09 -10.84
C VAL B 183 -5.67 -9.61 -10.16
N GLN B 184 -5.14 -10.46 -9.28
CA GLN B 184 -3.93 -10.12 -8.53
C GLN B 184 -2.69 -10.04 -9.39
N TYR B 185 -2.48 -11.02 -10.26
CA TYR B 185 -1.35 -10.92 -11.20
C TYR B 185 -1.50 -9.66 -12.06
N ALA B 186 -2.69 -9.43 -12.59
CA ALA B 186 -2.90 -8.25 -13.45
C ALA B 186 -2.51 -6.94 -12.75
N ARG B 187 -2.94 -6.79 -11.49
CA ARG B 187 -2.62 -5.57 -10.74
C ARG B 187 -1.11 -5.47 -10.50
N ALA B 188 -0.48 -6.61 -10.17
CA ALA B 188 0.95 -6.67 -9.97
C ALA B 188 1.76 -6.40 -11.24
N MET B 189 1.13 -6.58 -12.41
CA MET B 189 1.76 -6.27 -13.70
C MET B 189 1.41 -4.86 -14.20
N GLY B 190 0.81 -4.05 -13.32
CA GLY B 190 0.55 -2.66 -13.62
C GLY B 190 -0.64 -2.41 -14.53
N LEU B 191 -1.50 -3.41 -14.69
CA LEU B 191 -2.67 -3.26 -15.54
C LEU B 191 -3.84 -2.66 -14.77
N ARG B 192 -4.70 -1.90 -15.46
CA ARG B 192 -5.95 -1.48 -14.84
C ARG B 192 -6.97 -2.60 -15.10
N VAL B 193 -7.61 -3.06 -14.04
CA VAL B 193 -8.43 -4.25 -14.16
C VAL B 193 -9.94 -3.98 -14.08
N ALA B 194 -10.63 -4.47 -15.09
CA ALA B 194 -12.09 -4.51 -15.07
C ALA B 194 -12.53 -5.96 -14.85
N ALA B 195 -13.28 -6.21 -13.79
CA ALA B 195 -13.77 -7.57 -13.49
C ALA B 195 -15.18 -7.72 -14.07
N VAL B 196 -15.45 -8.86 -14.70
CA VAL B 196 -16.79 -9.14 -15.24
C VAL B 196 -17.23 -10.52 -14.76
N ASP B 197 -18.43 -10.61 -14.19
CA ASP B 197 -18.98 -11.89 -13.74
C ASP B 197 -20.48 -11.71 -13.58
N ILE B 198 -21.17 -12.72 -13.09
CA ILE B 198 -22.60 -12.55 -12.83
C ILE B 198 -22.94 -12.63 -11.32
N ASP B 199 -21.93 -12.85 -10.50
CA ASP B 199 -22.10 -12.96 -9.05
C ASP B 199 -21.54 -11.75 -8.33
N ASP B 200 -22.39 -11.02 -7.61
CA ASP B 200 -21.98 -9.80 -6.92
C ASP B 200 -20.90 -10.07 -5.87
N ALA B 201 -20.97 -11.24 -5.27
CA ALA B 201 -19.99 -11.63 -4.25
C ALA B 201 -18.59 -11.68 -4.86
N LYS B 202 -18.50 -12.34 -6.01
CA LYS B 202 -17.25 -12.46 -6.74
C LYS B 202 -16.74 -11.11 -7.24
N LEU B 203 -17.67 -10.27 -7.69
CA LEU B 203 -17.32 -8.91 -8.09
C LEU B 203 -16.86 -8.06 -6.90
N ASN B 204 -17.52 -8.20 -5.74
CA ASN B 204 -17.02 -7.50 -4.54
C ASN B 204 -15.61 -7.96 -4.15
N LEU B 205 -15.35 -9.26 -4.26
CA LEU B 205 -13.98 -9.79 -4.08
C LEU B 205 -13.00 -9.18 -5.09
N ALA B 206 -13.37 -9.16 -6.36
CA ALA B 206 -12.47 -8.59 -7.38
C ALA B 206 -12.04 -7.18 -6.99
N ARG B 207 -13.00 -6.39 -6.47
CA ARG B 207 -12.66 -5.06 -6.01
C ARG B 207 -11.64 -5.07 -4.88
N ARG B 208 -11.83 -5.97 -3.92
CA ARG B 208 -10.89 -6.15 -2.80
C ARG B 208 -9.49 -6.41 -3.35
N LEU B 209 -9.46 -7.10 -4.48
CA LEU B 209 -8.19 -7.60 -5.03
C LEU B 209 -7.55 -6.58 -5.95
N GLY B 210 -8.22 -5.45 -6.16
CA GLY B 210 -7.63 -4.37 -6.94
C GLY B 210 -8.33 -3.95 -8.23
N ALA B 211 -9.43 -4.61 -8.58
CA ALA B 211 -10.19 -4.22 -9.77
C ALA B 211 -10.72 -2.79 -9.61
N GLU B 212 -10.49 -1.98 -10.65
CA GLU B 212 -10.88 -0.57 -10.67
C GLU B 212 -12.35 -0.44 -11.05
N VAL B 213 -12.81 -1.42 -11.82
CA VAL B 213 -14.15 -1.48 -12.37
C VAL B 213 -14.67 -2.91 -12.21
N ALA B 214 -15.95 -3.07 -11.88
CA ALA B 214 -16.57 -4.38 -11.79
C ALA B 214 -17.97 -4.28 -12.41
N VAL B 215 -18.24 -5.16 -13.38
CA VAL B 215 -19.50 -5.15 -14.09
C VAL B 215 -20.23 -6.48 -13.91
N ASN B 216 -21.48 -6.41 -13.43
CA ASN B 216 -22.31 -7.61 -13.36
C ASN B 216 -23.10 -7.80 -14.64
N ALA B 217 -22.76 -8.86 -15.39
CA ALA B 217 -23.29 -9.04 -16.74
C ALA B 217 -24.76 -9.53 -16.73
N ARG B 218 -25.27 -9.89 -15.56
CA ARG B 218 -26.67 -10.23 -15.41
C ARG B 218 -27.52 -8.97 -15.63
N ASP B 219 -27.00 -7.84 -15.15
CA ASP B 219 -27.71 -6.56 -15.06
C ASP B 219 -27.35 -5.59 -16.20
N THR B 220 -26.10 -5.64 -16.64
CA THR B 220 -25.63 -4.69 -17.65
C THR B 220 -24.87 -5.43 -18.75
N ASP B 221 -24.99 -4.96 -19.99
CA ASP B 221 -24.24 -5.53 -21.11
C ASP B 221 -22.81 -5.02 -20.94
N PRO B 222 -21.88 -5.91 -20.54
CA PRO B 222 -20.52 -5.43 -20.25
C PRO B 222 -19.80 -4.95 -21.50
N ALA B 223 -20.16 -5.45 -22.68
CA ALA B 223 -19.53 -4.92 -23.89
C ALA B 223 -19.95 -3.46 -24.13
N ALA B 224 -21.26 -3.17 -24.15
CA ALA B 224 -21.71 -1.77 -24.32
C ALA B 224 -21.14 -0.87 -23.22
N TRP B 225 -21.23 -1.31 -21.98
CA TRP B 225 -20.79 -0.50 -20.84
C TRP B 225 -19.30 -0.16 -20.88
N LEU B 226 -18.46 -1.18 -21.10
CA LEU B 226 -17.00 -0.96 -21.15
C LEU B 226 -16.59 -0.15 -22.38
N GLN B 227 -17.28 -0.32 -23.50
CA GLN B 227 -16.93 0.47 -24.70
C GLN B 227 -17.14 1.95 -24.41
N LYS B 228 -18.26 2.25 -23.75
CA LYS B 228 -18.58 3.62 -23.37
C LYS B 228 -17.66 4.16 -22.28
N GLU B 229 -17.41 3.35 -21.25
CA GLU B 229 -16.70 3.82 -20.06
C GLU B 229 -15.19 3.91 -20.21
N ILE B 230 -14.58 2.87 -20.77
CA ILE B 230 -13.12 2.86 -20.88
C ILE B 230 -12.65 2.79 -22.33
N GLY B 231 -13.59 2.79 -23.27
CA GLY B 231 -13.24 2.68 -24.67
C GLY B 231 -12.88 1.26 -25.12
N GLY B 232 -13.31 0.26 -24.34
CA GLY B 232 -12.97 -1.12 -24.63
C GLY B 232 -11.64 -1.47 -23.97
N ALA B 233 -11.43 -2.75 -23.70
CA ALA B 233 -10.23 -3.18 -22.99
C ALA B 233 -9.12 -3.55 -23.96
N HIS B 234 -7.87 -3.25 -23.60
CA HIS B 234 -6.75 -3.66 -24.44
C HIS B 234 -6.61 -5.18 -24.48
N GLY B 235 -6.93 -5.84 -23.36
CA GLY B 235 -6.84 -7.29 -23.28
C GLY B 235 -8.06 -7.83 -22.55
N VAL B 236 -8.43 -9.06 -22.88
CA VAL B 236 -9.45 -9.79 -22.13
C VAL B 236 -8.89 -11.17 -21.78
N LEU B 237 -8.92 -11.52 -20.49
CA LEU B 237 -8.52 -12.87 -20.06
C LEU B 237 -9.79 -13.65 -19.75
N VAL B 238 -10.09 -14.64 -20.57
CA VAL B 238 -11.36 -15.37 -20.37
C VAL B 238 -11.04 -16.63 -19.55
N THR B 239 -11.41 -16.63 -18.28
CA THR B 239 -10.99 -17.72 -17.37
C THR B 239 -12.05 -18.80 -17.27
N ALA B 240 -13.27 -18.48 -17.66
CA ALA B 240 -14.30 -19.52 -17.76
C ALA B 240 -14.80 -19.44 -19.19
N VAL B 241 -14.32 -20.36 -20.01
CA VAL B 241 -14.54 -20.26 -21.44
C VAL B 241 -15.87 -20.89 -21.86
N SER B 242 -16.94 -20.09 -21.82
CA SER B 242 -18.26 -20.46 -22.34
C SER B 242 -18.53 -19.68 -23.62
N PRO B 243 -19.46 -20.16 -24.47
CA PRO B 243 -19.77 -19.41 -25.68
C PRO B 243 -20.16 -17.96 -25.37
N LYS B 244 -20.92 -17.76 -24.31
CA LYS B 244 -21.33 -16.42 -23.93
C LYS B 244 -20.15 -15.54 -23.55
N ALA B 245 -19.24 -16.09 -22.76
CA ALA B 245 -18.08 -15.33 -22.31
C ALA B 245 -17.18 -14.99 -23.50
N PHE B 246 -17.01 -15.97 -24.38
CA PHE B 246 -16.25 -15.79 -25.62
C PHE B 246 -16.85 -14.66 -26.48
N SER B 247 -18.14 -14.72 -26.75
CA SER B 247 -18.75 -13.66 -27.57
C SER B 247 -18.73 -12.29 -26.90
N GLN B 248 -18.92 -12.25 -25.58
CA GLN B 248 -18.87 -10.98 -24.89
C GLN B 248 -17.44 -10.43 -24.88
N ALA B 249 -16.45 -11.33 -24.84
CA ALA B 249 -15.06 -10.87 -24.91
C ALA B 249 -14.80 -10.10 -26.20
N ILE B 250 -15.30 -10.63 -27.32
CA ILE B 250 -15.18 -9.96 -28.61
C ILE B 250 -15.83 -8.58 -28.60
N GLY B 251 -16.93 -8.45 -27.86
CA GLY B 251 -17.58 -7.16 -27.65
C GLY B 251 -16.82 -6.19 -26.74
N MET B 252 -16.14 -6.72 -25.72
CA MET B 252 -15.50 -5.88 -24.71
C MET B 252 -14.16 -5.34 -25.13
N VAL B 253 -13.48 -6.07 -26.01
CA VAL B 253 -12.11 -5.72 -26.36
C VAL B 253 -12.11 -4.48 -27.26
N ARG B 254 -11.10 -3.62 -27.15
CA ARG B 254 -11.04 -2.51 -28.10
C ARG B 254 -10.44 -3.02 -29.42
N ARG B 255 -10.55 -2.26 -30.51
CA ARG B 255 -9.90 -2.69 -31.75
C ARG B 255 -8.40 -2.91 -31.50
N GLY B 256 -7.83 -3.92 -32.14
CA GLY B 256 -6.40 -4.18 -32.03
C GLY B 256 -6.11 -4.95 -30.75
N GLY B 257 -7.12 -5.13 -29.91
CA GLY B 257 -6.92 -5.83 -28.64
C GLY B 257 -6.73 -7.34 -28.75
N THR B 258 -6.40 -7.99 -27.64
CA THR B 258 -6.15 -9.43 -27.60
C THR B 258 -6.99 -10.13 -26.53
N ILE B 259 -7.63 -11.22 -26.92
CA ILE B 259 -8.41 -12.05 -26.01
C ILE B 259 -7.64 -13.35 -25.77
N ALA B 260 -7.31 -13.65 -24.51
CA ALA B 260 -6.59 -14.87 -24.17
C ALA B 260 -7.59 -15.84 -23.53
N LEU B 261 -7.65 -17.04 -24.07
CA LEU B 261 -8.59 -18.07 -23.61
C LEU B 261 -7.83 -19.03 -22.72
N ASN B 262 -8.25 -19.12 -21.47
CA ASN B 262 -7.47 -19.77 -20.42
C ASN B 262 -8.09 -21.06 -19.95
N GLY B 263 -8.98 -21.67 -20.75
CA GLY B 263 -9.70 -22.84 -20.31
C GLY B 263 -10.00 -23.77 -21.49
N LEU B 264 -10.37 -25.01 -21.18
CA LEU B 264 -10.56 -26.05 -22.19
C LEU B 264 -12.02 -26.50 -22.22
N PRO B 265 -12.84 -25.88 -23.07
CA PRO B 265 -14.27 -26.24 -23.10
C PRO B 265 -14.56 -27.26 -24.17
N PRO B 266 -15.73 -27.91 -24.08
CA PRO B 266 -16.21 -28.82 -25.13
C PRO B 266 -16.79 -28.04 -26.31
N GLY B 267 -16.61 -28.55 -27.53
CA GLY B 267 -17.35 -28.09 -28.70
C GLY B 267 -16.80 -26.88 -29.44
N ASP B 268 -17.27 -26.68 -30.68
CA ASP B 268 -16.83 -25.53 -31.47
C ASP B 268 -17.65 -24.30 -31.06
N PHE B 269 -16.99 -23.15 -31.04
CA PHE B 269 -17.65 -21.90 -30.74
C PHE B 269 -17.82 -21.16 -32.05
N GLY B 270 -18.91 -20.42 -32.19
CA GLY B 270 -19.10 -19.64 -33.40
C GLY B 270 -18.34 -18.33 -33.27
N THR B 271 -17.44 -18.07 -34.21
CA THR B 271 -16.60 -16.87 -34.17
C THR B 271 -17.04 -15.94 -35.28
N PRO B 272 -17.44 -14.71 -34.93
CA PRO B 272 -17.99 -13.78 -35.93
C PRO B 272 -16.88 -13.16 -36.75
N ILE B 273 -16.85 -13.49 -38.04
CA ILE B 273 -15.76 -13.07 -38.92
C ILE B 273 -15.68 -11.55 -39.07
N PHE B 274 -16.81 -10.90 -39.35
CA PHE B 274 -16.80 -9.45 -39.58
C PHE B 274 -16.17 -8.71 -38.40
N ASP B 275 -16.55 -9.04 -37.18
CA ASP B 275 -16.02 -8.35 -35.99
C ASP B 275 -14.54 -8.57 -35.75
N VAL B 276 -14.12 -9.82 -35.85
CA VAL B 276 -12.72 -10.18 -35.61
C VAL B 276 -11.80 -9.51 -36.65
N VAL B 277 -12.22 -9.51 -37.92
CA VAL B 277 -11.41 -8.88 -38.97
C VAL B 277 -11.41 -7.35 -38.90
N LEU B 278 -12.60 -6.75 -38.99
CA LEU B 278 -12.71 -5.30 -38.95
C LEU B 278 -12.14 -4.67 -37.68
N LYS B 279 -12.25 -5.35 -36.54
CA LYS B 279 -11.67 -4.81 -35.31
C LYS B 279 -10.19 -5.19 -35.12
N GLY B 280 -9.64 -6.00 -36.02
CA GLY B 280 -8.25 -6.41 -35.93
C GLY B 280 -7.94 -7.08 -34.59
N ILE B 281 -8.86 -7.95 -34.16
CA ILE B 281 -8.76 -8.62 -32.85
C ILE B 281 -7.86 -9.85 -32.94
N THR B 282 -7.09 -10.08 -31.89
CA THR B 282 -6.38 -11.35 -31.75
C THR B 282 -7.05 -12.21 -30.68
N ILE B 283 -7.23 -13.48 -31.02
CA ILE B 283 -7.75 -14.49 -30.10
C ILE B 283 -6.67 -15.55 -29.93
N ARG B 284 -6.27 -15.81 -28.69
CA ARG B 284 -5.11 -16.65 -28.43
C ARG B 284 -5.40 -17.67 -27.34
N GLY B 285 -5.05 -18.94 -27.57
CA GLY B 285 -5.24 -19.98 -26.57
C GLY B 285 -4.03 -20.06 -25.65
N SER B 286 -4.26 -20.18 -24.35
CA SER B 286 -3.13 -20.28 -23.45
C SER B 286 -3.51 -21.03 -22.19
N ILE B 287 -2.81 -22.10 -21.90
CA ILE B 287 -3.01 -22.77 -20.63
C ILE B 287 -1.66 -23.21 -20.09
N VAL B 288 -1.56 -23.27 -18.76
CA VAL B 288 -0.29 -23.42 -18.03
C VAL B 288 0.81 -22.50 -18.58
N GLY B 289 2.05 -22.98 -18.57
CA GLY B 289 3.17 -22.13 -18.96
C GLY B 289 4.47 -22.89 -18.93
N THR B 290 5.54 -22.28 -19.45
CA THR B 290 6.83 -22.95 -19.52
C THR B 290 7.47 -22.93 -18.15
N ARG B 291 8.64 -23.55 -18.03
CA ARG B 291 9.33 -23.57 -16.74
C ARG B 291 9.69 -22.14 -16.35
N SER B 292 10.12 -21.36 -17.33
CA SER B 292 10.38 -19.94 -17.09
C SER B 292 9.12 -19.21 -16.59
N ASP B 293 7.98 -19.40 -17.26
CA ASP B 293 6.74 -18.75 -16.81
C ASP B 293 6.41 -19.14 -15.37
N LEU B 294 6.63 -20.42 -15.06
CA LEU B 294 6.25 -20.96 -13.76
C LEU B 294 7.09 -20.30 -12.68
N GLN B 295 8.39 -20.25 -12.90
CA GLN B 295 9.25 -19.58 -11.91
C GLN B 295 8.88 -18.11 -11.76
N GLU B 296 8.59 -17.45 -12.88
CA GLU B 296 8.15 -16.05 -12.78
C GLU B 296 6.87 -15.93 -11.95
N SER B 297 5.93 -16.84 -12.17
CA SER B 297 4.66 -16.75 -11.47
C SER B 297 4.87 -17.01 -9.96
N LEU B 298 5.79 -17.89 -9.61
CA LEU B 298 6.04 -18.20 -8.19
C LEU B 298 6.63 -16.97 -7.49
N ASP B 299 7.43 -16.19 -8.21
CA ASP B 299 8.01 -14.97 -7.61
C ASP B 299 6.94 -14.00 -7.10
N PHE B 300 5.85 -13.84 -7.84
CA PHE B 300 4.80 -12.93 -7.40
C PHE B 300 4.17 -13.42 -6.09
N ALA B 301 4.05 -14.74 -5.96
CA ALA B 301 3.53 -15.31 -4.72
C ALA B 301 4.53 -15.08 -3.58
N ALA B 302 5.82 -15.29 -3.86
CA ALA B 302 6.87 -15.09 -2.85
C ALA B 302 6.94 -13.63 -2.36
N HIS B 303 6.65 -12.68 -3.25
CA HIS B 303 6.74 -11.27 -2.87
C HIS B 303 5.46 -10.77 -2.20
N GLY B 304 4.45 -11.62 -2.10
CA GLY B 304 3.20 -11.23 -1.45
C GLY B 304 2.19 -10.55 -2.35
N ASP B 305 2.48 -10.50 -3.65
CA ASP B 305 1.62 -9.83 -4.64
C ASP B 305 0.38 -10.67 -4.97
N VAL B 306 0.52 -11.98 -4.83
CA VAL B 306 -0.55 -12.92 -5.20
C VAL B 306 -0.74 -13.98 -4.11
N LYS B 307 -1.97 -14.14 -3.65
CA LYS B 307 -2.33 -15.19 -2.70
C LYS B 307 -3.66 -15.82 -3.12
N ALA B 308 -3.63 -17.12 -3.39
CA ALA B 308 -4.86 -17.84 -3.72
C ALA B 308 -5.74 -18.00 -2.49
N THR B 309 -7.06 -17.96 -2.69
CA THR B 309 -8.00 -18.40 -1.67
C THR B 309 -7.94 -19.91 -1.56
N VAL B 310 -7.58 -20.41 -0.37
CA VAL B 310 -7.36 -21.84 -0.21
C VAL B 310 -8.08 -22.38 1.04
N SER B 311 -8.60 -23.59 0.93
CA SER B 311 -9.03 -24.33 2.10
C SER B 311 -8.48 -25.74 1.96
N THR B 312 -8.38 -26.47 3.06
CA THR B 312 -7.76 -27.79 2.99
C THR B 312 -8.75 -28.93 3.13
N ALA B 313 -8.32 -30.10 2.71
CA ALA B 313 -9.06 -31.33 2.90
C ALA B 313 -8.05 -32.44 3.10
N LYS B 314 -8.51 -33.57 3.62
CA LYS B 314 -7.67 -34.73 3.76
C LYS B 314 -7.78 -35.60 2.50
N LEU B 315 -6.74 -36.35 2.20
CA LEU B 315 -6.75 -37.31 1.10
C LEU B 315 -7.98 -38.19 1.18
N ASP B 316 -8.29 -38.66 2.38
CA ASP B 316 -9.37 -39.63 2.54
C ASP B 316 -10.71 -39.04 2.11
N ASP B 317 -10.77 -37.71 2.01
CA ASP B 317 -12.01 -37.05 1.62
C ASP B 317 -12.06 -36.55 0.18
N VAL B 318 -11.17 -37.04 -0.67
CA VAL B 318 -11.11 -36.52 -2.03
C VAL B 318 -12.42 -36.62 -2.83
N ASN B 319 -13.19 -37.69 -2.65
CA ASN B 319 -14.46 -37.82 -3.37
C ASN B 319 -15.49 -36.80 -2.90
N ASP B 320 -15.49 -36.51 -1.61
CA ASP B 320 -16.34 -35.43 -1.11
C ASP B 320 -15.88 -34.12 -1.75
N VAL B 321 -14.57 -33.95 -1.89
CA VAL B 321 -14.04 -32.76 -2.55
C VAL B 321 -14.48 -32.72 -4.01
N PHE B 322 -14.32 -33.83 -4.73
CA PHE B 322 -14.77 -33.90 -6.13
C PHE B 322 -16.25 -33.51 -6.26
N GLY B 323 -17.08 -34.03 -5.38
CA GLY B 323 -18.50 -33.72 -5.40
C GLY B 323 -18.80 -32.24 -5.22
N ARG B 324 -18.12 -31.61 -4.25
CA ARG B 324 -18.28 -30.19 -4.03
C ARG B 324 -17.87 -29.43 -5.30
N LEU B 325 -16.77 -29.84 -5.92
CA LEU B 325 -16.29 -29.18 -7.15
C LEU B 325 -17.32 -29.34 -8.26
N ARG B 326 -17.85 -30.55 -8.44
CA ARG B 326 -18.82 -30.82 -9.50
C ARG B 326 -20.08 -30.01 -9.34
N GLU B 327 -20.44 -29.76 -8.08
CA GLU B 327 -21.65 -29.02 -7.78
C GLU B 327 -21.43 -27.52 -7.76
N GLY B 328 -20.22 -27.07 -8.11
CA GLY B 328 -19.87 -25.66 -8.05
C GLY B 328 -19.98 -25.03 -6.66
N LYS B 329 -19.61 -25.79 -5.63
CA LYS B 329 -19.66 -25.31 -4.25
C LYS B 329 -18.31 -24.81 -3.73
N VAL B 330 -17.25 -25.02 -4.51
CA VAL B 330 -15.92 -24.63 -4.08
C VAL B 330 -15.66 -23.17 -4.42
N GLU B 331 -15.40 -22.37 -3.40
CA GLU B 331 -14.93 -21.02 -3.61
C GLU B 331 -13.42 -21.05 -3.43
N GLY B 332 -12.70 -20.46 -4.37
CA GLY B 332 -11.25 -20.53 -4.34
C GLY B 332 -10.75 -21.87 -4.80
N ARG B 333 -9.73 -22.38 -4.12
CA ARG B 333 -9.15 -23.67 -4.43
C ARG B 333 -9.09 -24.53 -3.18
N VAL B 334 -9.30 -25.85 -3.36
CA VAL B 334 -9.13 -26.82 -2.29
C VAL B 334 -7.79 -27.50 -2.46
N VAL B 335 -7.09 -27.65 -1.35
CA VAL B 335 -5.78 -28.28 -1.38
C VAL B 335 -5.74 -29.39 -0.33
N LEU B 336 -5.31 -30.56 -0.74
CA LEU B 336 -5.19 -31.70 0.16
C LEU B 336 -3.97 -31.44 1.01
N ASP B 337 -4.11 -31.65 2.32
CA ASP B 337 -3.03 -31.36 3.25
C ASP B 337 -2.46 -32.66 3.79
N PHE B 338 -1.19 -32.92 3.49
CA PHE B 338 -0.55 -34.18 3.84
C PHE B 338 0.30 -34.04 5.10
N SER B 339 0.25 -32.88 5.74
CA SER B 339 1.04 -32.70 6.95
C SER B 339 0.26 -33.20 8.17
N ARG B 340 0.85 -34.11 8.93
CA ARG B 340 0.20 -34.63 10.14
C ARG B 340 0.97 -34.22 11.39
N ALA C 1 -1.68 42.90 -26.20
CA ALA C 1 -0.80 42.88 -27.35
C ALA C 1 0.63 42.53 -26.94
N MET C 2 0.99 42.84 -25.70
CA MET C 2 2.36 42.58 -25.22
C MET C 2 2.35 41.60 -24.04
N MET C 3 3.50 40.98 -23.81
CA MET C 3 3.66 39.99 -22.75
C MET C 3 5.10 39.98 -22.24
N LYS C 4 5.28 39.48 -21.04
CA LYS C 4 6.59 39.32 -20.45
C LYS C 4 7.14 37.97 -20.91
N ALA C 5 8.42 37.92 -21.23
CA ALA C 5 9.05 36.65 -21.60
C ALA C 5 10.55 36.73 -21.32
N ALA C 6 11.15 35.58 -21.05
CA ALA C 6 12.60 35.50 -20.88
C ALA C 6 13.22 35.13 -22.21
N VAL C 7 14.12 35.97 -22.69
CA VAL C 7 14.66 35.79 -24.04
C VAL C 7 16.17 35.58 -24.02
N VAL C 8 16.64 34.60 -24.79
CA VAL C 8 18.07 34.39 -25.01
C VAL C 8 18.46 35.26 -26.21
N ARG C 9 19.38 36.20 -25.99
CA ARG C 9 19.78 37.10 -27.09
C ARG C 9 21.24 36.93 -27.48
N ALA C 10 22.03 36.32 -26.59
CA ALA C 10 23.42 35.96 -26.88
C ALA C 10 23.72 34.71 -26.10
N PHE C 11 24.40 33.75 -26.73
CA PHE C 11 24.66 32.49 -26.07
C PHE C 11 25.56 32.69 -24.85
N GLY C 12 25.19 32.08 -23.73
CA GLY C 12 26.01 32.10 -22.53
C GLY C 12 25.65 33.23 -21.56
N ALA C 13 24.97 34.23 -22.10
CA ALA C 13 24.64 35.45 -21.35
C ALA C 13 23.48 35.21 -20.36
N PRO C 14 23.24 36.18 -19.46
CA PRO C 14 22.00 36.04 -18.69
C PRO C 14 20.81 36.21 -19.62
N LEU C 15 19.69 35.57 -19.29
CA LEU C 15 18.47 35.84 -20.03
C LEU C 15 17.97 37.24 -19.67
N THR C 16 17.31 37.90 -20.61
CA THR C 16 16.69 39.19 -20.33
C THR C 16 15.17 39.05 -20.29
N ILE C 17 14.55 39.57 -19.23
CA ILE C 17 13.10 39.60 -19.15
C ILE C 17 12.57 40.79 -19.93
N ASP C 18 11.91 40.53 -21.06
CA ASP C 18 11.50 41.61 -21.97
C ASP C 18 9.98 41.67 -22.14
N GLU C 19 9.47 42.86 -22.45
CA GLU C 19 8.11 42.99 -22.95
C GLU C 19 8.17 42.74 -24.43
N VAL C 20 7.43 41.74 -24.91
CA VAL C 20 7.43 41.38 -26.31
C VAL C 20 6.01 41.11 -26.77
N PRO C 21 5.79 41.13 -28.09
CA PRO C 21 4.46 40.93 -28.67
C PRO C 21 3.92 39.54 -28.36
N VAL C 22 2.63 39.47 -28.03
CA VAL C 22 1.95 38.21 -27.81
C VAL C 22 1.81 37.51 -29.15
N PRO C 23 2.27 36.25 -29.23
CA PRO C 23 2.13 35.51 -30.49
C PRO C 23 0.67 35.14 -30.79
N GLN C 24 0.22 35.41 -32.01
CA GLN C 24 -1.15 35.08 -32.42
C GLN C 24 -1.16 33.87 -33.33
N PRO C 25 -2.16 33.00 -33.18
CA PRO C 25 -2.24 31.75 -33.96
C PRO C 25 -2.81 31.93 -35.36
N GLY C 26 -2.07 31.46 -36.37
CA GLY C 26 -2.58 31.38 -37.72
C GLY C 26 -3.36 30.08 -37.88
N PRO C 27 -3.72 29.73 -39.13
CA PRO C 27 -4.47 28.50 -39.41
C PRO C 27 -3.73 27.26 -38.91
N GLY C 28 -4.48 26.30 -38.39
CA GLY C 28 -3.88 25.09 -37.85
C GLY C 28 -3.04 25.28 -36.60
N GLN C 29 -3.05 26.48 -36.02
CA GLN C 29 -2.27 26.73 -34.79
C GLN C 29 -3.20 27.07 -33.63
N VAL C 30 -2.68 26.92 -32.41
CA VAL C 30 -3.38 27.43 -31.24
C VAL C 30 -2.47 28.31 -30.39
N GLN C 31 -3.09 29.09 -29.53
CA GLN C 31 -2.35 29.89 -28.58
C GLN C 31 -2.63 29.29 -27.21
N VAL C 32 -1.59 29.26 -26.38
CA VAL C 32 -1.68 28.74 -25.02
C VAL C 32 -1.28 29.82 -24.03
N LYS C 33 -2.15 30.07 -23.05
CA LYS C 33 -1.80 30.96 -21.97
C LYS C 33 -1.11 30.13 -20.89
N ILE C 34 0.16 30.42 -20.67
CA ILE C 34 1.00 29.61 -19.77
C ILE C 34 0.68 29.84 -18.29
N GLU C 35 0.49 28.76 -17.54
CA GLU C 35 0.26 28.86 -16.11
C GLU C 35 1.47 28.35 -15.30
N ALA C 36 2.25 27.44 -15.88
CA ALA C 36 3.47 26.96 -15.23
C ALA C 36 4.41 26.57 -16.36
N SER C 37 5.72 26.59 -16.10
CA SER C 37 6.70 26.30 -17.14
C SER C 37 7.92 25.66 -16.51
N GLY C 38 8.13 24.37 -16.78
CA GLY C 38 9.25 23.65 -16.18
C GLY C 38 10.61 24.07 -16.72
N VAL C 39 11.63 23.97 -15.86
CA VAL C 39 13.01 24.32 -16.22
C VAL C 39 13.85 23.07 -16.06
N CYS C 40 14.84 22.87 -16.94
CA CYS C 40 15.73 21.72 -16.76
C CYS C 40 17.05 22.01 -17.45
N HIS C 41 17.99 21.08 -17.33
CA HIS C 41 19.31 21.27 -17.92
C HIS C 41 19.31 21.53 -19.42
N THR C 42 18.34 20.98 -20.14
CA THR C 42 18.26 21.23 -21.57
C THR C 42 18.17 22.73 -21.90
N ASP C 43 17.51 23.49 -21.02
CA ASP C 43 17.36 24.93 -21.22
C ASP C 43 18.72 25.63 -21.15
N LEU C 44 19.62 25.08 -20.33
CA LEU C 44 20.98 25.61 -20.23
C LEU C 44 21.72 25.40 -21.55
N HIS C 45 21.52 24.22 -22.16
CA HIS C 45 22.19 23.91 -23.43
C HIS C 45 21.63 24.74 -24.55
N ALA C 46 20.33 25.00 -24.53
CA ALA C 46 19.72 25.89 -25.49
C ALA C 46 20.30 27.32 -25.34
N ALA C 47 20.36 27.80 -24.09
CA ALA C 47 20.81 29.17 -23.79
C ALA C 47 22.31 29.40 -24.04
N ASP C 48 23.10 28.33 -23.87
CA ASP C 48 24.54 28.34 -24.14
C ASP C 48 24.91 28.03 -25.61
N GLY C 49 23.98 27.44 -26.36
CA GLY C 49 24.22 27.08 -27.75
C GLY C 49 25.38 26.12 -27.96
N ASP C 50 25.57 25.21 -27.01
CA ASP C 50 26.70 24.28 -27.04
C ASP C 50 26.43 22.87 -27.62
N TRP C 51 25.26 22.67 -28.22
CA TRP C 51 24.98 21.41 -28.91
C TRP C 51 25.34 21.53 -30.39
N PRO C 52 25.41 20.40 -31.10
CA PRO C 52 25.91 20.43 -32.48
C PRO C 52 25.14 21.36 -33.41
N VAL C 53 23.82 21.43 -33.25
CA VAL C 53 23.03 22.35 -34.05
C VAL C 53 22.37 23.33 -33.08
N LYS C 54 22.66 24.62 -33.24
CA LYS C 54 22.23 25.64 -32.27
C LYS C 54 20.85 26.19 -32.54
N PRO C 55 20.22 26.75 -31.49
CA PRO C 55 19.04 27.60 -31.69
C PRO C 55 19.41 28.79 -32.55
N THR C 56 18.40 29.33 -33.22
CA THR C 56 18.49 30.61 -33.89
C THR C 56 18.18 31.71 -32.87
N LEU C 57 18.95 32.78 -32.91
CA LEU C 57 18.75 33.90 -32.01
C LEU C 57 17.93 35.00 -32.68
N PRO C 58 17.09 35.71 -31.90
CA PRO C 58 16.87 35.44 -30.48
C PRO C 58 15.71 34.45 -30.31
N PHE C 59 15.56 33.86 -29.13
CA PHE C 59 14.48 32.88 -28.93
C PHE C 59 14.06 32.82 -27.47
N ILE C 60 12.83 32.35 -27.23
CA ILE C 60 12.33 32.15 -25.88
C ILE C 60 12.46 30.63 -25.57
N PRO C 61 13.21 30.26 -24.52
CA PRO C 61 13.35 28.82 -24.23
C PRO C 61 12.09 28.25 -23.57
N GLY C 62 12.17 26.98 -23.18
CA GLY C 62 11.12 26.36 -22.38
C GLY C 62 10.26 25.38 -23.15
N HIS C 63 10.46 24.08 -22.90
CA HIS C 63 9.74 23.01 -23.57
C HIS C 63 8.89 22.24 -22.55
N GLU C 64 8.56 22.91 -21.44
CA GLU C 64 7.72 22.30 -20.40
C GLU C 64 6.61 23.27 -19.99
N GLY C 65 6.09 24.01 -20.96
CA GLY C 65 5.03 24.99 -20.70
C GLY C 65 3.67 24.31 -20.63
N VAL C 66 2.87 24.65 -19.62
CA VAL C 66 1.52 24.08 -19.53
C VAL C 66 0.56 25.24 -19.22
N GLY C 67 -0.68 25.13 -19.67
CA GLY C 67 -1.64 26.19 -19.43
C GLY C 67 -2.94 25.88 -20.13
N TYR C 68 -3.70 26.94 -20.46
CA TYR C 68 -4.99 26.78 -21.13
C TYR C 68 -4.91 27.24 -22.58
N VAL C 69 -5.59 26.53 -23.47
CA VAL C 69 -5.76 27.00 -24.85
C VAL C 69 -6.57 28.30 -24.76
N SER C 70 -6.00 29.38 -25.30
CA SER C 70 -6.58 30.73 -25.18
C SER C 70 -7.09 31.30 -26.50
N ALA C 71 -6.64 30.72 -27.62
CA ALA C 71 -7.13 31.10 -28.94
C ALA C 71 -6.86 29.94 -29.90
N VAL C 72 -7.77 29.75 -30.86
CA VAL C 72 -7.67 28.65 -31.81
C VAL C 72 -7.72 29.18 -33.24
N GLY C 73 -6.70 28.84 -34.04
CA GLY C 73 -6.72 29.18 -35.45
C GLY C 73 -7.72 28.33 -36.21
N SER C 74 -7.79 28.54 -37.52
CA SER C 74 -8.77 27.81 -38.34
C SER C 74 -8.38 26.35 -38.50
N GLY C 75 -9.37 25.48 -38.69
CA GLY C 75 -9.12 24.09 -39.02
C GLY C 75 -8.42 23.32 -37.93
N VAL C 76 -8.83 23.57 -36.68
CA VAL C 76 -8.31 22.85 -35.53
C VAL C 76 -9.45 22.13 -34.85
N SER C 77 -9.33 20.83 -34.63
CA SER C 77 -10.41 20.08 -34.00
C SER C 77 -9.97 19.31 -32.79
N ARG C 78 -8.66 19.09 -32.66
CA ARG C 78 -8.15 18.28 -31.54
C ARG C 78 -8.36 18.94 -30.16
N VAL C 79 -8.23 20.26 -30.11
CA VAL C 79 -8.44 20.98 -28.86
C VAL C 79 -9.28 22.20 -29.12
N LYS C 80 -9.84 22.76 -28.04
CA LYS C 80 -10.53 24.04 -28.13
C LYS C 80 -10.18 24.92 -26.94
N GLU C 81 -10.58 26.20 -26.99
CA GLU C 81 -10.41 27.11 -25.88
C GLU C 81 -10.77 26.51 -24.53
N GLY C 82 -9.89 26.69 -23.55
CA GLY C 82 -10.14 26.20 -22.21
C GLY C 82 -9.49 24.86 -21.92
N ASP C 83 -9.11 24.12 -22.96
CA ASP C 83 -8.46 22.84 -22.73
C ASP C 83 -7.12 23.03 -22.05
N ARG C 84 -6.77 22.13 -21.14
CA ARG C 84 -5.49 22.19 -20.46
C ARG C 84 -4.46 21.40 -21.26
N VAL C 85 -3.39 22.06 -21.70
CA VAL C 85 -2.45 21.40 -22.63
C VAL C 85 -1.02 21.75 -22.23
N GLY C 86 -0.07 20.93 -22.67
CA GLY C 86 1.35 21.24 -22.48
C GLY C 86 1.99 21.31 -23.86
N VAL C 87 3.08 22.07 -23.97
CA VAL C 87 3.79 22.20 -25.24
C VAL C 87 5.20 21.63 -25.07
N PRO C 88 5.36 20.32 -25.32
CA PRO C 88 6.61 19.64 -25.01
C PRO C 88 7.69 19.83 -26.08
N TRP C 89 8.86 19.23 -25.83
CA TRP C 89 10.02 19.32 -26.71
C TRP C 89 9.66 19.10 -28.17
N LEU C 90 8.86 18.07 -28.45
CA LEU C 90 8.49 17.83 -29.84
C LEU C 90 7.33 18.76 -30.22
N TYR C 91 7.71 19.86 -30.86
CA TYR C 91 6.76 20.93 -31.19
C TYR C 91 5.91 20.53 -32.39
N SER C 92 6.56 19.90 -33.37
CA SER C 92 5.86 19.41 -34.54
C SER C 92 6.76 18.42 -35.27
N ALA C 93 6.17 17.64 -36.16
CA ALA C 93 6.94 16.80 -37.06
C ALA C 93 6.22 16.87 -38.41
N CYS C 94 6.84 16.33 -39.46
CA CYS C 94 6.34 16.52 -40.81
C CYS C 94 5.04 15.77 -41.10
N GLY C 95 4.83 14.64 -40.42
CA GLY C 95 3.63 13.84 -40.59
C GLY C 95 3.64 12.79 -41.71
N TYR C 96 4.63 12.88 -42.60
CA TYR C 96 4.58 12.12 -43.86
C TYR C 96 5.77 11.20 -44.12
N CYS C 97 6.85 11.35 -43.34
CA CYS C 97 8.07 10.59 -43.61
C CYS C 97 7.96 9.17 -43.07
N GLU C 98 8.95 8.32 -43.35
CA GLU C 98 8.93 6.95 -42.88
C GLU C 98 8.64 6.87 -41.37
N HIS C 99 9.33 7.69 -40.58
CA HIS C 99 9.20 7.66 -39.12
C HIS C 99 7.82 8.13 -38.64
N CYS C 100 7.38 9.25 -39.19
CA CYS C 100 6.07 9.78 -38.84
C CYS C 100 4.97 8.79 -39.17
N LEU C 101 5.04 8.16 -40.33
CA LEU C 101 3.97 7.23 -40.74
C LEU C 101 3.95 6.00 -39.86
N GLN C 102 5.10 5.68 -39.27
CA GLN C 102 5.19 4.52 -38.39
C GLN C 102 4.91 4.82 -36.91
N GLY C 103 4.47 6.03 -36.59
CA GLY C 103 4.20 6.39 -35.20
C GLY C 103 5.46 6.62 -34.41
N TRP C 104 6.53 7.00 -35.10
CA TRP C 104 7.81 7.32 -34.45
C TRP C 104 8.23 8.78 -34.75
N GLU C 105 7.33 9.72 -34.49
CA GLU C 105 7.57 11.11 -34.83
C GLU C 105 8.78 11.72 -34.12
N THR C 106 9.21 11.12 -33.02
CA THR C 106 10.42 11.61 -32.33
C THR C 106 11.69 11.46 -33.19
N LEU C 107 11.61 10.59 -34.19
CA LEU C 107 12.74 10.38 -35.11
C LEU C 107 12.62 11.23 -36.40
N CYS C 108 11.65 12.14 -36.43
CA CYS C 108 11.44 12.93 -37.64
C CYS C 108 12.60 13.91 -37.83
N GLU C 109 13.23 13.82 -38.99
CA GLU C 109 14.39 14.68 -39.27
C GLU C 109 13.98 16.11 -39.50
N LYS C 110 12.69 16.30 -39.78
CA LYS C 110 12.11 17.64 -39.99
C LYS C 110 11.41 18.19 -38.76
N GLN C 111 11.59 17.56 -37.60
CA GLN C 111 10.89 18.05 -36.39
C GLN C 111 11.34 19.45 -35.96
N GLN C 112 10.44 20.18 -35.29
CA GLN C 112 10.79 21.41 -34.59
C GLN C 112 10.78 21.16 -33.09
N ASN C 113 11.60 21.88 -32.36
CA ASN C 113 11.71 21.66 -30.92
C ASN C 113 11.39 22.93 -30.12
N THR C 114 10.41 22.80 -29.25
CA THR C 114 9.92 23.92 -28.46
C THR C 114 11.01 24.52 -27.57
N GLY C 115 11.12 25.86 -27.55
CA GLY C 115 12.09 26.52 -26.70
C GLY C 115 13.50 26.20 -27.14
N TYR C 116 13.64 25.92 -28.43
CA TYR C 116 14.95 25.62 -29.04
C TYR C 116 14.99 26.13 -30.48
N SER C 117 14.27 25.44 -31.38
CA SER C 117 14.20 25.90 -32.77
C SER C 117 13.02 26.85 -33.03
N VAL C 118 12.05 26.88 -32.11
CA VAL C 118 10.93 27.83 -32.15
C VAL C 118 10.71 28.33 -30.73
N ASN C 119 9.99 29.45 -30.58
CA ASN C 119 9.83 30.00 -29.23
C ASN C 119 9.05 29.06 -28.33
N GLY C 120 9.37 29.09 -27.04
CA GLY C 120 8.78 28.16 -26.10
C GLY C 120 8.03 28.84 -24.96
N GLY C 121 8.04 28.19 -23.81
CA GLY C 121 7.14 28.56 -22.73
C GLY C 121 7.67 29.45 -21.62
N TYR C 122 8.84 30.06 -21.81
CA TYR C 122 9.33 31.01 -20.80
C TYR C 122 8.71 32.37 -21.07
N GLY C 123 7.40 32.38 -21.30
CA GLY C 123 6.67 33.61 -21.60
C GLY C 123 5.22 33.40 -21.24
N GLU C 124 4.44 34.49 -21.16
CA GLU C 124 3.07 34.34 -20.70
C GLU C 124 2.15 33.65 -21.68
N TYR C 125 2.51 33.69 -22.97
CA TYR C 125 1.77 32.99 -24.01
C TYR C 125 2.72 32.31 -24.99
N VAL C 126 2.25 31.24 -25.62
CA VAL C 126 3.02 30.57 -26.67
C VAL C 126 2.10 30.06 -27.76
N VAL C 127 2.51 30.13 -29.02
CA VAL C 127 1.73 29.50 -30.07
C VAL C 127 2.26 28.11 -30.36
N ALA C 128 1.33 27.15 -30.45
CA ALA C 128 1.68 25.74 -30.56
C ALA C 128 0.95 25.04 -31.70
N ASP C 129 1.45 23.86 -32.09
CA ASP C 129 0.75 23.04 -33.07
C ASP C 129 -0.13 22.09 -32.28
N PRO C 130 -1.47 22.22 -32.42
CA PRO C 130 -2.42 21.42 -31.62
C PRO C 130 -2.27 19.91 -31.84
N ASN C 131 -1.73 19.51 -32.98
CA ASN C 131 -1.52 18.11 -33.27
C ASN C 131 -0.43 17.48 -32.41
N TYR C 132 0.42 18.30 -31.77
CA TYR C 132 1.55 17.75 -31.01
C TYR C 132 1.58 18.11 -29.53
N VAL C 133 0.63 18.95 -29.08
CA VAL C 133 0.57 19.30 -27.66
C VAL C 133 0.22 18.10 -26.81
N GLY C 134 0.54 18.16 -25.53
CA GLY C 134 0.13 17.11 -24.59
C GLY C 134 -1.24 17.49 -24.04
N LEU C 135 -2.17 16.54 -23.98
CA LEU C 135 -3.47 16.80 -23.36
C LEU C 135 -3.41 16.41 -21.87
N LEU C 136 -3.53 17.41 -21.00
CA LEU C 136 -3.21 17.25 -19.59
C LEU C 136 -4.36 16.66 -18.80
N PRO C 137 -4.03 15.85 -17.78
CA PRO C 137 -5.07 15.22 -16.97
C PRO C 137 -5.77 16.23 -16.07
N ASP C 138 -7.08 16.04 -15.89
CA ASP C 138 -7.91 16.97 -15.12
C ASP C 138 -7.44 17.06 -13.68
N LYS C 139 -7.07 15.92 -13.10
CA LYS C 139 -6.77 15.81 -11.67
C LYS C 139 -5.52 16.58 -11.19
N VAL C 140 -4.53 16.75 -12.07
CA VAL C 140 -3.22 17.22 -11.64
C VAL C 140 -3.02 18.71 -11.94
N GLY C 141 -2.50 19.44 -10.95
CA GLY C 141 -2.22 20.86 -11.11
C GLY C 141 -1.10 21.15 -12.10
N PHE C 142 -1.06 22.37 -12.61
CA PHE C 142 -0.08 22.76 -13.63
C PHE C 142 1.38 22.65 -13.14
N VAL C 143 1.64 23.09 -11.92
CA VAL C 143 3.02 23.06 -11.44
C VAL C 143 3.52 21.62 -11.33
N GLU C 144 2.65 20.74 -10.83
CA GLU C 144 3.03 19.33 -10.60
C GLU C 144 3.22 18.59 -11.92
N ILE C 145 2.39 18.90 -12.90
CA ILE C 145 2.37 18.11 -14.15
C ILE C 145 3.47 18.55 -15.11
N ALA C 146 3.93 19.79 -14.98
CA ALA C 146 4.85 20.34 -15.98
C ALA C 146 6.07 19.45 -16.28
N PRO C 147 6.76 18.96 -15.25
CA PRO C 147 7.97 18.14 -15.50
C PRO C 147 7.67 16.80 -16.15
N ILE C 148 6.42 16.36 -16.09
CA ILE C 148 6.09 15.10 -16.74
C ILE C 148 6.26 15.22 -18.24
N LEU C 149 6.08 16.44 -18.78
CA LEU C 149 6.27 16.68 -20.21
C LEU C 149 7.71 16.40 -20.67
N CYS C 150 8.65 16.32 -19.72
CA CYS C 150 10.06 16.17 -20.05
C CYS C 150 10.68 14.98 -19.30
N ALA C 151 10.94 15.14 -18.01
CA ALA C 151 11.50 14.03 -17.22
C ALA C 151 10.58 12.80 -17.27
N GLY C 152 9.27 13.04 -17.14
CA GLY C 152 8.32 11.94 -17.08
C GLY C 152 8.35 11.08 -18.34
N VAL C 153 8.04 11.71 -19.48
CA VAL C 153 7.98 10.96 -20.72
C VAL C 153 9.35 10.36 -21.07
N THR C 154 10.43 11.09 -20.80
CA THR C 154 11.75 10.55 -21.11
C THR C 154 12.09 9.25 -20.35
N VAL C 155 11.87 9.23 -19.04
CA VAL C 155 12.18 8.04 -18.25
C VAL C 155 11.15 6.92 -18.48
N TYR C 156 9.91 7.29 -18.76
CA TYR C 156 8.87 6.29 -19.04
C TYR C 156 9.17 5.55 -20.33
N LYS C 157 9.40 6.30 -21.41
CA LYS C 157 9.79 5.68 -22.68
C LYS C 157 11.13 4.95 -22.53
N GLY C 158 12.08 5.53 -21.79
CA GLY C 158 13.36 4.86 -21.57
C GLY C 158 13.20 3.49 -20.90
N LEU C 159 12.38 3.42 -19.87
CA LEU C 159 12.04 2.15 -19.24
C LEU C 159 11.34 1.20 -20.23
N LYS C 160 10.45 1.71 -21.08
CA LYS C 160 9.76 0.81 -22.01
C LYS C 160 10.80 0.15 -22.92
N VAL C 161 11.76 0.93 -23.40
CA VAL C 161 12.73 0.38 -24.37
C VAL C 161 13.84 -0.45 -23.73
N THR C 162 13.82 -0.63 -22.42
CA THR C 162 14.73 -1.61 -21.79
C THR C 162 14.19 -3.03 -22.05
N ASP C 163 12.99 -3.11 -22.64
CA ASP C 163 12.38 -4.40 -22.96
C ASP C 163 12.24 -5.33 -21.74
N THR C 164 12.07 -4.73 -20.57
CA THR C 164 11.90 -5.50 -19.35
C THR C 164 10.38 -5.74 -19.12
N ARG C 165 10.05 -6.63 -18.19
CA ARG C 165 8.65 -6.89 -17.91
C ARG C 165 8.47 -7.02 -16.40
N PRO C 166 7.22 -6.92 -15.92
CA PRO C 166 6.95 -7.00 -14.49
C PRO C 166 7.67 -8.18 -13.84
N GLY C 167 8.22 -7.93 -12.66
CA GLY C 167 8.95 -8.94 -11.91
C GLY C 167 10.45 -8.94 -12.16
N GLN C 168 10.85 -8.41 -13.31
CA GLN C 168 12.27 -8.30 -13.62
C GLN C 168 12.93 -7.14 -12.88
N TRP C 169 14.26 -7.18 -12.83
CA TRP C 169 15.04 -6.12 -12.18
C TRP C 169 15.48 -5.03 -13.15
N VAL C 170 15.30 -3.77 -12.72
CA VAL C 170 15.89 -2.65 -13.44
C VAL C 170 16.75 -1.84 -12.48
N VAL C 171 17.92 -1.44 -12.97
CA VAL C 171 18.76 -0.46 -12.25
C VAL C 171 18.42 0.94 -12.72
N ILE C 172 18.13 1.83 -11.78
CA ILE C 172 18.04 3.25 -12.09
C ILE C 172 19.39 3.85 -11.67
N SER C 173 20.13 4.31 -12.66
CA SER C 173 21.47 4.85 -12.46
C SER C 173 21.33 6.37 -12.43
N GLY C 174 21.63 6.95 -11.28
CA GLY C 174 21.41 8.37 -11.02
C GLY C 174 20.01 8.64 -10.48
N ILE C 175 19.91 9.10 -9.24
CA ILE C 175 18.59 9.37 -8.66
C ILE C 175 18.39 10.88 -8.49
N GLY C 176 18.57 11.62 -9.58
CA GLY C 176 18.48 13.07 -9.57
C GLY C 176 17.17 13.52 -10.19
N GLY C 177 17.23 14.57 -11.02
CA GLY C 177 16.02 15.13 -11.60
C GLY C 177 15.21 14.10 -12.35
N LEU C 178 15.86 13.38 -13.28
CA LEU C 178 15.18 12.30 -14.00
C LEU C 178 14.99 11.06 -13.13
N GLY C 179 16.04 10.69 -12.40
CA GLY C 179 16.06 9.38 -11.77
C GLY C 179 15.01 9.20 -10.69
N HIS C 180 14.73 10.26 -9.93
CA HIS C 180 13.72 10.12 -8.87
C HIS C 180 12.34 9.89 -9.48
N VAL C 181 12.12 10.42 -10.69
CA VAL C 181 10.87 10.16 -11.41
C VAL C 181 10.87 8.72 -11.99
N ALA C 182 12.02 8.30 -12.52
CA ALA C 182 12.15 6.94 -13.07
C ALA C 182 11.89 5.86 -12.03
N VAL C 183 12.36 6.04 -10.81
CA VAL C 183 12.09 5.03 -9.79
C VAL C 183 10.59 4.80 -9.67
N GLN C 184 9.83 5.89 -9.69
CA GLN C 184 8.39 5.81 -9.52
C GLN C 184 7.68 5.15 -10.71
N TYR C 185 8.05 5.52 -11.93
CA TYR C 185 7.50 4.79 -13.09
C TYR C 185 7.84 3.30 -13.06
N ALA C 186 9.09 2.98 -12.73
CA ALA C 186 9.55 1.58 -12.75
C ALA C 186 8.68 0.76 -11.81
N ARG C 187 8.46 1.30 -10.61
CA ARG C 187 7.64 0.60 -9.61
C ARG C 187 6.19 0.41 -10.12
N ALA C 188 5.64 1.43 -10.77
CA ALA C 188 4.27 1.35 -11.28
C ALA C 188 4.18 0.43 -12.49
N MET C 189 5.33 0.18 -13.12
CA MET C 189 5.40 -0.79 -14.22
C MET C 189 5.74 -2.21 -13.75
N GLY C 190 5.69 -2.43 -12.44
CA GLY C 190 5.93 -3.74 -11.85
C GLY C 190 7.37 -4.22 -11.80
N LEU C 191 8.31 -3.31 -12.04
CA LEU C 191 9.72 -3.70 -12.03
C LEU C 191 10.30 -3.68 -10.61
N ARG C 192 11.23 -4.57 -10.32
CA ARG C 192 11.98 -4.49 -9.07
C ARG C 192 13.13 -3.50 -9.31
N VAL C 193 13.27 -2.50 -8.46
CA VAL C 193 14.21 -1.42 -8.71
C VAL C 193 15.46 -1.49 -7.84
N ALA C 194 16.62 -1.45 -8.48
CA ALA C 194 17.90 -1.25 -7.80
C ALA C 194 18.45 0.15 -8.13
N ALA C 195 18.59 1.00 -7.11
CA ALA C 195 19.09 2.38 -7.30
C ALA C 195 20.60 2.46 -7.11
N VAL C 196 21.29 3.17 -8.00
CA VAL C 196 22.75 3.29 -7.93
C VAL C 196 23.09 4.77 -8.08
N ASP C 197 23.89 5.28 -7.15
CA ASP C 197 24.31 6.66 -7.13
C ASP C 197 25.52 6.75 -6.22
N ILE C 198 26.06 7.95 -6.02
CA ILE C 198 27.16 8.13 -5.08
C ILE C 198 26.76 9.01 -3.88
N ASP C 199 25.49 9.43 -3.87
CA ASP C 199 24.97 10.37 -2.88
C ASP C 199 24.00 9.60 -1.96
N ASP C 200 24.37 9.42 -0.70
CA ASP C 200 23.49 8.69 0.22
C ASP C 200 22.09 9.28 0.34
N ALA C 201 21.98 10.60 0.22
CA ALA C 201 20.69 11.26 0.36
C ALA C 201 19.76 10.87 -0.79
N LYS C 202 20.32 10.85 -2.01
CA LYS C 202 19.58 10.42 -3.19
C LYS C 202 19.21 8.93 -3.12
N LEU C 203 20.14 8.11 -2.63
CA LEU C 203 19.83 6.72 -2.39
C LEU C 203 18.71 6.56 -1.35
N ASN C 204 18.75 7.33 -0.26
CA ASN C 204 17.66 7.21 0.71
C ASN C 204 16.32 7.51 0.05
N LEU C 205 16.29 8.58 -0.74
CA LEU C 205 15.10 8.96 -1.50
C LEU C 205 14.61 7.79 -2.36
N ALA C 206 15.51 7.15 -3.09
CA ALA C 206 15.13 6.01 -3.93
C ALA C 206 14.44 4.92 -3.10
N ARG C 207 14.99 4.60 -1.93
CA ARG C 207 14.38 3.61 -1.05
C ARG C 207 12.96 4.03 -0.63
N ARG C 208 12.81 5.31 -0.31
CA ARG C 208 11.50 5.81 0.14
C ARG C 208 10.48 5.81 -0.99
N LEU C 209 10.97 5.87 -2.24
CA LEU C 209 10.13 5.85 -3.43
C LEU C 209 9.86 4.42 -3.91
N GLY C 210 10.46 3.43 -3.27
CA GLY C 210 10.16 2.04 -3.58
C GLY C 210 11.29 1.15 -4.09
N ALA C 211 12.50 1.68 -4.20
CA ALA C 211 13.64 0.85 -4.59
C ALA C 211 13.88 -0.24 -3.55
N GLU C 212 14.06 -1.47 -4.03
CA GLU C 212 14.24 -2.64 -3.16
C GLU C 212 15.68 -2.69 -2.68
N VAL C 213 16.56 -2.21 -3.55
CA VAL C 213 17.99 -2.21 -3.27
C VAL C 213 18.59 -0.85 -3.66
N ALA C 214 19.61 -0.43 -2.94
CA ALA C 214 20.31 0.80 -3.26
C ALA C 214 21.78 0.57 -2.98
N VAL C 215 22.63 0.94 -3.93
CA VAL C 215 24.05 0.72 -3.78
C VAL C 215 24.78 2.05 -3.98
N ASN C 216 25.62 2.39 -3.03
CA ASN C 216 26.46 3.59 -3.19
C ASN C 216 27.79 3.26 -3.86
N ALA C 217 27.99 3.76 -5.07
CA ALA C 217 29.11 3.33 -5.89
C ALA C 217 30.44 3.94 -5.41
N ARG C 218 30.37 4.82 -4.42
CA ARG C 218 31.59 5.39 -3.85
C ARG C 218 32.34 4.29 -3.10
N ASP C 219 31.56 3.45 -2.41
CA ASP C 219 32.04 2.50 -1.41
C ASP C 219 32.05 1.05 -1.94
N THR C 220 31.21 0.81 -2.94
CA THR C 220 30.94 -0.54 -3.42
C THR C 220 30.95 -0.53 -4.94
N ASP C 221 31.58 -1.54 -5.54
CA ASP C 221 31.49 -1.74 -6.99
C ASP C 221 30.10 -2.28 -7.29
N PRO C 222 29.24 -1.46 -7.91
CA PRO C 222 27.85 -1.91 -8.06
C PRO C 222 27.71 -3.03 -9.09
N ALA C 223 28.64 -3.12 -10.03
CA ALA C 223 28.63 -4.22 -11.00
C ALA C 223 28.85 -5.56 -10.27
N ALA C 224 29.95 -5.64 -9.56
CA ALA C 224 30.23 -6.85 -8.79
C ALA C 224 29.12 -7.16 -7.77
N TRP C 225 28.67 -6.15 -7.04
CA TRP C 225 27.69 -6.38 -5.99
C TRP C 225 26.34 -6.89 -6.56
N LEU C 226 25.83 -6.22 -7.59
CA LEU C 226 24.57 -6.65 -8.22
C LEU C 226 24.66 -8.01 -8.90
N GLN C 227 25.79 -8.31 -9.54
CA GLN C 227 25.94 -9.60 -10.19
C GLN C 227 25.83 -10.67 -9.11
N LYS C 228 26.45 -10.42 -7.97
CA LYS C 228 26.44 -11.37 -6.85
C LYS C 228 25.07 -11.44 -6.19
N GLU C 229 24.44 -10.29 -6.04
CA GLU C 229 23.20 -10.18 -5.28
C GLU C 229 21.93 -10.55 -6.03
N ILE C 230 21.77 -10.00 -7.24
CA ILE C 230 20.54 -10.25 -7.99
C ILE C 230 20.82 -10.95 -9.31
N GLY C 231 22.09 -11.26 -9.58
CA GLY C 231 22.45 -11.91 -10.82
C GLY C 231 22.49 -10.96 -11.99
N GLY C 232 22.70 -9.67 -11.71
CA GLY C 232 22.68 -8.67 -12.75
C GLY C 232 21.25 -8.21 -13.02
N ALA C 233 21.11 -6.99 -13.52
CA ALA C 233 19.80 -6.40 -13.75
C ALA C 233 19.34 -6.72 -15.18
N HIS C 234 18.05 -7.02 -15.35
CA HIS C 234 17.56 -7.25 -16.71
C HIS C 234 17.68 -5.99 -17.54
N GLY C 235 17.51 -4.83 -16.90
CA GLY C 235 17.60 -3.56 -17.62
C GLY C 235 18.35 -2.54 -16.78
N VAL C 236 19.00 -1.60 -17.45
CA VAL C 236 19.60 -0.45 -16.77
C VAL C 236 19.14 0.86 -17.45
N LEU C 237 18.62 1.81 -16.67
CA LEU C 237 18.26 3.12 -17.20
C LEU C 237 19.30 4.10 -16.71
N VAL C 238 20.09 4.64 -17.62
CA VAL C 238 21.17 5.54 -17.19
C VAL C 238 20.69 6.96 -17.37
N THR C 239 20.38 7.65 -16.26
CA THR C 239 19.75 8.97 -16.37
C THR C 239 20.79 10.08 -16.31
N ALA C 240 21.96 9.76 -15.81
CA ALA C 240 23.07 10.72 -15.85
C ALA C 240 24.16 10.08 -16.65
N VAL C 241 24.25 10.45 -17.92
CA VAL C 241 25.10 9.70 -18.83
C VAL C 241 26.55 10.20 -18.84
N SER C 242 27.35 9.68 -17.92
CA SER C 242 28.79 9.95 -17.84
C SER C 242 29.53 8.68 -18.29
N PRO C 243 30.80 8.80 -18.69
CA PRO C 243 31.57 7.60 -19.06
C PRO C 243 31.59 6.52 -17.99
N LYS C 244 31.73 6.94 -16.73
CA LYS C 244 31.73 6.00 -15.63
C LYS C 244 30.38 5.29 -15.46
N ALA C 245 29.28 6.06 -15.52
CA ALA C 245 27.95 5.48 -15.41
C ALA C 245 27.70 4.47 -16.53
N PHE C 246 28.17 4.80 -17.74
CA PHE C 246 27.99 3.96 -18.93
C PHE C 246 28.75 2.65 -18.78
N SER C 247 30.00 2.75 -18.37
CA SER C 247 30.83 1.54 -18.24
C SER C 247 30.35 0.68 -17.07
N GLN C 248 29.88 1.32 -16.00
CA GLN C 248 29.31 0.55 -14.90
C GLN C 248 27.98 -0.11 -15.30
N ALA C 249 27.18 0.56 -16.12
CA ALA C 249 25.96 -0.09 -16.61
C ALA C 249 26.28 -1.38 -17.35
N ILE C 250 27.36 -1.39 -18.13
CA ILE C 250 27.72 -2.58 -18.86
C ILE C 250 28.07 -3.71 -17.88
N GLY C 251 28.64 -3.36 -16.73
CA GLY C 251 28.97 -4.36 -15.72
C GLY C 251 27.80 -4.84 -14.86
N MET C 252 26.78 -3.99 -14.69
CA MET C 252 25.61 -4.31 -13.88
C MET C 252 24.55 -5.12 -14.61
N VAL C 253 24.49 -4.98 -15.93
CA VAL C 253 23.43 -5.67 -16.68
C VAL C 253 23.72 -7.16 -16.74
N ARG C 254 22.68 -8.00 -16.66
CA ARG C 254 22.92 -9.43 -16.84
C ARG C 254 23.07 -9.70 -18.34
N ARG C 255 23.63 -10.85 -18.69
CA ARG C 255 23.76 -11.16 -20.11
C ARG C 255 22.39 -11.07 -20.77
N GLY C 256 22.36 -10.52 -21.98
CA GLY C 256 21.13 -10.44 -22.74
C GLY C 256 20.30 -9.22 -22.34
N GLY C 257 20.78 -8.50 -21.33
CA GLY C 257 20.10 -7.32 -20.80
C GLY C 257 20.18 -6.11 -21.73
N THR C 258 19.43 -5.07 -21.38
CA THR C 258 19.37 -3.84 -22.19
C THR C 258 19.63 -2.61 -21.32
N ILE C 259 20.53 -1.76 -21.80
CA ILE C 259 20.88 -0.53 -21.15
C ILE C 259 20.26 0.58 -22.01
N ALA C 260 19.41 1.40 -21.38
CA ALA C 260 18.82 2.58 -22.06
C ALA C 260 19.52 3.85 -21.58
N LEU C 261 20.06 4.62 -22.53
CA LEU C 261 20.77 5.86 -22.21
C LEU C 261 19.83 7.04 -22.38
N ASN C 262 19.58 7.80 -21.31
CA ASN C 262 18.48 8.77 -21.27
C ASN C 262 18.90 10.23 -21.34
N GLY C 263 20.17 10.48 -21.67
CA GLY C 263 20.71 11.82 -21.63
C GLY C 263 21.68 12.06 -22.77
N LEU C 264 22.04 13.33 -22.97
CA LEU C 264 22.82 13.78 -24.11
C LEU C 264 24.17 14.35 -23.69
N PRO C 265 25.20 13.51 -23.54
CA PRO C 265 26.50 13.98 -23.10
C PRO C 265 27.43 14.34 -24.26
N PRO C 266 28.49 15.11 -23.98
CA PRO C 266 29.52 15.43 -24.96
C PRO C 266 30.53 14.28 -25.16
N GLY C 267 31.04 14.11 -26.37
CA GLY C 267 32.20 13.26 -26.61
C GLY C 267 31.91 11.81 -26.90
N ASP C 268 32.90 11.10 -27.43
CA ASP C 268 32.74 9.67 -27.65
C ASP C 268 33.07 8.89 -26.37
N PHE C 269 32.30 7.84 -26.11
CA PHE C 269 32.56 6.98 -24.96
C PHE C 269 33.25 5.72 -25.47
N GLY C 270 34.14 5.13 -24.68
CA GLY C 270 34.80 3.92 -25.11
C GLY C 270 33.92 2.75 -24.76
N THR C 271 33.52 1.96 -25.75
CA THR C 271 32.64 0.83 -25.50
C THR C 271 33.42 -0.47 -25.64
N PRO C 272 33.41 -1.32 -24.58
CA PRO C 272 34.16 -2.59 -24.63
C PRO C 272 33.47 -3.64 -25.50
N ILE C 273 34.08 -3.91 -26.65
CA ILE C 273 33.54 -4.87 -27.61
C ILE C 273 33.33 -6.25 -27.05
N PHE C 274 34.37 -6.78 -26.40
CA PHE C 274 34.32 -8.14 -25.87
C PHE C 274 33.12 -8.34 -24.94
N ASP C 275 32.95 -7.41 -23.99
CA ASP C 275 31.87 -7.51 -23.03
C ASP C 275 30.50 -7.43 -23.73
N VAL C 276 30.35 -6.45 -24.61
CA VAL C 276 29.06 -6.23 -25.26
C VAL C 276 28.66 -7.43 -26.14
N VAL C 277 29.63 -7.95 -26.90
CA VAL C 277 29.36 -9.10 -27.77
C VAL C 277 29.17 -10.39 -26.98
N LEU C 278 30.15 -10.74 -26.14
CA LEU C 278 30.05 -12.00 -25.38
C LEU C 278 28.83 -12.05 -24.48
N LYS C 279 28.43 -10.90 -23.93
CA LYS C 279 27.29 -10.91 -23.02
C LYS C 279 25.95 -10.67 -23.75
N GLY C 280 25.99 -10.41 -25.05
CA GLY C 280 24.76 -10.24 -25.81
C GLY C 280 23.98 -9.02 -25.32
N ILE C 281 24.70 -7.95 -24.98
CA ILE C 281 24.10 -6.76 -24.39
C ILE C 281 23.54 -5.83 -25.46
N THR C 282 22.41 -5.20 -25.15
CA THR C 282 21.83 -4.18 -26.01
C THR C 282 22.02 -2.82 -25.35
N ILE C 283 22.52 -1.85 -26.11
CA ILE C 283 22.61 -0.46 -25.67
C ILE C 283 21.73 0.41 -26.58
N ARG C 284 20.85 1.22 -25.99
CA ARG C 284 19.85 1.89 -26.82
C ARG C 284 19.70 3.32 -26.37
N GLY C 285 19.72 4.27 -27.31
CA GLY C 285 19.51 5.66 -26.93
C GLY C 285 18.02 5.98 -26.87
N SER C 286 17.59 6.74 -25.86
CA SER C 286 16.19 7.12 -25.81
C SER C 286 16.05 8.42 -25.03
N ILE C 287 15.46 9.42 -25.68
CA ILE C 287 15.09 10.63 -24.94
C ILE C 287 13.70 11.11 -25.40
N VAL C 288 12.99 11.76 -24.51
CA VAL C 288 11.57 12.11 -24.66
C VAL C 288 10.74 10.94 -25.20
N GLY C 289 9.72 11.23 -26.00
CA GLY C 289 8.84 10.16 -26.46
C GLY C 289 7.79 10.70 -27.42
N THR C 290 7.07 9.77 -28.05
CA THR C 290 6.07 10.15 -29.05
C THR C 290 4.84 10.73 -28.35
N ARG C 291 3.85 11.16 -29.12
CA ARG C 291 2.64 11.70 -28.52
C ARG C 291 1.95 10.60 -27.70
N SER C 292 1.99 9.37 -28.21
CA SER C 292 1.41 8.24 -27.49
C SER C 292 2.16 7.99 -26.16
N ASP C 293 3.50 8.00 -26.20
CA ASP C 293 4.30 7.84 -24.99
C ASP C 293 3.97 8.93 -23.96
N LEU C 294 3.86 10.16 -24.43
CA LEU C 294 3.57 11.30 -23.56
C LEU C 294 2.21 11.11 -22.87
N GLN C 295 1.17 10.78 -23.64
CA GLN C 295 -0.14 10.56 -23.01
C GLN C 295 -0.11 9.42 -21.99
N GLU C 296 0.60 8.33 -22.32
CA GLU C 296 0.72 7.23 -21.38
C GLU C 296 1.45 7.68 -20.12
N SER C 297 2.49 8.48 -20.29
CA SER C 297 3.26 8.92 -19.13
C SER C 297 2.42 9.85 -18.24
N LEU C 298 1.58 10.69 -18.85
CA LEU C 298 0.70 11.58 -18.10
C LEU C 298 -0.36 10.82 -17.28
N ASP C 299 -0.82 9.68 -17.80
CA ASP C 299 -1.78 8.85 -17.06
C ASP C 299 -1.21 8.38 -15.71
N PHE C 300 0.08 8.05 -15.66
CA PHE C 300 0.65 7.58 -14.41
C PHE C 300 0.63 8.70 -13.36
N ALA C 301 0.88 9.94 -13.79
CA ALA C 301 0.78 11.09 -12.89
C ALA C 301 -0.66 11.31 -12.45
N ALA C 302 -1.59 11.16 -13.39
CA ALA C 302 -3.02 11.37 -13.09
C ALA C 302 -3.53 10.39 -12.02
N HIS C 303 -3.00 9.15 -12.05
CA HIS C 303 -3.43 8.10 -11.13
C HIS C 303 -2.70 8.14 -9.80
N GLY C 304 -1.80 9.11 -9.63
CA GLY C 304 -1.06 9.25 -8.38
C GLY C 304 0.13 8.32 -8.20
N ASP C 305 0.52 7.65 -9.27
CA ASP C 305 1.64 6.70 -9.22
C ASP C 305 3.00 7.42 -9.31
N VAL C 306 3.00 8.61 -9.88
CA VAL C 306 4.24 9.36 -10.11
C VAL C 306 4.03 10.82 -9.71
N LYS C 307 4.92 11.34 -8.86
CA LYS C 307 4.88 12.74 -8.46
C LYS C 307 6.30 13.27 -8.47
N ALA C 308 6.54 14.26 -9.31
CA ALA C 308 7.86 14.89 -9.37
C ALA C 308 8.07 15.74 -8.14
N THR C 309 9.31 15.79 -7.64
CA THR C 309 9.66 16.77 -6.62
C THR C 309 9.78 18.11 -7.30
N VAL C 310 9.00 19.09 -6.86
CA VAL C 310 8.95 20.36 -7.57
C VAL C 310 9.04 21.52 -6.56
N SER C 311 9.73 22.57 -6.95
CA SER C 311 9.67 23.85 -6.22
C SER C 311 9.40 24.91 -7.28
N THR C 312 8.86 26.05 -6.89
CA THR C 312 8.54 27.05 -7.90
C THR C 312 9.47 28.26 -7.87
N ALA C 313 9.41 29.03 -8.93
CA ALA C 313 10.16 30.28 -9.04
C ALA C 313 9.37 31.22 -9.94
N LYS C 314 9.67 32.52 -9.87
CA LYS C 314 9.04 33.50 -10.74
C LYS C 314 9.86 33.65 -12.04
N LEU C 315 9.20 33.99 -13.13
CA LEU C 315 9.91 34.25 -14.39
C LEU C 315 11.06 35.25 -14.20
N ASP C 316 10.81 36.30 -13.43
CA ASP C 316 11.82 37.36 -13.25
C ASP C 316 13.10 36.83 -12.59
N ASP C 317 13.00 35.68 -11.92
CA ASP C 317 14.16 35.10 -11.25
C ASP C 317 14.80 33.96 -12.04
N VAL C 318 14.48 33.85 -13.32
CA VAL C 318 14.99 32.73 -14.11
C VAL C 318 16.53 32.62 -14.08
N ASN C 319 17.22 33.76 -13.97
CA ASN C 319 18.68 33.70 -13.85
C ASN C 319 19.18 33.11 -12.54
N ASP C 320 18.53 33.45 -11.44
CA ASP C 320 18.86 32.81 -10.16
C ASP C 320 18.61 31.30 -10.26
N VAL C 321 17.55 30.92 -10.99
CA VAL C 321 17.29 29.50 -11.20
C VAL C 321 18.39 28.83 -12.03
N PHE C 322 18.76 29.44 -13.15
CA PHE C 322 19.84 28.89 -13.98
C PHE C 322 21.11 28.72 -13.15
N GLY C 323 21.39 29.67 -12.27
CA GLY C 323 22.55 29.62 -11.39
C GLY C 323 22.54 28.43 -10.46
N ARG C 324 21.44 28.24 -9.74
CA ARG C 324 21.30 27.05 -8.92
C ARG C 324 21.49 25.78 -9.75
N LEU C 325 20.90 25.74 -10.94
CA LEU C 325 20.99 24.56 -11.81
C LEU C 325 22.45 24.27 -12.18
N ARG C 326 23.17 25.30 -12.61
CA ARG C 326 24.57 25.12 -13.03
C ARG C 326 25.45 24.67 -11.88
N GLU C 327 25.15 25.16 -10.68
CA GLU C 327 25.93 24.80 -9.51
C GLU C 327 25.57 23.43 -8.91
N GLY C 328 24.62 22.73 -9.55
CA GLY C 328 24.15 21.45 -9.03
C GLY C 328 23.38 21.59 -7.72
N LYS C 329 22.72 22.73 -7.51
CA LYS C 329 22.01 22.99 -6.26
C LYS C 329 20.52 22.65 -6.30
N VAL C 330 20.03 22.27 -7.48
CA VAL C 330 18.62 21.94 -7.62
C VAL C 330 18.36 20.48 -7.28
N GLU C 331 17.52 20.27 -6.29
CA GLU C 331 17.02 18.94 -6.00
C GLU C 331 15.63 18.87 -6.63
N GLY C 332 15.38 17.83 -7.41
CA GLY C 332 14.12 17.71 -8.09
C GLY C 332 14.07 18.57 -9.33
N ARG C 333 12.95 19.25 -9.54
CA ARG C 333 12.79 20.13 -10.70
C ARG C 333 12.27 21.48 -10.21
N VAL C 334 12.68 22.55 -10.88
CA VAL C 334 12.11 23.88 -10.63
C VAL C 334 11.12 24.21 -11.74
N VAL C 335 10.02 24.83 -11.37
CA VAL C 335 8.98 25.15 -12.32
C VAL C 335 8.61 26.59 -12.08
N LEU C 336 8.68 27.38 -13.15
CA LEU C 336 8.25 28.77 -13.12
C LEU C 336 6.74 28.81 -12.96
N ASP C 337 6.25 29.65 -12.04
CA ASP C 337 4.83 29.72 -11.74
C ASP C 337 4.28 31.05 -12.24
N PHE C 338 3.32 30.98 -13.17
CA PHE C 338 2.77 32.18 -13.81
C PHE C 338 1.41 32.51 -13.20
N SER C 339 0.95 31.66 -12.30
CA SER C 339 -0.41 31.77 -11.76
C SER C 339 -0.56 33.05 -10.95
N ARG C 340 -1.76 33.63 -10.98
CA ARG C 340 -2.06 34.88 -10.32
C ARG C 340 -1.71 34.81 -8.85
N ALA D 1 41.02 -8.64 27.63
CA ALA D 1 41.18 -7.79 28.79
C ALA D 1 41.13 -6.31 28.42
N MET D 2 41.56 -5.99 27.20
CA MET D 2 41.55 -4.60 26.72
C MET D 2 40.62 -4.43 25.51
N MET D 3 40.18 -3.19 25.28
CA MET D 3 39.28 -2.87 24.17
C MET D 3 39.48 -1.43 23.73
N LYS D 4 39.07 -1.13 22.50
CA LYS D 4 39.10 0.22 22.02
C LYS D 4 37.81 0.93 22.46
N ALA D 5 37.93 2.18 22.86
CA ALA D 5 36.75 2.97 23.19
C ALA D 5 37.05 4.43 22.90
N ALA D 6 35.99 5.22 22.69
CA ALA D 6 36.15 6.65 22.54
C ALA D 6 35.85 7.28 23.88
N VAL D 7 36.78 8.06 24.40
CA VAL D 7 36.65 8.59 25.74
C VAL D 7 36.63 10.11 25.75
N VAL D 8 35.73 10.67 26.56
CA VAL D 8 35.73 12.11 26.81
C VAL D 8 36.60 12.30 28.04
N ARG D 9 37.68 13.06 27.90
CA ARG D 9 38.56 13.28 29.05
C ARG D 9 38.58 14.75 29.45
N ALA D 10 38.11 15.61 28.56
CA ALA D 10 37.95 17.03 28.86
C ALA D 10 36.77 17.55 28.06
N PHE D 11 35.91 18.31 28.72
CA PHE D 11 34.72 18.81 28.06
C PHE D 11 35.08 19.69 26.88
N GLY D 12 34.44 19.45 25.73
CA GLY D 12 34.62 20.27 24.54
C GLY D 12 35.74 19.80 23.62
N ALA D 13 36.64 19.00 24.18
CA ALA D 13 37.83 18.52 23.46
C ALA D 13 37.46 17.47 22.42
N PRO D 14 38.37 17.16 21.48
CA PRO D 14 38.12 15.97 20.65
C PRO D 14 38.08 14.74 21.54
N LEU D 15 37.31 13.72 21.17
CA LEU D 15 37.37 12.47 21.88
C LEU D 15 38.70 11.78 21.54
N THR D 16 39.22 11.00 22.49
CA THR D 16 40.41 10.21 22.25
C THR D 16 40.06 8.73 22.17
N ILE D 17 40.51 8.07 21.10
CA ILE D 17 40.26 6.63 21.00
C ILE D 17 41.35 5.84 21.70
N ASP D 18 41.02 5.24 22.84
CA ASP D 18 42.00 4.63 23.73
C ASP D 18 41.84 3.12 23.88
N GLU D 19 42.92 2.45 24.27
CA GLU D 19 42.83 1.08 24.71
C GLU D 19 42.51 1.10 26.19
N VAL D 20 41.39 0.51 26.57
CA VAL D 20 40.94 0.52 27.95
C VAL D 20 40.49 -0.87 28.37
N PRO D 21 40.44 -1.12 29.69
CA PRO D 21 40.03 -2.44 30.18
C PRO D 21 38.60 -2.76 29.79
N VAL D 22 38.36 -4.01 29.40
CA VAL D 22 37.02 -4.50 29.11
C VAL D 22 36.25 -4.58 30.41
N PRO D 23 35.07 -3.94 30.47
CA PRO D 23 34.27 -3.97 31.70
C PRO D 23 33.66 -5.35 31.93
N GLN D 24 33.77 -5.84 33.14
CA GLN D 24 33.32 -7.18 33.48
C GLN D 24 32.08 -7.08 34.37
N PRO D 25 31.05 -7.90 34.09
CA PRO D 25 29.77 -7.88 34.81
C PRO D 25 29.81 -8.52 36.20
N GLY D 26 29.43 -7.76 37.22
CA GLY D 26 29.22 -8.28 38.55
C GLY D 26 27.83 -8.89 38.68
N PRO D 27 27.43 -9.22 39.92
CA PRO D 27 26.09 -9.77 40.16
C PRO D 27 25.00 -8.81 39.66
N GLY D 28 23.96 -9.37 39.03
CA GLY D 28 22.88 -8.57 38.47
C GLY D 28 23.23 -7.76 37.24
N GLN D 29 24.44 -7.93 36.69
CA GLN D 29 24.85 -7.16 35.52
C GLN D 29 25.10 -8.09 34.36
N VAL D 30 25.05 -7.55 33.14
CA VAL D 30 25.49 -8.29 31.97
C VAL D 30 26.51 -7.52 31.17
N GLN D 31 27.23 -8.21 30.30
CA GLN D 31 28.19 -7.56 29.44
C GLN D 31 27.60 -7.66 28.05
N VAL D 32 27.76 -6.61 27.26
CA VAL D 32 27.28 -6.60 25.90
C VAL D 32 28.43 -6.34 24.95
N LYS D 33 28.57 -7.19 23.94
CA LYS D 33 29.53 -6.95 22.88
C LYS D 33 28.87 -6.07 21.80
N ILE D 34 29.37 -4.86 21.65
CA ILE D 34 28.71 -3.88 20.76
C ILE D 34 28.93 -4.17 19.28
N GLU D 35 27.86 -4.22 18.51
CA GLU D 35 27.99 -4.40 17.07
C GLU D 35 27.69 -3.11 16.28
N ALA D 36 26.87 -2.23 16.85
CA ALA D 36 26.59 -0.94 16.22
C ALA D 36 26.30 -0.01 17.37
N SER D 37 26.52 1.29 17.16
CA SER D 37 26.31 2.25 18.25
C SER D 37 25.91 3.59 17.65
N GLY D 38 24.65 3.98 17.86
CA GLY D 38 24.13 5.21 17.28
C GLY D 38 24.73 6.48 17.90
N VAL D 39 24.86 7.51 17.08
CA VAL D 39 25.36 8.81 17.49
C VAL D 39 24.23 9.82 17.34
N CYS D 40 24.10 10.76 18.28
CA CYS D 40 23.11 11.84 18.08
C CYS D 40 23.54 13.10 18.82
N HIS D 41 22.78 14.19 18.70
CA HIS D 41 23.16 15.45 19.32
C HIS D 41 23.33 15.35 20.82
N THR D 42 22.65 14.41 21.46
CA THR D 42 22.82 14.25 22.89
C THR D 42 24.26 13.93 23.28
N ASP D 43 24.97 13.21 22.41
CA ASP D 43 26.36 12.86 22.67
C ASP D 43 27.23 14.11 22.66
N LEU D 44 26.85 15.10 21.84
CA LEU D 44 27.58 16.36 21.80
C LEU D 44 27.41 17.09 23.13
N HIS D 45 26.18 17.08 23.67
CA HIS D 45 25.93 17.72 24.97
C HIS D 45 26.65 17.00 26.09
N ALA D 46 26.74 15.67 26.00
CA ALA D 46 27.49 14.90 26.98
C ALA D 46 28.98 15.27 26.92
N ALA D 47 29.53 15.34 25.70
CA ALA D 47 30.97 15.58 25.49
C ALA D 47 31.40 17.02 25.83
N ASP D 48 30.44 17.95 25.68
CA ASP D 48 30.66 19.36 25.97
C ASP D 48 30.35 19.73 27.44
N GLY D 49 29.63 18.87 28.16
CA GLY D 49 29.27 19.16 29.55
C GLY D 49 28.38 20.40 29.65
N ASP D 50 27.58 20.58 28.59
CA ASP D 50 26.61 21.64 28.32
C ASP D 50 25.41 21.78 29.29
N TRP D 51 25.00 20.68 29.88
CA TRP D 51 23.68 20.63 30.52
C TRP D 51 23.79 20.95 32.02
N PRO D 52 22.65 21.17 32.66
CA PRO D 52 22.68 21.59 34.07
C PRO D 52 23.48 20.67 34.98
N VAL D 53 23.37 19.36 34.80
CA VAL D 53 24.15 18.41 35.58
C VAL D 53 25.08 17.65 34.62
N LYS D 54 26.37 17.73 34.88
CA LYS D 54 27.36 17.21 33.94
C LYS D 54 27.72 15.76 34.16
N PRO D 55 28.20 15.10 33.10
CA PRO D 55 28.86 13.81 33.27
C PRO D 55 30.07 13.98 34.18
N THR D 56 30.44 12.91 34.87
CA THR D 56 31.71 12.90 35.59
C THR D 56 32.78 12.40 34.60
N LEU D 57 33.96 13.01 34.65
CA LEU D 57 35.05 12.65 33.75
C LEU D 57 35.98 11.65 34.42
N PRO D 58 36.58 10.75 33.63
CA PRO D 58 36.33 10.64 32.19
C PRO D 58 35.22 9.62 31.96
N PHE D 59 34.63 9.60 30.76
CA PHE D 59 33.55 8.66 30.49
C PHE D 59 33.48 8.30 29.00
N ILE D 60 32.86 7.16 28.72
CA ILE D 60 32.60 6.71 27.36
C ILE D 60 31.14 7.06 27.02
N PRO D 61 30.93 7.89 25.98
CA PRO D 61 29.54 8.23 25.62
C PRO D 61 28.81 7.09 24.90
N GLY D 62 27.59 7.37 24.45
CA GLY D 62 26.84 6.43 23.62
C GLY D 62 25.71 5.73 24.35
N HIS D 63 24.48 6.17 24.08
CA HIS D 63 23.29 5.57 24.67
C HIS D 63 22.44 4.85 23.59
N GLU D 64 23.07 4.45 22.49
CA GLU D 64 22.38 3.74 21.39
C GLU D 64 23.22 2.52 20.97
N GLY D 65 23.84 1.87 21.95
CA GLY D 65 24.67 0.70 21.66
C GLY D 65 23.79 -0.53 21.54
N VAL D 66 24.04 -1.35 20.52
CA VAL D 66 23.31 -2.61 20.37
C VAL D 66 24.32 -3.72 20.08
N GLY D 67 24.01 -4.93 20.49
CA GLY D 67 24.95 -6.02 20.23
C GLY D 67 24.45 -7.29 20.85
N TYR D 68 25.37 -8.21 21.15
CA TYR D 68 25.01 -9.48 21.78
C TYR D 68 25.42 -9.49 23.26
N VAL D 69 24.59 -10.11 24.10
CA VAL D 69 25.00 -10.38 25.47
C VAL D 69 26.16 -11.37 25.40
N SER D 70 27.29 -10.99 25.99
CA SER D 70 28.53 -11.75 25.89
C SER D 70 28.95 -12.38 27.22
N ALA D 71 28.38 -11.89 28.32
CA ALA D 71 28.67 -12.43 29.64
C ALA D 71 27.56 -12.02 30.60
N VAL D 72 27.22 -12.93 31.51
CA VAL D 72 26.10 -12.73 32.43
C VAL D 72 26.55 -12.90 33.87
N GLY D 73 26.36 -11.87 34.68
CA GLY D 73 26.65 -11.97 36.10
C GLY D 73 25.64 -12.86 36.80
N SER D 74 25.74 -12.94 38.13
CA SER D 74 24.87 -13.82 38.91
C SER D 74 23.47 -13.24 39.03
N GLY D 75 22.47 -14.12 39.13
CA GLY D 75 21.10 -13.70 39.39
C GLY D 75 20.50 -12.86 38.27
N VAL D 76 20.77 -13.25 37.03
CA VAL D 76 20.19 -12.61 35.87
C VAL D 76 19.33 -13.61 35.14
N SER D 77 18.06 -13.28 34.92
CA SER D 77 17.18 -14.23 34.24
C SER D 77 16.53 -13.64 33.00
N ARG D 78 16.49 -12.31 32.90
CA ARG D 78 15.76 -11.67 31.79
C ARG D 78 16.41 -11.94 30.43
N VAL D 79 17.74 -12.04 30.43
CA VAL D 79 18.48 -12.27 29.20
C VAL D 79 19.55 -13.31 29.43
N LYS D 80 20.05 -13.89 28.33
CA LYS D 80 21.14 -14.86 28.41
C LYS D 80 22.18 -14.52 27.35
N GLU D 81 23.37 -15.13 27.47
CA GLU D 81 24.37 -15.04 26.40
C GLU D 81 23.79 -15.26 25.01
N GLY D 82 24.17 -14.36 24.10
CA GLY D 82 23.75 -14.47 22.72
C GLY D 82 22.50 -13.67 22.38
N ASP D 83 21.76 -13.24 23.41
CA ASP D 83 20.57 -12.40 23.15
C ASP D 83 20.99 -11.08 22.54
N ARG D 84 20.19 -10.56 21.60
CA ARG D 84 20.46 -9.30 20.93
C ARG D 84 19.77 -8.19 21.75
N VAL D 85 20.55 -7.25 22.25
CA VAL D 85 19.99 -6.26 23.19
C VAL D 85 20.54 -4.87 22.87
N GLY D 86 19.81 -3.84 23.29
CA GLY D 86 20.29 -2.46 23.19
C GLY D 86 20.46 -1.87 24.58
N VAL D 87 21.36 -0.89 24.73
CA VAL D 87 21.56 -0.26 26.03
C VAL D 87 21.20 1.22 25.92
N PRO D 88 19.93 1.55 26.22
CA PRO D 88 19.44 2.88 25.89
C PRO D 88 19.73 3.89 26.99
N TRP D 89 19.29 5.14 26.77
CA TRP D 89 19.55 6.23 27.69
C TRP D 89 19.23 5.87 29.12
N LEU D 90 18.11 5.20 29.36
CA LEU D 90 17.74 4.85 30.72
C LEU D 90 18.48 3.57 31.11
N TYR D 91 19.62 3.77 31.78
CA TYR D 91 20.51 2.67 32.13
C TYR D 91 19.92 1.85 33.27
N SER D 92 19.34 2.54 34.25
CA SER D 92 18.68 1.86 35.35
C SER D 92 17.86 2.86 36.11
N ALA D 93 16.91 2.37 36.89
CA ALA D 93 16.14 3.21 37.79
C ALA D 93 16.09 2.46 39.12
N CYS D 94 15.59 3.11 40.16
CA CYS D 94 15.67 2.54 41.51
C CYS D 94 14.72 1.36 41.73
N GLY D 95 13.59 1.35 41.03
CA GLY D 95 12.65 0.25 41.14
C GLY D 95 11.60 0.40 42.23
N TYR D 96 11.82 1.33 43.15
CA TYR D 96 11.03 1.37 44.39
C TYR D 96 10.26 2.66 44.65
N CYS D 97 10.63 3.75 43.96
CA CYS D 97 10.01 5.05 44.20
C CYS D 97 8.60 5.13 43.60
N GLU D 98 7.91 6.24 43.87
CA GLU D 98 6.55 6.41 43.38
C GLU D 98 6.46 6.21 41.87
N HIS D 99 7.41 6.79 41.13
CA HIS D 99 7.40 6.72 39.65
C HIS D 99 7.69 5.31 39.13
N CYS D 100 8.72 4.68 39.69
CA CYS D 100 9.08 3.33 39.29
C CYS D 100 7.94 2.37 39.54
N LEU D 101 7.27 2.49 40.70
CA LEU D 101 6.19 1.58 41.05
C LEU D 101 4.99 1.74 40.11
N GLN D 102 4.80 2.94 39.61
CA GLN D 102 3.71 3.25 38.70
C GLN D 102 4.03 2.96 37.22
N GLY D 103 5.20 2.41 36.93
CA GLY D 103 5.57 2.10 35.56
C GLY D 103 6.03 3.33 34.79
N TRP D 104 6.54 4.32 35.52
CA TRP D 104 7.05 5.56 34.93
C TRP D 104 8.53 5.72 35.31
N GLU D 105 9.32 4.70 35.03
CA GLU D 105 10.73 4.71 35.43
C GLU D 105 11.52 5.85 34.79
N THR D 106 11.03 6.41 33.70
CA THR D 106 11.72 7.55 33.09
C THR D 106 11.70 8.78 34.00
N LEU D 107 10.81 8.78 34.99
CA LEU D 107 10.72 9.90 35.93
C LEU D 107 11.52 9.63 37.23
N CYS D 108 12.26 8.54 37.27
CA CYS D 108 12.98 8.18 38.49
C CYS D 108 14.11 9.18 38.74
N GLU D 109 14.10 9.80 39.93
CA GLU D 109 15.11 10.80 40.23
C GLU D 109 16.46 10.16 40.49
N LYS D 110 16.45 8.85 40.70
CA LYS D 110 17.69 8.11 40.95
C LYS D 110 18.20 7.38 39.72
N GLN D 111 17.64 7.70 38.55
CA GLN D 111 18.04 6.98 37.35
C GLN D 111 19.51 7.24 36.96
N GLN D 112 20.11 6.26 36.29
CA GLN D 112 21.40 6.46 35.66
C GLN D 112 21.21 6.50 34.14
N ASN D 113 22.08 7.24 33.45
CA ASN D 113 21.93 7.44 32.03
C ASN D 113 23.16 6.97 31.26
N THR D 114 22.92 6.05 30.35
CA THR D 114 23.99 5.44 29.56
C THR D 114 24.77 6.49 28.75
N GLY D 115 26.11 6.37 28.76
CA GLY D 115 26.94 7.27 27.97
C GLY D 115 26.84 8.70 28.48
N TYR D 116 26.52 8.83 29.77
CA TYR D 116 26.40 10.14 30.40
C TYR D 116 26.82 10.06 31.86
N SER D 117 26.03 9.40 32.70
CA SER D 117 26.41 9.22 34.11
C SER D 117 27.11 7.88 34.37
N VAL D 118 27.06 6.97 33.40
CA VAL D 118 27.85 5.74 33.41
C VAL D 118 28.39 5.50 32.01
N ASN D 119 29.39 4.64 31.87
CA ASN D 119 29.98 4.45 30.55
C ASN D 119 28.97 3.82 29.60
N GLY D 120 29.08 4.17 28.32
CA GLY D 120 28.11 3.74 27.33
C GLY D 120 28.75 2.95 26.21
N GLY D 121 28.17 3.08 25.02
CA GLY D 121 28.46 2.17 23.92
C GLY D 121 29.41 2.62 22.83
N TYR D 122 30.18 3.68 23.07
CA TYR D 122 31.24 4.07 22.12
C TYR D 122 32.49 3.25 22.40
N GLY D 123 32.30 1.95 22.59
CA GLY D 123 33.38 1.04 22.91
C GLY D 123 32.98 -0.36 22.51
N GLU D 124 33.95 -1.27 22.43
CA GLU D 124 33.66 -2.62 21.95
C GLU D 124 32.81 -3.42 22.89
N TYR D 125 32.86 -3.12 24.19
CA TYR D 125 32.01 -3.78 25.17
C TYR D 125 31.45 -2.76 26.13
N VAL D 126 30.32 -3.08 26.73
CA VAL D 126 29.75 -2.24 27.78
C VAL D 126 29.03 -3.15 28.79
N VAL D 127 29.05 -2.76 30.07
CA VAL D 127 28.30 -3.50 31.07
C VAL D 127 26.97 -2.78 31.33
N ALA D 128 25.90 -3.56 31.39
CA ALA D 128 24.55 -3.02 31.45
C ALA D 128 23.73 -3.68 32.54
N ASP D 129 22.65 -3.02 32.93
CA ASP D 129 21.67 -3.62 33.84
C ASP D 129 20.62 -4.32 32.97
N PRO D 130 20.56 -5.65 33.05
CA PRO D 130 19.68 -6.48 32.21
C PRO D 130 18.18 -6.12 32.36
N ASN D 131 17.82 -5.58 33.51
CA ASN D 131 16.43 -5.19 33.75
C ASN D 131 16.00 -3.99 32.91
N TYR D 132 16.96 -3.25 32.37
CA TYR D 132 16.64 -2.03 31.62
C TYR D 132 17.05 -2.02 30.15
N VAL D 133 17.76 -3.06 29.70
CA VAL D 133 18.16 -3.12 28.29
C VAL D 133 16.95 -3.27 27.39
N GLY D 134 17.08 -2.88 26.13
CA GLY D 134 16.04 -3.14 25.15
C GLY D 134 16.23 -4.53 24.54
N LEU D 135 15.16 -5.31 24.40
CA LEU D 135 15.28 -6.63 23.76
C LEU D 135 14.95 -6.44 22.27
N LEU D 136 15.94 -6.69 21.42
CA LEU D 136 15.86 -6.28 20.02
C LEU D 136 15.13 -7.30 19.16
N PRO D 137 14.42 -6.81 18.13
CA PRO D 137 13.68 -7.74 17.27
C PRO D 137 14.63 -8.56 16.39
N ASP D 138 14.26 -9.80 16.10
CA ASP D 138 15.10 -10.69 15.29
C ASP D 138 15.27 -10.20 13.84
N LYS D 139 14.21 -9.64 13.27
CA LYS D 139 14.20 -9.31 11.85
C LYS D 139 15.14 -8.16 11.43
N VAL D 140 15.48 -7.28 12.37
CA VAL D 140 16.14 -6.04 12.02
C VAL D 140 17.63 -6.03 12.37
N GLY D 141 18.46 -5.61 11.42
CA GLY D 141 19.90 -5.54 11.63
C GLY D 141 20.31 -4.56 12.71
N PHE D 142 21.52 -4.71 13.23
CA PHE D 142 22.01 -3.84 14.32
C PHE D 142 22.11 -2.37 13.90
N VAL D 143 22.61 -2.11 12.70
CA VAL D 143 22.79 -0.72 12.30
C VAL D 143 21.45 0.01 12.17
N GLU D 144 20.47 -0.68 11.59
CA GLU D 144 19.15 -0.11 11.33
C GLU D 144 18.39 0.12 12.63
N ILE D 145 18.58 -0.78 13.59
CA ILE D 145 17.76 -0.73 14.81
C ILE D 145 18.33 0.25 15.84
N ALA D 146 19.63 0.52 15.78
CA ALA D 146 20.27 1.33 16.82
C ALA D 146 19.52 2.65 17.13
N PRO D 147 19.17 3.42 16.07
CA PRO D 147 18.55 4.73 16.38
C PRO D 147 17.16 4.61 16.99
N ILE D 148 16.53 3.44 16.84
CA ILE D 148 15.20 3.27 17.44
C ILE D 148 15.28 3.38 18.95
N LEU D 149 16.43 3.03 19.53
CA LEU D 149 16.64 3.15 20.99
C LEU D 149 16.58 4.60 21.47
N CYS D 150 16.66 5.54 20.55
CA CYS D 150 16.69 6.95 20.93
C CYS D 150 15.63 7.75 20.17
N ALA D 151 15.86 7.99 18.88
CA ALA D 151 14.90 8.75 18.08
C ALA D 151 13.53 8.04 18.07
N GLY D 152 13.58 6.72 17.88
CA GLY D 152 12.37 5.92 17.74
C GLY D 152 11.50 6.02 18.97
N VAL D 153 12.04 5.59 20.13
CA VAL D 153 11.21 5.62 21.33
C VAL D 153 10.79 7.03 21.73
N THR D 154 11.68 8.01 21.54
CA THR D 154 11.31 9.39 21.88
C THR D 154 10.10 9.90 21.08
N VAL D 155 10.11 9.73 19.77
CA VAL D 155 9.01 10.25 18.94
C VAL D 155 7.74 9.40 19.10
N TYR D 156 7.91 8.11 19.33
CA TYR D 156 6.76 7.22 19.57
C TYR D 156 6.02 7.60 20.84
N LYS D 157 6.74 7.65 21.96
CA LYS D 157 6.14 8.10 23.21
C LYS D 157 5.62 9.54 23.09
N GLY D 158 6.37 10.43 22.44
CA GLY D 158 5.89 11.80 22.23
C GLY D 158 4.54 11.84 21.51
N LEU D 159 4.42 11.07 20.44
CA LEU D 159 3.13 10.95 19.75
C LEU D 159 2.03 10.38 20.67
N LYS D 160 2.36 9.36 21.47
CA LYS D 160 1.35 8.79 22.37
C LYS D 160 0.79 9.87 23.31
N VAL D 161 1.68 10.72 23.85
CA VAL D 161 1.26 11.72 24.83
C VAL D 161 0.61 12.96 24.21
N THR D 162 0.49 13.00 22.88
CA THR D 162 -0.33 14.05 22.26
C THR D 162 -1.83 13.71 22.45
N ASP D 163 -2.09 12.51 22.99
CA ASP D 163 -3.47 12.09 23.25
C ASP D 163 -4.35 12.19 22.00
N THR D 164 -3.76 11.92 20.83
CA THR D 164 -4.52 11.93 19.59
C THR D 164 -4.97 10.49 19.29
N ARG D 165 -5.84 10.31 18.31
CA ARG D 165 -6.29 8.98 17.97
C ARG D 165 -6.38 8.84 16.46
N PRO D 166 -6.43 7.59 15.98
CA PRO D 166 -6.50 7.38 14.52
C PRO D 166 -7.53 8.31 13.85
N GLY D 167 -7.15 8.86 12.70
CA GLY D 167 -8.02 9.73 11.93
C GLY D 167 -7.84 11.22 12.23
N GLN D 168 -7.27 11.50 13.40
CA GLN D 168 -6.98 12.87 13.78
C GLN D 168 -5.71 13.38 13.10
N TRP D 169 -5.55 14.70 13.10
CA TRP D 169 -4.37 15.33 12.51
C TRP D 169 -3.28 15.58 13.54
N VAL D 170 -2.06 15.22 13.18
CA VAL D 170 -0.89 15.64 13.94
C VAL D 170 0.10 16.42 13.07
N VAL D 171 0.68 17.47 13.62
CA VAL D 171 1.76 18.20 12.94
C VAL D 171 3.10 17.64 13.46
N ILE D 172 3.97 17.25 12.54
CA ILE D 172 5.33 16.94 12.93
C ILE D 172 6.11 18.18 12.56
N SER D 173 6.61 18.86 13.59
CA SER D 173 7.37 20.10 13.41
C SER D 173 8.86 19.76 13.43
N GLY D 174 9.54 20.03 12.31
CA GLY D 174 10.91 19.59 12.11
C GLY D 174 10.96 18.18 11.52
N ILE D 175 11.50 18.05 10.30
CA ILE D 175 11.60 16.73 9.67
C ILE D 175 13.07 16.34 9.52
N GLY D 176 13.79 16.37 10.62
CA GLY D 176 15.20 16.03 10.62
C GLY D 176 15.42 14.66 11.22
N GLY D 177 16.40 14.57 12.11
CA GLY D 177 16.78 13.29 12.70
C GLY D 177 15.64 12.60 13.41
N LEU D 178 14.98 13.32 14.31
CA LEU D 178 13.80 12.77 14.98
C LEU D 178 12.59 12.79 14.05
N GLY D 179 12.40 13.91 13.36
CA GLY D 179 11.16 14.16 12.67
C GLY D 179 10.85 13.20 11.55
N HIS D 180 11.86 12.73 10.83
CA HIS D 180 11.59 11.80 9.72
C HIS D 180 11.17 10.44 10.25
N VAL D 181 11.62 10.11 11.47
CA VAL D 181 11.17 8.89 12.12
C VAL D 181 9.72 9.09 12.65
N ALA D 182 9.45 10.27 13.19
CA ALA D 182 8.11 10.56 13.73
C ALA D 182 7.03 10.48 12.66
N VAL D 183 7.31 10.97 11.46
CA VAL D 183 6.31 10.89 10.40
C VAL D 183 5.88 9.46 10.21
N GLN D 184 6.86 8.55 10.20
CA GLN D 184 6.57 7.13 10.01
C GLN D 184 5.79 6.49 11.16
N TYR D 185 6.17 6.75 12.41
CA TYR D 185 5.32 6.28 13.53
C TYR D 185 3.89 6.84 13.44
N ALA D 186 3.79 8.13 13.15
CA ALA D 186 2.47 8.78 13.13
C ALA D 186 1.56 8.10 12.13
N ARG D 187 2.08 7.82 10.93
CA ARG D 187 1.29 7.10 9.92
C ARG D 187 0.88 5.70 10.38
N ALA D 188 1.81 4.98 11.00
CA ALA D 188 1.55 3.64 11.51
C ALA D 188 0.55 3.65 12.67
N MET D 189 0.43 4.80 13.33
CA MET D 189 -0.56 4.99 14.40
C MET D 189 -1.89 5.53 13.90
N GLY D 190 -2.06 5.56 12.58
CA GLY D 190 -3.31 5.98 11.96
C GLY D 190 -3.56 7.46 11.92
N LEU D 191 -2.55 8.26 12.23
CA LEU D 191 -2.72 9.72 12.24
C LEU D 191 -2.56 10.33 10.83
N ARG D 192 -3.30 11.42 10.56
CA ARG D 192 -3.08 12.19 9.34
C ARG D 192 -1.95 13.18 9.67
N VAL D 193 -0.92 13.19 8.84
CA VAL D 193 0.31 13.95 9.16
C VAL D 193 0.49 15.21 8.33
N ALA D 194 0.66 16.34 9.02
CA ALA D 194 1.04 17.61 8.39
C ALA D 194 2.48 17.90 8.79
N ALA D 195 3.36 17.98 7.79
CA ALA D 195 4.78 18.28 8.06
C ALA D 195 5.07 19.77 7.95
N VAL D 196 5.86 20.29 8.87
CA VAL D 196 6.22 21.72 8.87
C VAL D 196 7.72 21.83 9.10
N ASP D 197 8.38 22.58 8.22
CA ASP D 197 9.82 22.81 8.29
C ASP D 197 10.13 24.01 7.41
N ILE D 198 11.40 24.41 7.32
CA ILE D 198 11.76 25.48 6.38
C ILE D 198 12.60 24.95 5.20
N ASP D 199 12.84 23.65 5.18
CA ASP D 199 13.74 23.01 4.21
C ASP D 199 12.90 22.19 3.22
N ASP D 200 12.82 22.64 1.96
CA ASP D 200 11.99 21.95 0.97
C ASP D 200 12.36 20.47 0.79
N ALA D 201 13.65 20.16 0.96
CA ALA D 201 14.11 18.78 0.79
C ALA D 201 13.56 17.90 1.91
N LYS D 202 13.55 18.43 3.13
CA LYS D 202 12.99 17.71 4.28
C LYS D 202 11.47 17.55 4.14
N LEU D 203 10.81 18.61 3.65
CA LEU D 203 9.39 18.52 3.35
C LEU D 203 9.11 17.48 2.25
N ASN D 204 9.93 17.46 1.19
CA ASN D 204 9.72 16.42 0.18
C ASN D 204 9.79 15.04 0.81
N LEU D 205 10.81 14.83 1.64
CA LEU D 205 11.00 13.57 2.35
C LEU D 205 9.73 13.21 3.13
N ALA D 206 9.21 14.17 3.88
CA ALA D 206 8.01 13.94 4.68
C ALA D 206 6.86 13.43 3.80
N ARG D 207 6.67 14.06 2.63
CA ARG D 207 5.62 13.63 1.72
C ARG D 207 5.83 12.20 1.26
N ARG D 208 7.08 11.87 0.94
CA ARG D 208 7.40 10.51 0.47
C ARG D 208 7.20 9.47 1.57
N LEU D 209 7.29 9.89 2.83
CA LEU D 209 7.09 9.02 3.98
C LEU D 209 5.62 8.95 4.39
N GLY D 210 4.76 9.70 3.74
CA GLY D 210 3.32 9.59 3.99
C GLY D 210 2.58 10.82 4.50
N ALA D 211 3.30 11.93 4.73
CA ALA D 211 2.63 13.17 5.13
C ALA D 211 1.62 13.61 4.05
N GLU D 212 0.41 13.96 4.50
CA GLU D 212 -0.67 14.35 3.60
C GLU D 212 -0.49 15.80 3.16
N VAL D 213 0.08 16.59 4.06
CA VAL D 213 0.29 18.00 3.81
C VAL D 213 1.71 18.36 4.28
N ALA D 214 2.30 19.35 3.63
CA ALA D 214 3.62 19.83 4.00
C ALA D 214 3.62 21.34 3.79
N VAL D 215 4.04 22.06 4.82
CA VAL D 215 4.04 23.52 4.74
C VAL D 215 5.44 24.05 4.99
N ASN D 216 5.92 24.91 4.10
CA ASN D 216 7.22 25.52 4.32
C ASN D 216 7.03 26.86 5.04
N ALA D 217 7.50 26.95 6.27
CA ALA D 217 7.22 28.12 7.12
C ALA D 217 8.01 29.35 6.68
N ARG D 218 8.89 29.20 5.70
CA ARG D 218 9.65 30.33 5.23
C ARG D 218 8.70 31.27 4.47
N ASP D 219 7.80 30.62 3.72
CA ASP D 219 6.98 31.22 2.69
C ASP D 219 5.55 31.47 3.16
N THR D 220 5.08 30.60 4.05
CA THR D 220 3.71 30.72 4.52
C THR D 220 3.65 30.52 6.03
N ASP D 221 2.74 31.22 6.67
CA ASP D 221 2.53 31.10 8.11
C ASP D 221 1.79 29.78 8.34
N PRO D 222 2.46 28.77 8.94
CA PRO D 222 1.77 27.47 9.01
C PRO D 222 0.61 27.47 10.01
N ALA D 223 0.65 28.37 10.99
CA ALA D 223 -0.48 28.49 11.93
C ALA D 223 -1.75 28.93 11.17
N ALA D 224 -1.65 30.08 10.48
CA ALA D 224 -2.79 30.56 9.69
C ALA D 224 -3.24 29.55 8.63
N TRP D 225 -2.28 28.98 7.92
CA TRP D 225 -2.60 28.06 6.83
C TRP D 225 -3.28 26.79 7.35
N LEU D 226 -2.73 26.19 8.41
CA LEU D 226 -3.36 24.97 8.93
C LEU D 226 -4.73 25.21 9.55
N GLN D 227 -4.90 26.35 10.23
CA GLN D 227 -6.20 26.65 10.81
C GLN D 227 -7.21 26.74 9.67
N LYS D 228 -6.80 27.40 8.59
CA LYS D 228 -7.65 27.55 7.41
C LYS D 228 -7.95 26.20 6.78
N GLU D 229 -6.91 25.40 6.56
CA GLU D 229 -7.03 24.17 5.79
C GLU D 229 -7.66 23.01 6.57
N ILE D 230 -7.06 22.66 7.70
CA ILE D 230 -7.49 21.46 8.41
C ILE D 230 -8.18 21.81 9.72
N GLY D 231 -8.32 23.11 9.98
CA GLY D 231 -8.96 23.59 11.18
C GLY D 231 -8.09 23.43 12.41
N GLY D 232 -6.77 23.43 12.19
CA GLY D 232 -5.84 23.24 13.28
C GLY D 232 -5.58 21.76 13.50
N ALA D 233 -4.43 21.44 14.06
CA ALA D 233 -4.04 20.06 14.29
C ALA D 233 -4.45 19.61 15.70
N HIS D 234 -4.97 18.38 15.83
CA HIS D 234 -5.30 17.87 17.15
C HIS D 234 -4.07 17.75 18.04
N GLY D 235 -2.93 17.41 17.42
CA GLY D 235 -1.68 17.34 18.16
C GLY D 235 -0.56 17.96 17.36
N VAL D 236 0.47 18.43 18.07
CA VAL D 236 1.71 18.88 17.44
C VAL D 236 2.90 18.23 18.15
N LEU D 237 3.75 17.53 17.40
CA LEU D 237 5.01 17.00 17.96
C LEU D 237 6.15 17.93 17.54
N VAL D 238 6.74 18.62 18.50
CA VAL D 238 7.81 19.56 18.16
C VAL D 238 9.17 18.86 18.35
N THR D 239 9.82 18.49 17.24
CA THR D 239 11.04 17.69 17.35
C THR D 239 12.31 18.55 17.41
N ALA D 240 12.21 19.79 16.95
CA ALA D 240 13.33 20.72 17.11
C ALA D 240 12.78 21.87 17.89
N VAL D 241 13.09 21.87 19.19
CA VAL D 241 12.41 22.79 20.08
C VAL D 241 13.12 24.14 20.15
N SER D 242 12.76 25.04 19.24
CA SER D 242 13.24 26.41 19.25
C SER D 242 12.08 27.32 19.70
N PRO D 243 12.39 28.56 20.11
CA PRO D 243 11.29 29.46 20.48
C PRO D 243 10.30 29.66 19.33
N LYS D 244 10.79 29.84 18.11
CA LYS D 244 9.89 29.98 16.98
C LYS D 244 9.00 28.75 16.76
N ALA D 245 9.60 27.55 16.79
CA ALA D 245 8.83 26.33 16.62
C ALA D 245 7.74 26.18 17.70
N PHE D 246 8.08 26.57 18.92
CA PHE D 246 7.18 26.47 20.08
C PHE D 246 5.99 27.41 19.93
N SER D 247 6.28 28.67 19.60
CA SER D 247 5.19 29.64 19.43
C SER D 247 4.33 29.30 18.22
N GLN D 248 4.94 28.80 17.15
CA GLN D 248 4.14 28.37 16.01
C GLN D 248 3.28 27.15 16.32
N ALA D 249 3.76 26.24 17.17
CA ALA D 249 2.96 25.11 17.59
C ALA D 249 1.71 25.59 18.32
N ILE D 250 1.84 26.62 19.14
CA ILE D 250 0.67 27.15 19.85
C ILE D 250 -0.37 27.69 18.84
N GLY D 251 0.11 28.23 17.74
CA GLY D 251 -0.78 28.71 16.68
C GLY D 251 -1.38 27.66 15.76
N MET D 252 -0.68 26.54 15.57
CA MET D 252 -1.14 25.47 14.68
C MET D 252 -2.15 24.53 15.32
N VAL D 253 -2.07 24.37 16.64
CA VAL D 253 -2.91 23.38 17.33
C VAL D 253 -4.35 23.90 17.39
N ARG D 254 -5.35 23.02 17.20
CA ARG D 254 -6.73 23.46 17.39
C ARG D 254 -7.01 23.60 18.87
N ARG D 255 -8.10 24.29 19.22
CA ARG D 255 -8.46 24.41 20.62
C ARG D 255 -8.60 23.03 21.22
N GLY D 256 -8.14 22.88 22.46
CA GLY D 256 -8.22 21.60 23.15
C GLY D 256 -7.11 20.63 22.76
N GLY D 257 -6.26 21.05 21.82
CA GLY D 257 -5.19 20.20 21.30
C GLY D 257 -4.01 20.05 22.26
N THR D 258 -3.07 19.19 21.89
CA THR D 258 -1.89 18.93 22.73
C THR D 258 -0.59 19.03 21.95
N ILE D 259 0.33 19.77 22.52
CA ILE D 259 1.63 20.00 21.93
C ILE D 259 2.62 19.23 22.79
N ALA D 260 3.32 18.27 22.17
CA ALA D 260 4.37 17.49 22.85
C ALA D 260 5.74 18.02 22.43
N LEU D 261 6.56 18.36 23.42
CA LEU D 261 7.90 18.93 23.19
C LEU D 261 8.94 17.84 23.36
N ASN D 262 9.66 17.54 22.29
CA ASN D 262 10.48 16.32 22.21
C ASN D 262 11.99 16.53 22.33
N GLY D 263 12.40 17.72 22.77
CA GLY D 263 13.82 18.05 22.81
C GLY D 263 14.17 18.94 23.99
N LEU D 264 15.48 19.08 24.24
CA LEU D 264 16.00 19.76 25.43
C LEU D 264 16.77 21.02 25.05
N PRO D 265 16.09 22.16 24.94
CA PRO D 265 16.73 23.41 24.53
C PRO D 265 17.15 24.24 25.73
N PRO D 266 18.08 25.19 25.52
CA PRO D 266 18.50 26.12 26.57
C PRO D 266 17.54 27.30 26.75
N GLY D 267 17.40 27.79 27.98
CA GLY D 267 16.70 29.04 28.25
C GLY D 267 15.20 28.95 28.47
N ASP D 268 14.62 30.00 29.02
CA ASP D 268 13.18 30.06 29.19
C ASP D 268 12.52 30.50 27.88
N PHE D 269 11.36 29.93 27.56
CA PHE D 269 10.58 30.33 26.39
C PHE D 269 9.40 31.15 26.86
N GLY D 270 9.02 32.18 26.11
CA GLY D 270 7.88 32.98 26.50
C GLY D 270 6.59 32.29 26.08
N THR D 271 5.74 31.96 27.05
CA THR D 271 4.50 31.27 26.74
C THR D 271 3.30 32.24 26.85
N PRO D 272 2.52 32.38 25.77
CA PRO D 272 1.36 33.30 25.80
C PRO D 272 0.20 32.76 26.63
N ILE D 273 -0.01 33.37 27.78
CA ILE D 273 -1.03 32.94 28.73
C ILE D 273 -2.41 32.93 28.11
N PHE D 274 -2.80 34.05 27.49
CA PHE D 274 -4.13 34.22 26.92
C PHE D 274 -4.48 33.11 25.93
N ASP D 275 -3.57 32.81 25.00
CA ASP D 275 -3.81 31.81 23.98
C ASP D 275 -3.92 30.41 24.60
N VAL D 276 -3.03 30.10 25.52
CA VAL D 276 -3.02 28.76 26.13
C VAL D 276 -4.28 28.51 26.95
N VAL D 277 -4.69 29.51 27.73
CA VAL D 277 -5.89 29.38 28.54
C VAL D 277 -7.17 29.40 27.70
N LEU D 278 -7.35 30.47 26.92
CA LEU D 278 -8.58 30.59 26.13
C LEU D 278 -8.75 29.43 25.18
N LYS D 279 -7.65 28.91 24.65
CA LYS D 279 -7.76 27.81 23.67
C LYS D 279 -7.76 26.43 24.35
N GLY D 280 -7.56 26.39 25.67
CA GLY D 280 -7.57 25.13 26.40
C GLY D 280 -6.45 24.20 25.90
N ILE D 281 -5.28 24.76 25.63
CA ILE D 281 -4.18 24.00 25.05
C ILE D 281 -3.40 23.26 26.14
N THR D 282 -2.91 22.07 25.80
CA THR D 282 -2.00 21.31 26.67
C THR D 282 -0.62 21.34 26.05
N ILE D 283 0.37 21.69 26.87
CA ILE D 283 1.78 21.59 26.48
C ILE D 283 2.47 20.57 27.39
N ARG D 284 3.18 19.61 26.81
CA ARG D 284 3.68 18.49 27.60
C ARG D 284 5.09 18.13 27.18
N GLY D 285 5.98 17.98 28.15
CA GLY D 285 7.35 17.57 27.80
C GLY D 285 7.46 16.08 27.70
N SER D 286 8.23 15.59 26.73
CA SER D 286 8.40 14.15 26.63
C SER D 286 9.68 13.81 25.90
N ILE D 287 10.53 13.05 26.54
CA ILE D 287 11.72 12.54 25.85
C ILE D 287 11.97 11.10 26.28
N VAL D 288 12.56 10.32 25.37
CA VAL D 288 12.68 8.87 25.50
C VAL D 288 11.37 8.20 25.94
N GLY D 289 11.49 7.13 26.72
CA GLY D 289 10.31 6.36 27.10
C GLY D 289 10.67 5.24 28.05
N THR D 290 9.64 4.65 28.66
CA THR D 290 9.81 3.57 29.61
C THR D 290 10.23 2.30 28.87
N ARG D 291 10.52 1.24 29.61
CA ARG D 291 10.88 -0.02 28.95
C ARG D 291 9.72 -0.50 28.07
N SER D 292 8.49 -0.34 28.55
CA SER D 292 7.32 -0.71 27.75
C SER D 292 7.23 0.12 26.45
N ASP D 293 7.42 1.43 26.56
CA ASP D 293 7.41 2.29 25.36
C ASP D 293 8.49 1.85 24.37
N LEU D 294 9.67 1.52 24.88
CA LEU D 294 10.80 1.10 24.03
C LEU D 294 10.45 -0.18 23.27
N GLN D 295 9.96 -1.20 23.99
CA GLN D 295 9.59 -2.44 23.31
C GLN D 295 8.50 -2.21 22.25
N GLU D 296 7.52 -1.37 22.56
CA GLU D 296 6.45 -1.06 21.62
C GLU D 296 7.05 -0.37 20.40
N SER D 297 7.94 0.59 20.64
CA SER D 297 8.56 1.30 19.52
C SER D 297 9.40 0.36 18.62
N LEU D 298 10.08 -0.59 19.24
CA LEU D 298 10.89 -1.58 18.48
C LEU D 298 10.00 -2.46 17.60
N ASP D 299 8.81 -2.78 18.08
CA ASP D 299 7.87 -3.59 17.29
C ASP D 299 7.55 -2.90 15.95
N PHE D 300 7.37 -1.58 15.94
CA PHE D 300 7.07 -0.91 14.66
C PHE D 300 8.23 -1.08 13.67
N ALA D 301 9.47 -1.04 14.16
CA ALA D 301 10.62 -1.25 13.28
C ALA D 301 10.62 -2.70 12.77
N ALA D 302 10.31 -3.64 13.67
CA ALA D 302 10.32 -5.06 13.33
C ALA D 302 9.31 -5.37 12.20
N HIS D 303 8.20 -4.65 12.17
CA HIS D 303 7.14 -4.92 11.21
C HIS D 303 7.33 -4.16 9.91
N GLY D 304 8.41 -3.41 9.81
CA GLY D 304 8.69 -2.66 8.58
C GLY D 304 7.95 -1.34 8.45
N ASP D 305 7.32 -0.89 9.53
CA ASP D 305 6.53 0.34 9.51
C ASP D 305 7.42 1.57 9.66
N VAL D 306 8.57 1.39 10.27
CA VAL D 306 9.47 2.51 10.55
C VAL D 306 10.90 2.11 10.20
N LYS D 307 11.59 2.96 9.43
CA LYS D 307 12.98 2.70 9.10
C LYS D 307 13.73 4.02 9.16
N ALA D 308 14.70 4.11 10.05
CA ALA D 308 15.49 5.34 10.13
C ALA D 308 16.41 5.45 8.93
N THR D 309 16.65 6.68 8.46
CA THR D 309 17.71 6.88 7.48
C THR D 309 19.04 6.80 8.22
N VAL D 310 19.90 5.87 7.83
CA VAL D 310 21.14 5.66 8.57
C VAL D 310 22.33 5.58 7.61
N SER D 311 23.47 6.12 8.04
CA SER D 311 24.75 5.91 7.36
C SER D 311 25.72 5.46 8.43
N THR D 312 26.80 4.76 8.07
CA THR D 312 27.70 4.29 9.11
C THR D 312 29.02 5.05 9.14
N ALA D 313 29.75 4.86 10.23
CA ALA D 313 31.09 5.42 10.37
C ALA D 313 31.86 4.46 11.25
N LYS D 314 33.19 4.58 11.25
CA LYS D 314 34.03 3.80 12.15
C LYS D 314 34.24 4.53 13.48
N LEU D 315 34.42 3.78 14.55
CA LEU D 315 34.74 4.37 15.84
C LEU D 315 35.91 5.36 15.75
N ASP D 316 36.93 4.99 14.97
CA ASP D 316 38.14 5.82 14.84
C ASP D 316 37.84 7.20 14.24
N ASP D 317 36.72 7.31 13.55
CA ASP D 317 36.35 8.57 12.91
C ASP D 317 35.27 9.33 13.67
N VAL D 318 35.06 9.00 14.93
CA VAL D 318 33.98 9.62 15.69
C VAL D 318 34.08 11.15 15.72
N ASN D 319 35.30 11.68 15.75
CA ASN D 319 35.46 13.14 15.70
C ASN D 319 35.04 13.78 14.39
N ASP D 320 35.25 13.08 13.28
CA ASP D 320 34.77 13.57 11.98
C ASP D 320 33.23 13.56 11.97
N VAL D 321 32.65 12.53 12.59
CA VAL D 321 31.21 12.49 12.79
C VAL D 321 30.71 13.65 13.65
N PHE D 322 31.30 13.86 14.83
CA PHE D 322 30.91 15.00 15.67
C PHE D 322 30.99 16.31 14.87
N GLY D 323 32.00 16.42 14.01
CA GLY D 323 32.16 17.59 13.16
C GLY D 323 30.97 17.80 12.23
N ARG D 324 30.62 16.77 11.46
CA ARG D 324 29.45 16.84 10.58
C ARG D 324 28.20 17.22 11.39
N LEU D 325 28.02 16.60 12.55
CA LEU D 325 26.84 16.82 13.37
C LEU D 325 26.75 18.28 13.81
N ARG D 326 27.86 18.81 14.32
CA ARG D 326 27.90 20.21 14.76
C ARG D 326 27.65 21.17 13.61
N GLU D 327 28.18 20.84 12.44
CA GLU D 327 28.02 21.71 11.29
C GLU D 327 26.62 21.63 10.69
N GLY D 328 25.81 20.69 11.18
CA GLY D 328 24.48 20.47 10.64
C GLY D 328 24.49 19.72 9.33
N LYS D 329 25.54 18.94 9.09
CA LYS D 329 25.70 18.25 7.80
C LYS D 329 25.14 16.82 7.81
N VAL D 330 24.65 16.36 8.95
CA VAL D 330 24.14 15.00 9.06
C VAL D 330 22.67 14.93 8.63
N GLU D 331 22.42 14.11 7.62
CA GLU D 331 21.04 13.82 7.28
C GLU D 331 20.71 12.46 7.89
N GLY D 332 19.58 12.38 8.57
CA GLY D 332 19.20 11.16 9.24
C GLY D 332 20.04 10.96 10.48
N ARG D 333 20.51 9.73 10.65
CA ARG D 333 21.33 9.38 11.80
C ARG D 333 22.61 8.68 11.33
N VAL D 334 23.70 8.92 12.04
CA VAL D 334 24.95 8.19 11.86
C VAL D 334 25.07 7.13 12.95
N VAL D 335 25.55 5.96 12.56
CA VAL D 335 25.68 4.85 13.49
C VAL D 335 27.07 4.26 13.30
N LEU D 336 27.80 4.15 14.39
CA LEU D 336 29.15 3.59 14.34
C LEU D 336 28.99 2.09 14.15
N ASP D 337 29.77 1.52 13.23
CA ASP D 337 29.63 0.10 12.87
C ASP D 337 30.86 -0.67 13.38
N PHE D 338 30.63 -1.60 14.30
CA PHE D 338 31.72 -2.35 14.95
C PHE D 338 31.86 -3.73 14.34
N SER D 339 31.01 -4.05 13.35
CA SER D 339 30.98 -5.39 12.77
C SER D 339 32.27 -5.65 12.02
N ARG D 340 32.73 -6.91 11.99
CA ARG D 340 34.03 -7.23 11.44
C ARG D 340 34.08 -6.96 9.93
N ALA E 1 43.74 -46.14 -30.62
CA ALA E 1 44.10 -45.46 -29.38
C ALA E 1 44.73 -44.09 -29.64
N MET E 2 45.35 -43.92 -30.81
CA MET E 2 46.03 -42.66 -31.08
C MET E 2 45.47 -41.94 -32.33
N MET E 3 45.62 -40.61 -32.36
CA MET E 3 45.11 -39.82 -33.48
C MET E 3 46.00 -38.62 -33.70
N LYS E 4 45.96 -38.07 -34.90
CA LYS E 4 46.66 -36.85 -35.19
C LYS E 4 45.81 -35.66 -34.73
N ALA E 5 46.46 -34.62 -34.20
CA ALA E 5 45.77 -33.39 -33.77
C ALA E 5 46.71 -32.18 -33.80
N ALA E 6 46.18 -30.98 -34.06
CA ALA E 6 47.00 -29.78 -33.93
C ALA E 6 46.77 -29.22 -32.52
N VAL E 7 47.81 -29.24 -31.70
CA VAL E 7 47.70 -28.82 -30.30
C VAL E 7 48.32 -27.46 -30.01
N VAL E 8 47.68 -26.69 -29.14
CA VAL E 8 48.28 -25.48 -28.58
C VAL E 8 48.94 -25.88 -27.26
N ARG E 9 50.27 -26.02 -27.31
CA ARG E 9 51.05 -26.42 -26.14
C ARG E 9 51.45 -25.20 -25.33
N ALA E 10 51.63 -24.08 -26.02
CA ALA E 10 52.01 -22.83 -25.39
C ALA E 10 51.52 -21.68 -26.26
N PHE E 11 50.97 -20.67 -25.61
CA PHE E 11 50.34 -19.56 -26.32
C PHE E 11 51.32 -18.83 -27.20
N GLY E 12 50.82 -18.18 -28.26
CA GLY E 12 51.64 -17.38 -29.15
C GLY E 12 52.55 -18.17 -30.09
N ALA E 13 52.81 -19.43 -29.75
CA ALA E 13 53.70 -20.31 -30.50
C ALA E 13 52.95 -20.96 -31.66
N PRO E 14 53.70 -21.48 -32.64
CA PRO E 14 53.06 -22.29 -33.68
C PRO E 14 52.43 -23.54 -33.07
N LEU E 15 51.30 -23.99 -33.63
CA LEU E 15 50.68 -25.21 -33.16
C LEU E 15 51.51 -26.42 -33.55
N THR E 16 51.47 -27.45 -32.70
CA THR E 16 52.21 -28.67 -32.97
C THR E 16 51.31 -29.79 -33.45
N ILE E 17 51.70 -30.44 -34.54
CA ILE E 17 50.91 -31.56 -35.05
C ILE E 17 51.39 -32.84 -34.40
N ASP E 18 50.65 -33.30 -33.38
CA ASP E 18 51.10 -34.44 -32.59
C ASP E 18 50.16 -35.62 -32.71
N GLU E 19 50.63 -36.79 -32.32
CA GLU E 19 49.76 -37.93 -32.11
C GLU E 19 49.42 -37.93 -30.64
N VAL E 20 48.13 -38.04 -30.35
CA VAL E 20 47.63 -37.96 -28.98
C VAL E 20 46.60 -39.05 -28.83
N PRO E 21 46.22 -39.38 -27.60
CA PRO E 21 45.21 -40.42 -27.40
C PRO E 21 43.88 -40.01 -28.04
N VAL E 22 43.07 -40.98 -28.43
CA VAL E 22 41.73 -40.72 -28.93
C VAL E 22 40.79 -40.56 -27.73
N PRO E 23 40.02 -39.44 -27.68
CA PRO E 23 39.11 -39.30 -26.54
C PRO E 23 37.95 -40.30 -26.63
N GLN E 24 37.58 -40.89 -25.50
CA GLN E 24 36.49 -41.86 -25.47
C GLN E 24 35.29 -41.25 -24.77
N PRO E 25 34.08 -41.54 -25.26
CA PRO E 25 32.85 -41.00 -24.67
C PRO E 25 32.37 -41.73 -23.44
N GLY E 26 32.09 -41.00 -22.38
CA GLY E 26 31.42 -41.55 -21.22
C GLY E 26 29.91 -41.44 -21.31
N PRO E 27 29.23 -41.68 -20.18
CA PRO E 27 27.78 -41.54 -20.11
C PRO E 27 27.33 -40.16 -20.63
N GLY E 28 26.29 -40.15 -21.45
CA GLY E 28 25.75 -38.90 -21.97
C GLY E 28 26.66 -38.18 -22.96
N GLN E 29 27.74 -38.82 -23.40
CA GLN E 29 28.63 -38.23 -24.40
C GLN E 29 28.62 -39.03 -25.71
N VAL E 30 29.11 -38.43 -26.78
CA VAL E 30 29.32 -39.14 -28.04
C VAL E 30 30.69 -38.83 -28.57
N GLN E 31 31.19 -39.69 -29.44
CA GLN E 31 32.44 -39.46 -30.13
C GLN E 31 32.11 -39.13 -31.58
N VAL E 32 32.85 -38.19 -32.15
CA VAL E 32 32.64 -37.78 -33.54
C VAL E 32 33.94 -37.96 -34.31
N LYS E 33 33.87 -38.69 -35.43
CA LYS E 33 35.04 -38.83 -36.29
C LYS E 33 35.00 -37.71 -37.29
N ILE E 34 36.01 -36.86 -37.23
CA ILE E 34 36.00 -35.62 -38.02
C ILE E 34 36.27 -35.82 -39.52
N GLU E 35 35.43 -35.23 -40.36
CA GLU E 35 35.65 -35.28 -41.82
C GLU E 35 36.18 -33.96 -42.36
N ALA E 36 35.76 -32.84 -41.76
CA ALA E 36 36.24 -31.51 -42.13
C ALA E 36 36.15 -30.60 -40.90
N SER E 37 36.90 -29.51 -40.88
CA SER E 37 36.99 -28.71 -39.65
C SER E 37 37.31 -27.26 -40.02
N GLY E 38 36.32 -26.37 -39.92
CA GLY E 38 36.52 -24.99 -40.33
C GLY E 38 37.49 -24.23 -39.45
N VAL E 39 38.18 -23.27 -40.02
CA VAL E 39 39.09 -22.39 -39.27
C VAL E 39 38.45 -21.00 -39.08
N CYS E 40 38.17 -20.62 -37.82
CA CYS E 40 37.51 -19.33 -37.46
C CYS E 40 38.64 -18.37 -37.07
N HIS E 41 38.42 -17.08 -37.28
CA HIS E 41 39.36 -16.09 -36.79
C HIS E 41 39.49 -16.20 -35.24
N THR E 42 38.43 -16.66 -34.59
CA THR E 42 38.45 -16.93 -33.16
C THR E 42 39.60 -17.87 -32.77
N ASP E 43 39.89 -18.84 -33.63
CA ASP E 43 40.95 -19.81 -33.34
C ASP E 43 42.32 -19.13 -33.17
N LEU E 44 42.54 -18.05 -33.90
CA LEU E 44 43.78 -17.28 -33.76
C LEU E 44 43.97 -16.80 -32.32
N HIS E 45 42.89 -16.33 -31.71
CA HIS E 45 42.91 -15.83 -30.33
C HIS E 45 43.03 -16.93 -29.29
N ALA E 46 42.34 -18.04 -29.49
CA ALA E 46 42.53 -19.22 -28.64
C ALA E 46 44.02 -19.59 -28.55
N ALA E 47 44.70 -19.53 -29.69
CA ALA E 47 46.09 -20.00 -29.82
C ALA E 47 47.09 -19.01 -29.22
N ASP E 48 46.78 -17.73 -29.33
CA ASP E 48 47.60 -16.69 -28.71
C ASP E 48 47.46 -16.60 -27.17
N GLY E 49 46.34 -17.06 -26.63
CA GLY E 49 46.02 -16.80 -25.23
C GLY E 49 45.67 -15.32 -25.08
N ASP E 50 45.05 -14.77 -26.11
CA ASP E 50 44.85 -13.32 -26.29
C ASP E 50 43.73 -12.70 -25.42
N TRP E 51 42.55 -13.32 -25.40
CA TRP E 51 41.36 -12.72 -24.78
C TRP E 51 41.43 -12.66 -23.25
N PRO E 52 40.60 -11.79 -22.64
CA PRO E 52 40.49 -11.61 -21.18
C PRO E 52 40.51 -12.94 -20.44
N VAL E 53 39.74 -13.91 -20.91
CA VAL E 53 39.69 -15.22 -20.29
C VAL E 53 40.31 -16.24 -21.24
N LYS E 54 41.34 -16.95 -20.78
CA LYS E 54 42.17 -17.77 -21.66
C LYS E 54 41.85 -19.25 -21.61
N PRO E 55 42.13 -19.97 -22.71
CA PRO E 55 42.00 -21.43 -22.67
C PRO E 55 42.99 -22.01 -21.66
N THR E 56 42.72 -23.22 -21.21
CA THR E 56 43.67 -23.96 -20.39
C THR E 56 44.61 -24.80 -21.26
N LEU E 57 45.91 -24.60 -21.07
CA LEU E 57 46.92 -25.34 -21.80
C LEU E 57 47.18 -26.74 -21.20
N PRO E 58 47.40 -27.73 -22.08
CA PRO E 58 47.35 -27.54 -23.53
C PRO E 58 45.94 -27.90 -24.05
N PHE E 59 45.58 -27.41 -25.23
CA PHE E 59 44.27 -27.72 -25.81
C PHE E 59 44.29 -27.79 -27.34
N ILE E 60 43.33 -28.54 -27.90
CA ILE E 60 43.12 -28.62 -29.35
C ILE E 60 41.98 -27.67 -29.75
N PRO E 61 42.22 -26.73 -30.68
CA PRO E 61 41.18 -25.77 -31.07
C PRO E 61 40.18 -26.38 -32.05
N GLY E 62 39.19 -25.59 -32.45
CA GLY E 62 38.34 -25.98 -33.56
C GLY E 62 36.91 -26.19 -33.13
N HIS E 63 36.03 -25.26 -33.51
CA HIS E 63 34.62 -25.37 -33.16
C HIS E 63 33.77 -25.30 -34.43
N GLU E 64 34.36 -25.75 -35.54
CA GLU E 64 33.63 -25.95 -36.78
C GLU E 64 33.92 -27.36 -37.30
N GLY E 65 34.02 -28.31 -36.38
CA GLY E 65 34.27 -29.70 -36.74
C GLY E 65 32.99 -30.42 -37.14
N VAL E 66 33.04 -31.13 -38.27
CA VAL E 66 31.90 -31.89 -38.70
C VAL E 66 32.32 -33.29 -39.08
N GLY E 67 31.42 -34.25 -38.87
CA GLY E 67 31.72 -35.63 -39.18
C GLY E 67 30.59 -36.56 -38.79
N TYR E 68 30.95 -37.82 -38.54
CA TYR E 68 29.93 -38.83 -38.22
C TYR E 68 30.07 -39.26 -36.78
N VAL E 69 28.94 -39.52 -36.11
CA VAL E 69 29.00 -40.09 -34.77
C VAL E 69 29.62 -41.47 -34.91
N SER E 70 30.76 -41.66 -34.25
CA SER E 70 31.49 -42.93 -34.33
C SER E 70 31.34 -43.81 -33.09
N ALA E 71 30.93 -43.21 -31.97
CA ALA E 71 30.70 -43.95 -30.73
C ALA E 71 29.71 -43.19 -29.83
N VAL E 72 28.89 -43.93 -29.10
CA VAL E 72 27.86 -43.37 -28.24
C VAL E 72 27.96 -43.88 -26.80
N GLY E 73 28.07 -42.95 -25.84
CA GLY E 73 28.02 -43.30 -24.43
C GLY E 73 26.60 -43.66 -24.04
N SER E 74 26.36 -43.96 -22.77
CA SER E 74 25.01 -44.35 -22.34
C SER E 74 24.06 -43.15 -22.18
N GLY E 75 22.77 -43.43 -22.22
CA GLY E 75 21.76 -42.42 -21.98
C GLY E 75 21.69 -41.36 -23.06
N VAL E 76 22.09 -41.72 -24.28
CA VAL E 76 21.99 -40.78 -25.38
C VAL E 76 20.86 -41.18 -26.31
N SER E 77 19.96 -40.25 -26.59
CA SER E 77 18.83 -40.53 -27.47
C SER E 77 18.72 -39.57 -28.65
N ARG E 78 19.36 -38.40 -28.55
CA ARG E 78 19.21 -37.42 -29.62
C ARG E 78 19.85 -37.88 -30.94
N VAL E 79 20.95 -38.63 -30.84
CA VAL E 79 21.70 -39.06 -32.02
C VAL E 79 22.19 -40.49 -31.83
N LYS E 80 22.51 -41.14 -32.94
CA LYS E 80 23.06 -42.49 -32.91
C LYS E 80 24.26 -42.60 -33.82
N GLU E 81 24.95 -43.73 -33.72
CA GLU E 81 26.14 -43.95 -34.52
C GLU E 81 25.80 -43.80 -36.00
N GLY E 82 26.70 -43.15 -36.73
CA GLY E 82 26.51 -42.89 -38.13
C GLY E 82 25.78 -41.58 -38.44
N ASP E 83 25.22 -40.93 -37.42
CA ASP E 83 24.56 -39.63 -37.64
C ASP E 83 25.60 -38.59 -38.01
N ARG E 84 25.21 -37.68 -38.89
CA ARG E 84 26.03 -36.63 -39.42
C ARG E 84 25.88 -35.41 -38.49
N VAL E 85 26.96 -34.99 -37.81
CA VAL E 85 26.83 -33.97 -36.75
C VAL E 85 28.02 -33.01 -36.75
N GLY E 86 27.84 -31.83 -36.18
CA GLY E 86 28.93 -30.87 -36.03
C GLY E 86 29.02 -30.40 -34.58
N VAL E 87 30.19 -29.95 -34.15
CA VAL E 87 30.38 -29.59 -32.74
C VAL E 87 30.75 -28.11 -32.70
N PRO E 88 29.77 -27.24 -32.36
CA PRO E 88 29.98 -25.80 -32.55
C PRO E 88 30.59 -25.17 -31.31
N TRP E 89 30.80 -23.85 -31.35
CA TRP E 89 31.31 -23.10 -30.20
C TRP E 89 30.60 -23.44 -28.88
N LEU E 90 29.27 -23.46 -28.90
CA LEU E 90 28.52 -23.78 -27.69
C LEU E 90 28.53 -25.29 -27.48
N TYR E 91 29.54 -25.75 -26.74
CA TYR E 91 29.73 -27.18 -26.52
C TYR E 91 28.64 -27.75 -25.63
N SER E 92 28.28 -27.03 -24.57
CA SER E 92 27.24 -27.47 -23.67
C SER E 92 26.76 -26.25 -22.89
N ALA E 93 25.56 -26.36 -22.33
CA ALA E 93 25.05 -25.35 -21.40
C ALA E 93 24.32 -26.11 -20.29
N CYS E 94 23.99 -25.43 -19.19
CA CYS E 94 23.45 -26.15 -18.02
C CYS E 94 22.03 -26.68 -18.21
N GLY E 95 21.22 -25.97 -19.02
CA GLY E 95 19.89 -26.47 -19.34
C GLY E 95 18.78 -25.97 -18.43
N TYR E 96 19.13 -25.30 -17.33
CA TYR E 96 18.06 -24.89 -16.40
C TYR E 96 18.20 -23.53 -15.73
N CYS E 97 19.27 -22.79 -16.01
CA CYS E 97 19.34 -21.40 -15.54
C CYS E 97 18.30 -20.58 -16.30
N GLU E 98 18.13 -19.33 -15.88
CA GLU E 98 17.16 -18.43 -16.53
C GLU E 98 17.35 -18.33 -18.06
N HIS E 99 18.60 -18.13 -18.51
CA HIS E 99 18.88 -18.07 -19.95
C HIS E 99 18.52 -19.35 -20.66
N CYS E 100 18.95 -20.48 -20.09
CA CYS E 100 18.66 -21.76 -20.71
C CYS E 100 17.15 -21.97 -20.78
N LEU E 101 16.42 -21.61 -19.73
CA LEU E 101 14.96 -21.87 -19.72
C LEU E 101 14.28 -21.01 -20.76
N GLN E 102 14.87 -19.84 -21.02
CA GLN E 102 14.31 -18.86 -21.96
C GLN E 102 14.71 -19.11 -23.41
N GLY E 103 15.48 -20.17 -23.65
CA GLY E 103 15.89 -20.50 -25.00
C GLY E 103 17.04 -19.62 -25.44
N TRP E 104 17.82 -19.15 -24.47
CA TRP E 104 18.99 -18.32 -24.75
C TRP E 104 20.24 -19.00 -24.18
N GLU E 105 20.41 -20.27 -24.51
CA GLU E 105 21.51 -21.06 -23.93
C GLU E 105 22.88 -20.47 -24.28
N THR E 106 22.92 -19.63 -25.30
CA THR E 106 24.18 -18.93 -25.66
C THR E 106 24.66 -17.97 -24.59
N LEU E 107 23.77 -17.59 -23.67
CA LEU E 107 24.12 -16.71 -22.57
C LEU E 107 24.41 -17.47 -21.27
N CYS E 108 24.38 -18.79 -21.32
CA CYS E 108 24.54 -19.60 -20.11
C CYS E 108 25.91 -19.32 -19.50
N GLU E 109 25.93 -18.90 -18.24
CA GLU E 109 27.19 -18.67 -17.54
C GLU E 109 27.99 -19.95 -17.26
N LYS E 110 27.34 -21.10 -17.33
CA LYS E 110 28.00 -22.38 -17.10
C LYS E 110 28.40 -23.08 -18.41
N GLN E 111 28.30 -22.39 -19.54
CA GLN E 111 28.59 -23.05 -20.83
C GLN E 111 30.06 -23.47 -20.96
N GLN E 112 30.29 -24.52 -21.76
CA GLN E 112 31.65 -24.85 -22.21
C GLN E 112 31.73 -24.49 -23.68
N ASN E 113 32.95 -24.15 -24.12
CA ASN E 113 33.17 -23.75 -25.52
C ASN E 113 34.18 -24.65 -26.22
N THR E 114 33.73 -25.21 -27.32
CA THR E 114 34.52 -26.14 -28.08
C THR E 114 35.80 -25.51 -28.63
N GLY E 115 36.93 -26.20 -28.45
CA GLY E 115 38.17 -25.67 -28.98
C GLY E 115 38.61 -24.43 -28.21
N TYR E 116 38.22 -24.35 -26.95
CA TYR E 116 38.63 -23.22 -26.13
C TYR E 116 38.77 -23.68 -24.69
N SER E 117 37.64 -24.01 -24.06
CA SER E 117 37.64 -24.50 -22.69
C SER E 117 37.64 -26.03 -22.61
N VAL E 118 37.23 -26.68 -23.71
CA VAL E 118 37.38 -28.13 -23.88
C VAL E 118 37.99 -28.37 -25.26
N ASN E 119 38.54 -29.55 -25.48
CA ASN E 119 39.17 -29.81 -26.77
C ASN E 119 38.18 -29.82 -27.94
N GLY E 120 38.63 -29.33 -29.09
CA GLY E 120 37.77 -29.24 -30.26
C GLY E 120 38.17 -30.11 -31.45
N GLY E 121 37.91 -29.59 -32.65
CA GLY E 121 37.90 -30.43 -33.84
C GLY E 121 39.11 -30.39 -34.73
N TYR E 122 40.21 -29.78 -34.27
CA TYR E 122 41.46 -29.82 -35.05
C TYR E 122 42.15 -31.16 -34.78
N GLY E 123 41.40 -32.25 -34.94
CA GLY E 123 41.87 -33.59 -34.61
C GLY E 123 41.01 -34.62 -35.29
N GLU E 124 41.44 -35.88 -35.32
CA GLU E 124 40.70 -36.89 -36.05
C GLU E 124 39.40 -37.26 -35.37
N TYR E 125 39.37 -37.12 -34.04
CA TYR E 125 38.19 -37.45 -33.26
C TYR E 125 37.97 -36.39 -32.19
N VAL E 126 36.73 -36.19 -31.80
CA VAL E 126 36.42 -35.26 -30.71
C VAL E 126 35.21 -35.78 -29.95
N VAL E 127 35.25 -35.64 -28.62
CA VAL E 127 34.10 -36.04 -27.81
C VAL E 127 33.20 -34.82 -27.61
N ALA E 128 31.89 -35.03 -27.72
CA ALA E 128 30.93 -33.94 -27.72
C ALA E 128 29.74 -34.25 -26.82
N ASP E 129 29.02 -33.20 -26.42
CA ASP E 129 27.73 -33.38 -25.78
C ASP E 129 26.65 -33.46 -26.87
N PRO E 130 25.98 -34.61 -26.99
CA PRO E 130 25.00 -34.78 -28.07
C PRO E 130 23.83 -33.82 -27.95
N ASN E 131 23.57 -33.30 -26.76
CA ASN E 131 22.47 -32.36 -26.62
C ASN E 131 22.71 -31.03 -27.34
N TYR E 132 23.95 -30.73 -27.67
CA TYR E 132 24.32 -29.42 -28.22
C TYR E 132 24.97 -29.49 -29.61
N VAL E 133 25.18 -30.69 -30.14
CA VAL E 133 25.74 -30.77 -31.48
C VAL E 133 24.74 -30.27 -32.52
N GLY E 134 25.25 -29.79 -33.66
CA GLY E 134 24.41 -29.51 -34.83
C GLY E 134 24.08 -30.80 -35.55
N LEU E 135 22.81 -30.96 -35.94
CA LEU E 135 22.38 -32.10 -36.74
C LEU E 135 22.41 -31.69 -38.24
N LEU E 136 23.34 -32.28 -38.99
CA LEU E 136 23.69 -31.73 -40.30
C LEU E 136 22.82 -32.30 -41.40
N PRO E 137 22.60 -31.51 -42.46
CA PRO E 137 21.80 -32.03 -43.58
C PRO E 137 22.58 -33.03 -44.43
N ASP E 138 21.93 -34.09 -44.87
CA ASP E 138 22.58 -35.09 -45.72
C ASP E 138 23.15 -34.52 -47.01
N LYS E 139 22.42 -33.57 -47.60
CA LYS E 139 22.72 -33.14 -48.95
C LYS E 139 23.80 -32.06 -49.10
N VAL E 140 24.39 -31.61 -47.98
CA VAL E 140 25.51 -30.69 -48.06
C VAL E 140 26.78 -31.42 -47.64
N GLY E 141 27.83 -31.29 -48.44
CA GLY E 141 29.09 -31.96 -48.13
C GLY E 141 29.71 -31.44 -46.83
N PHE E 142 30.62 -32.21 -46.27
CA PHE E 142 31.27 -31.81 -45.02
C PHE E 142 32.07 -30.52 -45.15
N VAL E 143 32.83 -30.38 -46.24
CA VAL E 143 33.69 -29.21 -46.38
C VAL E 143 32.82 -27.93 -46.47
N GLU E 144 31.75 -28.01 -47.27
CA GLU E 144 30.82 -26.87 -47.46
C GLU E 144 30.00 -26.53 -46.22
N ILE E 145 29.65 -27.54 -45.42
CA ILE E 145 28.77 -27.28 -44.28
C ILE E 145 29.54 -26.76 -43.06
N ALA E 146 30.84 -27.07 -43.00
CA ALA E 146 31.62 -26.79 -41.79
C ALA E 146 31.47 -25.34 -41.33
N PRO E 147 31.61 -24.35 -42.25
CA PRO E 147 31.54 -22.96 -41.77
C PRO E 147 30.16 -22.55 -41.22
N ILE E 148 29.11 -23.28 -41.54
CA ILE E 148 27.78 -22.90 -41.05
C ILE E 148 27.72 -23.11 -39.54
N LEU E 149 28.58 -23.99 -39.02
CA LEU E 149 28.61 -24.29 -37.57
C LEU E 149 29.05 -23.11 -36.72
N CYS E 150 29.70 -22.12 -37.35
CA CYS E 150 30.04 -20.89 -36.64
C CYS E 150 29.79 -19.63 -37.48
N ALA E 151 30.50 -19.47 -38.61
CA ALA E 151 30.23 -18.34 -39.50
C ALA E 151 28.72 -18.18 -39.78
N GLY E 152 28.10 -19.27 -40.20
CA GLY E 152 26.71 -19.27 -40.63
C GLY E 152 25.71 -18.95 -39.52
N VAL E 153 25.71 -19.76 -38.48
CA VAL E 153 24.77 -19.54 -37.37
C VAL E 153 25.01 -18.17 -36.72
N THR E 154 26.26 -17.73 -36.65
CA THR E 154 26.54 -16.43 -36.03
C THR E 154 25.90 -15.26 -36.81
N VAL E 155 26.08 -15.24 -38.12
CA VAL E 155 25.53 -14.11 -38.89
C VAL E 155 24.03 -14.22 -39.08
N TYR E 156 23.52 -15.46 -39.08
CA TYR E 156 22.10 -15.68 -39.17
C TYR E 156 21.43 -15.07 -37.94
N LYS E 157 21.93 -15.42 -36.76
CA LYS E 157 21.37 -14.89 -35.53
C LYS E 157 21.61 -13.38 -35.46
N GLY E 158 22.80 -12.95 -35.87
CA GLY E 158 23.14 -11.55 -35.89
C GLY E 158 22.15 -10.76 -36.73
N LEU E 159 21.80 -11.29 -37.90
CA LEU E 159 20.81 -10.60 -38.74
C LEU E 159 19.41 -10.59 -38.08
N LYS E 160 19.03 -11.68 -37.42
CA LYS E 160 17.77 -11.70 -36.70
C LYS E 160 17.71 -10.57 -35.67
N VAL E 161 18.79 -10.35 -34.94
CA VAL E 161 18.75 -9.33 -33.90
C VAL E 161 19.00 -7.90 -34.38
N THR E 162 19.20 -7.69 -35.68
CA THR E 162 19.17 -6.32 -36.23
C THR E 162 17.73 -5.78 -36.25
N ASP E 163 16.76 -6.67 -36.06
CA ASP E 163 15.33 -6.28 -36.05
C ASP E 163 14.89 -5.63 -37.38
N THR E 164 15.50 -6.07 -38.47
CA THR E 164 15.17 -5.58 -39.80
C THR E 164 14.10 -6.50 -40.42
N ARG E 165 13.41 -6.03 -41.45
CA ARG E 165 12.27 -6.74 -42.00
C ARG E 165 12.41 -6.77 -43.52
N PRO E 166 11.77 -7.73 -44.20
CA PRO E 166 11.92 -7.79 -45.65
C PRO E 166 11.69 -6.44 -46.30
N GLY E 167 12.50 -6.12 -47.32
CA GLY E 167 12.39 -4.86 -48.02
C GLY E 167 13.32 -3.80 -47.48
N GLN E 168 13.71 -3.95 -46.20
CA GLN E 168 14.62 -2.99 -45.55
C GLN E 168 16.09 -3.22 -45.96
N TRP E 169 16.92 -2.21 -45.71
CA TRP E 169 18.35 -2.27 -46.02
C TRP E 169 19.15 -2.73 -44.83
N VAL E 170 20.04 -3.69 -45.05
CA VAL E 170 21.04 -4.01 -44.07
C VAL E 170 22.43 -3.83 -44.69
N VAL E 171 23.37 -3.32 -43.90
CA VAL E 171 24.78 -3.32 -44.29
C VAL E 171 25.50 -4.49 -43.66
N ILE E 172 26.32 -5.18 -44.43
CA ILE E 172 27.24 -6.15 -43.85
C ILE E 172 28.62 -5.50 -43.84
N SER E 173 29.21 -5.35 -42.67
CA SER E 173 30.53 -4.76 -42.54
C SER E 173 31.59 -5.84 -42.29
N GLY E 174 32.51 -6.00 -43.24
CA GLY E 174 33.49 -7.07 -43.17
C GLY E 174 33.03 -8.31 -43.92
N ILE E 175 33.53 -8.50 -45.14
CA ILE E 175 33.11 -9.61 -45.98
C ILE E 175 34.13 -10.76 -45.94
N GLY E 176 34.30 -11.34 -44.75
CA GLY E 176 35.21 -12.46 -44.58
C GLY E 176 34.47 -13.75 -44.38
N GLY E 177 34.97 -14.61 -43.51
CA GLY E 177 34.32 -15.89 -43.27
C GLY E 177 32.87 -15.67 -42.89
N LEU E 178 32.66 -14.79 -41.91
CA LEU E 178 31.31 -14.50 -41.43
C LEU E 178 30.56 -13.66 -42.49
N GLY E 179 31.18 -12.59 -42.95
CA GLY E 179 30.49 -11.64 -43.81
C GLY E 179 30.02 -12.15 -45.16
N HIS E 180 30.81 -13.01 -45.80
CA HIS E 180 30.44 -13.46 -47.13
C HIS E 180 29.19 -14.35 -47.03
N VAL E 181 29.00 -15.02 -45.90
CA VAL E 181 27.80 -15.83 -45.76
C VAL E 181 26.64 -14.94 -45.27
N ALA E 182 26.96 -13.88 -44.54
CA ALA E 182 25.92 -12.95 -44.04
C ALA E 182 25.16 -12.32 -45.21
N VAL E 183 25.88 -11.99 -46.28
CA VAL E 183 25.26 -11.41 -47.47
C VAL E 183 24.15 -12.36 -47.96
N GLN E 184 24.47 -13.64 -47.96
CA GLN E 184 23.55 -14.65 -48.47
C GLN E 184 22.36 -14.89 -47.54
N TYR E 185 22.61 -14.97 -46.23
CA TYR E 185 21.48 -15.07 -45.30
C TYR E 185 20.56 -13.85 -45.41
N ALA E 186 21.15 -12.67 -45.49
CA ALA E 186 20.34 -11.44 -45.58
C ALA E 186 19.44 -11.46 -46.81
N ARG E 187 19.96 -11.90 -47.96
CA ARG E 187 19.12 -11.99 -49.15
C ARG E 187 18.01 -13.03 -48.97
N ALA E 188 18.35 -14.15 -48.33
CA ALA E 188 17.36 -15.19 -48.07
C ALA E 188 16.26 -14.70 -47.11
N MET E 189 16.57 -13.68 -46.33
CA MET E 189 15.62 -13.13 -45.35
C MET E 189 14.89 -11.93 -45.93
N GLY E 190 15.09 -11.70 -47.23
CA GLY E 190 14.34 -10.66 -47.94
C GLY E 190 14.87 -9.24 -47.79
N LEU E 191 16.09 -9.10 -47.30
CA LEU E 191 16.69 -7.78 -47.06
C LEU E 191 17.44 -7.31 -48.29
N ARG E 192 17.59 -5.98 -48.40
CA ARG E 192 18.46 -5.41 -49.42
C ARG E 192 19.82 -5.22 -48.78
N VAL E 193 20.88 -5.61 -49.48
CA VAL E 193 22.19 -5.68 -48.84
C VAL E 193 23.20 -4.67 -49.38
N ALA E 194 23.92 -4.00 -48.48
CA ALA E 194 25.08 -3.20 -48.86
C ALA E 194 26.32 -3.77 -48.15
N ALA E 195 27.47 -3.68 -48.82
CA ALA E 195 28.70 -4.28 -48.30
C ALA E 195 29.81 -3.27 -47.97
N VAL E 196 30.56 -3.54 -46.90
CA VAL E 196 31.72 -2.72 -46.54
C VAL E 196 32.91 -3.60 -46.17
N ASP E 197 34.06 -3.33 -46.77
CA ASP E 197 35.32 -3.96 -46.38
C ASP E 197 36.43 -2.98 -46.80
N ILE E 198 37.69 -3.38 -46.64
CA ILE E 198 38.82 -2.49 -46.96
C ILE E 198 39.61 -3.02 -48.15
N ASP E 199 38.93 -3.81 -48.98
CA ASP E 199 39.57 -4.49 -50.11
C ASP E 199 38.54 -4.80 -51.17
N ASP E 200 38.74 -4.28 -52.39
CA ASP E 200 37.75 -4.47 -53.47
C ASP E 200 37.47 -5.92 -53.84
N ALA E 201 38.46 -6.81 -53.70
CA ALA E 201 38.23 -8.23 -53.98
C ALA E 201 37.18 -8.80 -53.02
N LYS E 202 37.23 -8.37 -51.77
CA LYS E 202 36.28 -8.82 -50.76
C LYS E 202 34.87 -8.26 -51.05
N LEU E 203 34.85 -7.06 -51.62
CA LEU E 203 33.58 -6.41 -51.97
C LEU E 203 32.98 -7.03 -53.21
N ASN E 204 33.84 -7.43 -54.14
CA ASN E 204 33.33 -8.08 -55.34
C ASN E 204 32.72 -9.45 -54.99
N LEU E 205 33.30 -10.10 -54.00
CA LEU E 205 32.76 -11.37 -53.53
C LEU E 205 31.35 -11.11 -53.02
N ALA E 206 31.20 -10.00 -52.31
CA ALA E 206 29.91 -9.60 -51.74
C ALA E 206 28.90 -9.36 -52.86
N ARG E 207 29.29 -8.55 -53.83
CA ARG E 207 28.44 -8.27 -54.99
C ARG E 207 28.00 -9.53 -55.72
N ARG E 208 28.89 -10.50 -55.84
CA ARG E 208 28.54 -11.74 -56.53
C ARG E 208 27.56 -12.57 -55.71
N LEU E 209 27.66 -12.45 -54.39
CA LEU E 209 26.80 -13.22 -53.50
C LEU E 209 25.44 -12.55 -53.23
N GLY E 210 25.22 -11.37 -53.81
CA GLY E 210 23.93 -10.73 -53.73
C GLY E 210 23.85 -9.28 -53.24
N ALA E 211 24.98 -8.69 -52.85
CA ALA E 211 24.98 -7.30 -52.38
C ALA E 211 24.65 -6.36 -53.51
N GLU E 212 23.66 -5.50 -53.29
CA GLU E 212 23.28 -4.48 -54.27
C GLU E 212 24.31 -3.36 -54.36
N VAL E 213 24.97 -3.08 -53.26
CA VAL E 213 25.78 -1.88 -53.12
C VAL E 213 27.02 -2.23 -52.31
N ALA E 214 28.15 -1.58 -52.61
CA ALA E 214 29.40 -1.86 -51.89
C ALA E 214 30.32 -0.64 -51.81
N VAL E 215 31.14 -0.57 -50.77
CA VAL E 215 32.05 0.56 -50.58
C VAL E 215 33.32 0.16 -49.84
N ASN E 216 34.45 0.75 -50.25
CA ASN E 216 35.72 0.48 -49.62
C ASN E 216 36.07 1.55 -48.58
N ALA E 217 36.08 1.14 -47.31
CA ALA E 217 36.25 2.05 -46.16
C ALA E 217 37.63 2.73 -46.11
N ARG E 218 38.56 2.30 -46.95
CA ARG E 218 39.82 3.05 -47.06
C ARG E 218 39.91 3.94 -48.31
N ASP E 219 38.97 3.79 -49.23
CA ASP E 219 38.86 4.72 -50.37
C ASP E 219 38.10 5.97 -49.98
N THR E 220 37.14 5.80 -49.08
CA THR E 220 36.24 6.89 -48.72
C THR E 220 35.57 6.55 -47.38
N ASP E 221 34.89 7.55 -46.79
CA ASP E 221 34.10 7.33 -45.57
C ASP E 221 32.83 6.51 -45.87
N PRO E 222 32.79 5.26 -45.37
CA PRO E 222 31.66 4.37 -45.68
C PRO E 222 30.34 4.89 -45.11
N ALA E 223 30.39 5.41 -43.89
CA ALA E 223 29.19 5.94 -43.24
C ALA E 223 28.56 7.04 -44.10
N ALA E 224 29.34 8.05 -44.45
CA ALA E 224 28.81 9.16 -45.23
C ALA E 224 28.36 8.72 -46.62
N TRP E 225 29.11 7.76 -47.19
CA TRP E 225 28.82 7.24 -48.52
C TRP E 225 27.45 6.53 -48.53
N LEU E 226 27.21 5.71 -47.51
CA LEU E 226 25.95 4.97 -47.38
C LEU E 226 24.73 5.88 -47.12
N GLN E 227 24.93 6.91 -46.31
CA GLN E 227 23.85 7.86 -46.04
C GLN E 227 23.39 8.46 -47.36
N LYS E 228 24.36 8.71 -48.24
CA LYS E 228 24.07 9.27 -49.55
C LYS E 228 23.48 8.22 -50.49
N GLU E 229 24.15 7.08 -50.61
CA GLU E 229 23.71 6.03 -51.54
C GLU E 229 22.30 5.51 -51.27
N ILE E 230 22.04 5.09 -50.03
CA ILE E 230 20.79 4.40 -49.70
C ILE E 230 19.87 5.15 -48.71
N GLY E 231 20.32 6.32 -48.25
CA GLY E 231 19.56 7.07 -47.27
C GLY E 231 19.70 6.48 -45.88
N GLY E 232 20.83 5.81 -45.64
CA GLY E 232 21.07 5.14 -44.38
C GLY E 232 20.39 3.79 -44.36
N ALA E 233 20.97 2.86 -43.59
CA ALA E 233 20.47 1.50 -43.51
C ALA E 233 19.53 1.35 -42.32
N HIS E 234 18.61 0.39 -42.40
CA HIS E 234 17.77 0.10 -41.25
C HIS E 234 18.55 -0.71 -40.22
N GLY E 235 19.48 -1.51 -40.71
CA GLY E 235 20.35 -2.28 -39.81
C GLY E 235 21.75 -2.44 -40.36
N VAL E 236 22.70 -2.73 -39.47
CA VAL E 236 24.09 -3.05 -39.83
C VAL E 236 24.53 -4.28 -39.05
N LEU E 237 25.24 -5.22 -39.70
CA LEU E 237 25.87 -6.32 -38.99
C LEU E 237 27.38 -6.15 -39.14
N VAL E 238 28.07 -6.01 -38.01
CA VAL E 238 29.51 -5.78 -38.05
C VAL E 238 30.27 -7.08 -37.79
N THR E 239 30.91 -7.63 -38.82
CA THR E 239 31.70 -8.83 -38.64
C THR E 239 33.19 -8.52 -38.66
N ALA E 240 33.53 -7.24 -38.85
CA ALA E 240 34.93 -6.77 -38.97
C ALA E 240 35.83 -7.06 -37.76
N VAL E 241 37.13 -7.21 -38.02
CA VAL E 241 38.11 -7.45 -36.96
C VAL E 241 38.89 -6.16 -36.67
N SER E 242 38.21 -5.03 -36.80
CA SER E 242 38.79 -3.73 -36.55
C SER E 242 37.83 -2.89 -35.71
N PRO E 243 38.30 -2.36 -34.56
CA PRO E 243 37.55 -1.42 -33.71
C PRO E 243 37.05 -0.18 -34.46
N LYS E 244 37.85 0.38 -35.37
CA LYS E 244 37.28 1.34 -36.30
C LYS E 244 36.32 0.46 -37.07
N ALA E 245 35.46 1.01 -37.91
CA ALA E 245 34.47 0.13 -38.54
C ALA E 245 33.35 -0.17 -37.55
N PHE E 246 33.67 -0.59 -36.33
CA PHE E 246 32.64 -0.62 -35.27
C PHE E 246 32.16 0.80 -35.04
N SER E 247 33.10 1.73 -34.91
CA SER E 247 32.78 3.15 -34.80
C SER E 247 32.07 3.66 -36.05
N GLN E 248 32.52 3.23 -37.22
CA GLN E 248 31.94 3.74 -38.47
C GLN E 248 30.51 3.22 -38.71
N ALA E 249 30.25 2.00 -38.23
CA ALA E 249 28.96 1.37 -38.45
C ALA E 249 27.85 2.22 -37.84
N ILE E 250 28.14 2.80 -36.67
CA ILE E 250 27.13 3.60 -35.97
C ILE E 250 26.58 4.71 -36.86
N GLY E 251 27.41 5.20 -37.78
CA GLY E 251 27.03 6.34 -38.63
C GLY E 251 26.29 5.98 -39.91
N MET E 252 26.18 4.68 -40.18
CA MET E 252 25.52 4.22 -41.41
C MET E 252 24.02 4.04 -41.28
N VAL E 253 23.48 4.08 -40.07
CA VAL E 253 22.07 3.76 -39.91
C VAL E 253 21.13 4.97 -39.98
N ARG E 254 19.89 4.70 -40.37
CA ARG E 254 18.80 5.69 -40.29
C ARG E 254 18.49 5.90 -38.83
N ARG E 255 17.78 6.99 -38.51
CA ARG E 255 17.32 7.13 -37.14
C ARG E 255 16.51 5.91 -36.75
N GLY E 256 16.67 5.45 -35.52
CA GLY E 256 15.90 4.31 -35.06
C GLY E 256 16.52 2.98 -35.50
N GLY E 257 17.63 3.05 -36.21
CA GLY E 257 18.30 1.86 -36.73
C GLY E 257 19.04 1.05 -35.68
N THR E 258 19.46 -0.15 -36.06
CA THR E 258 20.09 -1.08 -35.12
C THR E 258 21.40 -1.61 -35.70
N ILE E 259 22.46 -1.57 -34.91
CA ILE E 259 23.75 -2.13 -35.33
C ILE E 259 24.01 -3.35 -34.48
N ALA E 260 24.16 -4.50 -35.12
CA ALA E 260 24.45 -5.74 -34.40
C ALA E 260 25.94 -6.05 -34.55
N LEU E 261 26.56 -6.47 -33.45
CA LEU E 261 28.01 -6.71 -33.43
C LEU E 261 28.36 -8.18 -33.27
N ASN E 262 29.12 -8.71 -34.23
CA ASN E 262 29.63 -10.08 -34.11
C ASN E 262 31.13 -10.12 -33.86
N GLY E 263 31.85 -9.15 -34.38
CA GLY E 263 33.31 -9.23 -34.36
C GLY E 263 33.89 -9.12 -32.97
N LEU E 264 35.06 -9.71 -32.73
CA LEU E 264 35.66 -9.67 -31.40
C LEU E 264 37.12 -9.15 -31.38
N PRO E 265 37.36 -7.97 -31.97
CA PRO E 265 38.69 -7.37 -31.82
C PRO E 265 38.88 -6.90 -30.38
N PRO E 266 40.13 -6.69 -29.97
CA PRO E 266 40.35 -6.28 -28.59
C PRO E 266 40.08 -4.79 -28.40
N GLY E 267 39.80 -4.41 -27.17
CA GLY E 267 39.76 -3.01 -26.83
C GLY E 267 38.37 -2.41 -26.92
N ASP E 268 38.33 -1.09 -26.83
CA ASP E 268 37.09 -0.34 -26.89
C ASP E 268 36.87 0.18 -28.30
N PHE E 269 35.66 0.61 -28.62
CA PHE E 269 35.48 1.46 -29.79
C PHE E 269 34.80 2.78 -29.37
N GLY E 270 35.09 3.86 -30.09
CA GLY E 270 34.57 5.17 -29.77
C GLY E 270 33.12 5.26 -30.22
N THR E 271 32.25 5.69 -29.31
CA THR E 271 30.82 5.69 -29.56
C THR E 271 30.24 7.09 -29.35
N PRO E 272 29.63 7.65 -30.40
CA PRO E 272 29.02 8.98 -30.35
C PRO E 272 27.68 8.91 -29.62
N ILE E 273 27.74 8.99 -28.31
CA ILE E 273 26.55 8.79 -27.48
C ILE E 273 25.47 9.84 -27.78
N PHE E 274 25.87 11.09 -27.94
CA PHE E 274 24.91 12.15 -28.29
C PHE E 274 24.01 11.74 -29.47
N ASP E 275 24.63 11.35 -30.59
CA ASP E 275 23.87 10.88 -31.74
C ASP E 275 23.08 9.60 -31.47
N VAL E 276 23.64 8.69 -30.70
CA VAL E 276 22.91 7.45 -30.42
C VAL E 276 21.59 7.79 -29.68
N VAL E 277 21.66 8.73 -28.74
CA VAL E 277 20.48 9.11 -27.99
C VAL E 277 19.52 9.96 -28.85
N LEU E 278 20.06 10.99 -29.49
CA LEU E 278 19.26 11.88 -30.33
C LEU E 278 18.52 11.07 -31.39
N LYS E 279 19.22 10.10 -31.98
CA LYS E 279 18.66 9.38 -33.12
C LYS E 279 18.00 8.06 -32.77
N GLY E 280 17.90 7.76 -31.47
CA GLY E 280 17.25 6.53 -31.05
C GLY E 280 17.84 5.26 -31.63
N ILE E 281 19.17 5.22 -31.69
CA ILE E 281 19.90 4.08 -32.27
C ILE E 281 20.09 2.95 -31.26
N THR E 282 20.06 1.69 -31.71
CA THR E 282 20.45 0.61 -30.80
C THR E 282 21.69 -0.11 -31.32
N ILE E 283 22.53 -0.52 -30.37
CA ILE E 283 23.76 -1.23 -30.67
C ILE E 283 23.66 -2.50 -29.85
N ARG E 284 23.85 -3.66 -30.48
CA ARG E 284 23.54 -4.91 -29.80
C ARG E 284 24.60 -5.96 -30.07
N GLY E 285 25.14 -6.57 -29.03
CA GLY E 285 26.10 -7.66 -29.20
C GLY E 285 25.37 -8.96 -29.54
N SER E 286 25.94 -9.80 -30.41
CA SER E 286 25.26 -11.04 -30.74
C SER E 286 26.27 -12.20 -30.67
N ILE E 287 25.96 -13.23 -29.89
CA ILE E 287 26.93 -14.31 -29.61
C ILE E 287 26.49 -15.63 -30.24
N VAL E 288 27.20 -16.06 -31.28
CA VAL E 288 26.89 -17.32 -32.02
C VAL E 288 25.39 -17.50 -32.15
N GLY E 289 24.89 -18.69 -31.86
CA GLY E 289 23.45 -18.88 -31.92
C GLY E 289 23.04 -20.07 -31.08
N THR E 290 21.78 -20.09 -30.69
CA THR E 290 21.23 -21.22 -29.95
C THR E 290 21.12 -22.46 -30.87
N ARG E 291 20.73 -23.59 -30.30
CA ARG E 291 20.53 -24.80 -31.10
C ARG E 291 19.42 -24.58 -32.13
N SER E 292 18.36 -23.86 -31.76
CA SER E 292 17.33 -23.57 -32.75
C SER E 292 17.89 -22.69 -33.87
N ASP E 293 18.69 -21.68 -33.53
CA ASP E 293 19.27 -20.79 -34.54
C ASP E 293 20.15 -21.63 -35.48
N LEU E 294 20.90 -22.55 -34.88
CA LEU E 294 21.85 -23.37 -35.62
C LEU E 294 21.13 -24.27 -36.62
N GLN E 295 20.08 -24.92 -36.17
CA GLN E 295 19.30 -25.80 -37.03
C GLN E 295 18.67 -24.99 -38.19
N GLU E 296 18.12 -23.83 -37.85
CA GLU E 296 17.57 -22.95 -38.90
C GLU E 296 18.64 -22.55 -39.91
N SER E 297 19.82 -22.22 -39.42
CA SER E 297 20.86 -21.72 -40.31
C SER E 297 21.34 -22.86 -41.22
N LEU E 298 21.35 -24.09 -40.69
CA LEU E 298 21.71 -25.26 -41.47
C LEU E 298 20.66 -25.51 -42.57
N ASP E 299 19.40 -25.25 -42.26
CA ASP E 299 18.32 -25.46 -43.24
C ASP E 299 18.49 -24.55 -44.48
N PHE E 300 18.93 -23.31 -44.28
CA PHE E 300 19.15 -22.40 -45.42
C PHE E 300 20.25 -22.96 -46.34
N ALA E 301 21.26 -23.58 -45.73
CA ALA E 301 22.33 -24.23 -46.50
C ALA E 301 21.80 -25.43 -47.24
N ALA E 302 20.97 -26.23 -46.57
CA ALA E 302 20.36 -27.42 -47.16
C ALA E 302 19.57 -27.06 -48.43
N HIS E 303 18.82 -25.98 -48.33
CA HIS E 303 17.93 -25.55 -49.42
C HIS E 303 18.70 -24.81 -50.51
N GLY E 304 20.00 -24.63 -50.29
CA GLY E 304 20.84 -23.98 -51.27
C GLY E 304 20.75 -22.46 -51.28
N ASP E 305 20.13 -21.88 -50.25
CA ASP E 305 20.05 -20.41 -50.14
C ASP E 305 21.40 -19.80 -49.75
N VAL E 306 22.22 -20.60 -49.05
CA VAL E 306 23.51 -20.15 -48.58
C VAL E 306 24.55 -21.21 -48.91
N LYS E 307 25.69 -20.77 -49.43
CA LYS E 307 26.79 -21.69 -49.77
C LYS E 307 28.10 -20.98 -49.46
N ALA E 308 28.88 -21.55 -48.54
CA ALA E 308 30.12 -20.95 -48.09
C ALA E 308 31.17 -20.99 -49.21
N THR E 309 31.95 -19.93 -49.33
CA THR E 309 33.11 -19.91 -50.23
C THR E 309 34.27 -20.49 -49.44
N VAL E 310 34.75 -21.66 -49.85
CA VAL E 310 35.72 -22.40 -49.04
C VAL E 310 36.98 -22.84 -49.81
N SER E 311 38.11 -22.81 -49.10
CA SER E 311 39.37 -23.40 -49.59
C SER E 311 39.70 -24.54 -48.62
N THR E 312 40.20 -25.66 -49.12
CA THR E 312 40.60 -26.68 -48.17
C THR E 312 42.08 -26.59 -47.87
N ALA E 313 42.47 -27.19 -46.75
CA ALA E 313 43.87 -27.33 -46.37
C ALA E 313 44.01 -28.56 -45.51
N LYS E 314 45.25 -29.02 -45.35
CA LYS E 314 45.54 -30.19 -44.54
C LYS E 314 45.80 -29.75 -43.10
N LEU E 315 45.44 -30.60 -42.14
CA LEU E 315 45.70 -30.36 -40.73
C LEU E 315 47.12 -29.86 -40.55
N ASP E 316 48.05 -30.49 -41.25
CA ASP E 316 49.46 -30.19 -41.07
C ASP E 316 49.82 -28.76 -41.48
N ASP E 317 48.97 -28.12 -42.27
CA ASP E 317 49.28 -26.78 -42.74
C ASP E 317 48.57 -25.66 -41.96
N VAL E 318 48.07 -25.97 -40.76
CA VAL E 318 47.26 -24.98 -40.03
C VAL E 318 48.00 -23.67 -39.76
N ASN E 319 49.26 -23.77 -39.35
CA ASN E 319 50.07 -22.59 -39.05
C ASN E 319 50.17 -21.67 -40.25
N ASP E 320 50.28 -22.26 -41.43
CA ASP E 320 50.30 -21.49 -42.66
C ASP E 320 48.96 -20.80 -42.84
N VAL E 321 47.88 -21.55 -42.63
CA VAL E 321 46.55 -21.00 -42.75
C VAL E 321 46.35 -19.78 -41.83
N PHE E 322 46.74 -19.93 -40.56
CA PHE E 322 46.67 -18.85 -39.57
C PHE E 322 47.34 -17.57 -40.07
N GLY E 323 48.53 -17.72 -40.64
CA GLY E 323 49.25 -16.60 -41.24
C GLY E 323 48.42 -15.83 -42.27
N ARG E 324 47.88 -16.55 -43.24
CA ARG E 324 47.14 -15.91 -44.32
C ARG E 324 45.90 -15.20 -43.79
N LEU E 325 45.26 -15.80 -42.80
CA LEU E 325 44.05 -15.24 -42.20
C LEU E 325 44.39 -13.93 -41.49
N ARG E 326 45.47 -13.96 -40.71
CA ARG E 326 45.97 -12.75 -40.04
C ARG E 326 46.14 -11.60 -41.03
N GLU E 327 46.74 -11.92 -42.17
CA GLU E 327 47.12 -10.91 -43.16
C GLU E 327 46.00 -10.59 -44.11
N GLY E 328 44.83 -11.20 -43.89
CA GLY E 328 43.65 -10.87 -44.65
C GLY E 328 43.74 -11.35 -46.09
N LYS E 329 44.46 -12.46 -46.27
CA LYS E 329 44.69 -13.05 -47.58
C LYS E 329 43.74 -14.21 -47.87
N VAL E 330 42.79 -14.46 -46.99
CA VAL E 330 41.87 -15.56 -47.21
C VAL E 330 40.58 -15.06 -47.82
N GLU E 331 40.12 -15.71 -48.88
CA GLU E 331 38.81 -15.39 -49.41
C GLU E 331 37.75 -16.34 -48.85
N GLY E 332 36.77 -15.79 -48.13
CA GLY E 332 35.78 -16.62 -47.48
C GLY E 332 36.42 -17.41 -46.34
N ARG E 333 36.24 -18.73 -46.34
CA ARG E 333 36.67 -19.59 -45.24
C ARG E 333 37.74 -20.59 -45.68
N VAL E 334 38.63 -20.96 -44.76
CA VAL E 334 39.49 -22.13 -44.96
C VAL E 334 38.96 -23.26 -44.09
N VAL E 335 38.88 -24.44 -44.68
CA VAL E 335 38.38 -25.61 -43.98
C VAL E 335 39.43 -26.71 -44.09
N LEU E 336 39.85 -27.24 -42.93
CA LEU E 336 40.74 -28.40 -42.88
C LEU E 336 39.97 -29.62 -43.35
N ASP E 337 40.52 -30.32 -44.33
CA ASP E 337 39.85 -31.48 -44.90
C ASP E 337 40.54 -32.76 -44.44
N PHE E 338 39.81 -33.66 -43.80
CA PHE E 338 40.40 -34.89 -43.28
C PHE E 338 40.23 -36.05 -44.26
N SER E 339 39.75 -35.73 -45.46
CA SER E 339 39.62 -36.70 -46.53
C SER E 339 41.00 -37.26 -46.89
N ARG E 340 41.08 -38.58 -47.03
CA ARG E 340 39.94 -39.47 -46.80
C ARG E 340 39.96 -40.05 -45.39
N ALA F 1 -40.55 48.81 30.85
CA ALA F 1 -39.85 49.08 29.61
C ALA F 1 -38.42 49.53 29.88
N MET F 2 -38.16 50.05 31.07
CA MET F 2 -36.82 50.54 31.40
C MET F 2 -36.22 49.84 32.62
N MET F 3 -34.89 49.88 32.76
CA MET F 3 -34.20 49.23 33.87
C MET F 3 -32.87 49.92 34.19
N LYS F 4 -32.40 49.77 35.42
CA LYS F 4 -31.07 50.23 35.76
C LYS F 4 -30.02 49.22 35.28
N ALA F 5 -28.88 49.73 34.80
CA ALA F 5 -27.76 48.89 34.37
C ALA F 5 -26.42 49.64 34.48
N ALA F 6 -25.33 48.92 34.76
CA ALA F 6 -24.01 49.54 34.70
C ALA F 6 -23.48 49.32 33.29
N VAL F 7 -23.32 50.39 32.52
CA VAL F 7 -22.91 50.27 31.11
C VAL F 7 -21.48 50.74 30.87
N VAL F 8 -20.73 49.96 30.08
CA VAL F 8 -19.41 50.38 29.60
C VAL F 8 -19.62 51.12 28.27
N ARG F 9 -19.70 52.44 28.34
CA ARG F 9 -19.96 53.28 27.17
C ARG F 9 -18.66 53.57 26.40
N ALA F 10 -17.56 53.56 27.14
CA ALA F 10 -16.25 53.81 26.55
C ALA F 10 -15.19 53.16 27.42
N PHE F 11 -14.25 52.47 26.79
CA PHE F 11 -13.25 51.68 27.48
C PHE F 11 -12.41 52.53 28.42
N GLY F 12 -12.00 51.95 29.55
CA GLY F 12 -11.15 52.63 30.51
C GLY F 12 -11.88 53.62 31.42
N ALA F 13 -13.01 54.14 30.96
CA ALA F 13 -13.79 55.12 31.70
C ALA F 13 -14.77 54.44 32.65
N PRO F 14 -14.87 54.96 33.88
CA PRO F 14 -15.81 54.40 34.85
C PRO F 14 -17.17 54.05 34.22
N LEU F 15 -17.79 52.98 34.70
CA LEU F 15 -19.10 52.57 34.18
C LEU F 15 -20.17 53.55 34.60
N THR F 16 -21.14 53.74 33.71
CA THR F 16 -22.25 54.64 33.97
C THR F 16 -23.48 53.87 34.39
N ILE F 17 -24.17 54.35 35.43
CA ILE F 17 -25.39 53.69 35.88
C ILE F 17 -26.57 54.34 35.19
N ASP F 18 -27.15 53.64 34.23
CA ASP F 18 -28.16 54.23 33.36
C ASP F 18 -29.49 53.50 33.42
N GLU F 19 -30.54 54.17 32.97
CA GLU F 19 -31.81 53.50 32.70
C GLU F 19 -31.87 53.21 31.22
N VAL F 20 -31.89 51.94 30.89
CA VAL F 20 -31.87 51.49 29.50
C VAL F 20 -33.09 50.62 29.31
N PRO F 21 -33.46 50.36 28.04
CA PRO F 21 -34.61 49.50 27.78
C PRO F 21 -34.43 48.10 28.38
N VAL F 22 -35.53 47.45 28.72
CA VAL F 22 -35.52 46.07 29.16
C VAL F 22 -35.46 45.15 27.92
N PRO F 23 -34.44 44.27 27.85
CA PRO F 23 -34.39 43.36 26.70
C PRO F 23 -35.54 42.35 26.72
N GLN F 24 -36.14 42.12 25.56
CA GLN F 24 -37.26 41.18 25.45
C GLN F 24 -36.78 39.92 24.73
N PRO F 25 -37.29 38.75 25.16
CA PRO F 25 -36.91 37.47 24.56
C PRO F 25 -37.68 37.14 23.28
N GLY F 26 -36.94 36.85 22.22
CA GLY F 26 -37.55 36.32 21.02
C GLY F 26 -37.63 34.81 21.07
N PRO F 27 -37.93 34.18 19.92
CA PRO F 27 -38.00 32.72 19.83
C PRO F 27 -36.72 32.05 20.36
N GLY F 28 -36.90 30.99 21.13
CA GLY F 28 -35.77 30.26 21.68
C GLY F 28 -34.93 31.05 22.68
N GLN F 29 -35.43 32.19 23.15
CA GLN F 29 -34.73 32.95 24.19
C GLN F 29 -35.57 33.01 25.46
N VAL F 30 -34.94 33.37 26.58
CA VAL F 30 -35.66 33.62 27.81
C VAL F 30 -35.18 34.91 28.42
N GLN F 31 -36.01 35.51 29.26
CA GLN F 31 -35.64 36.69 29.98
C GLN F 31 -35.41 36.29 31.42
N VAL F 32 -34.41 36.90 32.06
CA VAL F 32 -34.10 36.59 33.44
C VAL F 32 -34.10 37.85 34.28
N LYS F 33 -34.87 37.83 35.36
CA LYS F 33 -34.87 38.96 36.28
C LYS F 33 -33.79 38.73 37.34
N ILE F 34 -32.80 39.60 37.35
CA ILE F 34 -31.60 39.40 38.15
C ILE F 34 -31.83 39.63 39.66
N GLU F 35 -31.40 38.69 40.49
CA GLU F 35 -31.47 38.89 41.96
C GLU F 35 -30.09 39.21 42.57
N ALA F 36 -29.03 38.67 41.96
CA ALA F 36 -27.67 38.95 42.41
C ALA F 36 -26.73 38.77 41.21
N SER F 37 -25.54 39.37 41.27
CA SER F 37 -24.68 39.37 40.09
C SER F 37 -23.20 39.46 40.49
N GLY F 38 -22.45 38.35 40.36
CA GLY F 38 -21.08 38.32 40.82
C GLY F 38 -20.15 39.23 40.04
N VAL F 39 -19.11 39.74 40.68
CA VAL F 39 -18.09 40.53 40.00
C VAL F 39 -16.80 39.68 39.83
N CYS F 40 -16.43 39.40 38.57
CA CYS F 40 -15.26 38.56 38.22
C CYS F 40 -14.13 39.53 37.92
N HIS F 41 -12.89 39.10 38.13
CA HIS F 41 -11.77 39.91 37.72
C HIS F 41 -11.81 40.15 36.19
N THR F 42 -12.39 39.19 35.47
CA THR F 42 -12.61 39.33 34.02
C THR F 42 -13.35 40.61 33.63
N ASP F 43 -14.28 41.05 34.49
CA ASP F 43 -15.11 42.22 34.17
C ASP F 43 -14.27 43.48 34.08
N LEU F 44 -13.18 43.53 34.85
CA LEU F 44 -12.23 44.64 34.79
C LEU F 44 -11.67 44.79 33.38
N HIS F 45 -11.32 43.66 32.76
CA HIS F 45 -10.77 43.67 31.40
C HIS F 45 -11.81 43.98 30.33
N ALA F 46 -13.01 43.45 30.50
CA ALA F 46 -14.10 43.80 29.60
C ALA F 46 -14.27 45.33 29.57
N ALA F 47 -14.18 45.94 30.76
CA ALA F 47 -14.39 47.39 30.94
C ALA F 47 -13.27 48.24 30.37
N ASP F 48 -12.04 47.79 30.56
CA ASP F 48 -10.86 48.47 30.03
C ASP F 48 -10.74 48.41 28.47
N GLY F 49 -11.31 47.38 27.86
CA GLY F 49 -11.04 47.09 26.45
C GLY F 49 -9.64 46.51 26.34
N ASP F 50 -9.25 45.76 27.37
CA ASP F 50 -7.88 45.29 27.58
C ASP F 50 -7.39 44.18 26.63
N TRP F 51 -8.13 43.07 26.58
CA TRP F 51 -7.66 41.85 25.90
C TRP F 51 -7.53 41.99 24.38
N PRO F 52 -6.78 41.06 23.77
CA PRO F 52 -6.58 40.96 22.31
C PRO F 52 -7.86 41.19 21.52
N VAL F 53 -8.93 40.50 21.90
CA VAL F 53 -10.21 40.71 21.27
C VAL F 53 -11.12 41.47 22.23
N LYS F 54 -11.69 42.57 21.78
CA LYS F 54 -12.42 43.49 22.66
C LYS F 54 -13.93 43.36 22.57
N PRO F 55 -14.64 43.74 23.66
CA PRO F 55 -16.09 43.87 23.54
C PRO F 55 -16.41 44.97 22.56
N THR F 56 -17.61 44.95 22.01
CA THR F 56 -18.10 46.07 21.22
C THR F 56 -18.96 47.02 22.06
N LEU F 57 -18.67 48.31 21.93
CA LEU F 57 -19.32 49.34 22.73
C LEU F 57 -20.65 49.79 22.13
N PRO F 58 -21.63 50.10 23.00
CA PRO F 58 -21.49 49.93 24.44
C PRO F 58 -22.08 48.59 24.88
N PHE F 59 -21.67 48.10 26.05
CA PHE F 59 -22.18 46.82 26.55
C PHE F 59 -22.30 46.79 28.09
N ILE F 60 -23.16 45.91 28.58
CA ILE F 60 -23.33 45.68 30.01
C ILE F 60 -22.57 44.40 30.40
N PRO F 61 -21.61 44.52 31.33
CA PRO F 61 -20.84 43.33 31.75
C PRO F 61 -21.64 42.41 32.66
N GLY F 62 -20.99 41.31 33.07
CA GLY F 62 -21.55 40.48 34.12
C GLY F 62 -21.95 39.11 33.62
N HIS F 63 -21.19 38.09 34.01
CA HIS F 63 -21.49 36.72 33.60
C HIS F 63 -21.58 35.84 34.85
N GLU F 64 -21.96 36.47 35.97
CA GLU F 64 -22.31 35.73 37.19
C GLU F 64 -23.69 36.21 37.65
N GLY F 65 -24.55 36.47 36.67
CA GLY F 65 -25.91 36.89 36.94
C GLY F 65 -26.82 35.73 37.32
N VAL F 66 -27.51 35.84 38.44
CA VAL F 66 -28.49 34.82 38.81
C VAL F 66 -29.85 35.43 39.15
N GLY F 67 -30.91 34.67 38.91
CA GLY F 67 -32.26 35.17 39.12
C GLY F 67 -33.34 34.19 38.70
N TYR F 68 -34.53 34.72 38.42
CA TYR F 68 -35.66 33.88 38.02
C TYR F 68 -35.99 34.13 36.57
N VAL F 69 -36.37 33.07 35.85
CA VAL F 69 -36.89 33.24 34.49
C VAL F 69 -38.19 34.04 34.60
N SER F 70 -38.18 35.23 33.98
CA SER F 70 -39.33 36.13 34.05
C SER F 70 -40.19 36.12 32.78
N ALA F 71 -39.63 35.68 31.67
CA ALA F 71 -40.36 35.56 30.41
C ALA F 71 -39.71 34.51 29.51
N VAL F 72 -40.52 33.85 28.69
CA VAL F 72 -40.05 32.77 27.83
C VAL F 72 -40.49 33.00 26.39
N GLY F 73 -39.57 32.86 25.45
CA GLY F 73 -39.89 32.91 24.03
C GLY F 73 -40.42 31.57 23.56
N SER F 74 -40.68 31.45 22.26
CA SER F 74 -41.22 30.19 21.74
C SER F 74 -40.17 29.09 21.57
N GLY F 75 -40.62 27.85 21.69
CA GLY F 75 -39.77 26.70 21.42
C GLY F 75 -38.80 26.37 22.55
N VAL F 76 -39.06 26.93 23.72
CA VAL F 76 -38.19 26.69 24.86
C VAL F 76 -38.80 25.64 25.75
N SER F 77 -38.06 24.56 25.99
CA SER F 77 -38.54 23.46 26.80
C SER F 77 -37.65 23.17 28.01
N ARG F 78 -36.41 23.66 28.00
CA ARG F 78 -35.49 23.32 29.09
C ARG F 78 -35.89 23.99 30.41
N VAL F 79 -36.45 25.19 30.32
CA VAL F 79 -36.83 25.98 31.50
C VAL F 79 -38.18 26.64 31.31
N LYS F 80 -38.81 27.05 32.41
CA LYS F 80 -40.08 27.75 32.38
C LYS F 80 -40.05 28.97 33.29
N GLU F 81 -41.06 29.81 33.17
CA GLU F 81 -41.10 31.01 33.99
C GLU F 81 -41.09 30.61 35.45
N GLY F 82 -40.35 31.37 36.26
CA GLY F 82 -40.17 31.03 37.66
C GLY F 82 -39.01 30.10 37.99
N ASP F 83 -38.37 29.52 36.97
CA ASP F 83 -37.20 28.67 37.22
C ASP F 83 -36.02 29.51 37.69
N ARG F 84 -35.21 28.94 38.59
CA ARG F 84 -34.05 29.61 39.16
C ARG F 84 -32.83 29.32 38.25
N VAL F 85 -32.25 30.37 37.64
CA VAL F 85 -31.22 30.17 36.61
C VAL F 85 -30.12 31.20 36.70
N GLY F 86 -28.96 30.87 36.13
CA GLY F 86 -27.85 31.81 36.10
C GLY F 86 -27.32 31.89 34.67
N VAL F 87 -26.67 33.01 34.31
CA VAL F 87 -26.24 33.20 32.93
C VAL F 87 -24.73 33.36 32.93
N PRO F 88 -23.99 32.27 32.61
CA PRO F 88 -22.53 32.26 32.81
C PRO F 88 -21.79 32.80 31.60
N TRP F 89 -20.46 32.82 31.68
CA TRP F 89 -19.59 33.27 30.59
C TRP F 89 -19.99 32.65 29.23
N LEU F 90 -20.16 31.33 29.20
CA LEU F 90 -20.55 30.67 27.96
C LEU F 90 -22.04 30.91 27.71
N TYR F 91 -22.34 31.99 26.97
CA TYR F 91 -23.72 32.40 26.71
C TYR F 91 -24.42 31.42 25.77
N SER F 92 -23.70 30.99 24.74
CA SER F 92 -24.22 30.06 23.76
C SER F 92 -23.04 29.44 23.01
N ALA F 93 -23.28 28.28 22.40
CA ALA F 93 -22.32 27.67 21.46
C ALA F 93 -23.15 27.09 20.32
N CYS F 94 -22.50 26.68 19.21
CA CYS F 94 -23.27 26.30 18.02
C CYS F 94 -24.02 24.97 18.15
N GLY F 95 -23.51 24.06 18.98
CA GLY F 95 -24.20 22.80 19.21
C GLY F 95 -23.74 21.65 18.30
N TYR F 96 -22.99 21.95 17.24
CA TYR F 96 -22.71 20.88 16.27
C TYR F 96 -21.32 20.83 15.64
N CYS F 97 -20.42 21.75 16.00
CA CYS F 97 -19.04 21.66 15.56
C CYS F 97 -18.38 20.51 16.30
N GLU F 98 -17.14 20.19 15.90
CA GLU F 98 -16.43 19.09 16.53
C GLU F 98 -16.36 19.20 18.06
N HIS F 99 -16.00 20.39 18.55
CA HIS F 99 -15.95 20.62 20.00
C HIS F 99 -17.29 20.41 20.67
N CYS F 100 -18.34 20.99 20.07
CA CYS F 100 -19.68 20.86 20.64
C CYS F 100 -20.11 19.40 20.67
N LEU F 101 -19.86 18.67 19.59
CA LEU F 101 -20.31 17.28 19.54
C LEU F 101 -19.60 16.43 20.58
N GLN F 102 -18.38 16.82 20.89
CA GLN F 102 -17.56 16.06 21.84
C GLN F 102 -17.78 16.46 23.30
N GLY F 103 -18.73 17.35 23.56
CA GLY F 103 -19.01 17.76 24.92
C GLY F 103 -18.01 18.78 25.44
N TRP F 104 -17.34 19.47 24.51
CA TRP F 104 -16.39 20.53 24.84
C TRP F 104 -16.88 21.88 24.30
N GLU F 105 -18.12 22.23 24.60
CA GLU F 105 -18.70 23.46 24.03
C GLU F 105 -17.93 24.72 24.44
N THR F 106 -17.11 24.63 25.49
CA THR F 106 -16.28 25.76 25.92
C THR F 106 -15.22 26.15 24.90
N LEU F 107 -14.94 25.23 23.96
CA LEU F 107 -13.96 25.50 22.90
C LEU F 107 -14.63 25.94 21.59
N CYS F 108 -15.94 26.10 21.62
CA CYS F 108 -16.66 26.41 20.39
C CYS F 108 -16.20 27.75 19.81
N GLU F 109 -15.74 27.72 18.56
CA GLU F 109 -15.28 28.95 17.91
C GLU F 109 -16.42 29.94 17.64
N LYS F 110 -17.65 29.45 17.65
CA LYS F 110 -18.83 30.28 17.41
C LYS F 110 -19.52 30.75 18.70
N GLN F 111 -18.89 30.49 19.85
CA GLN F 111 -19.52 30.87 21.12
C GLN F 111 -19.73 32.36 21.28
N GLN F 112 -20.77 32.70 22.04
CA GLN F 112 -20.96 34.06 22.54
C GLN F 112 -20.67 34.07 24.02
N ASN F 113 -20.16 35.21 24.51
CA ASN F 113 -19.78 35.33 25.90
C ASN F 113 -20.56 36.43 26.62
N THR F 114 -21.21 36.02 27.70
CA THR F 114 -22.04 36.90 28.50
C THR F 114 -21.24 38.06 29.13
N GLY F 115 -21.74 39.29 28.95
CA GLY F 115 -21.11 40.44 29.53
C GLY F 115 -19.78 40.74 28.85
N TYR F 116 -19.69 40.38 27.58
CA TYR F 116 -18.51 40.65 26.78
C TYR F 116 -18.91 40.88 25.33
N SER F 117 -19.33 39.83 24.65
CA SER F 117 -19.79 39.96 23.26
C SER F 117 -21.30 40.18 23.14
N VAL F 118 -22.02 39.87 24.22
CA VAL F 118 -23.46 40.17 24.33
C VAL F 118 -23.70 40.72 25.73
N ASN F 119 -24.81 41.43 25.93
CA ASN F 119 -25.00 42.05 27.24
C ASN F 119 -25.17 41.04 28.38
N GLY F 120 -24.70 41.42 29.57
CA GLY F 120 -24.75 40.53 30.72
C GLY F 120 -25.63 40.99 31.87
N GLY F 121 -25.26 40.57 33.09
CA GLY F 121 -26.15 40.70 34.23
C GLY F 121 -25.88 41.83 35.21
N TYR F 122 -25.11 42.84 34.81
CA TYR F 122 -25.01 44.06 35.63
C TYR F 122 -26.22 44.95 35.33
N GLY F 123 -27.42 44.37 35.42
CA GLY F 123 -28.66 45.07 35.06
C GLY F 123 -29.84 44.31 35.62
N GLU F 124 -31.02 44.93 35.65
CA GLU F 124 -32.12 44.29 36.33
C GLU F 124 -32.66 43.07 35.59
N TYR F 125 -32.44 43.04 34.28
CA TYR F 125 -32.92 41.94 33.45
C TYR F 125 -31.87 41.63 32.41
N VAL F 126 -31.82 40.37 31.99
CA VAL F 126 -30.91 39.99 30.92
C VAL F 126 -31.59 38.92 30.09
N VAL F 127 -31.37 38.95 28.77
CA VAL F 127 -31.92 37.92 27.92
C VAL F 127 -30.84 36.87 27.71
N ALA F 128 -31.25 35.60 27.74
CA ALA F 128 -30.29 34.50 27.71
C ALA F 128 -30.72 33.40 26.75
N ASP F 129 -29.77 32.54 26.37
CA ASP F 129 -30.10 31.29 25.67
C ASP F 129 -30.36 30.21 26.73
N PRO F 130 -31.60 29.70 26.79
CA PRO F 130 -31.95 28.74 27.84
C PRO F 130 -31.17 27.44 27.72
N ASN F 131 -30.68 27.12 26.53
CA ASN F 131 -29.86 25.91 26.37
C ASN F 131 -28.54 25.94 27.13
N TYR F 132 -28.10 27.13 27.53
CA TYR F 132 -26.79 27.29 28.15
C TYR F 132 -26.80 27.90 29.56
N VAL F 133 -27.97 28.24 30.08
CA VAL F 133 -28.01 28.77 31.43
C VAL F 133 -27.71 27.67 32.46
N GLY F 134 -27.19 28.07 33.62
CA GLY F 134 -27.08 27.16 34.75
C GLY F 134 -28.44 26.99 35.39
N LEU F 135 -28.78 25.76 35.78
CA LEU F 135 -30.01 25.51 36.51
C LEU F 135 -29.66 25.43 38.01
N LEU F 136 -30.16 26.39 38.79
CA LEU F 136 -29.63 26.62 40.13
C LEU F 136 -30.36 25.79 41.16
N PRO F 137 -29.66 25.42 42.24
CA PRO F 137 -30.31 24.65 43.31
C PRO F 137 -31.20 25.53 44.18
N ASP F 138 -32.37 25.04 44.57
CA ASP F 138 -33.27 25.82 45.43
C ASP F 138 -32.63 26.24 46.76
N LYS F 139 -31.84 25.35 47.35
CA LYS F 139 -31.42 25.56 48.73
C LYS F 139 -30.24 26.52 48.92
N VAL F 140 -29.65 27.02 47.83
CA VAL F 140 -28.58 27.99 47.97
C VAL F 140 -29.10 29.37 47.58
N GLY F 141 -28.86 30.37 48.43
CA GLY F 141 -29.35 31.71 48.13
C GLY F 141 -28.68 32.29 46.89
N PHE F 142 -29.28 33.33 46.34
CA PHE F 142 -28.75 33.94 45.12
C PHE F 142 -27.38 34.57 45.31
N VAL F 143 -27.18 35.29 46.41
CA VAL F 143 -25.90 35.94 46.65
C VAL F 143 -24.76 34.90 46.73
N GLU F 144 -25.01 33.82 47.48
CA GLU F 144 -24.02 32.73 47.70
C GLU F 144 -23.74 31.91 46.43
N ILE F 145 -24.77 31.69 45.61
CA ILE F 145 -24.59 30.85 44.42
C ILE F 145 -23.96 31.59 43.24
N ALA F 146 -24.10 32.92 43.20
CA ALA F 146 -23.64 33.69 42.04
C ALA F 146 -22.19 33.35 41.62
N PRO F 147 -21.23 33.34 42.57
CA PRO F 147 -19.84 33.05 42.15
C PRO F 147 -19.62 31.64 41.58
N ILE F 148 -20.52 30.69 41.84
CA ILE F 148 -20.32 29.34 41.31
C ILE F 148 -20.44 29.40 39.79
N LEU F 149 -21.20 30.37 39.28
CA LEU F 149 -21.43 30.51 37.83
C LEU F 149 -20.17 30.81 37.03
N CYS F 150 -19.13 31.31 37.70
CA CYS F 150 -17.82 31.48 37.07
C CYS F 150 -16.64 31.01 37.92
N ALA F 151 -16.45 31.60 39.11
CA ALA F 151 -15.36 31.16 39.99
C ALA F 151 -15.44 29.66 40.21
N GLY F 152 -16.62 29.19 40.56
CA GLY F 152 -16.80 27.81 40.95
C GLY F 152 -16.60 26.82 39.82
N VAL F 153 -17.35 27.00 38.74
CA VAL F 153 -17.24 26.07 37.62
C VAL F 153 -15.84 26.10 37.05
N THR F 154 -15.21 27.27 37.06
CA THR F 154 -13.87 27.38 36.47
C THR F 154 -12.84 26.53 37.24
N VAL F 155 -12.83 26.65 38.56
CA VAL F 155 -11.81 25.94 39.34
C VAL F 155 -12.16 24.48 39.49
N TYR F 156 -13.45 24.18 39.46
CA TYR F 156 -13.89 22.80 39.46
C TYR F 156 -13.33 22.09 38.22
N LYS F 157 -13.53 22.69 37.05
CA LYS F 157 -13.03 22.09 35.81
C LYS F 157 -11.51 22.10 35.79
N GLY F 158 -10.92 23.21 36.26
CA GLY F 158 -9.48 23.33 36.36
C GLY F 158 -8.88 22.19 37.18
N LEU F 159 -9.50 21.87 38.32
CA LEU F 159 -9.01 20.76 39.14
C LEU F 159 -9.18 19.40 38.41
N LYS F 160 -10.28 19.23 37.68
CA LYS F 160 -10.47 18.00 36.94
C LYS F 160 -9.34 17.82 35.96
N VAL F 161 -8.92 18.89 35.28
CA VAL F 161 -7.86 18.74 34.29
C VAL F 161 -6.41 18.76 34.82
N THR F 162 -6.21 18.90 36.13
CA THR F 162 -4.87 18.65 36.71
C THR F 162 -4.56 17.15 36.70
N ASP F 163 -5.57 16.32 36.44
CA ASP F 163 -5.38 14.86 36.39
C ASP F 163 -4.86 14.29 37.71
N THR F 164 -5.25 14.92 38.81
CA THR F 164 -4.86 14.46 40.13
C THR F 164 -5.95 13.52 40.65
N ARG F 165 -5.63 12.71 41.66
CA ARG F 165 -6.66 11.81 42.19
C ARG F 165 -6.63 11.80 43.72
N PRO F 166 -7.68 11.24 44.36
CA PRO F 166 -7.76 11.39 45.82
C PRO F 166 -6.49 10.93 46.49
N GLY F 167 -6.08 11.68 47.51
CA GLY F 167 -4.91 11.36 48.29
C GLY F 167 -3.69 12.11 47.79
N GLN F 168 -3.74 12.57 46.53
CA GLN F 168 -2.64 13.35 45.95
C GLN F 168 -2.64 14.83 46.40
N TRP F 169 -1.50 15.50 46.19
CA TRP F 169 -1.36 16.90 46.57
C TRP F 169 -1.66 17.82 45.41
N VAL F 170 -2.49 18.82 45.64
CA VAL F 170 -2.66 19.90 44.69
C VAL F 170 -2.32 21.24 45.36
N VAL F 171 -1.64 22.11 44.63
CA VAL F 171 -1.44 23.50 45.04
C VAL F 171 -2.46 24.41 44.39
N ILE F 172 -3.11 25.26 45.19
CA ILE F 172 -3.90 26.35 44.66
C ILE F 172 -3.04 27.61 44.72
N SER F 173 -2.76 28.21 43.57
CA SER F 173 -1.98 29.45 43.51
C SER F 173 -2.88 30.66 43.24
N GLY F 174 -2.97 31.55 44.23
CA GLY F 174 -3.90 32.67 44.17
C GLY F 174 -5.22 32.35 44.86
N ILE F 175 -5.38 32.85 46.08
CA ILE F 175 -6.57 32.57 46.87
C ILE F 175 -7.54 33.77 46.84
N GLY F 176 -8.04 34.08 45.65
CA GLY F 176 -9.00 35.14 45.44
C GLY F 176 -10.38 34.56 45.19
N GLY F 177 -11.15 35.23 44.34
CA GLY F 177 -12.47 34.77 43.97
C GLY F 177 -12.43 33.32 43.52
N LEU F 178 -11.60 33.02 42.52
CA LEU F 178 -11.44 31.65 42.07
C LEU F 178 -10.77 30.78 43.16
N GLY F 179 -9.62 31.24 43.66
CA GLY F 179 -8.82 30.42 44.55
C GLY F 179 -9.45 29.95 45.84
N HIS F 180 -10.24 30.83 46.49
CA HIS F 180 -10.77 30.45 47.80
C HIS F 180 -11.81 29.35 47.63
N VAL F 181 -12.50 29.31 46.49
CA VAL F 181 -13.42 28.21 46.26
C VAL F 181 -12.67 26.98 45.73
N ALA F 182 -11.54 27.19 45.04
CA ALA F 182 -10.79 26.02 44.54
C ALA F 182 -10.31 25.16 45.71
N VAL F 183 -9.92 25.80 46.81
CA VAL F 183 -9.50 25.04 47.99
C VAL F 183 -10.63 24.08 48.40
N GLN F 184 -11.86 24.57 48.33
CA GLN F 184 -12.99 23.78 48.80
C GLN F 184 -13.34 22.65 47.84
N TYR F 185 -13.35 22.94 46.53
CA TYR F 185 -13.59 21.86 45.57
C TYR F 185 -12.50 20.78 45.68
N ALA F 186 -11.26 21.22 45.79
CA ALA F 186 -10.15 20.25 45.91
C ALA F 186 -10.34 19.31 47.10
N ARG F 187 -10.77 19.84 48.25
CA ARG F 187 -11.01 18.99 49.42
C ARG F 187 -12.18 18.04 49.17
N ALA F 188 -13.21 18.53 48.47
CA ALA F 188 -14.37 17.71 48.16
C ALA F 188 -14.02 16.61 47.15
N MET F 189 -12.94 16.80 46.43
CA MET F 189 -12.51 15.81 45.43
C MET F 189 -11.45 14.88 46.03
N GLY F 190 -11.24 14.97 47.33
CA GLY F 190 -10.34 14.03 48.00
C GLY F 190 -8.85 14.38 47.98
N LEU F 191 -8.54 15.60 47.55
CA LEU F 191 -7.15 16.05 47.39
C LEU F 191 -6.60 16.69 48.66
N ARG F 192 -5.28 16.62 48.83
CA ARG F 192 -4.62 17.35 49.90
C ARG F 192 -4.21 18.69 49.32
N VAL F 193 -4.46 19.77 50.05
CA VAL F 193 -4.32 21.10 49.47
C VAL F 193 -3.22 21.96 50.09
N ALA F 194 -2.44 22.62 49.23
CA ALA F 194 -1.47 23.64 49.63
C ALA F 194 -1.82 24.99 48.98
N ALA F 195 -1.65 26.09 49.72
CA ALA F 195 -2.01 27.40 49.18
C ALA F 195 -0.83 28.35 48.95
N VAL F 196 -0.92 29.16 47.87
CA VAL F 196 0.07 30.20 47.59
C VAL F 196 -0.63 31.50 47.25
N ASP F 197 -0.19 32.59 47.87
CA ASP F 197 -0.65 33.95 47.54
C ASP F 197 0.45 34.90 48.04
N ILE F 198 0.23 36.21 47.93
CA ILE F 198 1.25 37.19 48.31
C ILE F 198 0.81 38.01 49.52
N ASP F 199 -0.14 37.46 50.27
CA ASP F 199 -0.72 38.16 51.40
C ASP F 199 -1.23 37.14 52.42
N ASP F 200 -0.78 37.27 53.67
CA ASP F 200 -1.11 36.26 54.69
C ASP F 200 -2.61 36.18 55.02
N ALA F 201 -3.34 37.28 54.87
CA ALA F 201 -4.79 37.25 55.08
C ALA F 201 -5.45 36.27 54.09
N LYS F 202 -4.95 36.27 52.86
CA LYS F 202 -5.50 35.39 51.82
C LYS F 202 -5.13 33.92 52.07
N LEU F 203 -3.94 33.70 52.63
CA LEU F 203 -3.50 32.37 53.02
C LEU F 203 -4.31 31.83 54.20
N ASN F 204 -4.62 32.70 55.15
CA ASN F 204 -5.40 32.25 56.30
C ASN F 204 -6.82 31.86 55.91
N LEU F 205 -7.36 32.57 54.91
CA LEU F 205 -8.66 32.25 54.35
C LEU F 205 -8.57 30.82 53.85
N ALA F 206 -7.50 30.53 53.10
CA ALA F 206 -7.31 29.22 52.49
C ALA F 206 -7.17 28.14 53.57
N ARG F 207 -6.38 28.41 54.60
CA ARG F 207 -6.25 27.45 55.72
C ARG F 207 -7.61 27.18 56.39
N ARG F 208 -8.44 28.21 56.53
CA ARG F 208 -9.72 28.03 57.19
C ARG F 208 -10.68 27.20 56.32
N LEU F 209 -10.47 27.27 55.01
CA LEU F 209 -11.32 26.56 54.06
C LEU F 209 -10.81 25.15 53.72
N GLY F 210 -9.69 24.74 54.33
CA GLY F 210 -9.22 23.37 54.20
C GLY F 210 -7.79 23.15 53.72
N ALA F 211 -7.07 24.20 53.35
CA ALA F 211 -5.67 24.06 52.93
C ALA F 211 -4.84 23.56 54.09
N GLU F 212 -4.08 22.50 53.84
CA GLU F 212 -3.19 21.90 54.85
C GLU F 212 -1.93 22.72 55.07
N VAL F 213 -1.41 23.31 54.00
CA VAL F 213 -0.19 24.09 54.12
C VAL F 213 -0.33 25.34 53.26
N ALA F 214 0.44 26.36 53.58
CA ALA F 214 0.34 27.64 52.89
C ALA F 214 1.69 28.35 52.88
N VAL F 215 1.89 29.24 51.92
CA VAL F 215 3.16 29.94 51.80
C VAL F 215 2.99 31.27 51.07
N ASN F 216 3.72 32.29 51.53
CA ASN F 216 3.66 33.62 50.96
C ASN F 216 4.81 33.83 49.98
N ALA F 217 4.45 33.97 48.71
CA ALA F 217 5.43 34.09 47.61
C ALA F 217 6.23 35.39 47.64
N ARG F 218 5.82 36.34 48.49
CA ARG F 218 6.61 37.54 48.73
C ARG F 218 7.65 37.31 49.84
N ASP F 219 7.33 36.42 50.79
CA ASP F 219 8.23 36.12 51.91
C ASP F 219 9.35 35.17 51.51
N THR F 220 9.02 34.18 50.68
CA THR F 220 10.00 33.18 50.26
C THR F 220 9.60 32.60 48.90
N ASP F 221 10.54 31.88 48.28
CA ASP F 221 10.28 31.16 47.03
C ASP F 221 9.31 30.00 47.25
N PRO F 222 8.08 30.12 46.72
CA PRO F 222 7.04 29.11 46.99
C PRO F 222 7.41 27.74 46.41
N ALA F 223 8.00 27.74 45.22
CA ALA F 223 8.38 26.50 44.55
C ALA F 223 9.36 25.70 45.43
N ALA F 224 10.46 26.34 45.82
CA ALA F 224 11.47 25.67 46.64
C ALA F 224 10.90 25.25 47.99
N TRP F 225 10.08 26.12 48.57
CA TRP F 225 9.41 25.84 49.83
C TRP F 225 8.55 24.56 49.73
N LEU F 226 7.77 24.47 48.66
CA LEU F 226 6.87 23.33 48.45
C LEU F 226 7.61 22.03 48.18
N GLN F 227 8.69 22.11 47.41
CA GLN F 227 9.49 20.91 47.14
C GLN F 227 9.98 20.31 48.46
N LYS F 228 10.33 21.19 49.39
CA LYS F 228 10.77 20.77 50.71
C LYS F 228 9.59 20.31 51.57
N GLU F 229 8.53 21.11 51.62
CA GLU F 229 7.40 20.82 52.51
C GLU F 229 6.62 19.55 52.17
N ILE F 230 6.24 19.39 50.91
CA ILE F 230 5.36 18.28 50.51
C ILE F 230 5.98 17.28 49.52
N GLY F 231 7.26 17.50 49.18
CA GLY F 231 7.93 16.67 48.19
C GLY F 231 7.43 16.98 46.78
N GLY F 232 6.94 18.20 46.59
CA GLY F 232 6.37 18.61 45.32
C GLY F 232 4.94 18.15 45.21
N ALA F 233 4.14 18.89 44.42
CA ALA F 233 2.72 18.60 44.25
C ALA F 233 2.48 17.74 43.02
N HIS F 234 1.42 16.93 43.04
CA HIS F 234 1.05 16.17 41.86
C HIS F 234 0.43 17.11 40.82
N GLY F 235 -0.26 18.13 41.32
CA GLY F 235 -0.86 19.13 40.46
C GLY F 235 -0.82 20.55 41.04
N VAL F 236 -0.92 21.54 40.16
CA VAL F 236 -1.10 22.93 40.56
C VAL F 236 -2.22 23.55 39.75
N LEU F 237 -3.05 24.37 40.41
CA LEU F 237 -4.05 25.18 39.71
C LEU F 237 -3.65 26.63 39.89
N VAL F 238 -3.38 27.32 38.80
CA VAL F 238 -2.97 28.71 38.91
C VAL F 238 -4.14 29.64 38.63
N THR F 239 -4.62 30.33 39.67
CA THR F 239 -5.70 31.31 39.48
C THR F 239 -5.18 32.73 39.58
N ALA F 240 -3.88 32.87 39.88
CA ALA F 240 -3.21 34.17 40.03
C ALA F 240 -3.39 35.14 38.85
N VAL F 241 -3.28 36.44 39.14
CA VAL F 241 -3.37 37.47 38.12
C VAL F 241 -1.97 38.07 37.88
N SER F 242 -0.96 37.24 38.10
CA SER F 242 0.43 37.63 37.90
C SER F 242 1.12 36.61 37.00
N PRO F 243 1.77 37.07 35.91
CA PRO F 243 2.61 36.22 35.05
C PRO F 243 3.72 35.51 35.84
N LYS F 244 4.36 36.20 36.77
CA LYS F 244 5.21 35.50 37.74
C LYS F 244 4.18 34.62 38.43
N ALA F 245 4.60 33.66 39.23
CA ALA F 245 3.59 32.77 39.82
C ALA F 245 3.18 31.74 38.78
N PHE F 246 2.84 32.18 37.56
CA PHE F 246 2.67 31.23 36.44
C PHE F 246 4.00 30.55 36.22
N SER F 247 5.08 31.34 36.21
CA SER F 247 6.44 30.79 36.12
C SER F 247 6.80 29.96 37.35
N GLN F 248 6.46 30.45 38.53
CA GLN F 248 6.81 29.73 39.76
C GLN F 248 6.04 28.41 39.93
N ALA F 249 4.85 28.35 39.34
CA ALA F 249 4.01 27.17 39.48
C ALA F 249 4.73 25.95 38.91
N ILE F 250 5.36 26.14 37.76
CA ILE F 250 6.06 25.05 37.09
C ILE F 250 7.08 24.37 37.99
N GLY F 251 7.66 25.12 38.92
CA GLY F 251 8.64 24.56 39.82
C GLY F 251 8.10 23.83 41.04
N MET F 252 6.78 23.89 41.25
CA MET F 252 6.16 23.30 42.44
C MET F 252 5.85 21.81 42.27
N VAL F 253 5.82 21.31 41.04
CA VAL F 253 5.34 19.94 40.84
C VAL F 253 6.41 18.84 40.96
N ARG F 254 5.96 17.64 41.29
CA ARG F 254 6.79 16.42 41.17
C ARG F 254 7.00 16.14 39.70
N ARG F 255 7.97 15.28 39.37
CA ARG F 255 8.10 14.86 37.99
C ARG F 255 6.79 14.22 37.54
N GLY F 256 6.39 14.48 36.30
CA GLY F 256 5.16 13.94 35.77
C GLY F 256 3.92 14.73 36.17
N GLY F 257 4.11 15.80 36.95
CA GLY F 257 2.99 16.57 37.46
C GLY F 257 2.36 17.48 36.41
N THR F 258 1.21 18.06 36.73
CA THR F 258 0.45 18.86 35.77
C THR F 258 0.10 20.20 36.42
N ILE F 259 0.37 21.28 35.69
CA ILE F 259 -0.09 22.62 36.10
C ILE F 259 -1.24 23.06 35.21
N ALA F 260 -2.39 23.33 35.81
CA ALA F 260 -3.54 23.85 35.07
C ALA F 260 -3.59 25.34 35.27
N LEU F 261 -3.92 26.07 34.20
CA LEU F 261 -3.92 27.53 34.22
C LEU F 261 -5.31 28.10 34.02
N ASN F 262 -5.78 28.91 34.98
CA ASN F 262 -7.05 29.64 34.86
C ASN F 262 -6.86 31.14 34.69
N GLY F 263 -5.78 31.67 35.25
CA GLY F 263 -5.60 33.12 35.28
C GLY F 263 -5.42 33.67 33.88
N LEU F 264 -5.84 34.93 33.68
CA LEU F 264 -5.67 35.57 32.37
C LEU F 264 -4.95 36.95 32.43
N PRO F 265 -3.80 37.01 33.13
CA PRO F 265 -3.02 38.26 33.03
C PRO F 265 -2.46 38.39 31.62
N PRO F 266 -2.10 39.61 31.22
CA PRO F 266 -1.59 39.80 29.86
C PRO F 266 -0.15 39.34 29.71
N GLY F 267 0.25 39.06 28.47
CA GLY F 267 1.65 38.85 28.20
C GLY F 267 2.07 37.38 28.26
N ASP F 268 3.38 37.17 28.29
CA ASP F 268 3.94 35.83 28.31
C ASP F 268 4.33 35.48 29.74
N PHE F 269 4.60 34.20 29.99
CA PHE F 269 5.35 33.84 31.19
C PHE F 269 6.55 32.96 30.80
N GLY F 270 7.65 33.11 31.54
CA GLY F 270 8.89 32.40 31.25
C GLY F 270 8.75 30.93 31.65
N THR F 271 9.07 30.05 30.71
CA THR F 271 8.88 28.61 30.89
C THR F 271 10.19 27.86 30.69
N PRO F 272 10.65 27.17 31.75
CA PRO F 272 11.90 26.40 31.69
C PRO F 272 11.65 25.12 30.93
N ILE F 273 11.77 25.20 29.62
CA ILE F 273 11.46 24.07 28.77
C ILE F 273 12.32 22.83 29.06
N PHE F 274 13.60 23.05 29.32
CA PHE F 274 14.48 21.93 29.61
C PHE F 274 13.91 21.06 30.73
N ASP F 275 13.53 21.71 31.85
CA ASP F 275 12.94 20.99 32.97
C ASP F 275 11.58 20.37 32.63
N VAL F 276 10.78 21.08 31.84
CA VAL F 276 9.48 20.55 31.48
C VAL F 276 9.63 19.25 30.72
N VAL F 277 10.58 19.20 29.81
CA VAL F 277 10.84 17.98 29.02
C VAL F 277 11.51 16.89 29.87
N LEU F 278 12.58 17.26 30.58
CA LEU F 278 13.33 16.31 31.40
C LEU F 278 12.40 15.65 32.43
N LYS F 279 11.52 16.45 33.00
CA LYS F 279 10.67 15.98 34.10
C LYS F 279 9.28 15.53 33.69
N GLY F 280 9.00 15.53 32.39
CA GLY F 280 7.72 15.06 31.89
C GLY F 280 6.52 15.83 32.42
N ILE F 281 6.67 17.14 32.51
CA ILE F 281 5.63 18.02 33.08
C ILE F 281 4.57 18.41 32.06
N THR F 282 3.33 18.60 32.52
CA THR F 282 2.25 19.04 31.64
C THR F 282 1.80 20.41 32.10
N ILE F 283 1.59 21.32 31.14
CA ILE F 283 1.04 22.64 31.41
C ILE F 283 -0.23 22.78 30.57
N ARG F 284 -1.35 23.11 31.20
CA ARG F 284 -2.62 22.99 30.50
C ARG F 284 -3.51 24.21 30.82
N GLY F 285 -3.99 24.88 29.78
CA GLY F 285 -4.98 25.93 29.99
C GLY F 285 -6.38 25.36 30.19
N SER F 286 -7.18 26.00 31.05
CA SER F 286 -8.52 25.51 31.28
C SER F 286 -9.50 26.69 31.22
N ILE F 287 -10.53 26.58 30.37
CA ILE F 287 -11.44 27.71 30.12
C ILE F 287 -12.84 27.40 30.67
N VAL F 288 -13.21 28.11 31.74
CA VAL F 288 -14.51 27.94 32.42
C VAL F 288 -14.92 26.48 32.52
N GLY F 289 -16.16 26.16 32.17
CA GLY F 289 -16.59 24.78 32.19
C GLY F 289 -17.78 24.61 31.27
N THR F 290 -17.95 23.37 30.80
CA THR F 290 -19.12 23.02 30.00
C THR F 290 -20.39 23.07 30.88
N ARG F 291 -21.55 22.88 30.26
CA ARG F 291 -22.81 22.79 31.00
C ARG F 291 -22.78 21.64 32.00
N SER F 292 -22.21 20.52 31.60
CA SER F 292 -22.02 19.40 32.52
C SER F 292 -21.16 19.80 33.73
N ASP F 293 -20.01 20.45 33.47
CA ASP F 293 -19.14 20.90 34.54
C ASP F 293 -19.91 21.85 35.46
N LEU F 294 -20.66 22.76 34.85
CA LEU F 294 -21.40 23.77 35.62
C LEU F 294 -22.42 23.13 36.57
N GLN F 295 -23.19 22.17 36.06
CA GLN F 295 -24.20 21.52 36.87
C GLN F 295 -23.54 20.76 38.02
N GLU F 296 -22.46 20.03 37.71
CA GLU F 296 -21.71 19.34 38.77
C GLU F 296 -21.18 20.32 39.81
N SER F 297 -20.68 21.46 39.36
CA SER F 297 -20.08 22.39 40.30
C SER F 297 -21.18 23.01 41.20
N LEU F 298 -22.37 23.20 40.63
CA LEU F 298 -23.51 23.70 41.41
C LEU F 298 -23.94 22.65 42.46
N ASP F 299 -23.82 21.37 42.11
CA ASP F 299 -24.24 20.31 43.03
C ASP F 299 -23.37 20.30 44.31
N PHE F 300 -22.07 20.56 44.18
CA PHE F 300 -21.19 20.63 45.35
C PHE F 300 -21.64 21.77 46.29
N ALA F 301 -22.08 22.88 45.72
CA ALA F 301 -22.56 24.01 46.52
C ALA F 301 -23.89 23.62 47.17
N ALA F 302 -24.74 22.92 46.43
CA ALA F 302 -26.04 22.49 46.97
C ALA F 302 -25.85 21.61 48.21
N HIS F 303 -24.87 20.72 48.14
CA HIS F 303 -24.64 19.74 49.20
C HIS F 303 -23.83 20.33 50.34
N GLY F 304 -23.41 21.57 50.17
CA GLY F 304 -22.68 22.30 51.19
C GLY F 304 -21.20 21.96 51.26
N ASP F 305 -20.65 21.39 50.20
CA ASP F 305 -19.21 21.09 50.18
C ASP F 305 -18.42 22.36 49.88
N VAL F 306 -19.09 23.32 49.27
CA VAL F 306 -18.44 24.53 48.82
C VAL F 306 -19.36 25.70 49.13
N LYS F 307 -18.80 26.75 49.72
CA LYS F 307 -19.56 27.95 50.06
C LYS F 307 -18.66 29.14 49.79
N ALA F 308 -19.07 29.98 48.84
CA ALA F 308 -18.28 31.13 48.47
C ALA F 308 -18.20 32.13 49.63
N THR F 309 -17.04 32.76 49.82
CA THR F 309 -16.91 33.86 50.77
C THR F 309 -17.31 35.12 50.02
N VAL F 310 -18.40 35.76 50.44
CA VAL F 310 -18.98 36.86 49.66
C VAL F 310 -19.29 38.13 50.45
N SER F 311 -19.04 39.28 49.82
CA SER F 311 -19.50 40.59 50.28
C SER F 311 -20.51 41.11 49.27
N THR F 312 -21.59 41.77 49.73
CA THR F 312 -22.52 42.35 48.76
C THR F 312 -22.16 43.80 48.49
N ALA F 313 -22.72 44.33 47.41
CA ALA F 313 -22.61 45.74 47.08
C ALA F 313 -23.81 46.05 46.19
N LYS F 314 -24.15 47.34 46.06
CA LYS F 314 -25.21 47.72 45.15
C LYS F 314 -24.66 48.05 43.77
N LEU F 315 -25.50 47.90 42.75
CA LEU F 315 -25.11 48.19 41.38
C LEU F 315 -24.37 49.52 41.33
N ASP F 316 -24.96 50.54 41.95
CA ASP F 316 -24.44 51.89 41.89
C ASP F 316 -22.99 51.99 42.36
N ASP F 317 -22.53 51.03 43.17
CA ASP F 317 -21.18 51.11 43.69
C ASP F 317 -20.17 50.26 42.89
N VAL F 318 -20.53 49.90 41.67
CA VAL F 318 -19.67 49.00 40.87
C VAL F 318 -18.24 49.50 40.76
N ASN F 319 -18.07 50.76 40.39
CA ASN F 319 -16.74 51.34 40.21
C ASN F 319 -15.88 51.26 41.47
N ASP F 320 -16.49 51.47 42.62
CA ASP F 320 -15.77 51.34 43.87
C ASP F 320 -15.27 49.91 43.99
N VAL F 321 -16.15 48.97 43.66
CA VAL F 321 -15.84 47.56 43.74
C VAL F 321 -14.62 47.23 42.85
N PHE F 322 -14.64 47.74 41.62
CA PHE F 322 -13.53 47.53 40.66
C PHE F 322 -12.19 47.99 41.24
N GLY F 323 -12.19 49.17 41.86
CA GLY F 323 -11.00 49.68 42.52
C GLY F 323 -10.42 48.70 43.53
N ARG F 324 -11.27 48.25 44.47
CA ARG F 324 -10.81 47.37 45.53
C ARG F 324 -10.26 46.05 44.98
N LEU F 325 -10.96 45.49 43.99
CA LEU F 325 -10.56 44.23 43.38
C LEU F 325 -9.19 44.41 42.74
N ARG F 326 -9.06 45.50 41.98
CA ARG F 326 -7.79 45.81 41.32
C ARG F 326 -6.62 45.91 42.31
N GLU F 327 -6.89 46.37 43.52
CA GLU F 327 -5.85 46.61 44.51
C GLU F 327 -5.67 45.44 45.48
N GLY F 328 -6.39 44.35 45.21
CA GLY F 328 -6.22 43.13 45.98
C GLY F 328 -6.78 43.26 47.37
N LYS F 329 -7.79 44.11 47.50
CA LYS F 329 -8.42 44.41 48.77
C LYS F 329 -9.76 43.70 48.95
N VAL F 330 -10.03 42.71 48.11
CA VAL F 330 -11.28 41.96 48.26
C VAL F 330 -11.00 40.61 48.89
N GLU F 331 -11.80 40.24 49.88
CA GLU F 331 -11.75 38.88 50.41
C GLU F 331 -12.73 37.98 49.66
N GLY F 332 -12.25 36.96 48.97
CA GLY F 332 -13.16 36.12 48.21
C GLY F 332 -13.82 36.92 47.09
N ARG F 333 -15.15 36.95 47.06
CA ARG F 333 -15.89 37.54 45.94
C ARG F 333 -16.79 38.69 46.37
N VAL F 334 -16.98 39.67 45.51
CA VAL F 334 -18.03 40.68 45.68
C VAL F 334 -19.21 40.34 44.77
N VAL F 335 -20.42 40.42 45.32
CA VAL F 335 -21.62 40.09 44.56
C VAL F 335 -22.56 41.29 44.64
N LEU F 336 -22.94 41.84 43.49
CA LEU F 336 -23.96 42.89 43.44
C LEU F 336 -25.31 42.29 43.85
N ASP F 337 -25.97 42.93 44.81
CA ASP F 337 -27.24 42.41 45.30
C ASP F 337 -28.37 43.31 44.80
N PHE F 338 -29.36 42.72 44.13
CA PHE F 338 -30.50 43.49 43.61
C PHE F 338 -31.71 43.39 44.54
N SER F 339 -31.47 42.86 45.73
CA SER F 339 -32.50 42.69 46.75
C SER F 339 -33.13 44.03 47.12
N ARG F 340 -34.44 44.01 47.30
CA ARG F 340 -35.23 45.21 47.61
C ARG F 340 -35.34 45.43 49.12
N ALA G 1 14.81 -23.57 64.25
CA ALA G 1 13.70 -23.11 65.08
C ALA G 1 12.39 -23.76 64.64
N MET G 2 11.45 -23.90 65.57
CA MET G 2 10.11 -24.37 65.26
C MET G 2 9.08 -23.28 65.55
N MET G 3 7.92 -23.32 64.88
CA MET G 3 6.86 -22.38 65.16
C MET G 3 5.49 -23.04 65.09
N LYS G 4 4.48 -22.36 65.63
CA LYS G 4 3.12 -22.77 65.47
C LYS G 4 2.57 -22.16 64.18
N ALA G 5 1.81 -22.95 63.43
CA ALA G 5 1.15 -22.48 62.22
C ALA G 5 -0.13 -23.27 62.03
N ALA G 6 -1.12 -22.67 61.37
CA ALA G 6 -2.32 -23.41 60.99
C ALA G 6 -2.14 -23.93 59.57
N VAL G 7 -2.35 -25.23 59.38
CA VAL G 7 -2.08 -25.87 58.09
C VAL G 7 -3.33 -26.50 57.46
N VAL G 8 -3.52 -26.26 56.16
CA VAL G 8 -4.55 -26.96 55.41
C VAL G 8 -3.94 -28.23 54.84
N ARG G 9 -4.57 -29.37 55.10
CA ARG G 9 -4.04 -30.63 54.62
C ARG G 9 -5.04 -31.37 53.73
N ALA G 10 -6.30 -30.96 53.76
CA ALA G 10 -7.28 -31.56 52.87
C ALA G 10 -8.44 -30.61 52.67
N PHE G 11 -8.89 -30.47 51.43
CA PHE G 11 -9.96 -29.53 51.18
C PHE G 11 -11.21 -29.89 52.00
N GLY G 12 -11.77 -28.89 52.67
CA GLY G 12 -13.00 -29.09 53.44
C GLY G 12 -12.78 -29.53 54.87
N ALA G 13 -11.57 -30.00 55.16
CA ALA G 13 -11.18 -30.53 56.47
C ALA G 13 -10.76 -29.41 57.40
N PRO G 14 -10.86 -29.64 58.73
CA PRO G 14 -10.37 -28.63 59.66
C PRO G 14 -8.86 -28.41 59.54
N LEU G 15 -8.43 -27.17 59.72
CA LEU G 15 -7.02 -26.86 59.69
C LEU G 15 -6.42 -27.43 60.96
N THR G 16 -5.16 -27.83 60.88
CA THR G 16 -4.47 -28.36 62.02
C THR G 16 -3.47 -27.31 62.51
N ILE G 17 -3.42 -27.11 63.83
CA ILE G 17 -2.42 -26.24 64.44
C ILE G 17 -1.17 -27.04 64.78
N ASP G 18 -0.14 -26.91 63.95
CA ASP G 18 1.01 -27.78 64.05
C ASP G 18 2.26 -27.03 64.44
N GLU G 19 3.22 -27.77 64.96
CA GLU G 19 4.57 -27.26 65.13
C GLU G 19 5.29 -27.56 63.84
N VAL G 20 5.81 -26.53 63.19
CA VAL G 20 6.45 -26.68 61.89
C VAL G 20 7.76 -25.90 61.87
N PRO G 21 8.66 -26.24 60.94
CA PRO G 21 9.94 -25.52 60.91
C PRO G 21 9.72 -24.03 60.60
N VAL G 22 10.59 -23.19 61.15
CA VAL G 22 10.61 -21.76 60.81
C VAL G 22 11.27 -21.54 59.46
N PRO G 23 10.54 -20.88 58.53
CA PRO G 23 11.12 -20.68 57.19
C PRO G 23 12.27 -19.67 57.27
N GLN G 24 13.35 -19.96 56.55
CA GLN G 24 14.57 -19.14 56.55
C GLN G 24 14.69 -18.40 55.23
N PRO G 25 15.15 -17.14 55.28
CA PRO G 25 15.21 -16.32 54.05
C PRO G 25 16.48 -16.53 53.24
N GLY G 26 16.31 -16.96 52.01
CA GLY G 26 17.43 -17.13 51.11
C GLY G 26 17.89 -15.79 50.55
N PRO G 27 18.81 -15.85 49.57
CA PRO G 27 19.25 -14.65 48.86
C PRO G 27 18.07 -13.88 48.27
N GLY G 28 18.04 -12.58 48.48
CA GLY G 28 16.93 -11.75 48.02
C GLY G 28 15.60 -11.95 48.76
N GLN G 29 15.59 -12.74 49.84
CA GLN G 29 14.38 -12.91 50.63
C GLN G 29 14.49 -12.25 52.00
N VAL G 30 13.34 -12.05 52.66
CA VAL G 30 13.36 -11.61 54.05
C VAL G 30 12.44 -12.45 54.89
N GLN G 31 12.66 -12.46 56.19
CA GLN G 31 11.80 -13.21 57.10
C GLN G 31 10.99 -12.18 57.86
N VAL G 32 9.72 -12.48 58.09
CA VAL G 32 8.84 -11.57 58.80
C VAL G 32 8.30 -12.29 60.03
N LYS G 33 8.50 -11.70 61.20
CA LYS G 33 7.88 -12.17 62.44
C LYS G 33 6.49 -11.57 62.56
N ILE G 34 5.47 -12.42 62.43
CA ILE G 34 4.08 -12.01 62.33
C ILE G 34 3.52 -11.54 63.66
N GLU G 35 2.89 -10.36 63.65
CA GLU G 35 2.24 -9.80 64.85
C GLU G 35 0.71 -9.89 64.75
N ALA G 36 0.17 -9.77 63.54
CA ALA G 36 -1.28 -9.88 63.33
C ALA G 36 -1.45 -10.47 61.94
N SER G 37 -2.59 -11.12 61.68
CA SER G 37 -2.79 -11.80 60.41
C SER G 37 -4.27 -11.83 60.07
N GLY G 38 -4.72 -11.03 59.11
CA GLY G 38 -6.13 -10.96 58.81
C GLY G 38 -6.66 -12.22 58.16
N VAL G 39 -7.91 -12.53 58.47
CA VAL G 39 -8.59 -13.66 57.85
C VAL G 39 -9.48 -13.14 56.71
N CYS G 40 -9.16 -13.55 55.50
CA CYS G 40 -9.86 -13.12 54.29
C CYS G 40 -10.75 -14.26 53.81
N HIS G 41 -11.89 -13.95 53.20
CA HIS G 41 -12.79 -15.01 52.79
C HIS G 41 -12.09 -15.94 51.79
N THR G 42 -11.10 -15.40 51.09
CA THR G 42 -10.34 -16.18 50.11
C THR G 42 -9.70 -17.38 50.80
N ASP G 43 -9.41 -17.22 52.08
CA ASP G 43 -8.76 -18.28 52.86
C ASP G 43 -9.70 -19.48 52.97
N LEU G 44 -11.00 -19.18 53.09
CA LEU G 44 -12.03 -20.22 53.05
C LEU G 44 -12.13 -20.85 51.67
N HIS G 45 -12.13 -20.02 50.62
CA HIS G 45 -12.21 -20.55 49.26
C HIS G 45 -11.03 -21.49 49.02
N ALA G 46 -9.87 -21.11 49.54
CA ALA G 46 -8.64 -21.89 49.42
C ALA G 46 -8.74 -23.21 50.18
N ALA G 47 -9.16 -23.14 51.43
CA ALA G 47 -9.22 -24.34 52.29
C ALA G 47 -10.29 -25.31 51.81
N ASP G 48 -11.31 -24.77 51.14
CA ASP G 48 -12.40 -25.59 50.59
C ASP G 48 -12.16 -26.04 49.16
N GLY G 49 -11.12 -25.51 48.52
CA GLY G 49 -10.83 -25.87 47.14
C GLY G 49 -11.97 -25.45 46.21
N ASP G 50 -12.59 -24.31 46.51
CA ASP G 50 -13.66 -23.76 45.66
C ASP G 50 -13.26 -23.43 44.22
N TRP G 51 -11.98 -23.10 44.01
CA TRP G 51 -11.59 -22.47 42.75
C TRP G 51 -11.06 -23.48 41.74
N PRO G 52 -11.13 -23.13 40.44
CA PRO G 52 -10.64 -23.99 39.36
C PRO G 52 -9.16 -24.34 39.50
N VAL G 53 -8.34 -23.36 39.87
CA VAL G 53 -6.95 -23.61 40.18
C VAL G 53 -6.81 -23.71 41.68
N LYS G 54 -6.39 -24.88 42.16
CA LYS G 54 -6.37 -25.17 43.59
C LYS G 54 -4.99 -24.88 44.18
N PRO G 55 -4.93 -24.64 45.50
CA PRO G 55 -3.62 -24.52 46.14
C PRO G 55 -2.97 -25.89 46.29
N THR G 56 -1.65 -25.95 46.29
CA THR G 56 -0.94 -27.21 46.52
C THR G 56 -0.93 -27.53 48.02
N LEU G 57 -1.46 -28.69 48.36
CA LEU G 57 -1.60 -29.11 49.75
C LEU G 57 -0.35 -29.85 50.14
N PRO G 58 0.08 -29.70 51.41
CA PRO G 58 -0.50 -28.80 52.42
C PRO G 58 0.12 -27.41 52.33
N PHE G 59 -0.54 -26.42 52.92
CA PHE G 59 0.00 -25.07 52.90
C PHE G 59 -0.57 -24.32 54.10
N ILE G 60 0.09 -23.21 54.46
CA ILE G 60 -0.33 -22.33 55.55
C ILE G 60 -1.00 -21.15 54.84
N PRO G 61 -2.30 -20.91 55.11
CA PRO G 61 -2.96 -19.77 54.45
C PRO G 61 -2.51 -18.43 55.02
N GLY G 62 -3.06 -17.35 54.48
CA GLY G 62 -2.93 -16.05 55.13
C GLY G 62 -2.14 -15.03 54.32
N HIS G 63 -2.83 -14.06 53.70
CA HIS G 63 -2.14 -13.02 52.94
C HIS G 63 -2.50 -11.60 53.46
N GLU G 64 -2.79 -11.51 54.76
CA GLU G 64 -2.91 -10.23 55.45
C GLU G 64 -2.03 -10.28 56.70
N GLY G 65 -0.86 -10.90 56.55
CA GLY G 65 0.06 -11.02 57.66
C GLY G 65 0.93 -9.79 57.72
N VAL G 66 1.08 -9.24 58.93
CA VAL G 66 1.90 -8.06 59.11
C VAL G 66 2.79 -8.28 60.35
N GLY G 67 3.98 -7.68 60.34
CA GLY G 67 4.89 -7.80 61.45
C GLY G 67 6.20 -7.07 61.21
N TYR G 68 7.27 -7.55 61.82
CA TYR G 68 8.59 -6.93 61.70
C TYR G 68 9.49 -7.81 60.88
N VAL G 69 10.35 -7.20 60.07
CA VAL G 69 11.42 -7.95 59.41
C VAL G 69 12.36 -8.51 60.48
N SER G 70 12.55 -9.82 60.50
CA SER G 70 13.30 -10.44 61.60
C SER G 70 14.62 -11.01 61.13
N ALA G 71 14.78 -11.16 59.81
CA ALA G 71 16.03 -11.58 59.21
C ALA G 71 16.02 -11.24 57.72
N VAL G 72 17.20 -11.06 57.15
CA VAL G 72 17.32 -10.59 55.78
C VAL G 72 18.37 -11.43 55.04
N GLY G 73 18.05 -11.90 53.83
CA GLY G 73 19.01 -12.63 53.02
C GLY G 73 19.90 -11.65 52.27
N SER G 74 20.85 -12.15 51.49
CA SER G 74 21.75 -11.25 50.76
C SER G 74 21.02 -10.50 49.66
N GLY G 75 21.59 -9.37 49.24
CA GLY G 75 21.09 -8.66 48.09
C GLY G 75 19.75 -8.01 48.33
N VAL G 76 19.50 -7.58 49.56
CA VAL G 76 18.23 -6.95 49.90
C VAL G 76 18.46 -5.50 50.32
N SER G 77 17.86 -4.54 49.60
CA SER G 77 18.04 -3.15 49.99
C SER G 77 16.74 -2.42 50.28
N ARG G 78 15.62 -2.97 49.83
CA ARG G 78 14.34 -2.26 50.00
C ARG G 78 13.91 -2.15 51.46
N VAL G 79 14.25 -3.15 52.26
CA VAL G 79 13.89 -3.13 53.68
C VAL G 79 15.06 -3.61 54.53
N LYS G 80 14.94 -3.43 55.84
CA LYS G 80 15.96 -3.92 56.76
C LYS G 80 15.34 -4.45 58.04
N GLU G 81 16.12 -5.24 58.78
CA GLU G 81 15.66 -5.76 60.04
C GLU G 81 14.98 -4.68 60.91
N GLY G 82 13.82 -5.02 61.45
CA GLY G 82 13.03 -4.13 62.28
C GLY G 82 11.94 -3.37 61.53
N ASP G 83 12.01 -3.35 60.21
CA ASP G 83 11.00 -2.63 59.44
C ASP G 83 9.64 -3.31 59.56
N ARG G 84 8.58 -2.51 59.57
CA ARG G 84 7.22 -3.01 59.72
C ARG G 84 6.64 -3.22 58.34
N VAL G 85 6.27 -4.45 58.03
CA VAL G 85 5.87 -4.81 56.66
C VAL G 85 4.70 -5.77 56.65
N GLY G 86 4.04 -5.88 55.51
CA GLY G 86 2.96 -6.85 55.38
C GLY G 86 3.18 -7.67 54.13
N VAL G 87 2.63 -8.88 54.10
CA VAL G 87 2.87 -9.76 52.96
C VAL G 87 1.52 -10.08 52.32
N PRO G 88 1.21 -9.39 51.20
CA PRO G 88 -0.13 -9.48 50.62
C PRO G 88 -0.28 -10.65 49.65
N TRP G 89 -1.46 -10.74 49.06
CA TRP G 89 -1.78 -11.78 48.09
C TRP G 89 -0.71 -11.85 46.99
N LEU G 90 -0.34 -10.70 46.43
CA LEU G 90 0.69 -10.67 45.39
C LEU G 90 2.06 -10.81 46.03
N TYR G 91 2.51 -12.06 46.17
CA TYR G 91 3.76 -12.37 46.88
C TYR G 91 4.96 -11.90 46.08
N SER G 92 4.89 -12.14 44.76
CA SER G 92 5.92 -11.71 43.82
C SER G 92 5.38 -11.75 42.39
N ALA G 93 6.10 -11.08 41.50
CA ALA G 93 5.80 -11.11 40.07
C ALA G 93 7.15 -11.05 39.38
N CYS G 94 7.19 -11.29 38.07
CA CYS G 94 8.48 -11.51 37.42
C CYS G 94 9.24 -10.21 37.16
N GLY G 95 8.53 -9.08 37.06
CA GLY G 95 9.16 -7.78 36.95
C GLY G 95 9.44 -7.30 35.52
N TYR G 96 9.29 -8.15 34.52
CA TYR G 96 9.64 -7.70 33.17
C TYR G 96 8.76 -8.16 32.01
N CYS G 97 7.69 -8.91 32.28
CA CYS G 97 6.67 -9.18 31.27
C CYS G 97 5.93 -7.88 30.93
N GLU G 98 5.10 -7.90 29.90
CA GLU G 98 4.36 -6.71 29.50
C GLU G 98 3.56 -6.10 30.64
N HIS G 99 2.81 -6.92 31.40
CA HIS G 99 2.02 -6.40 32.53
C HIS G 99 2.92 -5.76 33.57
N CYS G 100 3.99 -6.45 33.92
CA CYS G 100 4.91 -5.91 34.92
C CYS G 100 5.54 -4.58 34.49
N LEU G 101 5.93 -4.49 33.22
CA LEU G 101 6.56 -3.27 32.73
C LEU G 101 5.60 -2.08 32.71
N GLN G 102 4.30 -2.40 32.54
CA GLN G 102 3.24 -1.39 32.51
C GLN G 102 2.70 -1.02 33.90
N GLY G 103 3.28 -1.59 34.95
CA GLY G 103 2.82 -1.26 36.29
C GLY G 103 1.52 -1.97 36.63
N TRP G 104 1.25 -3.07 35.93
CA TRP G 104 0.10 -3.94 36.24
C TRP G 104 0.58 -5.29 36.74
N GLU G 105 1.44 -5.30 37.75
CA GLU G 105 2.03 -6.58 38.18
C GLU G 105 0.99 -7.55 38.74
N THR G 106 -0.20 -7.03 39.09
CA THR G 106 -1.29 -7.92 39.54
C THR G 106 -1.78 -8.87 38.45
N LEU G 107 -1.41 -8.60 37.20
CA LEU G 107 -1.80 -9.43 36.07
C LEU G 107 -0.68 -10.41 35.64
N CYS G 108 0.45 -10.38 36.35
CA CYS G 108 1.61 -11.14 35.92
C CYS G 108 1.31 -12.63 35.94
N GLU G 109 1.53 -13.30 34.80
CA GLU G 109 1.17 -14.71 34.70
C GLU G 109 2.15 -15.58 35.49
N LYS G 110 3.28 -15.00 35.85
CA LYS G 110 4.31 -15.69 36.65
C LYS G 110 4.24 -15.39 38.15
N GLN G 111 3.17 -14.74 38.59
CA GLN G 111 3.09 -14.33 40.00
C GLN G 111 2.93 -15.53 40.94
N GLN G 112 3.33 -15.29 42.20
CA GLN G 112 3.08 -16.24 43.28
C GLN G 112 2.12 -15.56 44.22
N ASN G 113 1.32 -16.36 44.92
CA ASN G 113 0.28 -15.84 45.78
C ASN G 113 0.41 -16.34 47.22
N THR G 114 0.51 -15.38 48.13
CA THR G 114 0.77 -15.68 49.54
C THR G 114 -0.39 -16.46 50.14
N GLY G 115 -0.08 -17.55 50.82
CA GLY G 115 -1.13 -18.32 51.46
C GLY G 115 -1.96 -19.05 50.42
N TYR G 116 -1.37 -19.37 49.29
CA TYR G 116 -2.07 -20.14 48.26
C TYR G 116 -1.09 -20.98 47.44
N SER G 117 -0.14 -20.32 46.77
CA SER G 117 0.89 -21.08 46.04
C SER G 117 2.21 -21.15 46.82
N VAL G 118 2.39 -20.25 47.77
CA VAL G 118 3.49 -20.34 48.74
C VAL G 118 2.89 -20.18 50.13
N ASN G 119 3.61 -20.55 51.18
CA ASN G 119 3.04 -20.40 52.51
C ASN G 119 2.81 -18.94 52.95
N GLY G 120 1.78 -18.75 53.76
CA GLY G 120 1.39 -17.42 54.19
C GLY G 120 1.48 -17.16 55.67
N GLY G 121 0.64 -16.23 56.14
CA GLY G 121 0.83 -15.64 57.44
C GLY G 121 0.08 -16.24 58.62
N TYR G 122 -0.53 -17.41 58.48
CA TYR G 122 -1.20 -18.06 59.61
C TYR G 122 -0.15 -18.80 60.43
N GLY G 123 0.91 -18.08 60.79
CA GLY G 123 2.03 -18.71 61.50
C GLY G 123 2.93 -17.64 62.09
N GLU G 124 3.86 -18.05 62.95
CA GLU G 124 4.63 -17.07 63.69
C GLU G 124 5.62 -16.31 62.82
N TYR G 125 6.08 -16.97 61.75
CA TYR G 125 7.02 -16.37 60.81
C TYR G 125 6.59 -16.69 59.38
N VAL G 126 6.89 -15.78 58.46
CA VAL G 126 6.73 -16.10 57.04
C VAL G 126 7.94 -15.51 56.25
N VAL G 127 8.35 -16.18 55.18
CA VAL G 127 9.41 -15.64 54.34
C VAL G 127 8.74 -14.92 53.17
N ALA G 128 9.29 -13.77 52.81
CA ALA G 128 8.66 -12.90 51.81
C ALA G 128 9.68 -12.41 50.79
N ASP G 129 9.17 -11.98 49.62
CA ASP G 129 9.96 -11.23 48.65
C ASP G 129 9.87 -9.74 49.01
N PRO G 130 10.99 -9.13 49.45
CA PRO G 130 10.91 -7.76 49.95
C PRO G 130 10.52 -6.77 48.85
N ASN G 131 10.70 -7.15 47.60
CA ASN G 131 10.28 -6.28 46.50
C ASN G 131 8.78 -6.07 46.41
N TYR G 132 8.01 -6.96 47.06
CA TYR G 132 6.55 -6.92 46.92
C TYR G 132 5.77 -6.75 48.23
N VAL G 133 6.49 -6.64 49.35
CA VAL G 133 5.81 -6.43 50.63
C VAL G 133 5.23 -5.04 50.74
N GLY G 134 4.22 -4.90 51.57
CA GLY G 134 3.72 -3.58 51.90
C GLY G 134 4.61 -2.95 52.95
N LEU G 135 4.93 -1.67 52.77
CA LEU G 135 5.70 -0.91 53.77
C LEU G 135 4.69 -0.16 54.65
N LEU G 136 4.60 -0.55 55.92
CA LEU G 136 3.51 -0.12 56.78
C LEU G 136 3.72 1.27 57.38
N PRO G 137 2.63 2.02 57.58
CA PRO G 137 2.82 3.34 58.19
C PRO G 137 3.08 3.21 59.69
N ASP G 138 3.97 4.06 60.20
CA ASP G 138 4.30 4.03 61.63
C ASP G 138 3.07 4.24 62.53
N LYS G 139 2.14 5.08 62.09
CA LYS G 139 1.07 5.56 62.99
C LYS G 139 -0.07 4.57 63.24
N VAL G 140 -0.09 3.43 62.53
CA VAL G 140 -1.19 2.46 62.70
C VAL G 140 -0.68 1.12 63.27
N GLY G 141 -1.40 0.58 64.25
CA GLY G 141 -1.06 -0.69 64.86
C GLY G 141 -1.25 -1.88 63.92
N PHE G 142 -0.57 -2.98 64.23
CA PHE G 142 -0.58 -4.16 63.38
C PHE G 142 -1.98 -4.73 63.19
N VAL G 143 -2.76 -4.82 64.28
CA VAL G 143 -4.09 -5.40 64.16
C VAL G 143 -4.98 -4.55 63.24
N GLU G 144 -4.96 -3.24 63.41
CA GLU G 144 -5.78 -2.37 62.58
C GLU G 144 -5.35 -2.30 61.11
N ILE G 145 -4.04 -2.40 60.88
CA ILE G 145 -3.51 -2.25 59.52
C ILE G 145 -3.62 -3.56 58.72
N ALA G 146 -3.74 -4.70 59.41
CA ALA G 146 -3.67 -5.99 58.71
C ALA G 146 -4.70 -6.11 57.55
N PRO G 147 -5.98 -5.71 57.76
CA PRO G 147 -6.94 -5.86 56.66
C PRO G 147 -6.65 -4.98 55.43
N ILE G 148 -5.82 -3.96 55.57
CA ILE G 148 -5.51 -3.13 54.40
C ILE G 148 -4.65 -3.90 53.37
N LEU G 149 -3.93 -4.92 53.84
CA LEU G 149 -3.03 -5.69 52.96
C LEU G 149 -3.79 -6.51 51.94
N CYS G 150 -5.08 -6.74 52.18
CA CYS G 150 -5.92 -7.35 51.14
C CYS G 150 -7.29 -6.69 51.01
N ALA G 151 -8.11 -6.71 52.06
CA ALA G 151 -9.41 -6.03 51.98
C ALA G 151 -9.24 -4.57 51.48
N GLY G 152 -8.37 -3.81 52.13
CA GLY G 152 -8.19 -2.39 51.82
C GLY G 152 -7.67 -2.16 50.41
N VAL G 153 -6.52 -2.72 50.09
CA VAL G 153 -5.94 -2.46 48.76
C VAL G 153 -6.90 -2.92 47.67
N THR G 154 -7.57 -4.05 47.89
CA THR G 154 -8.46 -4.60 46.85
C THR G 154 -9.60 -3.64 46.54
N VAL G 155 -10.26 -3.15 47.57
CA VAL G 155 -11.41 -2.30 47.28
C VAL G 155 -11.01 -0.93 46.79
N TYR G 156 -9.85 -0.44 47.24
CA TYR G 156 -9.32 0.83 46.76
C TYR G 156 -9.11 0.77 45.23
N LYS G 157 -8.44 -0.28 44.79
CA LYS G 157 -8.16 -0.44 43.37
C LYS G 157 -9.49 -0.69 42.66
N GLY G 158 -10.36 -1.50 43.26
CA GLY G 158 -11.68 -1.74 42.69
C GLY G 158 -12.46 -0.47 42.44
N LEU G 159 -12.48 0.43 43.43
CA LEU G 159 -13.14 1.71 43.27
C LEU G 159 -12.48 2.56 42.20
N LYS G 160 -11.15 2.56 42.11
CA LYS G 160 -10.48 3.29 41.05
C LYS G 160 -11.00 2.81 39.68
N VAL G 161 -11.12 1.50 39.52
CA VAL G 161 -11.51 0.98 38.20
C VAL G 161 -13.03 1.03 37.93
N THR G 162 -13.82 1.58 38.85
CA THR G 162 -15.22 1.87 38.48
C THR G 162 -15.31 3.09 37.59
N ASP G 163 -14.23 3.86 37.52
CA ASP G 163 -14.21 5.05 36.67
C ASP G 163 -15.25 6.07 37.13
N THR G 164 -15.48 6.15 38.43
CA THR G 164 -16.42 7.14 38.97
C THR G 164 -15.59 8.36 39.36
N ARG G 165 -16.26 9.49 39.65
CA ARG G 165 -15.52 10.66 40.08
C ARG G 165 -16.28 11.36 41.23
N PRO G 166 -15.60 12.27 41.94
CA PRO G 166 -16.23 12.89 43.12
C PRO G 166 -17.62 13.44 42.82
N GLY G 167 -18.56 13.16 43.73
CA GLY G 167 -19.93 13.64 43.61
C GLY G 167 -20.88 12.58 43.04
N GLN G 168 -20.31 11.55 42.39
CA GLN G 168 -21.12 10.49 41.79
C GLN G 168 -21.47 9.41 42.81
N TRP G 169 -22.44 8.56 42.46
CA TRP G 169 -22.91 7.46 43.30
C TRP G 169 -22.19 6.16 43.00
N VAL G 170 -21.74 5.49 44.07
CA VAL G 170 -21.21 4.13 43.97
C VAL G 170 -21.99 3.24 44.95
N VAL G 171 -22.31 2.04 44.50
CA VAL G 171 -22.93 1.04 45.37
C VAL G 171 -21.86 0.07 45.80
N ILE G 172 -21.81 -0.23 47.10
CA ILE G 172 -20.98 -1.31 47.60
C ILE G 172 -21.94 -2.46 47.90
N SER G 173 -21.76 -3.58 47.19
CA SER G 173 -22.57 -4.78 47.39
C SER G 173 -21.76 -5.81 48.20
N GLY G 174 -22.26 -6.12 49.40
CA GLY G 174 -21.54 -7.00 50.31
C GLY G 174 -20.73 -6.15 51.28
N ILE G 175 -21.24 -5.97 52.49
CA ILE G 175 -20.54 -5.11 53.46
C ILE G 175 -19.81 -6.01 54.45
N GLY G 176 -18.88 -6.80 53.96
CA GLY G 176 -18.14 -7.72 54.80
C GLY G 176 -16.75 -7.17 55.04
N GLY G 177 -15.74 -8.05 55.05
CA GLY G 177 -14.37 -7.61 55.28
C GLY G 177 -13.96 -6.56 54.25
N LEU G 178 -14.10 -6.90 52.98
CA LEU G 178 -13.83 -5.93 51.92
C LEU G 178 -14.84 -4.75 51.93
N GLY G 179 -16.12 -5.07 51.94
CA GLY G 179 -17.15 -4.06 51.74
C GLY G 179 -17.13 -2.96 52.80
N HIS G 180 -16.86 -3.32 54.06
CA HIS G 180 -16.95 -2.29 55.10
C HIS G 180 -15.79 -1.29 54.97
N VAL G 181 -14.63 -1.73 54.45
CA VAL G 181 -13.61 -0.71 54.17
C VAL G 181 -13.88 0.01 52.84
N ALA G 182 -14.53 -0.68 51.89
CA ALA G 182 -14.90 -0.01 50.63
C ALA G 182 -15.74 1.22 50.87
N VAL G 183 -16.70 1.14 51.81
CA VAL G 183 -17.54 2.31 52.11
C VAL G 183 -16.68 3.54 52.46
N GLN G 184 -15.65 3.28 53.26
CA GLN G 184 -14.76 4.33 53.74
C GLN G 184 -13.83 4.88 52.67
N TYR G 185 -13.22 3.99 51.88
CA TYR G 185 -12.41 4.47 50.76
C TYR G 185 -13.29 5.28 49.80
N ALA G 186 -14.46 4.77 49.48
CA ALA G 186 -15.36 5.49 48.57
C ALA G 186 -15.65 6.90 49.09
N ARG G 187 -15.99 7.04 50.38
CA ARG G 187 -16.20 8.38 50.96
C ARG G 187 -14.93 9.24 50.85
N ALA G 188 -13.76 8.64 51.10
CA ALA G 188 -12.49 9.36 51.02
C ALA G 188 -12.18 9.85 49.59
N MET G 189 -12.82 9.23 48.61
CA MET G 189 -12.57 9.54 47.22
C MET G 189 -13.66 10.46 46.69
N GLY G 190 -14.50 10.96 47.58
CA GLY G 190 -15.51 11.95 47.22
C GLY G 190 -16.81 11.38 46.67
N LEU G 191 -16.97 10.06 46.77
CA LEU G 191 -18.17 9.39 46.24
C LEU G 191 -19.31 9.37 47.24
N ARG G 192 -20.56 9.39 46.73
CA ARG G 192 -21.73 9.15 47.56
C ARG G 192 -22.00 7.65 47.56
N VAL G 193 -22.30 7.08 48.72
CA VAL G 193 -22.28 5.63 48.85
C VAL G 193 -23.65 5.00 49.16
N ALA G 194 -24.03 4.00 48.37
CA ALA G 194 -25.17 3.15 48.70
C ALA G 194 -24.65 1.79 49.08
N ALA G 195 -25.29 1.17 50.06
CA ALA G 195 -24.87 -0.15 50.54
C ALA G 195 -25.96 -1.21 50.28
N VAL G 196 -25.55 -2.37 49.78
CA VAL G 196 -26.45 -3.53 49.65
C VAL G 196 -25.88 -4.77 50.36
N ASP G 197 -26.74 -5.52 51.05
CA ASP G 197 -26.31 -6.78 51.67
C ASP G 197 -27.60 -7.54 51.96
N ILE G 198 -27.50 -8.68 52.64
CA ILE G 198 -28.66 -9.52 52.93
C ILE G 198 -28.92 -9.67 54.42
N ASP G 199 -28.23 -8.84 55.21
CA ASP G 199 -28.26 -8.92 56.67
C ASP G 199 -28.27 -7.49 57.19
N ASP G 200 -29.28 -7.17 58.00
CA ASP G 200 -29.44 -5.80 58.49
C ASP G 200 -28.25 -5.33 59.29
N ALA G 201 -27.61 -6.22 60.02
CA ALA G 201 -26.46 -5.83 60.84
C ALA G 201 -25.33 -5.28 59.97
N LYS G 202 -25.16 -5.87 58.78
CA LYS G 202 -24.09 -5.45 57.91
C LYS G 202 -24.44 -4.09 57.29
N LEU G 203 -25.72 -3.86 57.04
CA LEU G 203 -26.18 -2.57 56.52
C LEU G 203 -26.05 -1.50 57.59
N ASN G 204 -26.34 -1.87 58.83
CA ASN G 204 -26.16 -0.96 59.96
C ASN G 204 -24.70 -0.51 60.08
N LEU G 205 -23.77 -1.43 59.88
CA LEU G 205 -22.33 -1.13 59.87
C LEU G 205 -22.01 -0.12 58.75
N ALA G 206 -22.54 -0.38 57.54
CA ALA G 206 -22.37 0.53 56.40
C ALA G 206 -22.85 1.93 56.75
N ARG G 207 -24.03 2.01 57.35
CA ARG G 207 -24.61 3.29 57.80
C ARG G 207 -23.67 4.06 58.73
N ARG G 208 -23.15 3.37 59.74
CA ARG G 208 -22.22 3.97 60.69
C ARG G 208 -20.97 4.46 59.98
N LEU G 209 -20.57 3.76 58.93
CA LEU G 209 -19.33 4.04 58.23
C LEU G 209 -19.49 5.04 57.07
N GLY G 210 -20.71 5.51 56.86
CA GLY G 210 -20.90 6.61 55.93
C GLY G 210 -21.78 6.39 54.71
N ALA G 211 -22.43 5.23 54.60
CA ALA G 211 -23.19 4.92 53.38
C ALA G 211 -24.07 6.07 52.80
N GLU G 212 -25.15 6.45 53.46
CA GLU G 212 -26.10 7.49 52.97
C GLU G 212 -27.43 6.85 52.63
N VAL G 213 -27.36 5.75 51.89
CA VAL G 213 -28.54 4.96 51.57
C VAL G 213 -28.14 3.48 51.69
N ALA G 214 -29.08 2.61 52.07
CA ALA G 214 -28.77 1.20 52.23
C ALA G 214 -30.01 0.34 52.07
N VAL G 215 -29.86 -0.83 51.45
CA VAL G 215 -31.01 -1.70 51.27
C VAL G 215 -30.68 -3.20 51.43
N ASN G 216 -31.62 -3.95 52.00
CA ASN G 216 -31.45 -5.36 52.25
C ASN G 216 -32.06 -6.14 51.08
N ALA G 217 -31.19 -6.81 50.33
CA ALA G 217 -31.63 -7.52 49.13
C ALA G 217 -32.56 -8.72 49.39
N ARG G 218 -32.62 -9.18 50.64
CA ARG G 218 -33.60 -10.22 51.01
C ARG G 218 -35.01 -9.64 51.22
N ASP G 219 -35.10 -8.32 51.39
CA ASP G 219 -36.37 -7.64 51.67
C ASP G 219 -37.01 -6.98 50.44
N THR G 220 -36.18 -6.63 49.46
CA THR G 220 -36.66 -6.06 48.20
C THR G 220 -35.66 -6.31 47.09
N ASP G 221 -36.11 -6.19 45.84
CA ASP G 221 -35.19 -6.15 44.72
C ASP G 221 -34.33 -4.89 44.83
N PRO G 222 -33.03 -5.06 45.06
CA PRO G 222 -32.18 -3.90 45.34
C PRO G 222 -31.94 -3.04 44.12
N ALA G 223 -31.95 -3.66 42.93
CA ALA G 223 -31.75 -2.90 41.69
C ALA G 223 -32.92 -1.94 41.48
N ALA G 224 -34.14 -2.46 41.63
CA ALA G 224 -35.31 -1.62 41.45
C ALA G 224 -35.33 -0.51 42.51
N TRP G 225 -34.91 -0.86 43.72
CA TRP G 225 -34.98 0.07 44.83
C TRP G 225 -34.01 1.23 44.61
N LEU G 226 -32.82 0.90 44.12
CA LEU G 226 -31.79 1.91 43.87
C LEU G 226 -32.11 2.78 42.65
N GLN G 227 -32.70 2.18 41.62
CA GLN G 227 -33.13 2.98 40.47
C GLN G 227 -34.13 4.03 40.95
N LYS G 228 -35.04 3.63 41.83
CA LYS G 228 -36.01 4.59 42.35
C LYS G 228 -35.34 5.60 43.29
N GLU G 229 -34.51 5.09 44.19
CA GLU G 229 -33.99 5.91 45.30
C GLU G 229 -32.91 6.91 44.89
N ILE G 230 -31.99 6.51 44.01
CA ILE G 230 -30.91 7.44 43.62
C ILE G 230 -30.82 7.64 42.11
N GLY G 231 -31.73 7.01 41.39
CA GLY G 231 -31.77 7.14 39.95
C GLY G 231 -30.74 6.24 39.28
N GLY G 232 -30.33 5.19 39.99
CA GLY G 232 -29.27 4.31 39.50
C GLY G 232 -27.91 4.87 39.88
N ALA G 233 -26.92 3.99 40.05
CA ALA G 233 -25.60 4.44 40.47
C ALA G 233 -24.68 4.64 39.28
N HIS G 234 -23.67 5.49 39.43
CA HIS G 234 -22.65 5.58 38.40
C HIS G 234 -21.73 4.36 38.39
N GLY G 235 -21.50 3.78 39.56
CA GLY G 235 -20.64 2.64 39.68
C GLY G 235 -21.13 1.69 40.76
N VAL G 236 -20.67 0.44 40.66
CA VAL G 236 -20.91 -0.59 41.68
C VAL G 236 -19.62 -1.36 41.90
N LEU G 237 -19.34 -1.71 43.15
CA LEU G 237 -18.24 -2.60 43.47
C LEU G 237 -18.88 -3.80 44.14
N VAL G 238 -18.66 -5.00 43.57
CA VAL G 238 -19.32 -6.18 44.09
C VAL G 238 -18.28 -6.94 44.92
N THR G 239 -18.45 -6.93 46.23
CA THR G 239 -17.58 -7.74 47.08
C THR G 239 -18.30 -8.98 47.67
N ALA G 240 -19.56 -9.18 47.28
CA ALA G 240 -20.40 -10.29 47.75
C ALA G 240 -19.86 -11.69 47.40
N VAL G 241 -20.22 -12.68 48.23
CA VAL G 241 -19.85 -14.06 47.96
C VAL G 241 -21.02 -14.87 47.42
N SER G 242 -21.88 -14.22 46.64
CA SER G 242 -23.05 -14.87 46.04
C SER G 242 -23.17 -14.42 44.57
N PRO G 243 -23.23 -15.39 43.64
CA PRO G 243 -23.43 -15.05 42.21
C PRO G 243 -24.69 -14.22 41.96
N LYS G 244 -25.74 -14.43 42.75
CA LYS G 244 -26.97 -13.66 42.59
C LYS G 244 -26.72 -12.14 42.75
N ALA G 245 -25.86 -11.75 43.69
CA ALA G 245 -25.49 -10.36 43.88
C ALA G 245 -24.85 -9.75 42.62
N PHE G 246 -24.09 -10.56 41.91
CA PHE G 246 -23.43 -10.10 40.66
C PHE G 246 -24.48 -9.74 39.60
N SER G 247 -25.45 -10.63 39.39
CA SER G 247 -26.54 -10.37 38.46
C SER G 247 -27.35 -9.15 38.86
N GLN G 248 -27.66 -9.04 40.14
CA GLN G 248 -28.44 -7.90 40.61
C GLN G 248 -27.70 -6.58 40.42
N ALA G 249 -26.38 -6.61 40.60
CA ALA G 249 -25.57 -5.40 40.46
C ALA G 249 -25.72 -4.76 39.06
N ILE G 250 -25.85 -5.60 38.03
CA ILE G 250 -25.93 -5.07 36.66
C ILE G 250 -27.14 -4.14 36.49
N GLY G 251 -28.21 -4.43 37.23
CA GLY G 251 -29.41 -3.63 37.15
C GLY G 251 -29.40 -2.38 38.03
N MET G 252 -28.32 -2.19 38.76
CA MET G 252 -28.23 -1.04 39.66
C MET G 252 -27.68 0.24 39.03
N VAL G 253 -27.05 0.14 37.86
CA VAL G 253 -26.35 1.31 37.31
C VAL G 253 -27.22 2.16 36.38
N ARG G 254 -26.86 3.43 36.26
CA ARG G 254 -27.36 4.32 35.21
C ARG G 254 -26.82 3.80 33.90
N ARG G 255 -27.37 4.26 32.77
CA ARG G 255 -26.74 3.94 31.50
C ARG G 255 -25.30 4.48 31.53
N GLY G 256 -24.37 3.74 30.90
CA GLY G 256 -22.98 4.11 30.90
C GLY G 256 -22.21 3.76 32.17
N GLY G 257 -22.89 3.18 33.14
CA GLY G 257 -22.26 2.90 34.42
C GLY G 257 -21.31 1.71 34.33
N THR G 258 -20.51 1.52 35.38
CA THR G 258 -19.50 0.45 35.43
C THR G 258 -19.67 -0.34 36.72
N ILE G 259 -19.71 -1.66 36.58
CA ILE G 259 -19.72 -2.58 37.70
C ILE G 259 -18.33 -3.24 37.79
N ALA G 260 -17.63 -3.00 38.90
CA ALA G 260 -16.35 -3.67 39.16
C ALA G 260 -16.58 -4.85 40.10
N LEU G 261 -15.90 -5.95 39.81
CA LEU G 261 -16.12 -7.20 40.52
C LEU G 261 -14.89 -7.59 41.30
N ASN G 262 -15.04 -7.77 42.61
CA ASN G 262 -13.99 -8.35 43.48
C ASN G 262 -14.36 -9.74 43.97
N GLY G 263 -15.64 -9.97 44.26
CA GLY G 263 -16.03 -11.23 44.89
C GLY G 263 -15.63 -12.45 44.07
N LEU G 264 -15.34 -13.58 44.73
CA LEU G 264 -14.90 -14.78 44.00
C LEU G 264 -15.72 -16.04 44.35
N PRO G 265 -17.05 -15.92 44.39
CA PRO G 265 -17.77 -17.19 44.57
C PRO G 265 -17.57 -18.07 43.34
N PRO G 266 -17.58 -19.40 43.51
CA PRO G 266 -17.46 -20.23 42.30
C PRO G 266 -18.67 -20.12 41.37
N GLY G 267 -18.46 -20.38 40.08
CA GLY G 267 -19.56 -20.46 39.14
C GLY G 267 -19.73 -19.22 38.28
N ASP G 268 -20.83 -19.22 37.52
CA ASP G 268 -21.21 -18.12 36.63
C ASP G 268 -22.28 -17.22 37.27
N PHE G 269 -22.42 -15.99 36.77
CA PHE G 269 -23.62 -15.22 37.07
C PHE G 269 -24.32 -14.86 35.76
N GLY G 270 -25.65 -14.78 35.81
CA GLY G 270 -26.48 -14.47 34.65
C GLY G 270 -26.37 -12.99 34.33
N THR G 271 -26.07 -12.72 33.08
CA THR G 271 -25.76 -11.38 32.63
C THR G 271 -26.72 -10.98 31.52
N PRO G 272 -27.48 -9.90 31.73
CA PRO G 272 -28.45 -9.43 30.74
C PRO G 272 -27.75 -8.66 29.60
N ILE G 273 -27.23 -9.42 28.62
CA ILE G 273 -26.39 -8.85 27.59
C ILE G 273 -27.10 -7.76 26.78
N PHE G 274 -28.38 -7.96 26.48
CA PHE G 274 -29.15 -7.00 25.70
C PHE G 274 -29.08 -5.64 26.38
N ASP G 275 -29.36 -5.61 27.68
CA ASP G 275 -29.30 -4.35 28.42
C ASP G 275 -27.89 -3.80 28.51
N VAL G 276 -26.90 -4.68 28.70
CA VAL G 276 -25.53 -4.23 28.78
C VAL G 276 -25.11 -3.50 27.49
N VAL G 277 -25.56 -4.02 26.36
CA VAL G 277 -25.22 -3.40 25.07
C VAL G 277 -26.05 -2.12 24.84
N LEU G 278 -27.35 -2.23 25.00
CA LEU G 278 -28.25 -1.09 24.80
C LEU G 278 -27.88 0.08 25.73
N LYS G 279 -27.56 -0.21 26.99
CA LYS G 279 -27.27 0.85 27.97
C LYS G 279 -25.77 1.20 28.08
N GLY G 280 -24.92 0.58 27.26
CA GLY G 280 -23.50 0.91 27.26
C GLY G 280 -22.81 0.66 28.60
N ILE G 281 -23.17 -0.43 29.24
CA ILE G 281 -22.63 -0.78 30.57
C ILE G 281 -21.28 -1.49 30.50
N THR G 282 -20.43 -1.26 31.51
CA THR G 282 -19.14 -1.93 31.58
C THR G 282 -19.14 -2.81 32.82
N ILE G 283 -18.63 -4.03 32.67
CA ILE G 283 -18.40 -4.95 33.77
C ILE G 283 -16.92 -5.29 33.79
N ARG G 284 -16.28 -5.17 34.94
CA ARG G 284 -14.82 -5.19 34.96
C ARG G 284 -14.35 -5.97 36.18
N GLY G 285 -13.59 -7.03 35.95
CA GLY G 285 -12.94 -7.72 37.07
C GLY G 285 -11.80 -6.89 37.62
N SER G 286 -11.62 -6.93 38.95
CA SER G 286 -10.51 -6.21 39.58
C SER G 286 -9.83 -7.17 40.57
N ILE G 287 -8.50 -7.24 40.49
CA ILE G 287 -7.72 -8.26 41.23
C ILE G 287 -6.69 -7.57 42.13
N VAL G 288 -6.91 -7.68 43.45
CA VAL G 288 -6.10 -7.01 44.47
C VAL G 288 -5.59 -5.63 44.03
N GLY G 289 -4.32 -5.34 44.26
CA GLY G 289 -3.78 -4.07 43.81
C GLY G 289 -2.28 -4.17 43.62
N THR G 290 -1.71 -3.27 42.83
CA THR G 290 -0.28 -3.25 42.59
C THR G 290 0.42 -2.69 43.83
N ARG G 291 1.75 -2.69 43.83
CA ARG G 291 2.49 -2.12 44.98
C ARG G 291 2.18 -0.64 45.15
N SER G 292 2.02 0.06 44.02
CA SER G 292 1.56 1.43 44.10
C SER G 292 0.17 1.57 44.75
N ASP G 293 -0.80 0.76 44.31
CA ASP G 293 -2.13 0.75 44.90
C ASP G 293 -2.02 0.49 46.40
N LEU G 294 -1.17 -0.46 46.75
CA LEU G 294 -1.04 -0.88 48.16
C LEU G 294 -0.53 0.25 49.02
N GLN G 295 0.50 0.93 48.56
CA GLN G 295 1.05 2.04 49.32
C GLN G 295 0.04 3.18 49.45
N GLU G 296 -0.64 3.53 48.34
CA GLU G 296 -1.71 4.50 48.40
C GLU G 296 -2.80 4.11 49.40
N SER G 297 -3.23 2.86 49.36
CA SER G 297 -4.30 2.41 50.23
C SER G 297 -3.87 2.50 51.69
N LEU G 298 -2.59 2.24 51.96
CA LEU G 298 -2.07 2.33 53.34
C LEU G 298 -2.05 3.77 53.85
N ASP G 299 -1.79 4.72 52.95
CA ASP G 299 -1.76 6.15 53.32
C ASP G 299 -3.15 6.62 53.78
N PHE G 300 -4.22 6.07 53.19
CA PHE G 300 -5.58 6.42 53.62
C PHE G 300 -5.80 5.98 55.08
N ALA G 301 -5.34 4.78 55.41
CA ALA G 301 -5.39 4.29 56.80
C ALA G 301 -4.54 5.17 57.71
N ALA G 302 -3.34 5.55 57.24
CA ALA G 302 -2.43 6.34 58.06
C ALA G 302 -3.05 7.69 58.41
N HIS G 303 -3.74 8.27 57.43
CA HIS G 303 -4.36 9.59 57.61
C HIS G 303 -5.66 9.52 58.38
N GLY G 304 -6.11 8.31 58.68
CA GLY G 304 -7.31 8.14 59.48
C GLY G 304 -8.60 8.16 58.69
N ASP G 305 -8.50 8.16 57.36
CA ASP G 305 -9.70 8.18 56.52
C ASP G 305 -10.41 6.84 56.46
N VAL G 306 -9.65 5.78 56.71
CA VAL G 306 -10.18 4.42 56.72
C VAL G 306 -9.67 3.74 57.98
N LYS G 307 -10.57 3.04 58.66
CA LYS G 307 -10.24 2.27 59.84
C LYS G 307 -11.04 0.99 59.81
N ALA G 308 -10.35 -0.14 59.77
CA ALA G 308 -11.03 -1.41 59.71
C ALA G 308 -11.78 -1.66 61.02
N THR G 309 -12.94 -2.31 60.90
CA THR G 309 -13.67 -2.83 62.06
C THR G 309 -13.14 -4.24 62.26
N VAL G 310 -12.49 -4.48 63.40
CA VAL G 310 -11.73 -5.69 63.62
C VAL G 310 -12.04 -6.35 64.96
N SER G 311 -12.18 -7.67 64.96
CA SER G 311 -12.15 -8.44 66.19
C SER G 311 -10.99 -9.41 66.08
N THR G 312 -10.34 -9.67 67.21
CA THR G 312 -9.15 -10.53 67.21
C THR G 312 -9.48 -11.94 67.65
N ALA G 313 -8.66 -12.89 67.24
CA ALA G 313 -8.78 -14.27 67.70
C ALA G 313 -7.39 -14.85 67.78
N LYS G 314 -7.26 -15.99 68.46
CA LYS G 314 -5.99 -16.69 68.55
C LYS G 314 -5.86 -17.66 67.38
N LEU G 315 -4.63 -17.92 66.96
CA LEU G 315 -4.36 -18.90 65.93
C LEU G 315 -5.13 -20.19 66.20
N ASP G 316 -5.17 -20.60 67.46
CA ASP G 316 -5.74 -21.89 67.82
C ASP G 316 -7.24 -21.98 67.58
N ASP G 317 -7.87 -20.82 67.37
CA ASP G 317 -9.31 -20.80 67.16
C ASP G 317 -9.68 -20.55 65.69
N VAL G 318 -8.73 -20.73 64.78
CA VAL G 318 -8.98 -20.45 63.36
C VAL G 318 -10.18 -21.19 62.80
N ASN G 319 -10.37 -22.42 63.24
CA ASN G 319 -11.47 -23.20 62.68
C ASN G 319 -12.84 -22.64 63.09
N ASP G 320 -12.91 -22.09 64.30
CA ASP G 320 -14.15 -21.44 64.74
C ASP G 320 -14.36 -20.14 63.95
N VAL G 321 -13.27 -19.43 63.71
CA VAL G 321 -13.35 -18.22 62.91
C VAL G 321 -13.89 -18.55 61.52
N PHE G 322 -13.32 -19.58 60.90
CA PHE G 322 -13.75 -19.99 59.56
C PHE G 322 -15.24 -20.29 59.56
N GLY G 323 -15.69 -21.03 60.58
CA GLY G 323 -17.10 -21.35 60.71
C GLY G 323 -17.99 -20.11 60.77
N ARG G 324 -17.61 -19.15 61.60
CA ARG G 324 -18.41 -17.93 61.78
C ARG G 324 -18.42 -17.12 60.49
N LEU G 325 -17.28 -17.09 59.81
CA LEU G 325 -17.21 -16.32 58.58
C LEU G 325 -18.09 -16.98 57.51
N ARG G 326 -18.01 -18.32 57.41
CA ARG G 326 -18.88 -19.09 56.50
C ARG G 326 -20.33 -18.76 56.73
N GLU G 327 -20.74 -18.66 58.00
CA GLU G 327 -22.13 -18.46 58.37
C GLU G 327 -22.57 -17.01 58.29
N GLY G 328 -21.64 -16.11 57.97
CA GLY G 328 -21.92 -14.69 57.87
C GLY G 328 -22.11 -14.03 59.22
N LYS G 329 -21.44 -14.58 60.24
CA LYS G 329 -21.57 -14.08 61.61
C LYS G 329 -20.44 -13.14 62.03
N VAL G 330 -19.61 -12.71 61.10
CA VAL G 330 -18.50 -11.82 61.41
C VAL G 330 -18.85 -10.37 61.03
N GLU G 331 -18.58 -9.44 61.94
CA GLU G 331 -18.74 -8.02 61.61
C GLU G 331 -17.40 -7.44 61.19
N GLY G 332 -17.27 -7.02 59.95
CA GLY G 332 -16.00 -6.52 59.47
C GLY G 332 -15.01 -7.67 59.26
N ARG G 333 -13.84 -7.56 59.90
CA ARG G 333 -12.74 -8.53 59.74
C ARG G 333 -12.39 -9.18 61.05
N VAL G 334 -11.98 -10.44 60.98
CA VAL G 334 -11.27 -11.06 62.10
C VAL G 334 -9.77 -11.04 61.78
N VAL G 335 -8.96 -10.76 62.80
CA VAL G 335 -7.53 -10.67 62.62
C VAL G 335 -6.91 -11.55 63.70
N LEU G 336 -6.08 -12.50 63.29
CA LEU G 336 -5.39 -13.38 64.23
C LEU G 336 -4.31 -12.56 64.94
N ASP G 337 -4.24 -12.68 66.27
CA ASP G 337 -3.33 -11.84 67.04
C ASP G 337 -2.17 -12.67 67.59
N PHE G 338 -0.94 -12.32 67.20
CA PHE G 338 0.25 -13.06 67.63
C PHE G 338 1.09 -12.21 68.62
N SER G 339 0.53 -11.11 69.13
CA SER G 339 1.29 -10.22 70.01
C SER G 339 1.45 -10.88 71.38
N ARG G 340 2.36 -10.39 72.23
CA ARG G 340 2.57 -11.08 73.51
C ARG G 340 1.48 -10.78 74.54
N ALA H 1 -17.87 19.14 -66.10
CA ALA H 1 -18.82 19.21 -65.01
C ALA H 1 -19.43 17.84 -64.74
N MET H 2 -19.53 16.99 -65.77
CA MET H 2 -20.14 15.67 -65.61
C MET H 2 -19.20 14.49 -65.93
N MET H 3 -19.50 13.32 -65.37
CA MET H 3 -18.70 12.11 -65.60
C MET H 3 -19.57 10.86 -65.56
N LYS H 4 -19.05 9.78 -66.15
CA LYS H 4 -19.66 8.48 -66.02
C LYS H 4 -19.17 7.82 -64.73
N ALA H 5 -20.08 7.12 -64.06
CA ALA H 5 -19.77 6.38 -62.84
C ALA H 5 -20.74 5.22 -62.71
N ALA H 6 -20.32 4.15 -62.05
CA ALA H 6 -21.22 3.04 -61.79
C ALA H 6 -21.75 3.22 -60.38
N VAL H 7 -23.08 3.22 -60.25
CA VAL H 7 -23.71 3.53 -58.97
C VAL H 7 -24.54 2.36 -58.42
N VAL H 8 -24.39 2.11 -57.12
CA VAL H 8 -25.22 1.13 -56.43
C VAL H 8 -26.43 1.88 -55.87
N ARG H 9 -27.62 1.43 -56.22
CA ARG H 9 -28.84 2.10 -55.76
C ARG H 9 -29.72 1.21 -54.90
N ALA H 10 -29.56 -0.11 -55.02
CA ALA H 10 -30.30 -1.02 -54.16
C ALA H 10 -29.48 -2.28 -53.93
N PHE H 11 -29.41 -2.74 -52.69
CA PHE H 11 -28.66 -3.96 -52.44
C PHE H 11 -29.17 -5.09 -53.32
N GLY H 12 -28.27 -5.78 -54.01
CA GLY H 12 -28.63 -6.91 -54.85
C GLY H 12 -28.99 -6.55 -56.28
N ALA H 13 -29.27 -5.27 -56.52
CA ALA H 13 -29.67 -4.77 -57.84
C ALA H 13 -28.46 -4.50 -58.73
N PRO H 14 -28.67 -4.54 -60.06
CA PRO H 14 -27.59 -4.20 -60.99
C PRO H 14 -27.12 -2.76 -60.78
N LEU H 15 -25.81 -2.52 -60.88
CA LEU H 15 -25.31 -1.17 -60.79
C LEU H 15 -25.74 -0.43 -62.05
N THR H 16 -25.97 0.87 -61.92
CA THR H 16 -26.33 1.67 -63.07
C THR H 16 -25.15 2.53 -63.48
N ILE H 17 -24.88 2.57 -64.78
CA ILE H 17 -23.82 3.43 -65.31
C ILE H 17 -24.39 4.79 -65.70
N ASP H 18 -24.18 5.77 -64.83
CA ASP H 18 -24.89 7.04 -64.89
C ASP H 18 -23.99 8.22 -65.20
N GLU H 19 -24.58 9.31 -65.69
CA GLU H 19 -23.87 10.58 -65.76
C GLU H 19 -24.11 11.26 -64.44
N VAL H 20 -23.04 11.63 -63.76
CA VAL H 20 -23.12 12.24 -62.44
C VAL H 20 -22.14 13.42 -62.41
N PRO H 21 -22.36 14.34 -61.47
CA PRO H 21 -21.46 15.50 -61.38
C PRO H 21 -20.04 15.08 -61.01
N VAL H 22 -19.06 15.82 -61.51
CA VAL H 22 -17.68 15.60 -61.11
C VAL H 22 -17.46 16.14 -59.69
N PRO H 23 -16.91 15.29 -58.79
CA PRO H 23 -16.69 15.80 -57.44
C PRO H 23 -15.52 16.78 -57.42
N GLN H 24 -15.69 17.85 -56.67
CA GLN H 24 -14.75 18.96 -56.60
C GLN H 24 -14.04 18.98 -55.24
N PRO H 25 -12.73 19.22 -55.23
CA PRO H 25 -11.97 19.11 -53.97
C PRO H 25 -12.02 20.38 -53.14
N GLY H 26 -12.49 20.25 -51.91
CA GLY H 26 -12.55 21.36 -51.01
C GLY H 26 -11.20 21.58 -50.36
N PRO H 27 -11.18 22.45 -49.35
CA PRO H 27 -9.96 22.72 -48.59
C PRO H 27 -9.38 21.41 -48.03
N GLY H 28 -8.08 21.22 -48.19
CA GLY H 28 -7.41 20.02 -47.74
C GLY H 28 -7.72 18.75 -48.53
N GLN H 29 -8.50 18.85 -49.61
CA GLN H 29 -8.82 17.70 -50.45
C GLN H 29 -8.11 17.79 -51.80
N VAL H 30 -8.05 16.67 -52.51
CA VAL H 30 -7.54 16.66 -53.86
C VAL H 30 -8.51 15.90 -54.76
N GLN H 31 -8.44 16.17 -56.05
CA GLN H 31 -9.26 15.45 -57.02
C GLN H 31 -8.31 14.54 -57.77
N VAL H 32 -8.73 13.30 -58.01
CA VAL H 32 -7.93 12.34 -58.77
C VAL H 32 -8.69 11.93 -60.01
N LYS H 33 -8.02 12.05 -61.15
CA LYS H 33 -8.54 11.58 -62.43
C LYS H 33 -8.16 10.11 -62.63
N ILE H 34 -9.15 9.24 -62.57
CA ILE H 34 -8.92 7.79 -62.52
C ILE H 34 -8.48 7.22 -63.86
N GLU H 35 -7.38 6.47 -63.85
CA GLU H 35 -6.90 5.75 -65.04
C GLU H 35 -7.22 4.26 -65.00
N ALA H 36 -7.25 3.68 -63.80
CA ALA H 36 -7.57 2.26 -63.64
C ALA H 36 -8.21 2.11 -62.26
N SER H 37 -9.01 1.06 -62.06
CA SER H 37 -9.77 0.95 -60.82
C SER H 37 -10.03 -0.54 -60.57
N GLY H 38 -9.34 -1.11 -59.58
CA GLY H 38 -9.47 -2.55 -59.34
C GLY H 38 -10.82 -2.93 -58.75
N VAL H 39 -11.28 -4.11 -59.13
CA VAL H 39 -12.52 -4.66 -58.57
C VAL H 39 -12.19 -5.65 -57.45
N CYS H 40 -12.59 -5.29 -56.23
CA CYS H 40 -12.33 -6.07 -55.02
C CYS H 40 -13.62 -6.80 -54.61
N HIS H 41 -13.50 -8.00 -54.08
CA HIS H 41 -14.70 -8.74 -53.72
C HIS H 41 -15.54 -7.97 -52.70
N THR H 42 -14.88 -7.09 -51.94
CA THR H 42 -15.57 -6.24 -50.98
C THR H 42 -16.65 -5.41 -51.69
N ASP H 43 -16.39 -5.10 -52.96
CA ASP H 43 -17.33 -4.29 -53.75
C ASP H 43 -18.65 -5.05 -53.96
N LEU H 44 -18.55 -6.37 -54.10
CA LEU H 44 -19.74 -7.22 -54.16
C LEU H 44 -20.42 -7.26 -52.80
N HIS H 45 -19.64 -7.48 -51.73
CA HIS H 45 -20.21 -7.51 -50.37
C HIS H 45 -20.98 -6.22 -50.11
N ALA H 46 -20.44 -5.10 -50.58
CA ALA H 46 -21.04 -3.78 -50.40
C ALA H 46 -22.31 -3.64 -51.24
N ALA H 47 -22.25 -4.03 -52.51
CA ALA H 47 -23.39 -3.91 -53.40
C ALA H 47 -24.53 -4.84 -52.98
N ASP H 48 -24.19 -5.94 -52.30
CA ASP H 48 -25.18 -6.91 -51.81
C ASP H 48 -25.62 -6.70 -50.36
N GLY H 49 -25.04 -5.71 -49.68
CA GLY H 49 -25.38 -5.47 -48.29
C GLY H 49 -25.16 -6.69 -47.42
N ASP H 50 -24.08 -7.44 -47.68
CA ASP H 50 -23.75 -8.63 -46.88
C ASP H 50 -23.40 -8.35 -45.42
N TRP H 51 -22.91 -7.15 -45.14
CA TRP H 51 -22.27 -6.88 -43.86
C TRP H 51 -23.25 -6.23 -42.88
N PRO H 52 -22.97 -6.38 -41.58
CA PRO H 52 -23.78 -5.79 -40.50
C PRO H 52 -23.92 -4.27 -40.61
N VAL H 53 -22.80 -3.61 -40.91
CA VAL H 53 -22.81 -2.17 -41.15
C VAL H 53 -22.83 -2.00 -42.65
N LYS H 54 -23.89 -1.38 -43.17
CA LYS H 54 -24.07 -1.26 -44.62
C LYS H 54 -23.64 0.10 -45.16
N PRO H 55 -23.31 0.18 -46.46
CA PRO H 55 -23.00 1.50 -47.00
C PRO H 55 -24.29 2.30 -47.18
N THR H 56 -24.18 3.62 -47.12
CA THR H 56 -25.34 4.49 -47.38
C THR H 56 -25.59 4.56 -48.88
N LEU H 57 -26.83 4.28 -49.28
CA LEU H 57 -27.20 4.27 -50.69
C LEU H 57 -27.70 5.65 -51.05
N PRO H 58 -27.44 6.09 -52.28
CA PRO H 58 -26.61 5.41 -53.29
C PRO H 58 -25.14 5.77 -53.13
N PHE H 59 -24.24 4.97 -53.70
CA PHE H 59 -22.82 5.26 -53.61
C PHE H 59 -22.09 4.64 -54.80
N ILE H 60 -20.90 5.17 -55.11
CA ILE H 60 -20.07 4.67 -56.20
C ILE H 60 -19.01 3.81 -55.52
N PRO H 61 -18.93 2.52 -55.86
CA PRO H 61 -17.90 1.69 -55.21
C PRO H 61 -16.50 1.99 -55.71
N GLY H 62 -15.53 1.25 -55.16
CA GLY H 62 -14.17 1.22 -55.71
C GLY H 62 -13.08 1.83 -54.83
N HIS H 63 -12.29 0.98 -54.17
CA HIS H 63 -11.17 1.46 -53.35
C HIS H 63 -9.81 0.92 -53.86
N GLU H 64 -9.71 0.72 -55.18
CA GLU H 64 -8.44 0.40 -55.85
C GLU H 64 -8.28 1.33 -57.07
N GLY H 65 -8.74 2.56 -56.90
CA GLY H 65 -8.71 3.55 -57.96
C GLY H 65 -7.37 4.23 -57.97
N VAL H 66 -6.75 4.33 -59.15
CA VAL H 66 -5.46 4.98 -59.25
C VAL H 66 -5.49 5.93 -60.44
N GLY H 67 -4.71 7.00 -60.37
CA GLY H 67 -4.70 7.98 -61.43
C GLY H 67 -3.80 9.15 -61.11
N TYR H 68 -4.09 10.31 -61.72
CA TYR H 68 -3.28 11.51 -61.51
C TYR H 68 -4.07 12.51 -60.71
N VAL H 69 -3.40 13.25 -59.82
CA VAL H 69 -4.01 14.39 -59.15
C VAL H 69 -4.38 15.44 -60.21
N SER H 70 -5.65 15.81 -60.26
CA SER H 70 -6.14 16.66 -61.36
C SER H 70 -6.55 18.02 -60.84
N ALA H 71 -6.70 18.16 -59.53
CA ALA H 71 -7.00 19.44 -58.90
C ALA H 71 -6.71 19.34 -57.41
N VAL H 72 -6.37 20.47 -56.80
CA VAL H 72 -5.90 20.48 -55.41
C VAL H 72 -6.61 21.60 -54.64
N GLY H 73 -7.18 21.29 -53.47
CA GLY H 73 -7.79 22.31 -52.64
C GLY H 73 -6.73 23.05 -51.85
N SER H 74 -7.13 24.02 -51.04
CA SER H 74 -6.15 24.76 -50.23
C SER H 74 -5.56 23.89 -49.12
N GLY H 75 -4.36 24.26 -48.66
CA GLY H 75 -3.75 23.65 -47.51
C GLY H 75 -3.32 22.22 -47.77
N VAL H 76 -2.91 21.96 -49.00
CA VAL H 76 -2.45 20.63 -49.39
C VAL H 76 -0.94 20.68 -49.71
N SER H 77 -0.15 19.89 -49.02
CA SER H 77 1.29 19.91 -49.29
C SER H 77 1.86 18.53 -49.63
N ARG H 78 1.16 17.46 -49.27
CA ARG H 78 1.72 16.13 -49.49
C ARG H 78 1.84 15.75 -50.98
N VAL H 79 0.91 16.25 -51.79
CA VAL H 79 0.91 15.95 -53.22
C VAL H 79 0.64 17.21 -54.02
N LYS H 80 0.80 17.12 -55.35
CA LYS H 80 0.50 18.25 -56.23
C LYS H 80 -0.07 17.75 -57.56
N GLU H 81 -0.68 18.65 -58.33
CA GLU H 81 -1.20 18.25 -59.63
C GLU H 81 -0.20 17.46 -60.45
N GLY H 82 -0.68 16.39 -61.07
CA GLY H 82 0.15 15.53 -61.89
C GLY H 82 0.70 14.33 -61.12
N ASP H 83 0.64 14.37 -59.79
CA ASP H 83 1.19 13.24 -59.02
C ASP H 83 0.35 11.99 -59.25
N ARG H 84 1.00 10.83 -59.25
CA ARG H 84 0.33 9.56 -59.47
C ARG H 84 -0.02 8.97 -58.09
N VAL H 85 -1.31 8.78 -57.85
CA VAL H 85 -1.79 8.41 -56.52
C VAL H 85 -2.91 7.39 -56.59
N GLY H 86 -3.17 6.72 -55.48
CA GLY H 86 -4.24 5.75 -55.42
C GLY H 86 -5.06 6.02 -54.18
N VAL H 87 -6.34 5.65 -54.22
CA VAL H 87 -7.25 5.97 -53.13
C VAL H 87 -7.78 4.65 -52.54
N PRO H 88 -7.18 4.24 -51.40
CA PRO H 88 -7.45 2.90 -50.86
C PRO H 88 -8.66 2.88 -49.92
N TRP H 89 -8.96 1.69 -49.40
CA TRP H 89 -10.08 1.51 -48.48
C TRP H 89 -10.06 2.52 -47.35
N LEU H 90 -8.89 2.73 -46.74
CA LEU H 90 -8.73 3.71 -45.67
C LEU H 90 -8.64 5.11 -46.27
N TYR H 91 -9.80 5.74 -46.44
CA TYR H 91 -9.93 7.05 -47.10
C TYR H 91 -9.33 8.14 -46.24
N SER H 92 -9.62 8.06 -44.93
CA SER H 92 -9.09 9.00 -43.95
C SER H 92 -9.25 8.44 -42.54
N ALA H 93 -8.49 9.02 -41.61
CA ALA H 93 -8.59 8.67 -40.21
C ALA H 93 -8.42 9.97 -39.46
N CYS H 94 -8.67 9.95 -38.16
CA CYS H 94 -8.75 11.19 -37.40
C CYS H 94 -7.38 11.80 -37.09
N GLY H 95 -6.35 10.96 -37.02
CA GLY H 95 -5.00 11.46 -36.82
C GLY H 95 -4.54 11.55 -35.38
N TYR H 96 -5.44 11.50 -34.40
CA TYR H 96 -4.98 11.71 -33.02
C TYR H 96 -5.61 10.86 -31.92
N CYS H 97 -6.45 9.90 -32.26
CA CYS H 97 -6.94 8.94 -31.27
C CYS H 97 -5.78 8.00 -30.93
N GLU H 98 -5.96 7.15 -29.92
CA GLU H 98 -4.91 6.22 -29.51
C GLU H 98 -4.38 5.39 -30.68
N HIS H 99 -5.28 4.80 -31.48
CA HIS H 99 -4.83 4.00 -32.64
C HIS H 99 -4.01 4.83 -33.63
N CYS H 100 -4.52 6.00 -33.98
CA CYS H 100 -3.80 6.86 -34.91
C CYS H 100 -2.42 7.25 -34.39
N LEU H 101 -2.33 7.59 -33.11
CA LEU H 101 -1.04 8.01 -32.55
C LEU H 101 -0.04 6.86 -32.54
N GLN H 102 -0.54 5.63 -32.48
CA GLN H 102 0.30 4.45 -32.40
C GLN H 102 0.66 3.91 -33.78
N GLY H 103 0.20 4.59 -34.82
CA GLY H 103 0.50 4.18 -36.18
C GLY H 103 -0.34 2.99 -36.61
N TRP H 104 -1.50 2.86 -35.97
CA TRP H 104 -2.50 1.87 -36.37
C TRP H 104 -3.76 2.56 -36.86
N GLU H 105 -3.62 3.46 -37.84
CA GLU H 105 -4.78 4.23 -38.27
C GLU H 105 -5.87 3.33 -38.91
N THR H 106 -5.51 2.10 -39.27
CA THR H 106 -6.52 1.16 -39.80
C THR H 106 -7.59 0.79 -38.78
N LEU H 107 -7.32 1.05 -37.51
CA LEU H 107 -8.27 0.74 -36.44
C LEU H 107 -9.06 1.98 -36.01
N CYS H 108 -8.84 3.11 -36.68
CA CYS H 108 -9.42 4.37 -36.22
C CYS H 108 -10.95 4.28 -36.28
N GLU H 109 -11.63 4.55 -35.17
CA GLU H 109 -13.07 4.37 -35.16
C GLU H 109 -13.79 5.51 -35.90
N LYS H 110 -13.05 6.57 -36.19
CA LYS H 110 -13.56 7.71 -36.97
C LYS H 110 -13.19 7.63 -38.47
N GLN H 111 -12.64 6.51 -38.92
CA GLN H 111 -12.20 6.42 -40.31
C GLN H 111 -13.36 6.47 -41.29
N GLN H 112 -13.06 6.87 -42.52
CA GLN H 112 -13.99 6.79 -43.63
C GLN H 112 -13.44 5.78 -44.59
N ASN H 113 -14.32 5.12 -45.34
CA ASN H 113 -13.90 4.06 -46.24
C ASN H 113 -14.31 4.33 -47.67
N THR H 114 -13.31 4.37 -48.55
CA THR H 114 -13.52 4.65 -49.96
C THR H 114 -14.44 3.61 -50.65
N GLY H 115 -15.46 4.10 -51.36
CA GLY H 115 -16.38 3.21 -52.05
C GLY H 115 -17.25 2.44 -51.07
N TYR H 116 -17.49 3.01 -49.90
CA TYR H 116 -18.40 2.39 -48.93
C TYR H 116 -19.12 3.46 -48.14
N SER H 117 -18.37 4.29 -47.43
CA SER H 117 -18.98 5.38 -46.67
C SER H 117 -18.84 6.72 -47.39
N VAL H 118 -17.87 6.82 -48.30
CA VAL H 118 -17.77 7.94 -49.23
C VAL H 118 -17.63 7.36 -50.65
N ASN H 119 -17.85 8.18 -51.67
CA ASN H 119 -17.72 7.66 -53.02
C ASN H 119 -16.31 7.23 -53.43
N GLY H 120 -16.26 6.22 -54.28
CA GLY H 120 -15.00 5.63 -54.66
C GLY H 120 -14.68 5.78 -56.13
N GLY H 121 -13.88 4.82 -56.62
CA GLY H 121 -13.21 4.98 -57.89
C GLY H 121 -13.83 4.33 -59.11
N TYR H 122 -15.08 3.88 -59.02
CA TYR H 122 -15.78 3.36 -60.21
C TYR H 122 -16.35 4.52 -61.01
N GLY H 123 -15.50 5.49 -61.32
CA GLY H 123 -15.94 6.72 -61.98
C GLY H 123 -14.72 7.44 -62.51
N GLU H 124 -14.93 8.47 -63.32
CA GLU H 124 -13.81 9.11 -64.01
C GLU H 124 -12.95 9.97 -63.09
N TYR H 125 -13.57 10.49 -62.03
CA TYR H 125 -12.85 11.27 -61.03
C TYR H 125 -13.30 10.85 -59.64
N VAL H 126 -12.40 10.99 -58.66
CA VAL H 126 -12.77 10.83 -57.26
C VAL H 126 -12.09 11.91 -56.38
N VAL H 127 -12.75 12.36 -55.31
CA VAL H 127 -12.11 13.31 -54.42
C VAL H 127 -11.50 12.51 -53.26
N ALA H 128 -10.28 12.88 -52.87
CA ALA H 128 -9.54 12.11 -51.87
C ALA H 128 -8.94 13.02 -50.79
N ASP H 129 -8.63 12.42 -49.63
CA ASP H 129 -7.80 13.05 -48.59
C ASP H 129 -6.34 12.74 -48.91
N PRO H 130 -5.57 13.77 -49.31
CA PRO H 130 -4.19 13.55 -49.76
C PRO H 130 -3.32 12.96 -48.65
N ASN H 131 -3.72 13.14 -47.40
CA ASN H 131 -2.96 12.60 -46.29
C ASN H 131 -3.00 11.08 -46.21
N TYR H 132 -3.95 10.45 -46.90
CA TYR H 132 -4.14 9.00 -46.82
C TYR H 132 -3.99 8.27 -48.16
N VAL H 133 -3.76 9.01 -49.25
CA VAL H 133 -3.62 8.34 -50.56
C VAL H 133 -2.32 7.56 -50.64
N GLY H 134 -2.28 6.58 -51.52
CA GLY H 134 -1.05 5.87 -51.80
C GLY H 134 -0.24 6.69 -52.80
N LEU H 135 1.07 6.82 -52.57
CA LEU H 135 1.94 7.50 -53.53
C LEU H 135 2.58 6.43 -54.42
N LEU H 136 2.21 6.44 -55.70
CA LEU H 136 2.53 5.33 -56.59
C LEU H 136 3.97 5.37 -57.12
N PRO H 137 4.58 4.19 -57.31
CA PRO H 137 5.92 4.20 -57.91
C PRO H 137 5.89 4.55 -59.40
N ASP H 138 6.85 5.35 -59.84
CA ASP H 138 6.95 5.74 -61.25
C ASP H 138 7.04 4.53 -62.19
N LYS H 139 7.69 3.45 -61.72
CA LYS H 139 8.10 2.35 -62.60
C LYS H 139 6.97 1.38 -62.97
N VAL H 140 5.81 1.50 -62.32
CA VAL H 140 4.70 0.57 -62.57
C VAL H 140 3.49 1.26 -63.17
N GLY H 141 2.90 0.65 -64.20
CA GLY H 141 1.73 1.19 -64.86
C GLY H 141 0.49 1.15 -63.98
N PHE H 142 -0.51 1.94 -64.33
CA PHE H 142 -1.72 2.11 -63.52
C PHE H 142 -2.52 0.80 -63.38
N VAL H 143 -2.69 0.07 -64.49
CA VAL H 143 -3.46 -1.16 -64.43
C VAL H 143 -2.79 -2.19 -63.51
N GLU H 144 -1.46 -2.35 -63.65
CA GLU H 144 -0.72 -3.32 -62.84
C GLU H 144 -0.66 -2.93 -61.34
N ILE H 145 -0.62 -1.64 -61.03
CA ILE H 145 -0.45 -1.20 -59.64
C ILE H 145 -1.80 -1.14 -58.90
N ALA H 146 -2.91 -1.03 -59.63
CA ALA H 146 -4.22 -0.84 -58.97
C ALA H 146 -4.51 -1.88 -57.85
N PRO H 147 -4.30 -3.20 -58.11
CA PRO H 147 -4.60 -4.19 -57.08
C PRO H 147 -3.74 -4.04 -55.80
N ILE H 148 -2.60 -3.37 -55.88
CA ILE H 148 -1.78 -3.19 -54.67
C ILE H 148 -2.49 -2.29 -53.64
N LEU H 149 -3.39 -1.41 -54.11
CA LEU H 149 -4.05 -0.43 -53.24
C LEU H 149 -4.98 -1.10 -52.25
N CYS H 150 -5.36 -2.35 -52.53
CA CYS H 150 -6.12 -3.12 -51.53
C CYS H 150 -5.65 -4.57 -51.41
N ALA H 151 -5.78 -5.35 -52.50
CA ALA H 151 -5.27 -6.72 -52.46
C ALA H 151 -3.84 -6.77 -51.92
N GLY H 152 -2.94 -5.96 -52.48
CA GLY H 152 -1.52 -6.00 -52.13
C GLY H 152 -1.23 -5.61 -50.68
N VAL H 153 -1.65 -4.41 -50.31
CA VAL H 153 -1.38 -3.92 -48.96
C VAL H 153 -2.04 -4.85 -47.94
N THR H 154 -3.25 -5.29 -48.23
CA THR H 154 -3.96 -6.14 -47.25
C THR H 154 -3.19 -7.43 -46.94
N VAL H 155 -2.75 -8.13 -47.98
CA VAL H 155 -2.08 -9.40 -47.72
C VAL H 155 -0.67 -9.21 -47.18
N TYR H 156 -0.01 -8.12 -47.58
CA TYR H 156 1.29 -7.80 -47.04
C TYR H 156 1.20 -7.62 -45.50
N LYS H 157 0.24 -6.81 -45.07
CA LYS H 157 0.05 -6.60 -43.64
C LYS H 157 -0.41 -7.90 -42.99
N GLY H 158 -1.30 -8.62 -43.65
CA GLY H 158 -1.76 -9.91 -43.15
C GLY H 158 -0.61 -10.84 -42.89
N LEU H 159 0.31 -10.92 -43.86
CA LEU H 159 1.46 -11.79 -43.68
C LEU H 159 2.35 -11.31 -42.54
N LYS H 160 2.54 -10.00 -42.42
CA LYS H 160 3.32 -9.49 -41.29
C LYS H 160 2.74 -9.98 -39.95
N VAL H 161 1.41 -9.93 -39.81
CA VAL H 161 0.80 -10.26 -38.54
C VAL H 161 0.62 -11.77 -38.30
N THR H 162 1.08 -12.61 -39.23
CA THR H 162 1.16 -14.05 -38.95
C THR H 162 2.32 -14.35 -38.02
N ASP H 163 3.22 -13.38 -37.87
CA ASP H 163 4.39 -13.55 -37.01
C ASP H 163 5.28 -14.71 -37.46
N THR H 164 5.35 -14.93 -38.76
CA THR H 164 6.23 -15.97 -39.31
C THR H 164 7.58 -15.32 -39.65
N ARG H 165 8.59 -16.14 -39.93
CA ARG H 165 9.92 -15.62 -40.24
C ARG H 165 10.48 -16.38 -41.43
N PRO H 166 11.49 -15.81 -42.11
CA PRO H 166 12.07 -16.49 -43.28
C PRO H 166 12.41 -17.94 -42.99
N GLY H 167 12.02 -18.81 -43.92
CA GLY H 167 12.31 -20.23 -43.84
C GLY H 167 11.10 -21.02 -43.36
N GLN H 168 10.15 -20.34 -42.73
CA GLN H 168 8.96 -21.01 -42.18
C GLN H 168 7.87 -21.15 -43.25
N TRP H 169 6.88 -22.02 -42.99
CA TRP H 169 5.78 -22.28 -43.91
C TRP H 169 4.59 -21.39 -43.61
N VAL H 170 4.03 -20.79 -44.65
CA VAL H 170 2.74 -20.10 -44.54
C VAL H 170 1.79 -20.70 -45.57
N VAL H 171 0.53 -20.88 -45.18
CA VAL H 171 -0.48 -21.30 -46.14
C VAL H 171 -1.27 -20.07 -46.57
N ILE H 172 -1.50 -19.93 -47.87
CA ILE H 172 -2.46 -18.95 -48.35
C ILE H 172 -3.72 -19.73 -48.73
N SER H 173 -4.82 -19.43 -48.05
CA SER H 173 -6.11 -20.03 -48.34
C SER H 173 -7.00 -19.07 -49.13
N GLY H 174 -7.35 -19.48 -50.36
CA GLY H 174 -8.08 -18.65 -51.32
C GLY H 174 -7.08 -17.92 -52.22
N ILE H 175 -6.91 -18.41 -53.44
CA ILE H 175 -5.93 -17.81 -54.35
C ILE H 175 -6.69 -16.94 -55.34
N GLY H 176 -7.37 -15.92 -54.82
CA GLY H 176 -8.14 -15.01 -55.65
C GLY H 176 -7.38 -13.71 -55.85
N GLY H 177 -8.09 -12.58 -55.83
CA GLY H 177 -7.44 -11.29 -55.97
C GLY H 177 -6.38 -11.06 -54.90
N LEU H 178 -6.79 -11.19 -53.63
CA LEU H 178 -5.83 -11.10 -52.52
C LEU H 178 -4.81 -12.23 -52.55
N GLY H 179 -5.31 -13.46 -52.62
CA GLY H 179 -4.47 -14.63 -52.43
C GLY H 179 -3.36 -14.76 -53.46
N HIS H 180 -3.63 -14.43 -54.72
CA HIS H 180 -2.60 -14.63 -55.72
C HIS H 180 -1.43 -13.63 -55.54
N VAL H 181 -1.69 -12.45 -54.96
CA VAL H 181 -0.53 -11.59 -54.65
C VAL H 181 0.07 -11.96 -53.31
N ALA H 182 -0.73 -12.54 -52.41
CA ALA H 182 -0.18 -13.01 -51.13
C ALA H 182 0.93 -14.04 -51.33
N VAL H 183 0.74 -14.93 -52.31
CA VAL H 183 1.76 -15.95 -52.60
C VAL H 183 3.10 -15.25 -52.88
N GLN H 184 3.01 -14.16 -53.64
CA GLN H 184 4.19 -13.44 -54.08
C GLN H 184 4.85 -12.64 -52.97
N TYR H 185 4.04 -11.93 -52.18
CA TYR H 185 4.59 -11.24 -51.02
C TYR H 185 5.23 -12.25 -50.09
N ALA H 186 4.54 -13.35 -49.82
CA ALA H 186 5.11 -14.36 -48.91
C ALA H 186 6.49 -14.84 -49.37
N ARG H 187 6.65 -15.12 -50.69
CA ARG H 187 7.97 -15.49 -51.20
C ARG H 187 9.01 -14.39 -51.02
N ALA H 188 8.61 -13.14 -51.29
CA ALA H 188 9.49 -11.99 -51.12
C ALA H 188 9.92 -11.80 -49.65
N MET H 189 9.15 -12.37 -48.75
CA MET H 189 9.45 -12.25 -47.32
C MET H 189 10.19 -13.47 -46.80
N GLY H 190 10.59 -14.36 -47.72
CA GLY H 190 11.43 -15.48 -47.34
C GLY H 190 10.67 -16.71 -46.87
N LEU H 191 9.33 -16.70 -47.03
CA LEU H 191 8.48 -17.79 -46.54
C LEU H 191 8.33 -18.88 -47.59
N ARG H 192 8.15 -20.12 -47.15
CA ARG H 192 7.78 -21.22 -48.03
C ARG H 192 6.25 -21.26 -48.09
N VAL H 193 5.70 -21.41 -49.29
CA VAL H 193 4.26 -21.18 -49.46
C VAL H 193 3.47 -22.44 -49.85
N ALA H 194 2.39 -22.70 -49.11
CA ALA H 194 1.43 -23.73 -49.47
C ALA H 194 0.15 -23.01 -49.89
N ALA H 195 -0.52 -23.52 -50.93
CA ALA H 195 -1.77 -22.91 -51.39
C ALA H 195 -2.98 -23.84 -51.24
N VAL H 196 -4.11 -23.28 -50.80
CA VAL H 196 -5.36 -24.02 -50.70
C VAL H 196 -6.47 -23.26 -51.43
N ASP H 197 -7.29 -23.97 -52.21
CA ASP H 197 -8.45 -23.34 -52.84
C ASP H 197 -9.37 -24.49 -53.19
N ILE H 198 -10.46 -24.21 -53.91
CA ILE H 198 -11.44 -25.23 -54.26
C ILE H 198 -11.59 -25.39 -55.77
N ASP H 199 -10.68 -24.78 -56.52
CA ASP H 199 -10.70 -24.80 -57.97
C ASP H 199 -9.27 -24.99 -58.44
N ASP H 200 -9.05 -26.01 -59.26
CA ASP H 200 -7.70 -26.34 -59.70
C ASP H 200 -7.03 -25.20 -60.46
N ALA H 201 -7.80 -24.41 -61.18
CA ALA H 201 -7.19 -23.31 -61.94
C ALA H 201 -6.52 -22.31 -61.00
N LYS H 202 -7.08 -22.14 -59.81
CA LYS H 202 -6.56 -21.14 -58.89
C LYS H 202 -5.30 -21.68 -58.23
N LEU H 203 -5.27 -22.99 -58.02
CA LEU H 203 -4.09 -23.63 -57.48
C LEU H 203 -2.97 -23.63 -58.51
N ASN H 204 -3.35 -23.80 -59.78
CA ASN H 204 -2.39 -23.74 -60.87
C ASN H 204 -1.75 -22.36 -60.95
N LEU H 205 -2.55 -21.31 -60.75
CA LEU H 205 -2.02 -19.94 -60.67
C LEU H 205 -0.99 -19.81 -59.52
N ALA H 206 -1.35 -20.33 -58.33
CA ALA H 206 -0.45 -20.28 -57.17
C ALA H 206 0.88 -20.97 -57.49
N ARG H 207 0.79 -22.11 -58.19
CA ARG H 207 1.99 -22.87 -58.56
C ARG H 207 2.92 -22.02 -59.42
N ARG H 208 2.35 -21.38 -60.44
CA ARG H 208 3.11 -20.49 -61.31
C ARG H 208 3.73 -19.36 -60.53
N LEU H 209 3.00 -18.90 -59.51
CA LEU H 209 3.46 -17.74 -58.74
C LEU H 209 4.39 -18.08 -57.58
N GLY H 210 4.70 -19.35 -57.39
CA GLY H 210 5.71 -19.70 -56.40
C GLY H 210 5.31 -20.55 -55.20
N ALA H 211 4.05 -21.00 -55.15
CA ALA H 211 3.64 -21.97 -54.13
C ALA H 211 4.43 -23.27 -54.33
N GLU H 212 5.01 -23.77 -53.25
CA GLU H 212 5.79 -24.99 -53.27
C GLU H 212 4.92 -26.26 -53.23
N VAL H 213 3.78 -26.17 -52.55
CA VAL H 213 2.78 -27.24 -52.56
C VAL H 213 1.40 -26.62 -52.62
N ALA H 214 0.41 -27.40 -53.06
CA ALA H 214 -0.95 -26.87 -53.22
C ALA H 214 -1.97 -28.01 -53.14
N VAL H 215 -3.13 -27.73 -52.54
CA VAL H 215 -4.19 -28.73 -52.41
C VAL H 215 -5.56 -28.15 -52.68
N ASN H 216 -6.43 -28.97 -53.28
CA ASN H 216 -7.80 -28.59 -53.56
C ASN H 216 -8.68 -29.14 -52.44
N ALA H 217 -9.23 -28.25 -51.64
CA ALA H 217 -10.06 -28.61 -50.50
C ALA H 217 -11.38 -29.33 -50.87
N ARG H 218 -11.77 -29.31 -52.14
CA ARG H 218 -12.95 -30.07 -52.54
C ARG H 218 -12.59 -31.54 -52.78
N ASP H 219 -11.28 -31.81 -52.91
CA ASP H 219 -10.79 -33.14 -53.26
C ASP H 219 -10.26 -33.92 -52.05
N THR H 220 -9.88 -33.20 -51.00
CA THR H 220 -9.35 -33.84 -49.80
C THR H 220 -9.44 -32.85 -48.64
N ASP H 221 -9.38 -33.34 -47.41
CA ASP H 221 -9.34 -32.48 -46.23
C ASP H 221 -7.97 -31.78 -46.20
N PRO H 222 -7.97 -30.45 -46.39
CA PRO H 222 -6.68 -29.76 -46.61
C PRO H 222 -5.86 -29.65 -45.35
N ALA H 223 -6.52 -29.64 -44.19
CA ALA H 223 -5.79 -29.58 -42.91
C ALA H 223 -4.99 -30.86 -42.73
N ALA H 224 -5.67 -32.00 -42.87
CA ALA H 224 -5.03 -33.30 -42.74
C ALA H 224 -3.89 -33.43 -43.77
N TRP H 225 -4.14 -32.97 -44.99
CA TRP H 225 -3.18 -33.13 -46.07
C TRP H 225 -1.92 -32.31 -45.79
N LEU H 226 -2.11 -31.12 -45.26
CA LEU H 226 -1.00 -30.23 -44.94
C LEU H 226 -0.22 -30.69 -43.71
N GLN H 227 -0.90 -31.25 -42.71
CA GLN H 227 -0.21 -31.81 -41.55
C GLN H 227 0.72 -32.92 -42.05
N LYS H 228 0.23 -33.75 -42.96
CA LYS H 228 1.06 -34.82 -43.49
C LYS H 228 2.18 -34.28 -44.40
N GLU H 229 1.84 -33.34 -45.30
CA GLU H 229 2.77 -32.90 -46.34
C GLU H 229 3.92 -32.03 -45.84
N ILE H 230 3.60 -31.07 -44.97
CA ILE H 230 4.66 -30.15 -44.51
C ILE H 230 4.80 -30.13 -42.99
N GLY H 231 4.06 -31.00 -42.33
CA GLY H 231 4.07 -31.10 -40.88
C GLY H 231 3.28 -29.99 -40.21
N GLY H 232 2.35 -29.39 -40.94
CA GLY H 232 1.59 -28.25 -40.42
C GLY H 232 2.36 -26.96 -40.70
N ALA H 233 1.64 -25.84 -40.89
CA ALA H 233 2.29 -24.58 -41.24
C ALA H 233 2.57 -23.76 -39.99
N HIS H 234 3.55 -22.88 -40.05
CA HIS H 234 3.75 -21.89 -38.99
C HIS H 234 2.68 -20.81 -39.01
N GLY H 235 2.18 -20.49 -40.20
CA GLY H 235 1.18 -19.44 -40.31
C GLY H 235 0.22 -19.78 -41.43
N VAL H 236 -0.97 -19.20 -41.35
CA VAL H 236 -1.98 -19.23 -42.42
C VAL H 236 -2.55 -17.82 -42.61
N LEU H 237 -2.77 -17.44 -43.87
CA LEU H 237 -3.48 -16.19 -44.19
C LEU H 237 -4.74 -16.63 -44.92
N VAL H 238 -5.88 -16.24 -44.38
CA VAL H 238 -7.14 -16.70 -44.97
C VAL H 238 -7.75 -15.58 -45.78
N THR H 239 -7.71 -15.73 -47.10
CA THR H 239 -8.36 -14.73 -47.95
C THR H 239 -9.64 -15.26 -48.59
N ALA H 240 -10.04 -16.46 -48.20
CA ALA H 240 -11.21 -17.14 -48.76
C ALA H 240 -12.56 -16.45 -48.45
N VAL H 241 -13.55 -16.63 -49.32
CA VAL H 241 -14.86 -16.05 -49.10
C VAL H 241 -15.88 -17.09 -48.63
N SER H 242 -15.40 -18.10 -47.91
CA SER H 242 -16.23 -19.18 -47.39
C SER H 242 -15.90 -19.40 -45.92
N PRO H 243 -16.91 -19.33 -45.02
CA PRO H 243 -16.63 -19.60 -43.60
C PRO H 243 -15.99 -20.96 -43.34
N LYS H 244 -16.30 -21.96 -44.16
CA LYS H 244 -15.70 -23.28 -43.95
C LYS H 244 -14.17 -23.24 -44.12
N ALA H 245 -13.65 -22.38 -44.99
CA ALA H 245 -12.20 -22.24 -45.12
C ALA H 245 -11.56 -21.74 -43.83
N PHE H 246 -12.28 -20.90 -43.10
CA PHE H 246 -11.79 -20.36 -41.82
C PHE H 246 -11.61 -21.49 -40.79
N SER H 247 -12.62 -22.34 -40.68
CA SER H 247 -12.57 -23.48 -39.76
C SER H 247 -11.44 -24.41 -40.13
N GLN H 248 -11.32 -24.70 -41.43
CA GLN H 248 -10.28 -25.61 -41.90
C GLN H 248 -8.87 -25.07 -41.63
N ALA H 249 -8.68 -23.76 -41.77
CA ALA H 249 -7.37 -23.14 -41.55
C ALA H 249 -6.85 -23.41 -40.12
N ILE H 250 -7.74 -23.46 -39.14
CA ILE H 250 -7.29 -23.68 -37.76
C ILE H 250 -6.57 -25.01 -37.60
N GLY H 251 -6.96 -26.00 -38.39
CA GLY H 251 -6.34 -27.31 -38.32
C GLY H 251 -5.07 -27.45 -39.15
N MET H 252 -4.71 -26.37 -39.85
CA MET H 252 -3.53 -26.40 -40.71
C MET H 252 -2.21 -26.06 -40.03
N VAL H 253 -2.26 -25.48 -38.83
CA VAL H 253 -1.02 -25.00 -38.23
C VAL H 253 -0.35 -26.01 -37.30
N ARG H 254 0.97 -25.85 -37.15
CA ARG H 254 1.75 -26.49 -36.09
C ARG H 254 1.27 -25.92 -34.76
N ARG H 255 1.59 -26.59 -33.66
CA ARG H 255 1.36 -25.98 -32.37
C ARG H 255 2.08 -24.62 -32.29
N GLY H 256 1.46 -23.64 -31.63
CA GLY H 256 2.01 -22.29 -31.58
C GLY H 256 1.79 -21.44 -32.84
N GLY H 257 1.14 -21.99 -33.84
CA GLY H 257 0.99 -21.29 -35.12
C GLY H 257 -0.05 -20.18 -35.05
N THR H 258 -0.09 -19.35 -36.10
CA THR H 258 -0.98 -18.17 -36.13
C THR H 258 -1.75 -18.19 -37.43
N ILE H 259 -3.06 -18.01 -37.31
CA ILE H 259 -3.92 -17.84 -38.46
C ILE H 259 -4.35 -16.39 -38.54
N ALA H 260 -3.95 -15.70 -39.61
CA ALA H 260 -4.45 -14.35 -39.88
C ALA H 260 -5.62 -14.37 -40.85
N LEU H 261 -6.63 -13.54 -40.56
CA LEU H 261 -7.87 -13.56 -41.31
C LEU H 261 -8.04 -12.24 -42.07
N ASN H 262 -8.18 -12.36 -43.39
CA ASN H 262 -8.55 -11.22 -44.26
C ASN H 262 -9.97 -11.36 -44.78
N GLY H 263 -10.37 -12.57 -45.14
CA GLY H 263 -11.66 -12.73 -45.83
C GLY H 263 -12.83 -12.21 -45.02
N LEU H 264 -13.90 -11.76 -45.68
CA LEU H 264 -15.04 -11.16 -44.98
C LEU H 264 -16.40 -11.78 -45.39
N PRO H 265 -16.47 -13.11 -45.51
CA PRO H 265 -17.80 -13.66 -45.77
C PRO H 265 -18.70 -13.36 -44.56
N PRO H 266 -20.01 -13.19 -44.78
CA PRO H 266 -20.89 -13.01 -43.62
C PRO H 266 -20.96 -14.25 -42.70
N GLY H 267 -21.23 -13.99 -41.42
CA GLY H 267 -21.52 -15.08 -40.50
C GLY H 267 -20.36 -15.45 -39.59
N ASP H 268 -20.53 -16.58 -38.91
CA ASP H 268 -19.54 -17.14 -38.00
C ASP H 268 -18.78 -18.29 -38.65
N PHE H 269 -17.63 -18.64 -38.09
CA PHE H 269 -17.03 -19.93 -38.41
C PHE H 269 -16.82 -20.71 -37.11
N GLY H 270 -16.94 -22.03 -37.20
CA GLY H 270 -16.82 -22.92 -36.05
C GLY H 270 -15.36 -23.09 -35.71
N THR H 271 -15.06 -22.92 -34.42
CA THR H 271 -13.69 -22.80 -33.95
C THR H 271 -13.46 -23.81 -32.84
N PRO H 272 -12.51 -24.71 -33.04
CA PRO H 272 -12.17 -25.76 -32.07
C PRO H 272 -11.40 -25.20 -30.86
N ILE H 273 -12.12 -24.62 -29.93
CA ILE H 273 -11.49 -23.87 -28.84
C ILE H 273 -10.53 -24.76 -28.02
N PHE H 274 -10.93 -26.00 -27.77
CA PHE H 274 -10.11 -26.91 -26.97
C PHE H 274 -8.72 -27.05 -27.60
N ASP H 275 -8.68 -27.33 -28.90
CA ASP H 275 -7.42 -27.41 -29.62
C ASP H 275 -6.68 -26.08 -29.66
N VAL H 276 -7.41 -24.99 -29.82
CA VAL H 276 -6.76 -23.69 -29.85
C VAL H 276 -6.02 -23.41 -28.52
N VAL H 277 -6.64 -23.81 -27.41
CA VAL H 277 -6.03 -23.60 -26.11
C VAL H 277 -4.90 -24.61 -25.90
N LEU H 278 -5.20 -25.88 -26.13
CA LEU H 278 -4.21 -26.94 -25.91
C LEU H 278 -2.94 -26.71 -26.74
N LYS H 279 -3.11 -26.28 -27.98
CA LYS H 279 -1.99 -26.10 -28.91
C LYS H 279 -1.40 -24.68 -28.97
N GLY H 280 -1.94 -23.76 -28.17
CA GLY H 280 -1.42 -22.41 -28.08
C GLY H 280 -1.51 -21.66 -29.40
N ILE H 281 -2.62 -21.83 -30.09
CA ILE H 281 -2.83 -21.22 -31.42
C ILE H 281 -3.34 -19.79 -31.31
N THR H 282 -2.97 -18.94 -32.29
CA THR H 282 -3.43 -17.56 -32.34
C THR H 282 -4.25 -17.40 -33.59
N ILE H 283 -5.41 -16.76 -33.46
CA ILE H 283 -6.23 -16.38 -34.59
C ILE H 283 -6.32 -14.86 -34.54
N ARG H 284 -6.06 -14.19 -35.68
CA ARG H 284 -5.88 -12.75 -35.67
C ARG H 284 -6.56 -12.11 -36.86
N GLY H 285 -7.50 -11.21 -36.63
CA GLY H 285 -8.04 -10.44 -37.75
C GLY H 285 -7.04 -9.41 -38.22
N SER H 286 -7.02 -9.18 -39.54
CA SER H 286 -6.12 -8.17 -40.13
C SER H 286 -6.94 -7.34 -41.12
N ILE H 287 -6.83 -6.03 -40.98
CA ILE H 287 -7.68 -5.09 -41.73
C ILE H 287 -6.83 -4.15 -42.59
N VAL H 288 -6.92 -4.33 -43.91
CA VAL H 288 -6.10 -3.55 -44.86
C VAL H 288 -4.69 -3.27 -44.36
N GLY H 289 -4.20 -2.05 -44.54
CA GLY H 289 -2.89 -1.71 -44.01
C GLY H 289 -2.79 -0.22 -43.78
N THR H 290 -1.85 0.19 -42.94
CA THR H 290 -1.63 1.60 -42.68
C THR H 290 -0.91 2.24 -43.87
N ARG H 291 -0.70 3.56 -43.82
CA ARG H 291 -0.01 4.24 -44.93
C ARG H 291 1.41 3.70 -45.05
N SER H 292 2.04 3.43 -43.92
CA SER H 292 3.36 2.77 -44.00
C SER H 292 3.32 1.38 -44.64
N ASP H 293 2.34 0.54 -44.27
CA ASP H 293 2.19 -0.77 -44.92
C ASP H 293 1.98 -0.56 -46.42
N LEU H 294 1.19 0.45 -46.76
CA LEU H 294 0.83 0.65 -48.16
C LEU H 294 2.04 1.06 -48.98
N GLN H 295 2.83 1.98 -48.43
CA GLN H 295 4.04 2.39 -49.11
C GLN H 295 5.03 1.23 -49.23
N GLU H 296 5.19 0.44 -48.17
CA GLU H 296 6.05 -0.73 -48.26
C GLU H 296 5.56 -1.73 -49.31
N SER H 297 4.26 -1.95 -49.36
CA SER H 297 3.72 -2.95 -50.26
C SER H 297 3.90 -2.49 -51.71
N LEU H 298 3.84 -1.17 -51.93
CA LEU H 298 4.06 -0.61 -53.27
C LEU H 298 5.51 -0.80 -53.74
N ASP H 299 6.45 -0.68 -52.80
CA ASP H 299 7.86 -0.88 -53.13
C ASP H 299 8.17 -2.29 -53.61
N PHE H 300 7.47 -3.31 -53.07
CA PHE H 300 7.64 -4.67 -53.57
C PHE H 300 7.20 -4.77 -55.04
N ALA H 301 6.12 -4.09 -55.39
CA ALA H 301 5.67 -4.06 -56.80
C ALA H 301 6.68 -3.31 -57.67
N ALA H 302 7.17 -2.17 -57.17
CA ALA H 302 8.13 -1.37 -57.91
C ALA H 302 9.41 -2.15 -58.23
N HIS H 303 9.82 -2.96 -57.26
CA HIS H 303 11.03 -3.79 -57.40
C HIS H 303 10.80 -5.04 -58.23
N GLY H 304 9.57 -5.27 -58.63
CA GLY H 304 9.26 -6.43 -59.45
C GLY H 304 9.07 -7.74 -58.69
N ASP H 305 9.03 -7.69 -57.36
CA ASP H 305 8.86 -8.89 -56.56
C ASP H 305 7.42 -9.40 -56.56
N VAL H 306 6.50 -8.51 -56.88
CA VAL H 306 5.08 -8.82 -56.89
C VAL H 306 4.52 -8.17 -58.15
N LYS H 307 3.72 -8.93 -58.88
CA LYS H 307 3.06 -8.48 -60.11
C LYS H 307 1.69 -9.11 -60.12
N ALA H 308 0.66 -8.27 -60.05
CA ALA H 308 -0.70 -8.75 -60.08
C ALA H 308 -0.98 -9.36 -61.43
N THR H 309 -1.79 -10.42 -61.42
CA THR H 309 -2.32 -11.03 -62.62
C THR H 309 -3.62 -10.31 -62.86
N VAL H 310 -3.71 -9.57 -63.97
CA VAL H 310 -4.87 -8.71 -64.20
C VAL H 310 -5.48 -8.87 -65.59
N SER H 311 -6.81 -8.81 -65.63
CA SER H 311 -7.51 -8.61 -66.90
C SER H 311 -8.31 -7.32 -66.78
N THR H 312 -8.46 -6.64 -67.90
CA THR H 312 -9.12 -5.33 -67.89
C THR H 312 -10.55 -5.43 -68.35
N ALA H 313 -11.38 -4.50 -67.91
CA ALA H 313 -12.76 -4.44 -68.35
C ALA H 313 -13.15 -2.97 -68.43
N LYS H 314 -14.22 -2.69 -69.16
CA LYS H 314 -14.72 -1.33 -69.25
C LYS H 314 -15.73 -1.08 -68.13
N LEU H 315 -15.81 0.17 -67.70
CA LEU H 315 -16.77 0.57 -66.69
C LEU H 315 -18.17 0.01 -66.99
N ASP H 316 -18.55 0.04 -68.26
CA ASP H 316 -19.90 -0.31 -68.65
C ASP H 316 -20.22 -1.78 -68.50
N ASP H 317 -19.17 -2.59 -68.32
CA ASP H 317 -19.36 -4.03 -68.15
C ASP H 317 -19.19 -4.48 -66.70
N VAL H 318 -19.29 -3.54 -65.78
CA VAL H 318 -19.06 -3.85 -64.37
C VAL H 318 -19.98 -4.95 -63.86
N ASN H 319 -21.23 -4.96 -64.32
CA ASN H 319 -22.17 -5.95 -63.83
C ASN H 319 -21.80 -7.37 -64.25
N ASP H 320 -21.27 -7.49 -65.47
CA ASP H 320 -20.76 -8.76 -65.96
C ASP H 320 -19.55 -9.20 -65.14
N VAL H 321 -18.68 -8.26 -64.81
CA VAL H 321 -17.52 -8.54 -63.95
C VAL H 321 -17.98 -9.06 -62.59
N PHE H 322 -18.95 -8.38 -61.99
CA PHE H 322 -19.47 -8.77 -60.69
C PHE H 322 -19.95 -10.22 -60.76
N GLY H 323 -20.73 -10.53 -61.79
CA GLY H 323 -21.22 -11.88 -62.03
C GLY H 323 -20.09 -12.91 -62.08
N ARG H 324 -19.07 -12.61 -62.86
CA ARG H 324 -17.97 -13.56 -63.01
C ARG H 324 -17.24 -13.76 -61.70
N LEU H 325 -17.05 -12.66 -60.97
CA LEU H 325 -16.35 -12.73 -59.69
C LEU H 325 -17.17 -13.55 -58.71
N ARG H 326 -18.49 -13.33 -58.72
CA ARG H 326 -19.41 -14.06 -57.84
C ARG H 326 -19.30 -15.55 -58.07
N GLU H 327 -19.18 -15.94 -59.33
CA GLU H 327 -19.16 -17.33 -59.73
C GLU H 327 -17.78 -17.96 -59.65
N GLY H 328 -16.79 -17.18 -59.23
CA GLY H 328 -15.42 -17.68 -59.09
C GLY H 328 -14.74 -17.92 -60.42
N LYS H 329 -15.16 -17.18 -61.44
CA LYS H 329 -14.63 -17.32 -62.79
C LYS H 329 -13.53 -16.32 -63.14
N VAL H 330 -13.06 -15.55 -62.17
CA VAL H 330 -11.98 -14.59 -62.42
C VAL H 330 -10.61 -15.14 -62.02
N GLU H 331 -9.62 -14.98 -62.88
CA GLU H 331 -8.27 -15.37 -62.51
C GLU H 331 -7.52 -14.12 -62.04
N GLY H 332 -7.11 -14.10 -60.78
CA GLY H 332 -6.46 -12.92 -60.24
C GLY H 332 -7.45 -11.78 -59.99
N ARG H 333 -7.17 -10.62 -60.58
CA ARG H 333 -7.96 -9.42 -60.42
C ARG H 333 -8.50 -8.94 -61.76
N VAL H 334 -9.71 -8.38 -61.73
CA VAL H 334 -10.19 -7.55 -62.83
C VAL H 334 -9.96 -6.08 -62.45
N VAL H 335 -9.51 -5.29 -63.43
CA VAL H 335 -9.23 -3.88 -63.21
C VAL H 335 -9.95 -3.07 -64.31
N LEU H 336 -10.78 -2.13 -63.89
CA LEU H 336 -11.55 -1.32 -64.83
C LEU H 336 -10.56 -0.34 -65.47
N ASP H 337 -10.63 -0.19 -66.80
CA ASP H 337 -9.63 0.59 -67.51
C ASP H 337 -10.26 1.87 -68.01
N PHE H 338 -9.79 3.02 -67.53
CA PHE H 338 -10.31 4.32 -67.95
C PHE H 338 -9.32 5.05 -68.89
N SER H 339 -8.31 4.35 -69.39
CA SER H 339 -7.28 5.01 -70.21
C SER H 339 -7.82 5.37 -71.60
N ARG H 340 -7.11 6.25 -72.31
CA ARG H 340 -7.55 6.73 -73.62
C ARG H 340 -7.61 5.60 -74.66
ZN ZN I . -28.59 -1.28 10.38
ZN ZN J . -30.71 13.33 26.72
C1 GOL K . -28.87 0.40 14.56
O1 GOL K . -27.77 0.94 13.84
C2 GOL K . -28.44 -0.79 15.41
O2 GOL K . -28.42 -1.94 14.59
C3 GOL K . -29.44 -1.02 16.54
O3 GOL K . -29.21 -0.15 17.63
C1 GOL L . -29.83 -7.59 15.02
O1 GOL L . -29.71 -8.67 15.90
C2 GOL L . -28.76 -6.54 15.30
O2 GOL L . -29.29 -5.56 16.18
C3 GOL L . -27.65 -7.19 16.12
O3 GOL L . -27.46 -6.36 17.26
C1 GOL M . -35.24 -1.80 22.57
O1 GOL M . -36.18 -2.54 23.35
C2 GOL M . -35.79 -0.41 22.28
O2 GOL M . -37.14 -0.53 21.98
C3 GOL M . -35.10 0.11 21.02
O3 GOL M . -33.74 0.29 21.37
S SO4 N . -26.11 -7.45 9.98
O1 SO4 N . -25.94 -6.28 10.85
O2 SO4 N . -27.48 -7.53 9.48
O3 SO4 N . -25.19 -7.37 8.85
O4 SO4 N . -25.80 -8.68 10.73
S SO4 O . -23.99 8.88 -6.15
O1 SO4 O . -23.06 8.61 -7.26
O2 SO4 O . -25.19 9.56 -6.63
O3 SO4 O . -24.34 7.57 -5.56
O4 SO4 O . -23.35 9.78 -5.19
ZN ZN P . -4.92 -27.74 -11.48
ZN ZN Q . 9.87 -31.39 -27.41
C1 GOL R . -4.64 -28.36 -17.63
O1 GOL R . -3.70 -28.19 -18.66
C2 GOL R . -4.31 -27.43 -16.47
O2 GOL R . -5.49 -27.35 -15.69
C3 GOL R . -3.19 -28.08 -15.63
O3 GOL R . -2.50 -27.15 -14.80
C1 GOL S . -6.07 -33.84 -23.92
O1 GOL S . -6.79 -34.64 -24.85
C2 GOL S . -4.74 -34.51 -23.61
O2 GOL S . -4.99 -35.85 -23.32
C3 GOL S . -4.15 -33.86 -22.36
O3 GOL S . -3.65 -32.61 -22.76
C1 GOL T . -11.53 -27.16 -17.49
O1 GOL T . -12.56 -27.86 -16.83
C2 GOL T . -10.17 -27.34 -16.79
O2 GOL T . -10.13 -26.45 -15.69
C3 GOL T . -9.10 -26.89 -17.79
O3 GOL T . -9.55 -25.70 -18.42
S SO4 U . -10.74 -24.37 -11.21
O1 SO4 U . -10.54 -23.54 -10.03
O2 SO4 U . -9.55 -24.35 -12.05
O3 SO4 U . -11.05 -25.73 -10.80
O4 SO4 U . -11.88 -23.84 -11.98
S SO4 V . 5.05 -25.13 5.48
O1 SO4 V . 4.78 -24.20 6.58
O2 SO4 V . 5.60 -26.40 5.98
O3 SO4 V . 3.77 -25.38 4.80
O4 SO4 V . 6.08 -24.56 4.60
ZN ZN W . 13.10 19.66 -19.81
ZN ZN X . 8.43 13.21 -40.34
C1 GOL Y . 15.92 17.14 -24.63
O1 GOL Y . 15.58 16.43 -25.80
C2 GOL Y . 14.89 16.82 -23.55
O2 GOL Y . 15.42 17.24 -22.31
C3 GOL Y . 13.60 17.57 -23.87
O3 GOL Y . 12.54 17.25 -22.97
C1 GOL Z . 20.99 19.15 -31.20
O1 GOL Z . 22.12 19.30 -32.05
C2 GOL Z . 19.76 19.66 -31.96
O2 GOL Z . 20.03 20.97 -32.37
C3 GOL Z . 18.54 19.67 -31.05
O3 GOL Z . 18.17 18.31 -30.86
C1 GOL AA . 21.57 17.51 -21.06
O1 GOL AA . 21.92 17.17 -19.74
C2 GOL AA . 20.03 17.59 -21.22
O2 GOL AA . 19.40 17.31 -19.99
C3 GOL AA . 19.59 16.54 -22.24
O3 GOL AA . 20.10 15.28 -21.81
S SO4 BA . 17.44 17.57 -15.14
O1 SO4 BA . 16.65 17.39 -13.93
O2 SO4 BA . 16.75 17.01 -16.30
O3 SO4 BA . 17.73 18.97 -15.35
O4 SO4 BA . 18.71 16.85 -14.95
S SO4 CA . -4.26 24.26 -11.20
O1 SO4 CA . -4.71 23.89 -9.84
O2 SO4 CA . -4.80 25.58 -11.58
O3 SO4 CA . -2.78 24.32 -11.19
O4 SO4 CA . -4.77 23.28 -12.17
ZN ZN DA . 20.58 9.42 20.93
ZN ZN EA . 12.76 5.10 41.03
C1 GOL FA . 18.46 10.12 24.94
O1 GOL FA . 17.95 9.11 24.05
C2 GOL FA . 17.89 11.51 24.69
O2 GOL FA . 18.47 12.08 23.52
C3 GOL FA . 18.22 12.43 25.86
O3 GOL FA . 17.43 12.12 26.98
C1 GOL GA . 20.77 16.98 32.55
O1 GOL GA . 20.96 18.05 33.45
C2 GOL GA . 21.01 15.66 33.30
O2 GOL GA . 22.32 15.65 33.82
C3 GOL GA . 20.90 14.47 32.36
O3 GOL GA . 19.52 14.27 32.15
S SO4 HA . 19.32 14.18 16.39
O1 SO4 HA . 19.00 13.41 15.17
O2 SO4 HA . 18.66 13.61 17.57
O3 SO4 HA . 20.75 14.30 16.59
O4 SO4 HA . 18.76 15.53 16.18
S SO4 IA . 22.97 -8.05 11.79
O1 SO4 IA . 22.65 -8.34 10.38
O2 SO4 IA . 24.17 -8.81 12.21
O3 SO4 IA . 23.26 -6.61 11.91
O4 SO4 IA . 21.85 -8.46 12.66
PA NAD JA . 37.77 -13.07 -41.17
O1A NAD JA . 37.45 -14.23 -42.16
O2A NAD JA . 39.28 -12.86 -41.07
O5B NAD JA . 37.03 -11.74 -41.74
C5B NAD JA . 37.50 -10.44 -41.56
C4B NAD JA . 36.73 -9.38 -42.16
O4B NAD JA . 36.89 -8.12 -41.52
C3B NAD JA . 37.03 -9.04 -43.60
O3B NAD JA . 37.70 -10.04 -44.28
C2B NAD JA . 37.65 -7.77 -43.68
O2B NAD JA . 38.87 -7.78 -44.35
C1B NAD JA . 37.87 -7.43 -42.24
N9A NAD JA . 38.34 -6.07 -41.84
C8A NAD JA . 39.45 -5.60 -41.25
N7A NAD JA . 39.26 -4.28 -41.09
C5A NAD JA . 38.04 -3.94 -41.56
C6A NAD JA . 37.36 -2.70 -41.63
N6A NAD JA . 38.05 -1.54 -41.10
N1A NAD JA . 36.12 -2.64 -42.17
C2A NAD JA . 35.53 -3.76 -42.64
N3A NAD JA . 36.16 -4.97 -42.59
C4A NAD JA . 37.40 -5.10 -42.07
O3 NAD JA . 37.25 -13.43 -39.70
PN NAD JA . 35.94 -14.20 -39.32
O1N NAD JA . 34.85 -13.87 -40.34
O2N NAD JA . 36.24 -15.67 -39.18
O5D NAD JA . 35.52 -13.60 -37.82
C5D NAD JA . 35.42 -12.22 -37.59
C4D NAD JA . 35.17 -11.78 -36.24
O4D NAD JA . 34.00 -12.50 -35.76
C3D NAD JA . 36.30 -12.15 -35.31
O3D NAD JA . 36.89 -11.02 -34.74
C2D NAD JA . 35.72 -12.83 -34.14
O2D NAD JA . 36.37 -13.99 -33.79
C1D NAD JA . 34.25 -12.93 -34.43
N1N NAD JA . 33.62 -14.19 -34.07
C2N NAD JA . 32.43 -13.78 -33.34
C3N NAD JA . 31.63 -14.94 -32.83
C7N NAD JA . 30.34 -14.44 -32.19
O7N NAD JA . 29.52 -15.29 -31.87
N7N NAD JA . 30.06 -13.05 -31.95
C4N NAD JA . 31.35 -15.91 -33.86
C5N NAD JA . 32.48 -16.30 -34.73
C6N NAD JA . 33.38 -15.18 -35.13
ZN ZN KA . 33.91 -19.11 -34.53
ZN ZN LA . 22.31 -22.46 -18.32
S SO4 MA . 32.62 -33.55 -48.87
O1 SO4 MA . 31.86 -32.95 -49.93
O2 SO4 MA . 33.56 -34.52 -49.48
O3 SO4 MA . 33.42 -32.56 -48.17
O4 SO4 MA . 31.72 -34.30 -47.98
PA NAD NA . -9.14 37.82 42.12
O1A NAD NA . -10.36 37.60 43.08
O2A NAD NA . -8.70 39.28 42.11
O5B NAD NA . -7.93 36.82 42.53
C5B NAD NA . -6.60 37.21 42.62
C4B NAD NA . -5.67 36.27 43.19
O4B NAD NA . -4.41 36.30 42.57
C3B NAD NA . -5.33 36.41 44.66
O3B NAD NA . -6.24 37.14 45.40
C2B NAD NA . -3.97 36.85 44.79
O2B NAD NA . -3.81 38.02 45.53
C1B NAD NA . -3.60 37.12 43.36
N9A NAD NA . -2.17 37.38 43.04
C8A NAD NA . -1.51 38.44 42.55
N7A NAD NA . -0.23 38.05 42.45
C5A NAD NA . -0.11 36.76 42.86
C6A NAD NA . 1.01 35.90 42.96
N6A NAD NA . 2.28 36.42 42.54
N1A NAD NA . 0.84 34.63 43.42
C2A NAD NA . -0.39 34.20 43.78
N3A NAD NA . -1.48 35.00 43.71
C4A NAD NA . -1.38 36.29 43.26
O3 NAD NA . -9.59 37.45 40.63
PN NAD NA . -10.48 36.26 40.19
O1N NAD NA . -10.36 35.08 41.18
O2N NAD NA . -11.87 36.80 39.98
O5D NAD NA . -9.86 35.82 38.72
C5D NAD NA . -8.52 35.39 38.57
C4D NAD NA . -8.05 35.23 37.24
O4D NAD NA . -8.83 34.17 36.59
C3D NAD NA . -8.33 36.49 36.46
O3D NAD NA . -7.27 36.74 35.57
C2D NAD NA . -9.56 36.16 35.71
O2D NAD NA . -9.83 36.94 34.62
C1D NAD NA . -9.33 34.72 35.39
N1N NAD NA . -10.56 34.07 34.93
C2N NAD NA . -10.21 32.83 34.26
C3N NAD NA . -11.42 32.32 33.52
C7N NAD NA . -11.16 30.99 32.81
O7N NAD NA . -12.14 30.38 32.43
N7N NAD NA . -9.85 30.45 32.55
C4N NAD NA . -12.56 32.15 34.41
C5N NAD NA . -12.85 33.27 35.33
C6N NAD NA . -11.66 33.98 35.88
ZN ZN OA . -15.42 35.04 35.13
ZN ZN PA . -19.72 24.63 18.40
PA NAD QA . -16.83 -11.63 53.88
O1A NAD QA . -16.18 -10.78 55.00
O2A NAD QA . -17.33 -12.99 54.33
O5B NAD QA . -18.04 -10.78 53.30
C5B NAD QA . -19.07 -11.31 52.53
C4B NAD QA . -20.16 -10.40 52.39
O4B NAD QA . -20.98 -10.68 51.25
C3B NAD QA . -21.04 -10.55 53.60
O3B NAD QA . -21.24 -9.33 54.26
C2B NAD QA . -22.24 -11.10 53.06
O2B NAD QA . -23.38 -10.85 53.82
C1B NAD QA . -22.32 -10.63 51.63
N9A NAD QA . -23.24 -11.48 50.82
C8A NAD QA . -23.59 -12.77 50.71
N7A NAD QA . -24.60 -12.81 49.83
C5A NAD QA . -24.89 -11.55 49.42
C6A NAD QA . -25.84 -11.03 48.53
N6A NAD QA . -26.80 -11.89 47.88
N1A NAD QA . -25.88 -9.68 48.32
C2A NAD QA . -25.03 -8.84 48.96
N3A NAD QA . -24.11 -9.32 49.82
C4A NAD QA . -24.02 -10.66 50.07
O3 NAD QA . -15.80 -11.87 52.68
PN NAD QA . -14.60 -10.93 52.25
O1N NAD QA . -15.01 -9.46 52.33
O2N NAD QA . -13.34 -11.27 53.02
O5D NAD QA . -14.37 -11.40 50.70
C5D NAD QA . -15.40 -11.22 49.74
C4D NAD QA . -15.13 -11.82 48.45
O4D NAD QA . -14.00 -11.10 47.89
C3D NAD QA . -14.65 -13.24 48.60
O3D NAD QA . -15.16 -14.08 47.60
C2D NAD QA . -13.19 -13.15 48.48
O2D NAD QA . -12.55 -14.29 48.07
C1D NAD QA . -13.07 -12.09 47.46
N1N NAD QA . -11.70 -11.64 47.41
C2N NAD QA . -11.34 -11.24 46.06
C3N NAD QA . -10.39 -10.07 46.01
C7N NAD QA . -9.76 -9.93 44.63
O7N NAD QA . -8.67 -9.42 44.56
N7N NAD QA . -10.65 -9.72 43.53
C4N NAD QA . -9.39 -10.00 47.04
C5N NAD QA . -9.89 -10.27 48.40
C6N NAD QA . -11.27 -10.84 48.52
ZN ZN RA . -7.70 -11.67 50.36
ZN ZN SA . 5.46 -10.27 35.15
S SO4 TA . 1.54 -1.96 67.55
O1 SO4 TA . 1.02 -0.81 68.31
O2 SO4 TA . 2.53 -2.67 68.36
O3 SO4 TA . 0.41 -2.87 67.23
O4 SO4 TA . 2.17 -1.50 66.30
S SO4 UA . -26.86 -1.56 65.98
O1 SO4 UA . -26.91 -1.76 67.43
O2 SO4 UA . -27.03 -0.15 65.63
O3 SO4 UA . -25.60 -2.06 65.44
O4 SO4 UA . -27.97 -2.35 65.38
ZN ZN VA . -10.71 -4.29 -50.97
ZN ZN WA . -8.02 8.04 -35.24
PA NAD XA . -11.86 -13.18 -54.82
O1A NAD XA . -10.90 -12.62 -55.88
O2A NAD XA . -13.27 -13.41 -55.34
O5B NAD XA . -11.23 -14.53 -54.29
C5B NAD XA . -11.90 -15.49 -53.54
C4B NAD XA . -11.15 -16.72 -53.41
O4B NAD XA . -11.55 -17.48 -52.26
C3B NAD XA . -11.30 -17.61 -54.61
O3B NAD XA . -10.12 -17.70 -55.34
C2B NAD XA . -11.45 -18.91 -54.09
O2B NAD XA . -12.19 -19.71 -54.96
C1B NAD XA . -12.14 -18.63 -52.81
N9A NAD XA . -12.84 -19.68 -52.02
C8A NAD XA . -14.15 -19.91 -51.91
N7A NAD XA . -14.25 -20.95 -51.08
C5A NAD XA . -13.04 -21.34 -50.66
C6A NAD XA . -12.64 -22.38 -49.80
N6A NAD XA . -13.66 -23.21 -49.21
N1A NAD XA . -11.32 -22.59 -49.56
C2A NAD XA . -10.40 -21.80 -50.15
N3A NAD XA . -10.75 -20.79 -51.00
C4A NAD XA . -12.06 -20.54 -51.28
O3 NAD XA . -11.98 -12.16 -53.58
PN NAD XA . -10.90 -11.12 -53.10
O1N NAD XA . -9.52 -11.77 -53.17
O2N NAD XA . -11.02 -9.79 -53.79
O5D NAD XA . -11.37 -10.90 -51.54
C5D NAD XA . -11.40 -11.97 -50.63
C4D NAD XA . -12.00 -11.65 -49.37
O4D NAD XA . -11.15 -10.66 -48.70
C3D NAD XA . -13.34 -10.97 -49.54
O3D NAD XA . -14.26 -11.39 -48.55
C2D NAD XA . -13.03 -9.54 -49.36
O2D NAD XA . -14.08 -8.76 -48.96
C1D NAD XA . -12.00 -9.60 -48.28
N1N NAD XA . -11.35 -8.32 -48.16
C2N NAD XA . -10.78 -8.14 -46.84
C3N NAD XA . -10.10 -6.81 -46.65
C7N NAD XA . -9.33 -6.74 -45.32
O7N NAD XA . -8.82 -5.68 -45.06
N7N NAD XA . -9.46 -7.69 -44.26
C4N NAD XA . -9.20 -6.46 -47.72
C5N NAD XA . -9.72 -6.70 -49.09
C6N NAD XA . -10.53 -7.94 -49.29
S SO4 YA . 0.98 4.06 -67.36
O1 SO4 YA . 2.13 3.39 -68.00
O2 SO4 YA . 0.57 5.23 -68.17
O3 SO4 YA . -0.15 3.10 -67.25
O4 SO4 YA . 1.37 4.54 -66.03
S SO4 ZA . -2.81 -24.15 -66.94
O1 SO4 ZA . -3.77 -25.16 -66.46
O2 SO4 ZA . -3.19 -22.84 -66.42
O3 SO4 ZA . -1.45 -24.49 -66.49
O4 SO4 ZA . -2.88 -24.12 -68.41
#